data_2ROR
#
_entry.id   2ROR
#
loop_
_entity.id
_entity.type
_entity.pdbx_description
1 polymer 'Proto-oncogene vav'
2 polymer '15-meric peptide from Lymphocyte cytosolic protein 2'
#
loop_
_entity_poly.entity_id
_entity_poly.type
_entity_poly.pdbx_seq_one_letter_code
_entity_poly.pdbx_strand_id
1 'polypeptide(L)'
;GSSGSSGKAEAEQNWWEGPPQDLSVHLWYAGPMERAGAESILANRSDGTFLVRQRVKDAAEFAISIKYNVEVKHIKIMTA
EGLYRITEKKAFRGLTELVEFYQQNSLKDCFKSLDTTLQFPFKEPEKRTISRSGPSSG
;
A
2 'polypeptide(L)' GEDDGD(PTR)ESPNEEEE B
#
# COMPACT_ATOMS: atom_id res chain seq x y z
N GLY A 1 -3.12 2.05 -25.85
CA GLY A 1 -3.59 0.67 -25.70
C GLY A 1 -5.02 0.61 -25.20
N SER A 2 -5.23 1.03 -23.96
CA SER A 2 -6.57 0.99 -23.37
C SER A 2 -7.07 -0.44 -23.24
N SER A 3 -6.19 -1.34 -22.82
CA SER A 3 -6.54 -2.74 -22.66
C SER A 3 -5.83 -3.34 -21.45
N GLY A 4 -6.21 -4.58 -21.11
CA GLY A 4 -5.60 -5.25 -19.97
C GLY A 4 -5.46 -6.74 -20.19
N SER A 5 -4.24 -7.18 -20.44
CA SER A 5 -3.96 -8.59 -20.67
C SER A 5 -4.51 -9.45 -19.53
N SER A 6 -4.62 -10.75 -19.77
CA SER A 6 -5.13 -11.68 -18.77
C SER A 6 -3.99 -12.45 -18.11
N GLY A 7 -4.11 -12.65 -16.81
CA GLY A 7 -3.08 -13.38 -16.08
C GLY A 7 -3.54 -13.82 -14.71
N LYS A 8 -2.88 -14.82 -14.15
CA LYS A 8 -3.22 -15.34 -12.83
C LYS A 8 -2.00 -15.41 -11.93
N ALA A 9 -0.84 -15.69 -12.53
CA ALA A 9 0.41 -15.78 -11.79
C ALA A 9 0.24 -16.66 -10.55
N GLU A 10 -0.54 -17.73 -10.69
CA GLU A 10 -0.78 -18.64 -9.58
C GLU A 10 0.29 -19.74 -9.53
N ALA A 11 1.17 -19.65 -8.54
CA ALA A 11 2.24 -20.64 -8.39
C ALA A 11 2.97 -20.45 -7.06
N GLU A 12 2.90 -21.48 -6.21
CA GLU A 12 3.56 -21.42 -4.91
C GLU A 12 4.93 -22.09 -4.96
N GLN A 13 5.97 -21.29 -5.11
CA GLN A 13 7.33 -21.80 -5.18
C GLN A 13 8.30 -20.87 -4.45
N ASN A 14 8.81 -21.34 -3.31
CA ASN A 14 9.75 -20.55 -2.52
C ASN A 14 11.16 -21.15 -2.59
N TRP A 15 11.95 -20.69 -3.55
CA TRP A 15 13.31 -21.19 -3.72
C TRP A 15 14.32 -20.16 -3.21
N TRP A 16 14.04 -19.58 -2.05
CA TRP A 16 14.93 -18.59 -1.46
C TRP A 16 15.79 -19.21 -0.37
N GLU A 17 16.80 -18.47 0.08
CA GLU A 17 17.70 -18.94 1.12
C GLU A 17 17.90 -17.89 2.21
N GLY A 18 16.95 -17.81 3.13
CA GLY A 18 17.04 -16.84 4.21
C GLY A 18 17.30 -15.44 3.70
N PRO A 19 16.26 -14.81 3.13
CA PRO A 19 16.36 -13.44 2.59
C PRO A 19 16.53 -12.40 3.69
N PRO A 20 17.40 -11.41 3.44
CA PRO A 20 17.67 -10.32 4.39
C PRO A 20 16.49 -9.38 4.55
N GLN A 21 16.66 -8.34 5.35
CA GLN A 21 15.61 -7.37 5.59
C GLN A 21 14.80 -7.12 4.33
N ASP A 22 13.49 -7.05 4.48
CA ASP A 22 12.59 -6.82 3.34
C ASP A 22 11.16 -6.59 3.81
N LEU A 23 10.39 -5.86 3.02
CA LEU A 23 9.00 -5.56 3.35
C LEU A 23 8.32 -6.78 3.94
N SER A 24 8.81 -7.97 3.58
CA SER A 24 8.24 -9.22 4.08
C SER A 24 7.97 -9.14 5.58
N VAL A 25 8.94 -8.60 6.32
CA VAL A 25 8.82 -8.46 7.76
C VAL A 25 7.44 -7.99 8.15
N HIS A 26 6.88 -7.08 7.35
CA HIS A 26 5.55 -6.54 7.60
C HIS A 26 4.47 -7.57 7.30
N LEU A 27 3.35 -7.47 8.01
CA LEU A 27 2.24 -8.39 7.80
C LEU A 27 1.64 -8.23 6.42
N TRP A 28 2.11 -7.23 5.68
CA TRP A 28 1.62 -6.96 4.34
C TRP A 28 2.78 -6.70 3.37
N TYR A 29 2.79 -7.42 2.26
CA TYR A 29 3.84 -7.27 1.26
C TYR A 29 3.32 -7.56 -0.14
N ALA A 30 3.84 -6.83 -1.12
CA ALA A 30 3.42 -7.02 -2.51
C ALA A 30 4.53 -6.60 -3.47
N GLY A 31 5.10 -7.59 -4.16
CA GLY A 31 6.17 -7.31 -5.11
C GLY A 31 5.68 -6.54 -6.32
N PRO A 32 6.31 -6.80 -7.47
CA PRO A 32 5.96 -6.14 -8.73
C PRO A 32 4.60 -6.60 -9.27
N MET A 33 3.92 -7.43 -8.49
CA MET A 33 2.61 -7.94 -8.88
C MET A 33 1.85 -6.90 -9.71
N GLU A 34 1.12 -7.38 -10.72
CA GLU A 34 0.36 -6.50 -11.59
C GLU A 34 -1.00 -6.17 -10.97
N ARG A 35 -1.79 -5.37 -11.68
CA ARG A 35 -3.11 -4.98 -11.19
C ARG A 35 -3.94 -6.20 -10.81
N ALA A 36 -4.24 -7.04 -11.80
CA ALA A 36 -5.03 -8.25 -11.58
C ALA A 36 -4.49 -9.03 -10.37
N GLY A 37 -3.17 -9.13 -10.28
CA GLY A 37 -2.55 -9.84 -9.18
C GLY A 37 -2.96 -9.29 -7.83
N ALA A 38 -3.09 -7.98 -7.75
CA ALA A 38 -3.48 -7.32 -6.49
C ALA A 38 -4.99 -7.41 -6.28
N GLU A 39 -5.75 -7.07 -7.33
CA GLU A 39 -7.20 -7.11 -7.25
C GLU A 39 -7.69 -8.45 -6.71
N SER A 40 -7.31 -9.52 -7.39
CA SER A 40 -7.70 -10.87 -6.99
C SER A 40 -7.45 -11.08 -5.50
N ILE A 41 -6.30 -10.61 -5.02
CA ILE A 41 -5.94 -10.74 -3.62
C ILE A 41 -6.95 -10.04 -2.72
N LEU A 42 -7.22 -8.77 -3.02
CA LEU A 42 -8.17 -7.98 -2.24
C LEU A 42 -9.60 -8.26 -2.67
N ALA A 43 -9.74 -9.05 -3.74
CA ALA A 43 -11.06 -9.40 -4.26
C ALA A 43 -11.58 -10.68 -3.62
N ASN A 44 -10.71 -11.67 -3.49
CA ASN A 44 -11.07 -12.95 -2.89
C ASN A 44 -11.11 -12.86 -1.38
N ARG A 45 -10.17 -12.10 -0.81
CA ARG A 45 -10.09 -11.93 0.63
C ARG A 45 -11.31 -11.19 1.16
N SER A 46 -11.31 -10.92 2.46
CA SER A 46 -12.43 -10.23 3.10
C SER A 46 -12.50 -8.78 2.62
N ASP A 47 -13.71 -8.21 2.66
CA ASP A 47 -13.92 -6.83 2.24
C ASP A 47 -13.18 -5.86 3.15
N GLY A 48 -12.19 -5.16 2.59
CA GLY A 48 -11.41 -4.22 3.37
C GLY A 48 -9.95 -4.56 3.42
N THR A 49 -9.55 -5.56 2.63
CA THR A 49 -8.16 -5.99 2.58
C THR A 49 -7.28 -4.94 1.91
N PHE A 50 -5.99 -4.99 2.20
CA PHE A 50 -5.03 -4.04 1.62
C PHE A 50 -3.65 -4.65 1.53
N LEU A 51 -2.74 -3.93 0.87
CA LEU A 51 -1.36 -4.40 0.71
C LEU A 51 -0.47 -3.30 0.16
N VAL A 52 0.82 -3.60 0.02
CA VAL A 52 1.78 -2.63 -0.50
C VAL A 52 2.48 -3.17 -1.74
N ARG A 53 2.25 -2.53 -2.87
CA ARG A 53 2.87 -2.96 -4.13
C ARG A 53 3.79 -1.87 -4.67
N GLN A 54 4.78 -2.28 -5.47
CA GLN A 54 5.72 -1.34 -6.05
C GLN A 54 5.48 -1.17 -7.54
N ARG A 55 5.85 0.00 -8.06
CA ARG A 55 5.65 0.29 -9.48
C ARG A 55 6.92 -0.04 -10.27
N VAL A 56 6.78 -0.11 -11.60
CA VAL A 56 7.91 -0.41 -12.46
C VAL A 56 8.61 0.87 -12.93
N LYS A 57 7.82 1.90 -13.20
CA LYS A 57 8.36 3.17 -13.65
C LYS A 57 9.57 3.57 -12.82
N ASP A 58 9.38 3.67 -11.51
CA ASP A 58 10.46 4.05 -10.60
C ASP A 58 10.59 3.04 -9.46
N ALA A 59 11.70 2.33 -9.43
CA ALA A 59 11.95 1.33 -8.39
C ALA A 59 11.48 1.83 -7.03
N ALA A 60 11.83 3.07 -6.71
CA ALA A 60 11.44 3.67 -5.44
C ALA A 60 10.01 4.21 -5.50
N GLU A 61 9.05 3.32 -5.71
CA GLU A 61 7.65 3.72 -5.80
C GLU A 61 6.74 2.63 -5.25
N PHE A 62 5.91 2.99 -4.28
CA PHE A 62 4.99 2.04 -3.67
C PHE A 62 3.53 2.44 -3.92
N ALA A 63 2.62 1.50 -3.70
CA ALA A 63 1.21 1.76 -3.90
C ALA A 63 0.35 0.91 -2.96
N ILE A 64 -0.68 1.53 -2.40
CA ILE A 64 -1.58 0.82 -1.49
C ILE A 64 -2.88 0.43 -2.17
N SER A 65 -3.07 -0.87 -2.37
CA SER A 65 -4.27 -1.38 -3.03
C SER A 65 -5.19 -2.05 -2.01
N ILE A 66 -6.40 -1.51 -1.87
CA ILE A 66 -7.38 -2.06 -0.94
C ILE A 66 -8.73 -2.29 -1.62
N LYS A 67 -9.40 -3.36 -1.26
CA LYS A 67 -10.70 -3.69 -1.82
C LYS A 67 -11.83 -3.01 -1.03
N TYR A 68 -12.69 -2.28 -1.75
CA TYR A 68 -13.80 -1.59 -1.12
C TYR A 68 -14.81 -1.13 -2.16
N ASN A 69 -16.09 -1.16 -1.80
CA ASN A 69 -17.15 -0.75 -2.70
C ASN A 69 -17.25 -1.68 -3.91
N VAL A 70 -17.27 -2.98 -3.64
CA VAL A 70 -17.36 -3.98 -4.69
C VAL A 70 -16.33 -3.69 -5.80
N GLU A 71 -15.25 -3.01 -5.43
CA GLU A 71 -14.21 -2.68 -6.39
C GLU A 71 -12.87 -2.49 -5.69
N VAL A 72 -11.79 -2.83 -6.39
CA VAL A 72 -10.45 -2.70 -5.84
C VAL A 72 -9.85 -1.33 -6.15
N LYS A 73 -9.48 -0.61 -5.09
CA LYS A 73 -8.90 0.72 -5.24
C LYS A 73 -7.38 0.67 -5.07
N HIS A 74 -6.70 1.67 -5.61
CA HIS A 74 -5.24 1.74 -5.52
C HIS A 74 -4.78 3.18 -5.34
N ILE A 75 -3.63 3.36 -4.71
CA ILE A 75 -3.07 4.69 -4.48
C ILE A 75 -1.58 4.73 -4.81
N LYS A 76 -1.14 5.83 -5.40
CA LYS A 76 0.25 6.00 -5.77
C LYS A 76 1.03 6.70 -4.65
N ILE A 77 2.01 6.00 -4.09
CA ILE A 77 2.83 6.57 -3.02
C ILE A 77 4.09 7.21 -3.57
N MET A 78 4.43 8.38 -3.06
CA MET A 78 5.61 9.10 -3.50
C MET A 78 6.80 8.80 -2.59
N THR A 79 7.99 9.23 -3.01
CA THR A 79 9.20 8.99 -2.24
C THR A 79 10.20 10.13 -2.42
N ALA A 80 10.48 10.84 -1.33
CA ALA A 80 11.41 11.95 -1.36
C ALA A 80 12.59 11.72 -0.40
N GLU A 81 13.77 11.55 -0.97
CA GLU A 81 14.97 11.32 -0.18
C GLU A 81 14.69 10.32 0.94
N GLY A 82 14.06 9.21 0.60
CA GLY A 82 13.74 8.19 1.58
C GLY A 82 12.46 8.50 2.34
N LEU A 83 11.60 9.30 1.74
CA LEU A 83 10.33 9.67 2.36
C LEU A 83 9.17 8.92 1.73
N TYR A 84 7.96 9.19 2.22
CA TYR A 84 6.76 8.54 1.70
C TYR A 84 5.53 9.39 1.96
N ARG A 85 4.82 9.71 0.88
CA ARG A 85 3.61 10.53 0.99
C ARG A 85 2.72 10.35 -0.25
N ILE A 86 1.41 10.35 -0.04
CA ILE A 86 0.46 10.19 -1.13
C ILE A 86 -0.26 11.50 -1.42
N THR A 87 -0.11 12.47 -0.52
CA THR A 87 -0.75 13.77 -0.68
C THR A 87 0.25 14.90 -0.50
N GLU A 88 -0.15 16.11 -0.90
CA GLU A 88 0.71 17.28 -0.77
C GLU A 88 0.62 17.89 0.62
N LYS A 89 -0.57 17.80 1.21
CA LYS A 89 -0.80 18.34 2.54
C LYS A 89 -0.16 17.47 3.61
N LYS A 90 -0.39 16.16 3.51
CA LYS A 90 0.17 15.21 4.46
C LYS A 90 1.48 14.62 3.95
N ALA A 91 2.37 14.26 4.87
CA ALA A 91 3.66 13.68 4.50
C ALA A 91 4.22 12.82 5.63
N PHE A 92 4.75 11.67 5.26
CA PHE A 92 5.33 10.74 6.24
C PHE A 92 6.82 10.57 6.02
N ARG A 93 7.46 9.85 6.94
CA ARG A 93 8.90 9.60 6.85
C ARG A 93 9.18 8.19 6.38
N GLY A 94 8.31 7.25 6.76
CA GLY A 94 8.48 5.87 6.37
C GLY A 94 7.20 5.24 5.88
N LEU A 95 7.32 4.23 5.02
CA LEU A 95 6.15 3.54 4.47
C LEU A 95 5.35 2.88 5.59
N THR A 96 6.04 2.18 6.48
CA THR A 96 5.38 1.50 7.60
C THR A 96 4.47 2.45 8.35
N GLU A 97 5.00 3.62 8.71
CA GLU A 97 4.24 4.61 9.45
C GLU A 97 2.99 5.02 8.68
N LEU A 98 3.17 5.30 7.39
CA LEU A 98 2.06 5.71 6.54
C LEU A 98 0.93 4.66 6.56
N VAL A 99 1.31 3.40 6.72
CA VAL A 99 0.35 2.32 6.77
C VAL A 99 -0.26 2.18 8.16
N GLU A 100 0.59 2.06 9.17
CA GLU A 100 0.14 1.94 10.55
C GLU A 100 -0.59 3.19 11.00
N PHE A 101 -0.60 4.21 10.14
CA PHE A 101 -1.27 5.46 10.46
C PHE A 101 -2.68 5.49 9.89
N TYR A 102 -2.82 5.04 8.65
CA TYR A 102 -4.12 5.01 7.99
C TYR A 102 -5.11 4.15 8.77
N GLN A 103 -4.60 3.07 9.36
CA GLN A 103 -5.44 2.16 10.14
C GLN A 103 -6.23 2.91 11.19
N GLN A 104 -5.77 4.13 11.52
CA GLN A 104 -6.43 4.95 12.52
C GLN A 104 -7.14 6.14 11.87
N ASN A 105 -6.61 6.58 10.74
CA ASN A 105 -7.19 7.71 10.02
C ASN A 105 -7.85 7.25 8.72
N SER A 106 -9.17 7.33 8.68
CA SER A 106 -9.93 6.91 7.49
C SER A 106 -9.41 7.62 6.24
N LEU A 107 -9.12 6.84 5.21
CA LEU A 107 -8.63 7.39 3.95
C LEU A 107 -9.60 8.42 3.39
N LYS A 108 -10.82 8.42 3.91
CA LYS A 108 -11.84 9.35 3.46
C LYS A 108 -11.37 10.79 3.60
N ASP A 109 -10.47 11.03 4.54
CA ASP A 109 -9.93 12.37 4.77
C ASP A 109 -9.26 12.91 3.52
N CYS A 110 -8.41 12.09 2.91
CA CYS A 110 -7.69 12.49 1.70
C CYS A 110 -8.44 12.02 0.45
N PHE A 111 -8.75 10.73 0.42
CA PHE A 111 -9.46 10.15 -0.72
C PHE A 111 -10.95 10.00 -0.42
N LYS A 112 -11.65 11.13 -0.37
CA LYS A 112 -13.09 11.13 -0.08
C LYS A 112 -13.75 9.89 -0.67
N SER A 113 -13.28 9.46 -1.83
CA SER A 113 -13.83 8.28 -2.49
C SER A 113 -13.80 7.07 -1.56
N LEU A 114 -12.62 6.78 -1.03
CA LEU A 114 -12.45 5.65 -0.12
C LEU A 114 -12.88 6.01 1.30
N ASP A 115 -14.13 5.70 1.62
CA ASP A 115 -14.67 5.99 2.95
C ASP A 115 -14.31 4.88 3.93
N THR A 116 -13.13 4.31 3.77
CA THR A 116 -12.67 3.23 4.64
C THR A 116 -11.15 3.23 4.77
N THR A 117 -10.66 2.64 5.85
CA THR A 117 -9.21 2.58 6.08
C THR A 117 -8.72 1.13 6.10
N LEU A 118 -7.42 0.95 6.03
CA LEU A 118 -6.82 -0.38 6.05
C LEU A 118 -7.47 -1.25 7.12
N GLN A 119 -8.30 -2.19 6.68
CA GLN A 119 -8.97 -3.11 7.61
C GLN A 119 -8.14 -4.35 7.87
N PHE A 120 -7.63 -4.95 6.79
CA PHE A 120 -6.81 -6.16 6.90
C PHE A 120 -5.72 -6.17 5.84
N PRO A 121 -4.49 -6.52 6.26
CA PRO A 121 -3.33 -6.57 5.36
C PRO A 121 -3.43 -7.72 4.37
N PHE A 122 -2.30 -8.07 3.77
CA PHE A 122 -2.25 -9.16 2.79
C PHE A 122 -2.15 -10.50 3.49
N LYS A 123 -1.30 -10.58 4.51
CA LYS A 123 -1.11 -11.81 5.26
C LYS A 123 -2.21 -11.99 6.31
N GLU A 124 -2.16 -11.14 7.34
CA GLU A 124 -3.15 -11.19 8.42
C GLU A 124 -3.15 -9.89 9.21
N PRO A 125 -4.34 -9.50 9.69
CA PRO A 125 -4.52 -8.27 10.48
C PRO A 125 -3.89 -8.39 11.86
N GLU A 126 -4.20 -7.43 12.72
CA GLU A 126 -3.67 -7.41 14.08
C GLU A 126 -4.79 -7.61 15.10
N LYS A 127 -4.40 -7.69 16.37
CA LYS A 127 -5.38 -7.87 17.45
C LYS A 127 -4.89 -7.21 18.74
N ARG A 128 -5.82 -7.01 19.68
CA ARG A 128 -5.48 -6.40 20.96
C ARG A 128 -4.89 -5.00 20.74
N THR A 129 -5.47 -4.26 19.81
CA THR A 129 -5.00 -2.91 19.51
C THR A 129 -3.49 -2.80 19.66
N ILE A 130 -2.77 -3.76 19.06
CA ILE A 130 -1.32 -3.77 19.12
C ILE A 130 -0.72 -2.67 18.24
N SER A 131 0.16 -1.87 18.83
CA SER A 131 0.80 -0.78 18.10
C SER A 131 2.14 -0.42 18.73
N ARG A 132 3.01 0.21 17.94
CA ARG A 132 4.32 0.60 18.42
C ARG A 132 4.52 2.10 18.28
N SER A 133 4.45 2.81 19.41
CA SER A 133 4.63 4.26 19.42
C SER A 133 6.05 4.64 19.02
N GLY A 134 6.22 5.88 18.55
CA GLY A 134 7.52 6.34 18.15
C GLY A 134 8.04 7.47 19.03
N PRO A 135 8.71 7.10 20.12
CA PRO A 135 9.28 8.07 21.06
C PRO A 135 10.45 8.84 20.48
N SER A 136 10.32 10.16 20.44
CA SER A 136 11.38 11.02 19.90
C SER A 136 11.99 10.40 18.64
N SER A 137 11.14 9.84 17.79
CA SER A 137 11.60 9.21 16.55
C SER A 137 10.68 9.57 15.40
N GLY A 138 11.28 10.01 14.29
CA GLY A 138 10.51 10.39 13.12
C GLY A 138 10.66 11.85 12.76
N GLY B 1 -0.36 13.80 -21.54
CA GLY B 1 0.02 15.14 -21.14
C GLY B 1 0.84 15.13 -19.85
N GLU B 2 0.81 16.26 -19.13
CA GLU B 2 1.56 16.38 -17.88
C GLU B 2 0.80 15.72 -16.73
N ASP B 3 -0.48 16.07 -16.60
CA ASP B 3 -1.31 15.51 -15.54
C ASP B 3 -1.42 13.99 -15.67
N ASP B 4 -1.59 13.32 -14.53
CA ASP B 4 -1.70 11.87 -14.52
C ASP B 4 -2.47 11.39 -13.29
N GLY B 5 -3.69 10.90 -13.51
CA GLY B 5 -4.50 10.42 -12.41
C GLY B 5 -4.92 8.97 -12.58
N ASP B 6 -3.94 8.07 -12.64
CA ASP B 6 -4.22 6.66 -12.81
C ASP B 6 -4.80 6.06 -11.53
N PTR B 7 -4.38 6.59 -10.39
CA PTR B 7 -4.85 6.12 -9.10
C PTR B 7 -5.90 7.06 -8.52
O PTR B 7 -6.23 8.09 -9.12
CB PTR B 7 -3.68 5.99 -8.12
CG PTR B 7 -2.62 5.01 -8.58
CD1 PTR B 7 -1.93 5.21 -9.76
CD2 PTR B 7 -2.32 3.88 -7.82
CE1 PTR B 7 -0.96 4.31 -10.19
CE2 PTR B 7 -1.35 2.98 -8.23
CZ PTR B 7 -0.68 3.21 -9.42
OH PTR B 7 0.29 2.32 -9.83
P PTR B 7 0.27 1.52 -11.22
O1P PTR B 7 -1.12 1.37 -11.69
O2P PTR B 7 1.04 2.27 -12.23
O3P PTR B 7 0.87 0.17 -11.05
H PTR B 7 -3.74 7.35 -10.42
HA PTR B 7 -5.30 5.15 -9.25
HB2 PTR B 7 -3.22 6.95 -8.00
HB3 PTR B 7 -4.06 5.65 -7.16
HD1 PTR B 7 -2.15 6.08 -10.36
HD2 PTR B 7 -2.85 3.70 -6.90
HE1 PTR B 7 -0.44 4.49 -11.11
HE2 PTR B 7 -1.14 2.11 -7.64
N GLU B 8 -6.44 6.70 -7.36
CA GLU B 8 -7.45 7.52 -6.69
C GLU B 8 -6.99 8.96 -6.54
N SER B 9 -7.93 9.89 -6.52
CA SER B 9 -7.61 11.30 -6.40
C SER B 9 -7.99 11.82 -5.01
N PRO B 10 -7.14 12.69 -4.45
CA PRO B 10 -7.35 13.27 -3.12
C PRO B 10 -8.52 14.25 -3.11
N ASN B 11 -8.84 14.77 -1.93
CA ASN B 11 -9.94 15.72 -1.76
C ASN B 11 -9.80 16.88 -2.76
N GLU B 12 -10.69 16.93 -3.73
CA GLU B 12 -10.68 17.98 -4.74
C GLU B 12 -11.33 19.25 -4.20
N GLU B 13 -12.58 19.12 -3.77
CA GLU B 13 -13.32 20.26 -3.23
C GLU B 13 -12.45 21.08 -2.29
N GLU B 14 -11.82 20.40 -1.34
CA GLU B 14 -10.97 21.06 -0.36
C GLU B 14 -9.73 21.65 -1.04
N GLU B 15 -9.79 22.94 -1.36
CA GLU B 15 -8.67 23.62 -2.00
C GLU B 15 -7.40 23.51 -1.16
N GLY A 1 11.39 9.71 -19.54
CA GLY A 1 10.83 10.53 -20.61
C GLY A 1 9.39 10.18 -20.92
N SER A 2 9.11 9.93 -22.19
CA SER A 2 7.76 9.58 -22.62
C SER A 2 7.28 8.31 -21.94
N SER A 3 5.98 8.06 -22.00
CA SER A 3 5.39 6.87 -21.37
C SER A 3 5.52 5.67 -22.30
N GLY A 4 5.45 4.48 -21.71
CA GLY A 4 5.55 3.25 -22.50
C GLY A 4 6.75 2.42 -22.11
N SER A 5 6.53 1.12 -21.91
CA SER A 5 7.60 0.21 -21.52
C SER A 5 7.81 -0.86 -22.58
N SER A 6 8.94 -0.79 -23.27
CA SER A 6 9.26 -1.76 -24.32
C SER A 6 9.57 -3.12 -23.72
N GLY A 7 8.71 -4.10 -24.02
CA GLY A 7 8.90 -5.44 -23.51
C GLY A 7 8.40 -5.59 -22.09
N LYS A 8 7.40 -6.46 -21.91
CA LYS A 8 6.82 -6.70 -20.58
C LYS A 8 6.83 -8.19 -20.26
N ALA A 9 7.94 -8.86 -20.58
CA ALA A 9 8.07 -10.28 -20.30
C ALA A 9 9.24 -10.55 -19.36
N GLU A 10 8.94 -11.22 -18.24
CA GLU A 10 9.96 -11.53 -17.25
C GLU A 10 9.84 -12.98 -16.80
N ALA A 11 10.90 -13.48 -16.17
CA ALA A 11 10.91 -14.87 -15.68
C ALA A 11 10.75 -14.91 -14.16
N GLU A 12 10.64 -16.11 -13.62
CA GLU A 12 10.49 -16.30 -12.18
C GLU A 12 11.69 -17.01 -11.58
N GLN A 13 12.78 -16.27 -11.41
CA GLN A 13 14.01 -16.83 -10.85
C GLN A 13 14.04 -16.67 -9.34
N ASN A 14 14.44 -17.73 -8.65
CA ASN A 14 14.51 -17.71 -7.19
C ASN A 14 15.89 -18.14 -6.70
N TRP A 15 16.84 -17.22 -6.75
CA TRP A 15 18.21 -17.50 -6.32
C TRP A 15 18.72 -16.41 -5.38
N TRP A 16 18.27 -16.45 -4.13
CA TRP A 16 18.68 -15.47 -3.14
C TRP A 16 19.36 -16.15 -1.96
N GLU A 17 18.96 -17.38 -1.68
CA GLU A 17 19.53 -18.13 -0.56
C GLU A 17 19.81 -17.22 0.62
N GLY A 18 18.96 -16.22 0.80
CA GLY A 18 19.13 -15.29 1.91
C GLY A 18 18.19 -14.11 1.83
N PRO A 19 16.96 -14.31 2.35
CA PRO A 19 15.93 -13.26 2.34
C PRO A 19 16.26 -12.12 3.30
N PRO A 20 16.54 -10.94 2.73
CA PRO A 20 16.87 -9.74 3.52
C PRO A 20 15.67 -9.20 4.29
N GLN A 21 15.79 -7.96 4.77
CA GLN A 21 14.71 -7.32 5.51
C GLN A 21 13.70 -6.70 4.57
N ASP A 22 13.54 -7.28 3.39
CA ASP A 22 12.60 -6.77 2.39
C ASP A 22 11.24 -6.49 3.04
N LEU A 23 10.41 -5.74 2.32
CA LEU A 23 9.08 -5.39 2.82
C LEU A 23 8.37 -6.62 3.37
N SER A 24 8.82 -7.80 2.96
CA SER A 24 8.23 -9.05 3.41
C SER A 24 8.07 -9.06 4.93
N VAL A 25 9.06 -8.51 5.62
CA VAL A 25 9.02 -8.45 7.08
C VAL A 25 7.66 -7.98 7.58
N HIS A 26 7.11 -6.96 6.90
CA HIS A 26 5.81 -6.41 7.28
C HIS A 26 4.70 -7.44 7.03
N LEU A 27 3.68 -7.40 7.87
CA LEU A 27 2.55 -8.32 7.74
C LEU A 27 1.88 -8.18 6.38
N TRP A 28 2.27 -7.14 5.64
CA TRP A 28 1.72 -6.90 4.31
C TRP A 28 2.82 -6.64 3.30
N TYR A 29 2.79 -7.37 2.19
CA TYR A 29 3.79 -7.23 1.15
C TYR A 29 3.19 -7.51 -0.23
N ALA A 30 3.65 -6.78 -1.24
CA ALA A 30 3.16 -6.96 -2.59
C ALA A 30 4.21 -6.53 -3.62
N GLY A 31 4.75 -7.52 -4.34
CA GLY A 31 5.77 -7.23 -5.33
C GLY A 31 5.23 -6.41 -6.50
N PRO A 32 5.81 -6.61 -7.68
CA PRO A 32 5.40 -5.90 -8.89
C PRO A 32 4.03 -6.34 -9.38
N MET A 33 3.37 -7.18 -8.61
CA MET A 33 2.04 -7.68 -8.96
C MET A 33 1.27 -6.64 -9.76
N GLU A 34 0.65 -7.06 -10.85
CA GLU A 34 -0.12 -6.17 -11.70
C GLU A 34 -1.48 -5.86 -11.07
N ARG A 35 -2.19 -4.90 -11.66
CA ARG A 35 -3.50 -4.50 -11.15
C ARG A 35 -4.35 -5.73 -10.84
N ALA A 36 -4.75 -6.46 -11.88
CA ALA A 36 -5.56 -7.66 -11.70
C ALA A 36 -4.96 -8.58 -10.64
N GLY A 37 -3.64 -8.74 -10.67
CA GLY A 37 -2.97 -9.59 -9.73
C GLY A 37 -3.24 -9.18 -8.29
N ALA A 38 -3.36 -7.88 -8.06
CA ALA A 38 -3.61 -7.36 -6.73
C ALA A 38 -5.10 -7.43 -6.38
N GLU A 39 -5.92 -6.81 -7.22
CA GLU A 39 -7.37 -6.81 -7.00
C GLU A 39 -7.85 -8.18 -6.57
N SER A 40 -7.42 -9.21 -7.30
CA SER A 40 -7.82 -10.58 -6.99
C SER A 40 -7.65 -10.88 -5.51
N ILE A 41 -6.50 -10.51 -4.97
CA ILE A 41 -6.21 -10.74 -3.56
C ILE A 41 -7.29 -10.13 -2.67
N LEU A 42 -7.33 -8.81 -2.60
CA LEU A 42 -8.31 -8.10 -1.80
C LEU A 42 -9.72 -8.55 -2.15
N ALA A 43 -9.86 -9.20 -3.31
CA ALA A 43 -11.16 -9.68 -3.76
C ALA A 43 -11.57 -10.94 -3.01
N ASN A 44 -10.81 -12.01 -3.20
CA ASN A 44 -11.09 -13.27 -2.54
C ASN A 44 -11.02 -13.13 -1.02
N ARG A 45 -10.10 -12.29 -0.56
CA ARG A 45 -9.92 -12.06 0.87
C ARG A 45 -11.14 -11.36 1.47
N SER A 46 -11.11 -11.17 2.78
CA SER A 46 -12.22 -10.51 3.47
C SER A 46 -12.31 -9.04 3.08
N ASP A 47 -13.46 -8.63 2.56
CA ASP A 47 -13.67 -7.25 2.14
C ASP A 47 -12.98 -6.29 3.10
N GLY A 48 -12.15 -5.40 2.56
CA GLY A 48 -11.44 -4.44 3.38
C GLY A 48 -9.95 -4.71 3.44
N THR A 49 -9.52 -5.75 2.73
CA THR A 49 -8.10 -6.12 2.71
C THR A 49 -7.27 -5.07 2.00
N PHE A 50 -5.96 -5.09 2.23
CA PHE A 50 -5.05 -4.14 1.60
C PHE A 50 -3.64 -4.70 1.53
N LEU A 51 -2.78 -4.04 0.76
CA LEU A 51 -1.40 -4.47 0.61
C LEU A 51 -0.53 -3.35 0.05
N VAL A 52 0.76 -3.61 -0.08
CA VAL A 52 1.69 -2.62 -0.60
C VAL A 52 2.36 -3.12 -1.88
N ARG A 53 2.07 -2.46 -2.99
CA ARG A 53 2.64 -2.84 -4.28
C ARG A 53 3.76 -1.89 -4.69
N GLN A 54 4.58 -2.31 -5.64
CA GLN A 54 5.70 -1.50 -6.11
C GLN A 54 5.72 -1.43 -7.64
N ARG A 55 6.32 -0.37 -8.17
CA ARG A 55 6.41 -0.18 -9.61
C ARG A 55 7.72 -0.73 -10.15
N VAL A 56 7.82 -0.79 -11.48
CA VAL A 56 9.03 -1.30 -12.12
C VAL A 56 9.77 -0.19 -12.86
N LYS A 57 9.11 0.95 -13.01
CA LYS A 57 9.70 2.10 -13.69
C LYS A 57 10.68 2.81 -12.78
N ASP A 58 10.33 2.94 -11.51
CA ASP A 58 11.18 3.60 -10.54
C ASP A 58 11.13 2.89 -9.18
N ALA A 59 12.21 2.20 -8.84
CA ALA A 59 12.28 1.48 -7.58
C ALA A 59 11.64 2.28 -6.45
N ALA A 60 11.98 3.56 -6.38
CA ALA A 60 11.42 4.44 -5.35
C ALA A 60 9.97 4.80 -5.64
N GLU A 61 9.09 3.81 -5.52
CA GLU A 61 7.67 4.02 -5.77
C GLU A 61 6.85 2.82 -5.28
N PHE A 62 5.83 3.11 -4.48
CA PHE A 62 4.97 2.06 -3.95
C PHE A 62 3.50 2.41 -4.14
N ALA A 63 2.62 1.47 -3.79
CA ALA A 63 1.18 1.68 -3.93
C ALA A 63 0.41 0.91 -2.87
N ILE A 64 -0.85 1.26 -2.68
CA ILE A 64 -1.71 0.58 -1.70
C ILE A 64 -3.06 0.22 -2.30
N SER A 65 -3.27 -1.06 -2.55
CA SER A 65 -4.52 -1.54 -3.13
C SER A 65 -5.39 -2.20 -2.06
N ILE A 66 -6.62 -1.74 -1.95
CA ILE A 66 -7.56 -2.29 -0.97
C ILE A 66 -8.94 -2.51 -1.59
N LYS A 67 -9.60 -3.59 -1.17
CA LYS A 67 -10.92 -3.91 -1.68
C LYS A 67 -12.01 -3.24 -0.85
N TYR A 68 -12.95 -2.60 -1.52
CA TYR A 68 -14.05 -1.93 -0.84
C TYR A 68 -15.09 -1.43 -1.83
N ASN A 69 -16.37 -1.60 -1.47
CA ASN A 69 -17.45 -1.17 -2.34
C ASN A 69 -17.49 -2.00 -3.63
N VAL A 70 -17.49 -3.31 -3.48
CA VAL A 70 -17.52 -4.21 -4.62
C VAL A 70 -16.52 -3.79 -5.68
N GLU A 71 -15.47 -3.09 -5.25
CA GLU A 71 -14.43 -2.62 -6.17
C GLU A 71 -13.11 -2.42 -5.43
N VAL A 72 -12.02 -2.73 -6.11
CA VAL A 72 -10.69 -2.59 -5.52
C VAL A 72 -10.05 -1.26 -5.91
N LYS A 73 -9.66 -0.49 -4.91
CA LYS A 73 -9.04 0.82 -5.14
C LYS A 73 -7.53 0.72 -5.01
N HIS A 74 -6.83 1.67 -5.61
CA HIS A 74 -5.37 1.70 -5.57
C HIS A 74 -4.86 3.13 -5.34
N ILE A 75 -3.80 3.25 -4.56
CA ILE A 75 -3.21 4.55 -4.26
C ILE A 75 -1.72 4.57 -4.57
N LYS A 76 -1.30 5.53 -5.39
CA LYS A 76 0.11 5.65 -5.77
C LYS A 76 0.89 6.40 -4.68
N ILE A 77 2.11 5.95 -4.44
CA ILE A 77 2.97 6.57 -3.43
C ILE A 77 4.19 7.22 -4.07
N MET A 78 4.63 8.33 -3.50
CA MET A 78 5.79 9.04 -4.00
C MET A 78 6.90 9.12 -2.95
N THR A 79 8.14 9.24 -3.41
CA THR A 79 9.29 9.31 -2.51
C THR A 79 10.37 10.23 -3.07
N ALA A 80 10.69 11.29 -2.33
CA ALA A 80 11.70 12.23 -2.75
C ALA A 80 13.03 11.96 -2.05
N GLU A 81 13.11 12.31 -0.78
CA GLU A 81 14.32 12.11 0.01
C GLU A 81 14.09 11.06 1.10
N GLY A 82 13.56 9.92 0.71
CA GLY A 82 13.31 8.85 1.67
C GLY A 82 12.06 9.11 2.49
N LEU A 83 11.17 9.95 1.96
CA LEU A 83 9.92 10.27 2.65
C LEU A 83 8.71 9.81 1.86
N TYR A 84 7.79 9.12 2.52
CA TYR A 84 6.59 8.62 1.86
C TYR A 84 5.39 9.51 2.17
N ARG A 85 4.68 9.91 1.12
CA ARG A 85 3.51 10.77 1.28
C ARG A 85 2.64 10.73 0.02
N ILE A 86 1.33 10.69 0.22
CA ILE A 86 0.39 10.66 -0.89
C ILE A 86 -0.11 12.05 -1.24
N THR A 87 0.03 12.98 -0.30
CA THR A 87 -0.41 14.35 -0.51
C THR A 87 0.56 15.34 0.14
N GLU A 88 0.54 16.58 -0.34
CA GLU A 88 1.42 17.61 0.19
C GLU A 88 1.02 17.99 1.61
N LYS A 89 -0.24 17.74 1.95
CA LYS A 89 -0.75 18.05 3.27
C LYS A 89 -0.18 17.10 4.32
N LYS A 90 -0.39 15.80 4.10
CA LYS A 90 0.10 14.78 5.01
C LYS A 90 1.45 14.24 4.55
N ALA A 91 2.34 14.01 5.50
CA ALA A 91 3.67 13.49 5.19
C ALA A 91 4.13 12.48 6.25
N PHE A 92 4.85 11.46 5.81
CA PHE A 92 5.34 10.43 6.71
C PHE A 92 6.86 10.27 6.59
N ARG A 93 7.45 9.55 7.53
CA ARG A 93 8.89 9.33 7.53
C ARG A 93 9.24 8.02 6.82
N GLY A 94 8.44 7.00 7.07
CA GLY A 94 8.68 5.71 6.46
C GLY A 94 7.40 5.03 6.00
N LEU A 95 7.48 4.33 4.87
CA LEU A 95 6.31 3.64 4.32
C LEU A 95 5.51 2.95 5.43
N THR A 96 6.22 2.23 6.29
CA THR A 96 5.57 1.52 7.39
C THR A 96 4.54 2.40 8.07
N GLU A 97 5.00 3.44 8.76
CA GLU A 97 4.10 4.35 9.46
C GLU A 97 2.93 4.76 8.57
N LEU A 98 3.25 5.29 7.39
CA LEU A 98 2.24 5.73 6.44
C LEU A 98 1.09 4.72 6.38
N VAL A 99 1.41 3.44 6.56
CA VAL A 99 0.41 2.39 6.53
C VAL A 99 -0.16 2.13 7.92
N GLU A 100 0.73 1.99 8.90
CA GLU A 100 0.32 1.74 10.28
C GLU A 100 -0.42 2.95 10.85
N PHE A 101 -0.47 4.03 10.08
CA PHE A 101 -1.14 5.25 10.52
C PHE A 101 -2.55 5.32 9.94
N TYR A 102 -2.67 5.02 8.65
CA TYR A 102 -3.96 5.07 7.98
C TYR A 102 -4.98 4.18 8.69
N GLN A 103 -4.49 3.06 9.23
CA GLN A 103 -5.36 2.12 9.95
C GLN A 103 -6.20 2.83 11.00
N GLN A 104 -5.78 4.05 11.35
CA GLN A 104 -6.49 4.83 12.35
C GLN A 104 -7.17 6.04 11.70
N ASN A 105 -6.65 6.47 10.55
CA ASN A 105 -7.21 7.61 9.83
C ASN A 105 -7.87 7.16 8.53
N SER A 106 -9.19 7.29 8.47
CA SER A 106 -9.95 6.90 7.29
C SER A 106 -9.39 7.58 6.05
N LEU A 107 -9.11 6.79 5.02
CA LEU A 107 -8.56 7.31 3.77
C LEU A 107 -9.53 8.30 3.14
N LYS A 108 -10.76 8.34 3.66
CA LYS A 108 -11.79 9.23 3.14
C LYS A 108 -11.37 10.69 3.31
N ASP A 109 -10.56 10.95 4.33
CA ASP A 109 -10.10 12.31 4.61
C ASP A 109 -9.33 12.87 3.42
N CYS A 110 -8.51 12.03 2.80
CA CYS A 110 -7.73 12.45 1.64
C CYS A 110 -8.44 12.09 0.35
N PHE A 111 -8.74 10.81 0.17
CA PHE A 111 -9.43 10.34 -1.02
C PHE A 111 -10.94 10.21 -0.79
N LYS A 112 -11.69 11.19 -1.27
CA LYS A 112 -13.13 11.19 -1.12
C LYS A 112 -13.74 9.89 -1.65
N SER A 113 -13.00 9.20 -2.49
CA SER A 113 -13.45 7.94 -3.06
C SER A 113 -13.41 6.82 -2.04
N LEU A 114 -12.24 6.63 -1.43
CA LEU A 114 -12.06 5.59 -0.43
C LEU A 114 -12.63 6.02 0.92
N ASP A 115 -13.83 5.55 1.23
CA ASP A 115 -14.49 5.89 2.48
C ASP A 115 -14.19 4.85 3.55
N THR A 116 -12.97 4.31 3.52
CA THR A 116 -12.56 3.30 4.49
C THR A 116 -11.04 3.25 4.61
N THR A 117 -10.55 2.84 5.78
CA THR A 117 -9.12 2.74 6.03
C THR A 117 -8.66 1.29 6.04
N LEU A 118 -7.36 1.09 5.92
CA LEU A 118 -6.78 -0.25 5.93
C LEU A 118 -7.39 -1.10 7.05
N GLN A 119 -8.19 -2.08 6.68
CA GLN A 119 -8.83 -2.95 7.65
C GLN A 119 -7.94 -4.15 7.96
N PHE A 120 -7.49 -4.83 6.91
CA PHE A 120 -6.64 -6.01 7.07
C PHE A 120 -5.59 -6.06 5.96
N PRO A 121 -4.35 -6.39 6.35
CA PRO A 121 -3.23 -6.49 5.40
C PRO A 121 -3.36 -7.69 4.47
N PHE A 122 -2.30 -7.97 3.71
CA PHE A 122 -2.30 -9.09 2.79
C PHE A 122 -2.27 -10.41 3.53
N LYS A 123 -1.50 -10.46 4.61
CA LYS A 123 -1.39 -11.67 5.41
C LYS A 123 -2.48 -11.74 6.47
N GLU A 124 -2.44 -10.80 7.42
CA GLU A 124 -3.44 -10.76 8.48
C GLU A 124 -3.24 -9.53 9.37
N PRO A 125 -4.33 -9.04 9.96
CA PRO A 125 -4.29 -7.87 10.84
C PRO A 125 -3.59 -8.16 12.16
N GLU A 126 -3.60 -7.17 13.06
CA GLU A 126 -2.96 -7.33 14.35
C GLU A 126 -3.66 -6.47 15.42
N LYS A 127 -3.54 -6.88 16.66
CA LYS A 127 -4.16 -6.14 17.77
C LYS A 127 -3.13 -5.31 18.51
N ARG A 128 -2.16 -5.98 19.12
CA ARG A 128 -1.11 -5.30 19.88
C ARG A 128 -0.53 -4.14 19.06
N THR A 129 -0.64 -2.93 19.60
CA THR A 129 -0.12 -1.75 18.92
C THR A 129 1.29 -1.44 19.38
N ILE A 130 2.24 -1.50 18.44
CA ILE A 130 3.64 -1.21 18.74
C ILE A 130 4.40 -0.84 17.48
N SER A 131 5.18 0.24 17.56
CA SER A 131 5.97 0.71 16.42
C SER A 131 7.40 1.01 16.85
N ARG A 132 8.33 0.16 16.42
CA ARG A 132 9.73 0.32 16.75
C ARG A 132 10.61 -0.57 15.88
N SER A 133 11.90 -0.27 15.84
CA SER A 133 12.85 -1.04 15.04
C SER A 133 12.63 -0.78 13.55
N GLY A 134 12.49 0.50 13.19
CA GLY A 134 12.29 0.86 11.80
C GLY A 134 13.36 1.78 11.27
N PRO A 135 14.61 1.29 11.21
CA PRO A 135 15.75 2.06 10.73
C PRO A 135 15.68 2.33 9.23
N SER A 136 16.48 3.30 8.76
CA SER A 136 16.50 3.65 7.35
C SER A 136 17.63 2.93 6.63
N SER A 137 17.28 2.15 5.60
CA SER A 137 18.28 1.41 4.84
C SER A 137 18.40 1.98 3.42
N GLY A 138 17.29 2.00 2.70
CA GLY A 138 17.30 2.51 1.33
C GLY A 138 17.14 1.42 0.30
N GLY B 1 8.75 12.35 -11.30
CA GLY B 1 7.36 12.72 -11.49
C GLY B 1 6.84 12.32 -12.86
N GLU B 2 5.81 11.48 -12.87
CA GLU B 2 5.22 11.02 -14.13
C GLU B 2 3.74 11.40 -14.19
N ASP B 3 3.28 11.73 -15.41
CA ASP B 3 1.89 12.11 -15.61
C ASP B 3 1.00 10.88 -15.73
N ASP B 4 -0.01 10.80 -14.87
CA ASP B 4 -0.93 9.67 -14.87
C ASP B 4 -2.11 9.93 -13.93
N GLY B 5 -3.20 9.19 -14.14
CA GLY B 5 -4.37 9.36 -13.32
C GLY B 5 -5.26 8.13 -13.31
N ASP B 6 -4.70 7.01 -12.88
CA ASP B 6 -5.44 5.74 -12.83
C ASP B 6 -5.77 5.37 -11.38
N PTR B 7 -5.03 5.95 -10.44
CA PTR B 7 -5.23 5.67 -9.02
C PTR B 7 -6.15 6.71 -8.39
O PTR B 7 -6.53 7.70 -9.04
CB PTR B 7 -3.90 5.64 -8.28
CG PTR B 7 -3.03 4.46 -8.65
CD1 PTR B 7 -2.64 4.23 -9.97
CD2 PTR B 7 -2.60 3.56 -7.68
CE1 PTR B 7 -1.85 3.16 -10.31
CE2 PTR B 7 -1.81 2.48 -8.01
CZ PTR B 7 -1.44 2.28 -9.32
OH PTR B 7 -0.64 1.20 -9.65
P PTR B 7 0.84 1.30 -10.24
O1P PTR B 7 0.81 1.20 -11.71
O2P PTR B 7 1.46 2.59 -9.85
O3P PTR B 7 1.67 0.19 -9.70
H PTR B 7 -4.33 6.58 -10.71
HA PTR B 7 -5.70 4.70 -8.94
HB2 PTR B 7 -3.34 6.54 -8.52
HB3 PTR B 7 -4.07 5.61 -7.23
HD1 PTR B 7 -2.96 4.92 -10.73
HD2 PTR B 7 -2.90 3.72 -6.65
HE1 PTR B 7 -1.55 3.00 -11.33
HE2 PTR B 7 -1.48 1.79 -7.24
N GLU B 8 -6.51 6.49 -7.13
CA GLU B 8 -7.39 7.41 -6.42
C GLU B 8 -6.80 8.83 -6.42
N SER B 9 -7.69 9.81 -6.51
CA SER B 9 -7.27 11.22 -6.53
C SER B 9 -7.62 11.90 -5.20
N PRO B 10 -6.73 12.80 -4.76
CA PRO B 10 -6.92 13.55 -3.52
C PRO B 10 -8.04 14.57 -3.62
N ASN B 11 -8.53 15.02 -2.46
CA ASN B 11 -9.62 16.00 -2.42
C ASN B 11 -9.12 17.38 -2.82
N GLU B 12 -9.75 17.94 -3.86
CA GLU B 12 -9.36 19.27 -4.35
C GLU B 12 -10.10 20.36 -3.58
N GLU B 13 -11.38 20.13 -3.30
CA GLU B 13 -12.19 21.10 -2.57
C GLU B 13 -11.63 21.34 -1.18
N GLU B 14 -11.40 20.26 -0.43
CA GLU B 14 -10.86 20.36 0.91
C GLU B 14 -9.36 20.64 0.88
N GLU B 15 -8.98 21.90 1.00
CA GLU B 15 -7.58 22.29 0.98
C GLU B 15 -6.81 21.61 2.12
N GLY A 1 -21.31 -0.67 -9.90
CA GLY A 1 -21.07 -1.50 -11.07
C GLY A 1 -20.50 -2.86 -10.71
N SER A 2 -20.95 -3.90 -11.40
CA SER A 2 -20.49 -5.26 -11.14
C SER A 2 -19.66 -5.78 -12.31
N SER A 3 -18.79 -4.93 -12.85
CA SER A 3 -17.95 -5.31 -13.97
C SER A 3 -17.12 -6.55 -13.64
N GLY A 4 -17.11 -7.50 -14.57
CA GLY A 4 -16.36 -8.73 -14.37
C GLY A 4 -14.86 -8.48 -14.25
N SER A 5 -14.07 -9.40 -14.79
CA SER A 5 -12.62 -9.29 -14.74
C SER A 5 -11.98 -10.03 -15.91
N SER A 6 -10.67 -9.90 -16.03
CA SER A 6 -9.92 -10.56 -17.10
C SER A 6 -9.63 -12.01 -16.75
N GLY A 7 -9.02 -12.21 -15.58
CA GLY A 7 -8.69 -13.56 -15.14
C GLY A 7 -8.05 -14.39 -16.23
N LYS A 8 -8.72 -15.46 -16.64
CA LYS A 8 -8.20 -16.33 -17.68
C LYS A 8 -6.68 -16.43 -17.61
N ALA A 9 -6.14 -16.35 -16.40
CA ALA A 9 -4.70 -16.44 -16.21
C ALA A 9 -4.37 -17.04 -14.84
N GLU A 10 -3.21 -17.69 -14.76
CA GLU A 10 -2.78 -18.31 -13.51
C GLU A 10 -1.29 -18.65 -13.57
N ALA A 11 -0.57 -18.26 -12.52
CA ALA A 11 0.87 -18.52 -12.45
C ALA A 11 1.42 -18.18 -11.07
N GLU A 12 2.39 -18.97 -10.60
CA GLU A 12 2.99 -18.76 -9.30
C GLU A 12 4.33 -19.48 -9.19
N GLN A 13 5.29 -18.84 -8.53
CA GLN A 13 6.62 -19.43 -8.36
C GLN A 13 7.06 -19.35 -6.91
N ASN A 14 8.06 -20.16 -6.55
CA ASN A 14 8.58 -20.18 -5.19
C ASN A 14 10.09 -19.92 -5.17
N TRP A 15 10.47 -18.73 -4.74
CA TRP A 15 11.87 -18.36 -4.67
C TRP A 15 12.22 -17.80 -3.30
N TRP A 16 11.67 -18.42 -2.25
CA TRP A 16 11.92 -17.98 -0.88
C TRP A 16 13.15 -18.69 -0.31
N GLU A 17 14.30 -18.04 -0.39
CA GLU A 17 15.55 -18.61 0.11
C GLU A 17 16.05 -17.83 1.32
N GLY A 18 15.13 -17.49 2.22
CA GLY A 18 15.50 -16.74 3.40
C GLY A 18 16.16 -15.42 3.07
N PRO A 19 15.39 -14.52 2.43
CA PRO A 19 15.89 -13.20 2.04
C PRO A 19 16.11 -12.29 3.24
N PRO A 20 17.02 -11.31 3.08
CA PRO A 20 17.34 -10.35 4.14
C PRO A 20 16.20 -9.38 4.41
N GLN A 21 16.45 -8.41 5.30
CA GLN A 21 15.45 -7.43 5.65
C GLN A 21 14.63 -7.03 4.42
N ASP A 22 13.36 -7.45 4.41
CA ASP A 22 12.47 -7.14 3.29
C ASP A 22 11.08 -6.77 3.80
N LEU A 23 10.35 -5.99 3.00
CA LEU A 23 9.01 -5.57 3.37
C LEU A 23 8.21 -6.72 3.97
N SER A 24 8.59 -7.94 3.60
CA SER A 24 7.91 -9.14 4.09
C SER A 24 7.71 -9.05 5.61
N VAL A 25 8.73 -8.58 6.31
CA VAL A 25 8.68 -8.45 7.76
C VAL A 25 7.32 -7.92 8.20
N HIS A 26 6.72 -7.07 7.38
CA HIS A 26 5.41 -6.50 7.69
C HIS A 26 4.30 -7.49 7.41
N LEU A 27 3.25 -7.44 8.23
CA LEU A 27 2.11 -8.33 8.08
C LEU A 27 1.51 -8.21 6.68
N TRP A 28 1.93 -7.19 5.95
CA TRP A 28 1.42 -6.97 4.60
C TRP A 28 2.57 -6.75 3.62
N TYR A 29 2.57 -7.52 2.53
CA TYR A 29 3.61 -7.42 1.52
C TYR A 29 3.06 -7.74 0.14
N ALA A 30 3.69 -7.19 -0.89
CA ALA A 30 3.27 -7.43 -2.27
C ALA A 30 4.43 -7.26 -3.24
N GLY A 31 4.86 -8.37 -3.82
CA GLY A 31 5.97 -8.32 -4.76
C GLY A 31 5.70 -7.39 -5.93
N PRO A 32 6.32 -7.69 -7.08
CA PRO A 32 6.16 -6.88 -8.30
C PRO A 32 4.75 -7.00 -8.90
N MET A 33 3.89 -7.73 -8.21
CA MET A 33 2.51 -7.93 -8.68
C MET A 33 1.96 -6.64 -9.28
N GLU A 34 1.26 -6.78 -10.40
CA GLU A 34 0.68 -5.63 -11.08
C GLU A 34 -0.73 -5.35 -10.58
N ARG A 35 -1.32 -4.26 -11.05
CA ARG A 35 -2.67 -3.87 -10.64
C ARG A 35 -3.60 -5.08 -10.65
N ALA A 36 -3.87 -5.61 -11.83
CA ALA A 36 -4.75 -6.76 -11.98
C ALA A 36 -4.40 -7.84 -10.96
N GLY A 37 -3.11 -8.02 -10.70
CA GLY A 37 -2.67 -9.02 -9.75
C GLY A 37 -3.17 -8.74 -8.34
N ALA A 38 -3.23 -7.47 -7.98
CA ALA A 38 -3.69 -7.06 -6.66
C ALA A 38 -5.15 -7.44 -6.45
N GLU A 39 -6.02 -6.94 -7.33
CA GLU A 39 -7.44 -7.21 -7.24
C GLU A 39 -7.69 -8.69 -6.90
N SER A 40 -6.94 -9.57 -7.55
CA SER A 40 -7.08 -11.00 -7.32
C SER A 40 -7.01 -11.32 -5.83
N ILE A 41 -6.06 -10.68 -5.13
CA ILE A 41 -5.88 -10.89 -3.70
C ILE A 41 -7.09 -10.39 -2.92
N LEU A 42 -7.24 -9.08 -2.83
CA LEU A 42 -8.35 -8.48 -2.11
C LEU A 42 -9.68 -9.02 -2.61
N ALA A 43 -9.67 -9.61 -3.79
CA ALA A 43 -10.86 -10.18 -4.38
C ALA A 43 -11.32 -11.42 -3.61
N ASN A 44 -10.35 -12.17 -3.08
CA ASN A 44 -10.65 -13.38 -2.32
C ASN A 44 -10.74 -13.08 -0.83
N ARG A 45 -9.87 -12.19 -0.36
CA ARG A 45 -9.85 -11.82 1.05
C ARG A 45 -11.17 -11.18 1.46
N SER A 46 -11.23 -10.70 2.70
CA SER A 46 -12.45 -10.08 3.22
C SER A 46 -12.58 -8.65 2.69
N ASP A 47 -13.72 -8.02 2.98
CA ASP A 47 -13.98 -6.66 2.54
C ASP A 47 -13.18 -5.66 3.38
N GLY A 48 -12.24 -4.98 2.73
CA GLY A 48 -11.42 -3.99 3.44
C GLY A 48 -9.96 -4.36 3.44
N THR A 49 -9.63 -5.48 2.78
CA THR A 49 -8.25 -5.94 2.72
C THR A 49 -7.37 -4.96 1.95
N PHE A 50 -6.07 -5.03 2.17
CA PHE A 50 -5.12 -4.15 1.50
C PHE A 50 -3.75 -4.80 1.39
N LEU A 51 -2.86 -4.16 0.64
CA LEU A 51 -1.50 -4.68 0.45
C LEU A 51 -0.57 -3.58 -0.05
N VAL A 52 0.72 -3.91 -0.14
CA VAL A 52 1.72 -2.96 -0.61
C VAL A 52 2.57 -3.56 -1.72
N ARG A 53 2.47 -2.98 -2.91
CA ARG A 53 3.24 -3.45 -4.05
C ARG A 53 4.16 -2.36 -4.59
N GLN A 54 5.22 -2.76 -5.28
CA GLN A 54 6.17 -1.82 -5.83
C GLN A 54 5.93 -1.60 -7.32
N ARG A 55 6.42 -0.49 -7.85
CA ARG A 55 6.24 -0.16 -9.26
C ARG A 55 7.44 -0.61 -10.07
N VAL A 56 7.30 -0.62 -11.40
CA VAL A 56 8.37 -1.02 -12.29
C VAL A 56 9.03 0.19 -12.95
N LYS A 57 8.23 1.19 -13.26
CA LYS A 57 8.74 2.41 -13.89
C LYS A 57 9.89 3.00 -13.08
N ASP A 58 9.65 3.21 -11.79
CA ASP A 58 10.66 3.78 -10.92
C ASP A 58 10.81 2.94 -9.64
N ALA A 59 12.00 2.39 -9.44
CA ALA A 59 12.26 1.57 -8.26
C ALA A 59 11.72 2.23 -7.00
N ALA A 60 12.23 3.41 -6.69
CA ALA A 60 11.80 4.15 -5.52
C ALA A 60 10.33 4.57 -5.63
N GLU A 61 9.44 3.61 -5.45
CA GLU A 61 8.01 3.87 -5.54
C GLU A 61 7.20 2.68 -5.05
N PHE A 62 6.04 2.96 -4.46
CA PHE A 62 5.18 1.92 -3.93
C PHE A 62 3.71 2.24 -4.18
N ALA A 63 2.82 1.32 -3.81
CA ALA A 63 1.40 1.52 -3.99
C ALA A 63 0.60 0.78 -2.91
N ILE A 64 -0.62 1.23 -2.67
CA ILE A 64 -1.48 0.62 -1.67
C ILE A 64 -2.86 0.30 -2.25
N SER A 65 -3.09 -0.98 -2.54
CA SER A 65 -4.36 -1.41 -3.10
C SER A 65 -5.26 -2.01 -2.02
N ILE A 66 -6.53 -1.65 -2.05
CA ILE A 66 -7.49 -2.15 -1.07
C ILE A 66 -8.84 -2.42 -1.72
N LYS A 67 -9.53 -3.45 -1.23
CA LYS A 67 -10.84 -3.82 -1.75
C LYS A 67 -11.95 -3.17 -0.93
N TYR A 68 -12.92 -2.59 -1.62
CA TYR A 68 -14.05 -1.93 -0.96
C TYR A 68 -15.09 -1.47 -1.98
N ASN A 69 -16.36 -1.58 -1.60
CA ASN A 69 -17.44 -1.17 -2.48
C ASN A 69 -17.47 -2.02 -3.75
N VAL A 70 -17.45 -3.33 -3.57
CA VAL A 70 -17.48 -4.26 -4.70
C VAL A 70 -16.48 -3.84 -5.78
N GLU A 71 -15.45 -3.10 -5.38
CA GLU A 71 -14.44 -2.63 -6.31
C GLU A 71 -13.09 -2.46 -5.61
N VAL A 72 -12.03 -2.89 -6.27
CA VAL A 72 -10.69 -2.78 -5.71
C VAL A 72 -10.02 -1.48 -6.12
N LYS A 73 -9.63 -0.68 -5.12
CA LYS A 73 -8.98 0.60 -5.38
C LYS A 73 -7.47 0.46 -5.34
N HIS A 74 -6.76 1.53 -5.71
CA HIS A 74 -5.31 1.53 -5.71
C HIS A 74 -4.77 2.92 -5.46
N ILE A 75 -3.69 3.00 -4.66
CA ILE A 75 -3.07 4.28 -4.34
C ILE A 75 -1.59 4.29 -4.71
N LYS A 76 -1.15 5.38 -5.33
CA LYS A 76 0.25 5.51 -5.74
C LYS A 76 1.04 6.28 -4.69
N ILE A 77 2.27 5.80 -4.42
CA ILE A 77 3.13 6.45 -3.44
C ILE A 77 4.29 7.16 -4.12
N MET A 78 4.60 8.37 -3.65
CA MET A 78 5.68 9.16 -4.20
C MET A 78 6.83 9.30 -3.20
N THR A 79 8.05 9.34 -3.72
CA THR A 79 9.23 9.47 -2.86
C THR A 79 10.23 10.46 -3.45
N ALA A 80 10.77 11.32 -2.61
CA ALA A 80 11.75 12.31 -3.05
C ALA A 80 13.04 12.21 -2.24
N GLU A 81 12.95 12.53 -0.95
CA GLU A 81 14.11 12.48 -0.08
C GLU A 81 13.96 11.37 0.97
N GLY A 82 13.56 10.19 0.50
CA GLY A 82 13.39 9.06 1.40
C GLY A 82 12.14 9.19 2.25
N LEU A 83 11.13 9.88 1.73
CA LEU A 83 9.88 10.07 2.45
C LEU A 83 8.69 9.54 1.65
N TYR A 84 7.66 9.11 2.36
CA TYR A 84 6.46 8.57 1.70
C TYR A 84 5.25 9.44 2.01
N ARG A 85 4.55 9.86 0.96
CA ARG A 85 3.37 10.70 1.11
C ARG A 85 2.52 10.67 -0.16
N ILE A 86 1.20 10.61 0.02
CA ILE A 86 0.28 10.58 -1.11
C ILE A 86 -0.20 11.98 -1.46
N THR A 87 -0.07 12.90 -0.51
CA THR A 87 -0.49 14.27 -0.72
C THR A 87 0.57 15.26 -0.25
N GLU A 88 0.55 16.47 -0.82
CA GLU A 88 1.51 17.50 -0.46
C GLU A 88 1.31 17.95 0.98
N LYS A 89 0.06 18.04 1.41
CA LYS A 89 -0.27 18.46 2.76
C LYS A 89 0.22 17.43 3.78
N LYS A 90 -0.23 16.20 3.64
CA LYS A 90 0.16 15.13 4.55
C LYS A 90 1.50 14.53 4.13
N ALA A 91 2.25 14.03 5.10
CA ALA A 91 3.55 13.42 4.84
C ALA A 91 3.92 12.41 5.92
N PHE A 92 4.85 11.53 5.60
CA PHE A 92 5.30 10.51 6.54
C PHE A 92 6.81 10.29 6.43
N ARG A 93 7.35 9.55 7.39
CA ARG A 93 8.79 9.26 7.41
C ARG A 93 9.09 8.00 6.61
N GLY A 94 8.28 6.95 6.82
CA GLY A 94 8.47 5.70 6.11
C GLY A 94 7.17 5.07 5.68
N LEU A 95 7.23 4.24 4.64
CA LEU A 95 6.05 3.57 4.13
C LEU A 95 5.27 2.90 5.25
N THR A 96 5.99 2.27 6.17
CA THR A 96 5.36 1.59 7.30
C THR A 96 4.39 2.51 8.03
N GLU A 97 4.93 3.53 8.69
CA GLU A 97 4.11 4.48 9.43
C GLU A 97 2.90 4.92 8.60
N LEU A 98 3.13 5.15 7.31
CA LEU A 98 2.07 5.58 6.41
C LEU A 98 0.92 4.58 6.41
N VAL A 99 1.26 3.29 6.49
CA VAL A 99 0.25 2.24 6.51
C VAL A 99 -0.29 2.02 7.91
N GLU A 100 0.62 1.84 8.87
CA GLU A 100 0.23 1.62 10.26
C GLU A 100 -0.48 2.85 10.82
N PHE A 101 -0.53 3.91 10.04
CA PHE A 101 -1.18 5.15 10.45
C PHE A 101 -2.62 5.21 9.93
N TYR A 102 -2.78 4.91 8.65
CA TYR A 102 -4.10 4.94 8.02
C TYR A 102 -5.09 4.07 8.80
N GLN A 103 -4.60 2.95 9.31
CA GLN A 103 -5.44 2.02 10.07
C GLN A 103 -6.17 2.75 11.19
N GLN A 104 -5.65 3.92 11.56
CA GLN A 104 -6.27 4.71 12.63
C GLN A 104 -7.03 5.90 12.04
N ASN A 105 -6.54 6.41 10.92
CA ASN A 105 -7.17 7.55 10.27
C ASN A 105 -7.80 7.14 8.94
N SER A 106 -9.12 7.16 8.89
CA SER A 106 -9.84 6.79 7.68
C SER A 106 -9.29 7.51 6.46
N LEU A 107 -9.10 6.77 5.37
CA LEU A 107 -8.56 7.35 4.14
C LEU A 107 -9.44 8.50 3.65
N LYS A 108 -10.70 8.50 4.09
CA LYS A 108 -11.65 9.54 3.71
C LYS A 108 -11.12 10.92 4.08
N ASP A 109 -10.17 10.96 5.01
CA ASP A 109 -9.59 12.22 5.45
C ASP A 109 -9.01 13.00 4.26
N CYS A 110 -8.37 12.28 3.35
CA CYS A 110 -7.77 12.90 2.17
C CYS A 110 -8.66 12.72 0.96
N PHE A 111 -9.07 11.48 0.72
CA PHE A 111 -9.93 11.16 -0.42
C PHE A 111 -11.41 11.25 -0.04
N LYS A 112 -12.26 11.44 -1.03
CA LYS A 112 -13.70 11.53 -0.79
C LYS A 112 -14.38 10.20 -1.08
N SER A 113 -13.95 9.53 -2.14
CA SER A 113 -14.52 8.24 -2.52
C SER A 113 -14.22 7.18 -1.46
N LEU A 114 -12.97 7.10 -1.04
CA LEU A 114 -12.55 6.14 -0.04
C LEU A 114 -13.03 6.55 1.35
N ASP A 115 -14.18 6.00 1.76
CA ASP A 115 -14.75 6.32 3.07
C ASP A 115 -14.35 5.26 4.10
N THR A 116 -13.23 4.60 3.86
CA THR A 116 -12.74 3.56 4.76
C THR A 116 -11.22 3.57 4.84
N THR A 117 -10.66 2.68 5.67
CA THR A 117 -9.23 2.60 5.84
C THR A 117 -8.76 1.14 5.86
N LEU A 118 -7.45 0.95 5.85
CA LEU A 118 -6.87 -0.40 5.87
C LEU A 118 -7.56 -1.27 6.92
N GLN A 119 -8.36 -2.23 6.47
CA GLN A 119 -9.07 -3.12 7.37
C GLN A 119 -8.24 -4.37 7.66
N PHE A 120 -7.69 -4.97 6.61
CA PHE A 120 -6.88 -6.18 6.76
C PHE A 120 -5.71 -6.16 5.77
N PRO A 121 -4.52 -6.52 6.27
CA PRO A 121 -3.31 -6.56 5.45
C PRO A 121 -3.34 -7.69 4.42
N PHE A 122 -2.25 -7.81 3.65
CA PHE A 122 -2.16 -8.84 2.63
C PHE A 122 -2.23 -10.23 3.26
N LYS A 123 -1.40 -10.47 4.27
CA LYS A 123 -1.37 -11.75 4.96
C LYS A 123 -2.63 -11.95 5.80
N GLU A 124 -2.75 -11.19 6.88
CA GLU A 124 -3.91 -11.29 7.76
C GLU A 124 -3.86 -10.22 8.85
N PRO A 125 -5.03 -9.82 9.34
CA PRO A 125 -5.14 -8.81 10.40
C PRO A 125 -4.65 -9.32 11.75
N GLU A 126 -3.96 -8.45 12.49
CA GLU A 126 -3.43 -8.82 13.79
C GLU A 126 -3.02 -7.58 14.58
N LYS A 127 -3.57 -7.44 15.78
CA LYS A 127 -3.26 -6.30 16.64
C LYS A 127 -2.52 -6.75 17.90
N ARG A 128 -1.25 -6.37 18.00
CA ARG A 128 -0.44 -6.74 19.16
C ARG A 128 0.01 -5.49 19.92
N THR A 129 -0.92 -4.56 20.12
CA THR A 129 -0.62 -3.33 20.84
C THR A 129 0.76 -2.81 20.48
N ILE A 130 1.15 -2.98 19.23
CA ILE A 130 2.45 -2.52 18.76
C ILE A 130 2.68 -1.06 19.12
N SER A 131 3.92 -0.72 19.49
CA SER A 131 4.27 0.64 19.85
C SER A 131 5.25 1.24 18.84
N ARG A 132 5.12 2.54 18.60
CA ARG A 132 6.00 3.24 17.66
C ARG A 132 7.46 3.11 18.09
N SER A 133 8.29 2.64 17.17
CA SER A 133 9.72 2.47 17.43
C SER A 133 10.50 3.70 17.01
N GLY A 134 11.31 4.22 17.92
CA GLY A 134 12.11 5.40 17.62
C GLY A 134 12.85 5.27 16.30
N PRO A 135 12.91 6.37 15.55
CA PRO A 135 13.58 6.41 14.25
C PRO A 135 15.10 6.32 14.38
N SER A 136 15.76 5.89 13.31
CA SER A 136 17.21 5.75 13.31
C SER A 136 17.83 6.54 12.16
N SER A 137 19.00 7.11 12.42
CA SER A 137 19.70 7.90 11.41
C SER A 137 21.21 7.91 11.68
N GLY A 138 21.99 7.85 10.61
CA GLY A 138 23.43 7.85 10.74
C GLY A 138 24.15 7.88 9.40
N GLY B 1 5.97 10.28 -19.55
CA GLY B 1 4.90 11.04 -18.94
C GLY B 1 5.34 11.78 -17.69
N GLU B 2 4.96 13.05 -17.60
CA GLU B 2 5.34 13.87 -16.45
C GLU B 2 4.32 13.71 -15.32
N ASP B 3 3.06 13.97 -15.63
CA ASP B 3 1.99 13.86 -14.65
C ASP B 3 1.18 12.57 -14.87
N ASP B 4 0.57 12.09 -13.79
CA ASP B 4 -0.24 10.87 -13.86
C ASP B 4 -1.45 10.97 -12.94
N GLY B 5 -2.59 10.47 -13.42
CA GLY B 5 -3.81 10.51 -12.63
C GLY B 5 -4.66 9.28 -12.83
N ASP B 6 -4.05 8.11 -12.72
CA ASP B 6 -4.77 6.85 -12.89
C ASP B 6 -5.26 6.33 -11.54
N PTR B 7 -4.49 6.58 -10.50
CA PTR B 7 -4.84 6.13 -9.15
C PTR B 7 -5.76 7.13 -8.46
O PTR B 7 -6.01 8.21 -8.99
CB PTR B 7 -3.58 5.89 -8.32
CG PTR B 7 -2.81 4.66 -8.72
CD1 PTR B 7 -2.43 4.45 -10.03
CD2 PTR B 7 -2.45 3.71 -7.77
CE1 PTR B 7 -1.72 3.32 -10.40
CE2 PTR B 7 -1.73 2.58 -8.12
CZ PTR B 7 -1.37 2.40 -9.44
OH PTR B 7 -0.67 1.27 -9.80
P PTR B 7 0.79 0.89 -9.25
O1P PTR B 7 0.79 -0.50 -8.74
O2P PTR B 7 1.79 1.00 -10.34
O3P PTR B 7 1.17 1.79 -8.14
H PTR B 7 -3.65 7.07 -10.62
HA PTR B 7 -5.37 5.19 -9.25
HB2 PTR B 7 -2.93 6.75 -8.42
HB3 PTR B 7 -3.86 5.80 -7.28
HD1 PTR B 7 -2.71 5.18 -10.78
HD2 PTR B 7 -2.73 3.86 -6.73
HE1 PTR B 7 -1.43 3.18 -11.43
HE2 PTR B 7 -1.46 1.86 -7.38
N GLU B 8 -6.23 6.78 -7.28
CA GLU B 8 -7.12 7.64 -6.51
C GLU B 8 -6.54 9.06 -6.43
N SER B 9 -7.39 10.05 -6.67
CA SER B 9 -6.98 11.45 -6.62
C SER B 9 -7.37 12.10 -5.30
N PRO B 10 -6.48 12.93 -4.75
CA PRO B 10 -6.71 13.63 -3.48
C PRO B 10 -7.78 14.71 -3.61
N ASN B 11 -8.41 15.04 -2.49
CA ASN B 11 -9.45 16.06 -2.48
C ASN B 11 -8.86 17.45 -2.73
N GLU B 12 -9.39 18.12 -3.75
CA GLU B 12 -8.91 19.46 -4.11
C GLU B 12 -9.72 20.54 -3.38
N GLU B 13 -11.02 20.32 -3.26
CA GLU B 13 -11.90 21.27 -2.59
C GLU B 13 -11.58 21.33 -1.09
N GLU B 14 -10.95 20.27 -0.59
CA GLU B 14 -10.60 20.21 0.83
C GLU B 14 -9.16 20.66 1.04
N GLU B 15 -8.97 21.50 2.07
CA GLU B 15 -7.64 22.02 2.38
C GLU B 15 -6.80 20.97 3.11
N GLY A 1 23.05 14.25 15.65
CA GLY A 1 23.26 15.26 14.63
C GLY A 1 22.42 16.50 14.86
N SER A 2 22.69 17.56 14.09
CA SER A 2 21.95 18.81 14.22
C SER A 2 21.48 19.31 12.86
N SER A 3 20.44 20.14 12.87
CA SER A 3 19.89 20.69 11.63
C SER A 3 20.62 21.97 11.24
N GLY A 4 20.76 22.19 9.94
CA GLY A 4 21.42 23.39 9.45
C GLY A 4 22.35 23.11 8.29
N SER A 5 21.87 23.38 7.08
CA SER A 5 22.66 23.14 5.87
C SER A 5 21.95 23.70 4.65
N SER A 6 22.64 24.55 3.90
CA SER A 6 22.08 25.16 2.70
C SER A 6 23.18 25.74 1.81
N GLY A 7 22.80 26.16 0.61
CA GLY A 7 23.77 26.72 -0.32
C GLY A 7 25.03 25.89 -0.41
N LYS A 8 24.99 24.83 -1.22
CA LYS A 8 26.13 23.96 -1.40
C LYS A 8 25.88 22.93 -2.49
N ALA A 9 26.91 22.20 -2.88
CA ALA A 9 26.80 21.18 -3.92
C ALA A 9 25.44 20.49 -3.85
N GLU A 10 24.92 20.10 -5.01
CA GLU A 10 23.64 19.42 -5.08
C GLU A 10 23.81 17.95 -5.42
N ALA A 11 24.82 17.32 -4.82
CA ALA A 11 25.10 15.91 -5.07
C ALA A 11 24.42 15.04 -4.01
N GLU A 12 24.33 13.74 -4.30
CA GLU A 12 23.71 12.79 -3.37
C GLU A 12 24.75 12.17 -2.46
N GLN A 13 24.39 12.02 -1.19
CA GLN A 13 25.29 11.43 -0.20
C GLN A 13 25.06 9.92 -0.08
N ASN A 14 26.14 9.18 0.14
CA ASN A 14 26.06 7.73 0.28
C ASN A 14 26.66 7.27 1.61
N TRP A 15 27.04 8.24 2.43
CA TRP A 15 27.61 7.93 3.74
C TRP A 15 26.53 7.62 4.76
N TRP A 16 25.60 6.75 4.39
CA TRP A 16 24.50 6.38 5.27
C TRP A 16 24.73 4.98 5.85
N GLU A 17 24.01 4.67 6.94
CA GLU A 17 24.14 3.37 7.58
C GLU A 17 22.77 2.77 7.85
N GLY A 18 22.23 2.06 6.87
CA GLY A 18 20.92 1.44 7.02
C GLY A 18 20.33 1.00 5.70
N PRO A 19 20.56 -0.27 5.33
CA PRO A 19 20.06 -0.84 4.08
C PRO A 19 18.54 -1.00 4.09
N PRO A 20 17.95 -1.24 2.91
CA PRO A 20 16.51 -1.42 2.75
C PRO A 20 16.02 -2.74 3.36
N GLN A 21 15.12 -2.64 4.34
CA GLN A 21 14.58 -3.82 4.99
C GLN A 21 13.59 -4.55 4.09
N ASP A 22 13.45 -5.85 4.31
CA ASP A 22 12.54 -6.66 3.51
C ASP A 22 11.09 -6.43 3.94
N LEU A 23 10.35 -5.68 3.13
CA LEU A 23 8.95 -5.39 3.43
C LEU A 23 8.26 -6.60 4.05
N SER A 24 8.64 -7.79 3.59
CA SER A 24 8.06 -9.02 4.10
C SER A 24 7.82 -8.94 5.60
N VAL A 25 8.84 -8.51 6.34
CA VAL A 25 8.75 -8.38 7.78
C VAL A 25 7.37 -7.87 8.20
N HIS A 26 6.87 -6.87 7.48
CA HIS A 26 5.56 -6.30 7.78
C HIS A 26 4.45 -7.33 7.54
N LEU A 27 3.40 -7.25 8.34
CA LEU A 27 2.27 -8.16 8.21
C LEU A 27 1.65 -8.07 6.82
N TRP A 28 2.07 -7.07 6.05
CA TRP A 28 1.54 -6.86 4.71
C TRP A 28 2.69 -6.65 3.71
N TYR A 29 2.67 -7.42 2.63
CA TYR A 29 3.70 -7.30 1.61
C TYR A 29 3.13 -7.62 0.22
N ALA A 30 3.72 -7.02 -0.81
CA ALA A 30 3.28 -7.25 -2.17
C ALA A 30 4.42 -7.05 -3.16
N GLY A 31 4.87 -8.14 -3.78
CA GLY A 31 5.95 -8.06 -4.74
C GLY A 31 5.60 -7.21 -5.95
N PRO A 32 6.17 -7.58 -7.11
CA PRO A 32 5.92 -6.86 -8.37
C PRO A 32 4.50 -7.07 -8.89
N MET A 33 3.67 -7.70 -8.07
CA MET A 33 2.29 -7.97 -8.45
C MET A 33 1.78 -6.92 -9.43
N GLU A 34 1.00 -7.36 -10.41
CA GLU A 34 0.44 -6.45 -11.41
C GLU A 34 -0.99 -6.07 -11.07
N ARG A 35 -1.54 -5.12 -11.82
CA ARG A 35 -2.91 -4.67 -11.60
C ARG A 35 -3.83 -5.84 -11.25
N ALA A 36 -4.07 -6.70 -12.23
CA ALA A 36 -4.93 -7.86 -12.03
C ALA A 36 -4.40 -8.74 -10.91
N GLY A 37 -3.08 -8.73 -10.72
CA GLY A 37 -2.47 -9.53 -9.68
C GLY A 37 -2.85 -9.06 -8.29
N ALA A 38 -3.04 -7.75 -8.14
CA ALA A 38 -3.39 -7.17 -6.86
C ALA A 38 -4.89 -7.32 -6.58
N GLU A 39 -5.71 -6.69 -7.41
CA GLU A 39 -7.15 -6.75 -7.25
C GLU A 39 -7.59 -8.16 -6.87
N SER A 40 -7.00 -9.15 -7.52
CA SER A 40 -7.34 -10.55 -7.25
C SER A 40 -7.22 -10.86 -5.76
N ILE A 41 -6.14 -10.40 -5.15
CA ILE A 41 -5.91 -10.63 -3.74
C ILE A 41 -7.04 -10.04 -2.89
N LEU A 42 -7.08 -8.71 -2.82
CA LEU A 42 -8.12 -8.03 -2.04
C LEU A 42 -9.50 -8.54 -2.41
N ALA A 43 -9.64 -9.03 -3.64
CA ALA A 43 -10.91 -9.55 -4.11
C ALA A 43 -11.25 -10.87 -3.42
N ASN A 44 -10.36 -11.85 -3.54
CA ASN A 44 -10.57 -13.16 -2.93
C ASN A 44 -10.69 -13.04 -1.41
N ARG A 45 -9.78 -12.25 -0.82
CA ARG A 45 -9.78 -12.05 0.62
C ARG A 45 -11.06 -11.36 1.08
N SER A 46 -11.15 -11.08 2.38
CA SER A 46 -12.32 -10.42 2.94
C SER A 46 -12.44 -8.99 2.43
N ASP A 47 -13.59 -8.36 2.69
CA ASP A 47 -13.83 -6.99 2.26
C ASP A 47 -13.07 -6.00 3.14
N GLY A 48 -12.19 -5.21 2.52
CA GLY A 48 -11.42 -4.24 3.27
C GLY A 48 -9.94 -4.58 3.33
N THR A 49 -9.56 -5.64 2.61
CA THR A 49 -8.17 -6.07 2.58
C THR A 49 -7.27 -5.04 1.90
N PHE A 50 -5.99 -5.06 2.23
CA PHE A 50 -5.04 -4.13 1.64
C PHE A 50 -3.65 -4.76 1.55
N LEU A 51 -2.73 -4.07 0.88
CA LEU A 51 -1.37 -4.56 0.72
C LEU A 51 -0.46 -3.46 0.19
N VAL A 52 0.83 -3.77 0.07
CA VAL A 52 1.81 -2.81 -0.43
C VAL A 52 2.61 -3.39 -1.60
N ARG A 53 2.44 -2.80 -2.77
CA ARG A 53 3.15 -3.26 -3.96
C ARG A 53 4.08 -2.18 -4.49
N GLN A 54 5.15 -2.60 -5.16
CA GLN A 54 6.12 -1.67 -5.72
C GLN A 54 5.83 -1.40 -7.20
N ARG A 55 6.36 -0.29 -7.71
CA ARG A 55 6.16 0.08 -9.10
C ARG A 55 7.30 -0.44 -9.98
N VAL A 56 7.03 -0.60 -11.26
CA VAL A 56 8.04 -1.08 -12.21
C VAL A 56 8.75 0.08 -12.90
N LYS A 57 7.97 1.08 -13.30
CA LYS A 57 8.53 2.24 -13.98
C LYS A 57 9.68 2.85 -13.18
N ASP A 58 9.46 3.01 -11.88
CA ASP A 58 10.47 3.57 -11.00
C ASP A 58 10.65 2.73 -9.75
N ALA A 59 11.82 2.13 -9.60
CA ALA A 59 12.12 1.29 -8.45
C ALA A 59 11.63 1.93 -7.16
N ALA A 60 12.14 3.14 -6.88
CA ALA A 60 11.75 3.87 -5.68
C ALA A 60 10.30 4.33 -5.76
N GLU A 61 9.38 3.41 -5.49
CA GLU A 61 7.95 3.73 -5.54
C GLU A 61 7.13 2.63 -4.86
N PHE A 62 5.89 2.96 -4.50
CA PHE A 62 5.01 2.02 -3.85
C PHE A 62 3.54 2.44 -3.99
N ALA A 63 2.63 1.54 -3.64
CA ALA A 63 1.21 1.83 -3.72
C ALA A 63 0.42 0.96 -2.74
N ILE A 64 -0.75 1.46 -2.33
CA ILE A 64 -1.60 0.72 -1.40
C ILE A 64 -2.94 0.36 -2.05
N SER A 65 -3.09 -0.91 -2.39
CA SER A 65 -4.32 -1.39 -3.02
C SER A 65 -5.23 -2.05 -2.00
N ILE A 66 -6.46 -1.58 -1.92
CA ILE A 66 -7.44 -2.13 -0.98
C ILE A 66 -8.80 -2.33 -1.65
N LYS A 67 -9.45 -3.43 -1.30
CA LYS A 67 -10.77 -3.74 -1.86
C LYS A 67 -11.88 -3.10 -1.04
N TYR A 68 -12.82 -2.46 -1.73
CA TYR A 68 -13.93 -1.80 -1.07
C TYR A 68 -14.94 -1.26 -2.09
N ASN A 69 -16.23 -1.40 -1.77
CA ASN A 69 -17.29 -0.94 -2.66
C ASN A 69 -17.30 -1.75 -3.95
N VAL A 70 -17.29 -3.07 -3.82
CA VAL A 70 -17.31 -3.96 -4.97
C VAL A 70 -16.28 -3.53 -6.01
N GLU A 71 -15.24 -2.84 -5.55
CA GLU A 71 -14.19 -2.37 -6.45
C GLU A 71 -12.87 -2.22 -5.70
N VAL A 72 -11.77 -2.58 -6.36
CA VAL A 72 -10.44 -2.47 -5.76
C VAL A 72 -9.82 -1.12 -6.04
N LYS A 73 -9.50 -0.38 -4.98
CA LYS A 73 -8.89 0.93 -5.11
C LYS A 73 -7.38 0.85 -4.98
N HIS A 74 -6.68 1.81 -5.57
CA HIS A 74 -5.23 1.84 -5.52
C HIS A 74 -4.72 3.25 -5.25
N ILE A 75 -3.74 3.37 -4.36
CA ILE A 75 -3.17 4.66 -4.02
C ILE A 75 -1.68 4.71 -4.35
N LYS A 76 -1.29 5.67 -5.18
CA LYS A 76 0.10 5.83 -5.57
C LYS A 76 0.90 6.52 -4.48
N ILE A 77 2.17 6.15 -4.35
CA ILE A 77 3.04 6.73 -3.34
C ILE A 77 4.26 7.39 -3.98
N MET A 78 4.49 8.65 -3.63
CA MET A 78 5.63 9.39 -4.17
C MET A 78 6.83 9.28 -3.25
N THR A 79 8.03 9.43 -3.81
CA THR A 79 9.26 9.34 -3.04
C THR A 79 10.36 10.21 -3.65
N ALA A 80 11.15 10.84 -2.79
CA ALA A 80 12.23 11.71 -3.25
C ALA A 80 13.56 11.26 -2.65
N GLU A 81 13.74 11.48 -1.35
CA GLU A 81 14.98 11.10 -0.67
C GLU A 81 14.73 9.95 0.29
N GLY A 82 13.56 9.33 0.18
CA GLY A 82 13.22 8.21 1.05
C GLY A 82 12.00 8.49 1.90
N LEU A 83 11.13 9.38 1.42
CA LEU A 83 9.91 9.73 2.13
C LEU A 83 8.69 9.11 1.47
N TYR A 84 7.53 9.29 2.08
CA TYR A 84 6.28 8.74 1.56
C TYR A 84 5.09 9.62 1.94
N ARG A 85 4.34 10.06 0.94
CA ARG A 85 3.17 10.90 1.17
C ARG A 85 2.26 10.91 -0.06
N ILE A 86 0.95 10.91 0.20
CA ILE A 86 -0.03 10.91 -0.88
C ILE A 86 -0.53 12.33 -1.17
N THR A 87 -0.28 13.23 -0.22
CA THR A 87 -0.70 14.62 -0.38
C THR A 87 0.31 15.58 0.24
N GLU A 88 0.30 16.82 -0.21
CA GLU A 88 1.21 17.83 0.31
C GLU A 88 0.89 18.17 1.76
N LYS A 89 -0.39 18.16 2.09
CA LYS A 89 -0.83 18.47 3.45
C LYS A 89 -0.25 17.48 4.45
N LYS A 90 -0.54 16.20 4.25
CA LYS A 90 -0.04 15.15 5.13
C LYS A 90 1.21 14.50 4.55
N ALA A 91 2.16 14.19 5.41
CA ALA A 91 3.41 13.55 4.98
C ALA A 91 3.95 12.62 6.06
N PHE A 92 4.66 11.58 5.63
CA PHE A 92 5.22 10.61 6.55
C PHE A 92 6.73 10.48 6.36
N ARG A 93 7.38 9.73 7.24
CA ARG A 93 8.82 9.53 7.16
C ARG A 93 9.15 8.20 6.50
N GLY A 94 8.34 7.19 6.78
CA GLY A 94 8.57 5.87 6.21
C GLY A 94 7.28 5.22 5.73
N LEU A 95 7.40 4.33 4.75
CA LEU A 95 6.24 3.64 4.21
C LEU A 95 5.45 2.95 5.31
N THR A 96 6.16 2.31 6.24
CA THR A 96 5.52 1.62 7.34
C THR A 96 4.51 2.52 8.05
N GLU A 97 5.01 3.55 8.73
CA GLU A 97 4.16 4.48 9.45
C GLU A 97 2.98 4.91 8.59
N LEU A 98 3.26 5.24 7.33
CA LEU A 98 2.22 5.67 6.39
C LEU A 98 1.07 4.68 6.37
N VAL A 99 1.39 3.39 6.53
CA VAL A 99 0.38 2.34 6.53
C VAL A 99 -0.17 2.11 7.94
N GLU A 100 0.72 2.04 8.91
CA GLU A 100 0.31 1.81 10.30
C GLU A 100 -0.47 3.02 10.84
N PHE A 101 -0.55 4.06 10.02
CA PHE A 101 -1.27 5.27 10.41
C PHE A 101 -2.69 5.27 9.86
N TYR A 102 -2.82 4.93 8.58
CA TYR A 102 -4.12 4.89 7.92
C TYR A 102 -5.08 3.99 8.69
N GLN A 103 -4.57 2.89 9.22
CA GLN A 103 -5.38 1.94 9.97
C GLN A 103 -6.19 2.66 11.05
N GLN A 104 -5.74 3.85 11.42
CA GLN A 104 -6.41 4.64 12.44
C GLN A 104 -7.09 5.86 11.83
N ASN A 105 -6.51 6.37 10.75
CA ASN A 105 -7.07 7.53 10.07
C ASN A 105 -7.72 7.14 8.74
N SER A 106 -9.05 7.21 8.70
CA SER A 106 -9.80 6.85 7.49
C SER A 106 -9.31 7.66 6.29
N LEU A 107 -9.09 6.97 5.18
CA LEU A 107 -8.63 7.63 3.96
C LEU A 107 -9.65 8.64 3.46
N LYS A 108 -10.83 8.63 4.08
CA LYS A 108 -11.89 9.55 3.70
C LYS A 108 -11.52 10.99 4.02
N ASP A 109 -10.55 11.15 4.92
CA ASP A 109 -10.08 12.48 5.32
C ASP A 109 -9.42 13.19 4.14
N CYS A 110 -8.73 12.43 3.31
CA CYS A 110 -8.05 12.99 2.14
C CYS A 110 -8.85 12.76 0.87
N PHE A 111 -9.22 11.51 0.63
CA PHE A 111 -9.99 11.15 -0.55
C PHE A 111 -11.48 11.06 -0.22
N LYS A 112 -12.32 11.19 -1.25
CA LYS A 112 -13.77 11.12 -1.07
C LYS A 112 -14.31 9.78 -1.56
N SER A 113 -13.51 9.08 -2.34
CA SER A 113 -13.91 7.78 -2.89
C SER A 113 -13.76 6.69 -1.84
N LEU A 114 -12.63 6.69 -1.14
CA LEU A 114 -12.36 5.70 -0.10
C LEU A 114 -12.84 6.19 1.25
N ASP A 115 -14.01 5.71 1.66
CA ASP A 115 -14.58 6.09 2.95
C ASP A 115 -14.26 5.05 4.02
N THR A 116 -13.12 4.38 3.86
CA THR A 116 -12.70 3.35 4.81
C THR A 116 -11.18 3.31 4.94
N THR A 117 -10.69 2.63 5.97
CA THR A 117 -9.25 2.51 6.19
C THR A 117 -8.81 1.05 6.16
N LEU A 118 -7.51 0.83 6.02
CA LEU A 118 -6.95 -0.52 5.97
C LEU A 118 -7.62 -1.40 7.02
N GLN A 119 -8.44 -2.34 6.56
CA GLN A 119 -9.13 -3.26 7.45
C GLN A 119 -8.26 -4.47 7.78
N PHE A 120 -7.73 -5.11 6.74
CA PHE A 120 -6.87 -6.28 6.91
C PHE A 120 -5.74 -6.28 5.89
N PRO A 121 -4.52 -6.56 6.37
CA PRO A 121 -3.32 -6.59 5.52
C PRO A 121 -3.33 -7.79 4.57
N PHE A 122 -2.27 -7.92 3.78
CA PHE A 122 -2.15 -9.02 2.83
C PHE A 122 -2.16 -10.36 3.56
N LYS A 123 -1.31 -10.49 4.57
CA LYS A 123 -1.21 -11.72 5.34
C LYS A 123 -2.44 -11.91 6.23
N GLU A 124 -2.55 -11.07 7.25
CA GLU A 124 -3.68 -11.13 8.17
C GLU A 124 -3.62 -10.01 9.20
N PRO A 125 -4.79 -9.61 9.72
CA PRO A 125 -4.89 -8.53 10.70
C PRO A 125 -4.32 -8.94 12.07
N GLU A 126 -3.64 -8.01 12.72
CA GLU A 126 -3.03 -8.27 14.02
C GLU A 126 -3.95 -7.77 15.14
N LYS A 127 -3.87 -8.43 16.29
CA LYS A 127 -4.68 -8.07 17.44
C LYS A 127 -3.84 -7.35 18.49
N ARG A 128 -2.78 -6.69 18.05
CA ARG A 128 -1.90 -5.97 18.95
C ARG A 128 -2.22 -4.48 18.95
N THR A 129 -3.25 -4.10 19.71
CA THR A 129 -3.66 -2.71 19.80
C THR A 129 -2.97 -1.99 20.96
N ILE A 130 -1.69 -2.32 21.17
CA ILE A 130 -0.91 -1.71 22.24
C ILE A 130 -0.97 -0.19 22.16
N SER A 131 -0.90 0.34 20.95
CA SER A 131 -0.95 1.79 20.73
C SER A 131 0.16 2.49 21.53
N ARG A 132 1.39 2.04 21.31
CA ARG A 132 2.54 2.62 22.01
C ARG A 132 3.30 3.59 21.10
N SER A 133 2.56 4.39 20.33
CA SER A 133 3.15 5.34 19.41
C SER A 133 3.83 6.48 20.18
N GLY A 134 4.56 7.32 19.45
CA GLY A 134 5.25 8.44 20.08
C GLY A 134 5.72 9.46 19.07
N PRO A 135 4.77 10.19 18.47
CA PRO A 135 5.07 11.22 17.47
C PRO A 135 5.76 12.44 18.08
N SER A 136 5.98 13.45 17.26
CA SER A 136 6.63 14.68 17.72
C SER A 136 8.09 14.42 18.08
N SER A 137 8.76 13.62 17.25
CA SER A 137 10.17 13.29 17.47
C SER A 137 11.08 14.28 16.75
N GLY A 138 11.77 15.11 17.53
CA GLY A 138 12.67 16.09 16.95
C GLY A 138 11.95 17.09 16.07
N GLY B 1 4.28 9.40 -19.03
CA GLY B 1 3.54 10.49 -19.64
C GLY B 1 3.57 11.76 -18.81
N GLU B 2 2.65 12.68 -19.11
CA GLU B 2 2.58 13.95 -18.37
C GLU B 2 1.45 13.92 -17.35
N ASP B 3 0.24 13.68 -17.84
CA ASP B 3 -0.93 13.63 -16.97
C ASP B 3 -1.54 12.22 -16.96
N ASP B 4 -2.09 11.83 -15.81
CA ASP B 4 -2.70 10.52 -15.67
C ASP B 4 -3.47 10.42 -14.35
N GLY B 5 -4.71 9.96 -14.44
CA GLY B 5 -5.53 9.83 -13.25
C GLY B 5 -6.24 8.48 -13.18
N ASP B 6 -5.59 7.51 -12.53
CA ASP B 6 -6.16 6.18 -12.39
C ASP B 6 -6.39 5.84 -10.93
N PTR B 7 -5.47 6.26 -10.08
CA PTR B 7 -5.56 5.99 -8.64
C PTR B 7 -6.45 7.02 -7.96
O PTR B 7 -7.03 7.89 -8.61
CB PTR B 7 -4.17 6.00 -8.00
CG PTR B 7 -3.33 4.81 -8.38
CD1 PTR B 7 -2.73 4.02 -7.41
CD2 PTR B 7 -3.13 4.46 -9.72
CE1 PTR B 7 -1.95 2.92 -7.75
CE2 PTR B 7 -2.35 3.37 -10.07
CZ PTR B 7 -1.77 2.61 -9.07
OH PTR B 7 -1.00 1.52 -9.43
P PTR B 7 0.55 1.58 -9.80
O1P PTR B 7 1.20 2.74 -9.14
O2P PTR B 7 1.23 0.34 -9.37
O3P PTR B 7 0.71 1.73 -11.27
H PTR B 7 -4.70 6.76 -10.42
HA PTR B 7 -6.00 5.01 -8.52
HB2 PTR B 7 -3.65 6.89 -8.31
HB3 PTR B 7 -4.28 6.00 -6.93
HD1 PTR B 7 -2.87 4.27 -6.36
HD2 PTR B 7 -3.58 5.06 -10.48
HE1 PTR B 7 -1.49 2.33 -6.98
HE2 PTR B 7 -2.21 3.12 -11.10
N GLU B 8 -6.57 6.91 -6.64
CA GLU B 8 -7.39 7.83 -5.86
C GLU B 8 -6.85 9.26 -5.95
N SER B 9 -7.74 10.21 -6.22
CA SER B 9 -7.35 11.61 -6.33
C SER B 9 -7.61 12.36 -5.03
N PRO B 10 -6.71 13.28 -4.68
CA PRO B 10 -6.82 14.09 -3.46
C PRO B 10 -7.96 15.10 -3.53
N ASN B 11 -8.68 15.26 -2.43
CA ASN B 11 -9.79 16.20 -2.37
C ASN B 11 -9.30 17.64 -2.55
N GLU B 12 -9.91 18.34 -3.49
CA GLU B 12 -9.55 19.73 -3.78
C GLU B 12 -10.49 20.69 -3.07
N GLU B 13 -11.78 20.59 -3.37
CA GLU B 13 -12.78 21.46 -2.76
C GLU B 13 -12.50 21.66 -1.27
N GLU B 14 -11.80 20.69 -0.68
CA GLU B 14 -11.47 20.76 0.74
C GLU B 14 -10.13 21.47 0.95
N GLU B 15 -10.02 22.17 2.08
CA GLU B 15 -8.80 22.90 2.40
C GLU B 15 -8.32 22.57 3.81
N GLY A 1 21.96 -10.47 -29.05
CA GLY A 1 22.37 -9.17 -28.55
C GLY A 1 21.23 -8.43 -27.88
N SER A 2 20.73 -7.39 -28.54
CA SER A 2 19.64 -6.60 -28.00
C SER A 2 18.29 -7.22 -28.34
N SER A 3 17.41 -7.31 -27.33
CA SER A 3 16.09 -7.88 -27.52
C SER A 3 15.18 -6.93 -28.29
N GLY A 4 15.18 -5.66 -27.89
CA GLY A 4 14.36 -4.68 -28.56
C GLY A 4 12.88 -5.00 -28.46
N SER A 5 12.22 -4.45 -27.47
CA SER A 5 10.79 -4.68 -27.27
C SER A 5 9.96 -3.57 -27.88
N SER A 6 8.95 -3.94 -28.66
CA SER A 6 8.09 -2.96 -29.31
C SER A 6 7.23 -2.23 -28.29
N GLY A 7 6.51 -2.98 -27.47
CA GLY A 7 5.67 -2.38 -26.45
C GLY A 7 6.03 -2.84 -25.05
N LYS A 8 5.28 -3.81 -24.54
CA LYS A 8 5.53 -4.34 -23.21
C LYS A 8 6.95 -4.89 -23.09
N ALA A 9 7.65 -4.51 -22.02
CA ALA A 9 9.01 -4.98 -21.79
C ALA A 9 9.01 -6.24 -20.93
N GLU A 10 10.20 -6.82 -20.76
CA GLU A 10 10.35 -8.04 -19.97
C GLU A 10 10.61 -7.69 -18.50
N ALA A 11 9.97 -8.44 -17.60
CA ALA A 11 10.14 -8.21 -16.17
C ALA A 11 10.89 -9.37 -15.52
N GLU A 12 12.09 -9.07 -15.03
CA GLU A 12 12.92 -10.09 -14.38
C GLU A 12 13.73 -9.48 -13.24
N GLN A 13 14.07 -10.31 -12.26
CA GLN A 13 14.85 -9.85 -11.12
C GLN A 13 15.59 -11.01 -10.46
N ASN A 14 16.92 -10.98 -10.54
CA ASN A 14 17.74 -12.03 -9.95
C ASN A 14 17.31 -12.32 -8.51
N TRP A 15 17.67 -13.50 -8.02
CA TRP A 15 17.33 -13.90 -6.67
C TRP A 15 18.55 -14.43 -5.93
N TRP A 16 19.31 -15.30 -6.60
CA TRP A 16 20.50 -15.89 -6.00
C TRP A 16 21.21 -14.88 -5.09
N GLU A 17 21.14 -13.61 -5.47
CA GLU A 17 21.77 -12.55 -4.69
C GLU A 17 20.96 -12.23 -3.44
N GLY A 18 20.99 -13.14 -2.47
CA GLY A 18 20.25 -12.95 -1.24
C GLY A 18 20.21 -11.50 -0.81
N PRO A 19 19.10 -10.82 -1.12
CA PRO A 19 18.92 -9.41 -0.77
C PRO A 19 18.74 -9.20 0.73
N PRO A 20 19.09 -7.99 1.20
CA PRO A 20 18.98 -7.62 2.62
C PRO A 20 17.52 -7.50 3.07
N GLN A 21 17.33 -6.88 4.23
CA GLN A 21 15.99 -6.69 4.77
C GLN A 21 14.97 -6.47 3.65
N ASP A 22 13.83 -7.15 3.76
CA ASP A 22 12.78 -7.03 2.76
C ASP A 22 11.43 -6.76 3.42
N LEU A 23 10.55 -6.08 2.70
CA LEU A 23 9.23 -5.75 3.21
C LEU A 23 8.51 -7.01 3.72
N SER A 24 8.89 -8.16 3.16
CA SER A 24 8.29 -9.43 3.55
C SER A 24 8.04 -9.47 5.06
N VAL A 25 8.99 -8.94 5.83
CA VAL A 25 8.87 -8.92 7.28
C VAL A 25 7.49 -8.44 7.71
N HIS A 26 7.02 -7.37 7.09
CA HIS A 26 5.72 -6.80 7.40
C HIS A 26 4.61 -7.82 7.11
N LEU A 27 3.51 -7.71 7.85
CA LEU A 27 2.38 -8.61 7.68
C LEU A 27 1.71 -8.40 6.32
N TRP A 28 2.18 -7.39 5.60
CA TRP A 28 1.64 -7.08 4.28
C TRP A 28 2.75 -6.80 3.28
N TYR A 29 2.71 -7.48 2.15
CA TYR A 29 3.72 -7.30 1.11
C TYR A 29 3.13 -7.55 -0.28
N ALA A 30 3.63 -6.82 -1.27
CA ALA A 30 3.16 -6.96 -2.64
C ALA A 30 4.23 -6.55 -3.63
N GLY A 31 4.77 -7.53 -4.35
CA GLY A 31 5.80 -7.25 -5.33
C GLY A 31 5.33 -6.32 -6.44
N PRO A 32 5.96 -6.41 -7.61
CA PRO A 32 5.62 -5.57 -8.76
C PRO A 32 4.26 -5.95 -9.36
N MET A 33 3.58 -6.89 -8.73
CA MET A 33 2.26 -7.33 -9.20
C MET A 33 1.49 -6.17 -9.82
N GLU A 34 0.77 -6.46 -10.89
CA GLU A 34 -0.01 -5.44 -11.58
C GLU A 34 -1.34 -5.21 -10.88
N ARG A 35 -1.91 -4.02 -11.06
CA ARG A 35 -3.18 -3.66 -10.44
C ARG A 35 -4.12 -4.86 -10.41
N ALA A 36 -4.48 -5.35 -11.60
CA ALA A 36 -5.36 -6.50 -11.71
C ALA A 36 -4.92 -7.64 -10.79
N GLY A 37 -3.63 -7.94 -10.83
CA GLY A 37 -3.09 -9.01 -10.00
C GLY A 37 -3.46 -8.84 -8.54
N ALA A 38 -3.43 -7.61 -8.06
CA ALA A 38 -3.76 -7.32 -6.66
C ALA A 38 -5.24 -7.55 -6.40
N GLU A 39 -6.09 -6.96 -7.25
CA GLU A 39 -7.53 -7.10 -7.11
C GLU A 39 -7.91 -8.52 -6.70
N SER A 40 -7.39 -9.50 -7.44
CA SER A 40 -7.66 -10.90 -7.15
C SER A 40 -7.33 -11.24 -5.71
N ILE A 41 -6.18 -10.75 -5.24
CA ILE A 41 -5.74 -11.01 -3.88
C ILE A 41 -6.75 -10.48 -2.86
N LEU A 42 -6.93 -9.16 -2.87
CA LEU A 42 -7.87 -8.52 -1.95
C LEU A 42 -9.30 -8.91 -2.28
N ALA A 43 -9.48 -9.65 -3.37
CA ALA A 43 -10.80 -10.09 -3.79
C ALA A 43 -11.34 -11.18 -2.86
N ASN A 44 -10.61 -12.29 -2.77
CA ASN A 44 -11.01 -13.40 -1.92
C ASN A 44 -11.11 -12.96 -0.46
N ARG A 45 -10.09 -12.24 0.01
CA ARG A 45 -10.05 -11.77 1.38
C ARG A 45 -11.37 -11.07 1.75
N SER A 46 -11.44 -10.57 2.98
CA SER A 46 -12.64 -9.89 3.45
C SER A 46 -12.67 -8.44 2.95
N ASP A 47 -13.86 -7.86 2.92
CA ASP A 47 -14.03 -6.49 2.45
C ASP A 47 -13.24 -5.52 3.33
N GLY A 48 -12.11 -5.05 2.83
CA GLY A 48 -11.29 -4.12 3.59
C GLY A 48 -9.82 -4.49 3.54
N THR A 49 -9.49 -5.57 2.85
CA THR A 49 -8.11 -6.03 2.74
C THR A 49 -7.27 -5.02 1.97
N PHE A 50 -5.98 -4.96 2.31
CA PHE A 50 -5.07 -4.04 1.64
C PHE A 50 -3.68 -4.66 1.52
N LEU A 51 -2.77 -3.93 0.89
CA LEU A 51 -1.40 -4.39 0.69
C LEU A 51 -0.51 -3.28 0.16
N VAL A 52 0.78 -3.58 0.00
CA VAL A 52 1.74 -2.60 -0.50
C VAL A 52 2.40 -3.10 -1.78
N ARG A 53 2.19 -2.38 -2.87
CA ARG A 53 2.77 -2.76 -4.16
C ARG A 53 3.91 -1.82 -4.53
N GLN A 54 4.71 -2.22 -5.51
CA GLN A 54 5.84 -1.41 -5.95
C GLN A 54 5.83 -1.25 -7.47
N ARG A 55 6.47 -0.19 -7.95
CA ARG A 55 6.52 0.10 -9.38
C ARG A 55 7.83 -0.42 -9.98
N VAL A 56 7.83 -0.64 -11.29
CA VAL A 56 9.02 -1.13 -11.98
C VAL A 56 9.81 0.02 -12.59
N LYS A 57 9.10 1.05 -13.04
CA LYS A 57 9.72 2.22 -13.64
C LYS A 57 10.79 2.80 -12.72
N ASP A 58 10.45 2.94 -11.44
CA ASP A 58 11.39 3.47 -10.46
C ASP A 58 11.35 2.66 -9.17
N ALA A 59 12.45 1.99 -8.87
CA ALA A 59 12.55 1.17 -7.66
C ALA A 59 12.09 1.95 -6.44
N ALA A 60 12.26 3.27 -6.48
CA ALA A 60 11.86 4.13 -5.38
C ALA A 60 10.38 4.52 -5.48
N GLU A 61 9.52 3.51 -5.59
CA GLU A 61 8.08 3.75 -5.70
C GLU A 61 7.30 2.71 -4.91
N PHE A 62 6.03 3.01 -4.66
CA PHE A 62 5.17 2.09 -3.90
C PHE A 62 3.70 2.40 -4.17
N ALA A 63 2.83 1.49 -3.74
CA ALA A 63 1.40 1.66 -3.92
C ALA A 63 0.61 0.95 -2.83
N ILE A 64 -0.63 1.39 -2.61
CA ILE A 64 -1.47 0.79 -1.59
C ILE A 64 -2.84 0.42 -2.16
N SER A 65 -3.04 -0.87 -2.43
CA SER A 65 -4.29 -1.35 -2.99
C SER A 65 -5.16 -1.98 -1.90
N ILE A 66 -6.44 -1.62 -1.90
CA ILE A 66 -7.37 -2.14 -0.91
C ILE A 66 -8.71 -2.51 -1.55
N LYS A 67 -9.34 -3.56 -1.03
CA LYS A 67 -10.63 -4.00 -1.56
C LYS A 67 -11.78 -3.38 -0.79
N TYR A 68 -12.62 -2.63 -1.49
CA TYR A 68 -13.77 -1.98 -0.86
C TYR A 68 -14.74 -1.47 -1.92
N ASN A 69 -16.04 -1.64 -1.66
CA ASN A 69 -17.07 -1.19 -2.59
C ASN A 69 -17.13 -2.09 -3.82
N VAL A 70 -17.29 -3.39 -3.58
CA VAL A 70 -17.35 -4.36 -4.67
C VAL A 70 -16.34 -4.03 -5.76
N GLU A 71 -15.27 -3.33 -5.39
CA GLU A 71 -14.23 -2.95 -6.34
C GLU A 71 -12.91 -2.70 -5.62
N VAL A 72 -11.82 -3.18 -6.20
CA VAL A 72 -10.49 -3.01 -5.62
C VAL A 72 -9.87 -1.69 -6.08
N LYS A 73 -9.50 -0.85 -5.11
CA LYS A 73 -8.88 0.43 -5.40
C LYS A 73 -7.36 0.35 -5.29
N HIS A 74 -6.68 1.34 -5.86
CA HIS A 74 -5.22 1.37 -5.82
C HIS A 74 -4.71 2.81 -5.90
N ILE A 75 -3.71 3.13 -5.09
CA ILE A 75 -3.14 4.47 -5.06
C ILE A 75 -1.64 4.42 -5.28
N LYS A 76 -1.09 5.49 -5.88
CA LYS A 76 0.33 5.57 -6.14
C LYS A 76 1.05 6.36 -5.04
N ILE A 77 2.29 5.98 -4.75
CA ILE A 77 3.07 6.66 -3.73
C ILE A 77 4.27 7.39 -4.33
N MET A 78 4.76 8.39 -3.62
CA MET A 78 5.90 9.17 -4.09
C MET A 78 7.01 9.20 -3.06
N THR A 79 8.22 9.50 -3.50
CA THR A 79 9.38 9.55 -2.61
C THR A 79 10.38 10.61 -3.07
N ALA A 80 10.72 11.52 -2.16
CA ALA A 80 11.67 12.58 -2.47
C ALA A 80 13.09 12.18 -2.09
N GLU A 81 13.38 12.18 -0.79
CA GLU A 81 14.70 11.81 -0.30
C GLU A 81 14.63 10.54 0.55
N GLY A 82 13.53 9.81 0.43
CA GLY A 82 13.36 8.59 1.19
C GLY A 82 12.09 8.59 2.03
N LEU A 83 11.20 9.54 1.74
CA LEU A 83 9.94 9.65 2.49
C LEU A 83 8.81 8.97 1.73
N TYR A 84 7.61 9.01 2.31
CA TYR A 84 6.44 8.40 1.69
C TYR A 84 5.19 9.23 1.95
N ARG A 85 4.54 9.66 0.88
CA ARG A 85 3.33 10.47 0.99
C ARG A 85 2.52 10.41 -0.31
N ILE A 86 1.23 10.13 -0.17
CA ILE A 86 0.34 10.05 -1.32
C ILE A 86 -0.17 11.43 -1.73
N THR A 87 -0.18 12.34 -0.77
CA THR A 87 -0.65 13.70 -1.02
C THR A 87 0.45 14.72 -0.76
N GLU A 88 0.14 15.99 -0.99
CA GLU A 88 1.11 17.06 -0.77
C GLU A 88 0.95 17.66 0.62
N LYS A 89 -0.26 17.58 1.16
CA LYS A 89 -0.55 18.13 2.48
C LYS A 89 -0.01 17.21 3.57
N LYS A 90 -0.42 15.94 3.53
CA LYS A 90 0.02 14.95 4.51
C LYS A 90 1.35 14.33 4.09
N ALA A 91 2.15 13.94 5.07
CA ALA A 91 3.44 13.32 4.81
C ALA A 91 3.83 12.34 5.91
N PHE A 92 4.74 11.43 5.60
CA PHE A 92 5.19 10.44 6.57
C PHE A 92 6.70 10.23 6.46
N ARG A 93 7.27 9.56 7.47
CA ARG A 93 8.70 9.30 7.50
C ARG A 93 9.03 8.03 6.72
N GLY A 94 8.23 6.99 6.94
CA GLY A 94 8.46 5.73 6.27
C GLY A 94 7.16 5.06 5.83
N LEU A 95 7.24 4.23 4.81
CA LEU A 95 6.07 3.53 4.30
C LEU A 95 5.30 2.87 5.44
N THR A 96 6.02 2.20 6.33
CA THR A 96 5.41 1.52 7.46
C THR A 96 4.44 2.45 8.19
N GLU A 97 4.97 3.49 8.82
CA GLU A 97 4.15 4.45 9.55
C GLU A 97 2.92 4.83 8.75
N LEU A 98 3.13 5.26 7.50
CA LEU A 98 2.04 5.66 6.62
C LEU A 98 0.93 4.62 6.63
N VAL A 99 1.32 3.34 6.74
CA VAL A 99 0.35 2.26 6.76
C VAL A 99 -0.23 2.07 8.15
N GLU A 100 0.64 1.94 9.15
CA GLU A 100 0.21 1.76 10.52
C GLU A 100 -0.55 2.98 11.03
N PHE A 101 -0.59 4.02 10.20
CA PHE A 101 -1.29 5.26 10.56
C PHE A 101 -2.69 5.28 9.96
N TYR A 102 -2.78 4.97 8.67
CA TYR A 102 -4.07 4.96 7.98
C TYR A 102 -5.09 4.10 8.72
N GLN A 103 -4.61 3.00 9.30
CA GLN A 103 -5.48 2.09 10.04
C GLN A 103 -6.24 2.84 11.13
N GLN A 104 -5.76 4.03 11.49
CA GLN A 104 -6.40 4.84 12.52
C GLN A 104 -7.16 6.00 11.89
N ASN A 105 -6.65 6.53 10.79
CA ASN A 105 -7.29 7.64 10.10
C ASN A 105 -7.94 7.18 8.80
N SER A 106 -9.27 7.22 8.77
CA SER A 106 -10.02 6.79 7.59
C SER A 106 -9.52 7.51 6.34
N LEU A 107 -9.34 6.75 5.26
CA LEU A 107 -8.86 7.31 4.01
C LEU A 107 -9.80 8.40 3.50
N LYS A 108 -10.99 8.46 4.09
CA LYS A 108 -11.98 9.46 3.70
C LYS A 108 -11.52 10.86 4.08
N ASP A 109 -10.57 10.94 5.00
CA ASP A 109 -10.04 12.22 5.45
C ASP A 109 -9.31 12.93 4.32
N CYS A 110 -8.58 12.16 3.53
CA CYS A 110 -7.81 12.72 2.41
C CYS A 110 -8.56 12.53 1.09
N PHE A 111 -9.21 11.37 0.96
CA PHE A 111 -9.96 11.06 -0.26
C PHE A 111 -11.47 11.23 -0.03
N LYS A 112 -12.22 11.30 -1.11
CA LYS A 112 -13.66 11.45 -1.04
C LYS A 112 -14.38 10.18 -1.47
N SER A 113 -13.71 9.40 -2.32
CA SER A 113 -14.28 8.15 -2.83
C SER A 113 -14.05 7.02 -1.83
N LEU A 114 -12.85 6.96 -1.28
CA LEU A 114 -12.50 5.92 -0.31
C LEU A 114 -12.98 6.30 1.09
N ASP A 115 -14.13 5.74 1.48
CA ASP A 115 -14.70 6.02 2.80
C ASP A 115 -14.35 4.91 3.78
N THR A 116 -13.13 4.39 3.67
CA THR A 116 -12.67 3.32 4.54
C THR A 116 -11.15 3.33 4.68
N THR A 117 -10.65 2.68 5.73
CA THR A 117 -9.21 2.63 5.98
C THR A 117 -8.73 1.18 6.04
N LEU A 118 -7.42 0.99 5.91
CA LEU A 118 -6.83 -0.34 5.96
C LEU A 118 -7.43 -1.17 7.08
N GLN A 119 -8.22 -2.18 6.72
CA GLN A 119 -8.86 -3.05 7.70
C GLN A 119 -8.00 -4.28 7.98
N PHE A 120 -7.49 -4.88 6.92
CA PHE A 120 -6.65 -6.07 7.04
C PHE A 120 -5.59 -6.11 5.94
N PRO A 121 -4.37 -6.51 6.32
CA PRO A 121 -3.25 -6.60 5.38
C PRO A 121 -3.42 -7.74 4.38
N PHE A 122 -2.35 -8.03 3.63
CA PHE A 122 -2.38 -9.10 2.63
C PHE A 122 -2.42 -10.46 3.31
N LYS A 123 -1.74 -10.58 4.44
CA LYS A 123 -1.70 -11.83 5.19
C LYS A 123 -2.79 -11.89 6.24
N GLU A 124 -2.71 -11.00 7.23
CA GLU A 124 -3.70 -10.95 8.29
C GLU A 124 -3.44 -9.77 9.23
N PRO A 125 -4.50 -9.28 9.87
CA PRO A 125 -4.41 -8.15 10.81
C PRO A 125 -3.68 -8.51 12.09
N GLU A 126 -3.63 -7.58 13.03
CA GLU A 126 -2.96 -7.81 14.31
C GLU A 126 -3.29 -6.69 15.30
N LYS A 127 -3.82 -7.07 16.46
CA LYS A 127 -4.17 -6.12 17.49
C LYS A 127 -2.93 -5.64 18.25
N ARG A 128 -2.77 -4.33 18.34
CA ARG A 128 -1.63 -3.75 19.03
C ARG A 128 -1.75 -2.22 19.12
N THR A 129 -1.37 -1.67 20.26
CA THR A 129 -1.44 -0.22 20.47
C THR A 129 -0.16 0.30 21.11
N ILE A 130 0.11 1.59 20.90
CA ILE A 130 1.29 2.22 21.46
C ILE A 130 1.29 3.72 21.19
N SER A 131 1.88 4.47 22.12
CA SER A 131 1.94 5.93 21.99
C SER A 131 3.29 6.45 22.48
N ARG A 132 4.08 6.98 21.56
CA ARG A 132 5.40 7.52 21.89
C ARG A 132 5.44 9.03 21.67
N SER A 133 6.51 9.67 22.15
CA SER A 133 6.67 11.11 22.01
C SER A 133 8.02 11.45 21.38
N GLY A 134 8.07 12.57 20.68
CA GLY A 134 9.31 13.00 20.04
C GLY A 134 9.23 14.41 19.50
N PRO A 135 9.60 15.38 20.34
CA PRO A 135 9.57 16.80 19.97
C PRO A 135 10.64 17.15 18.94
N SER A 136 11.46 16.16 18.59
CA SER A 136 12.53 16.36 17.62
C SER A 136 11.97 16.86 16.28
N SER A 137 10.98 16.13 15.76
CA SER A 137 10.36 16.49 14.49
C SER A 137 10.30 18.02 14.33
N GLY A 138 10.98 18.53 13.32
CA GLY A 138 10.99 19.97 13.07
C GLY A 138 11.78 20.34 11.83
N GLY B 1 3.65 7.59 -23.81
CA GLY B 1 4.88 7.62 -23.03
C GLY B 1 4.65 8.15 -21.63
N GLU B 2 4.19 9.40 -21.53
CA GLU B 2 3.94 10.02 -20.23
C GLU B 2 2.44 10.14 -19.98
N ASP B 3 1.96 9.50 -18.92
CA ASP B 3 0.54 9.53 -18.57
C ASP B 3 0.35 9.21 -17.10
N ASP B 4 -0.28 10.12 -16.37
CA ASP B 4 -0.54 9.92 -14.94
C ASP B 4 -2.02 10.08 -14.63
N GLY B 5 -2.76 8.98 -14.74
CA GLY B 5 -4.19 9.02 -14.47
C GLY B 5 -4.80 7.64 -14.40
N ASP B 6 -4.16 6.74 -13.67
CA ASP B 6 -4.65 5.38 -13.52
C ASP B 6 -5.09 5.10 -12.08
N PTR B 7 -4.33 5.62 -11.14
CA PTR B 7 -4.64 5.44 -9.72
C PTR B 7 -5.66 6.47 -9.24
O PTR B 7 -6.03 7.37 -9.99
CB PTR B 7 -3.36 5.54 -8.88
CG PTR B 7 -2.37 4.42 -9.15
CD1 PTR B 7 -2.11 3.46 -8.18
CD2 PTR B 7 -1.71 4.33 -10.36
CE1 PTR B 7 -1.20 2.44 -8.41
CE2 PTR B 7 -0.81 3.31 -10.61
CZ PTR B 7 -0.56 2.37 -9.63
OH PTR B 7 0.34 1.35 -9.87
P PTR B 7 0.36 0.43 -11.17
O1P PTR B 7 1.37 -0.64 -11.03
O2P PTR B 7 -0.98 -0.19 -11.37
O3P PTR B 7 0.68 1.23 -12.37
H PTR B 7 -3.54 6.15 -11.38
HA PTR B 7 -5.06 4.45 -9.60
HB2 PTR B 7 -2.87 6.47 -9.09
HB3 PTR B 7 -3.63 5.50 -7.83
HD1 PTR B 7 -2.61 3.52 -7.23
HD2 PTR B 7 -1.91 5.07 -11.12
HE1 PTR B 7 -1.01 1.71 -7.65
HE2 PTR B 7 -0.30 3.25 -11.56
N GLU B 8 -6.10 6.32 -8.00
CA GLU B 8 -7.08 7.23 -7.42
C GLU B 8 -6.46 8.62 -7.22
N SER B 9 -7.29 9.57 -6.80
CA SER B 9 -6.84 10.94 -6.58
C SER B 9 -7.42 11.50 -5.28
N PRO B 10 -6.54 12.12 -4.47
CA PRO B 10 -6.94 12.71 -3.19
C PRO B 10 -7.82 13.94 -3.36
N ASN B 11 -8.32 14.47 -2.25
CA ASN B 11 -9.18 15.65 -2.28
C ASN B 11 -8.38 16.89 -2.65
N GLU B 12 -8.72 17.48 -3.79
CA GLU B 12 -8.04 18.68 -4.26
C GLU B 12 -8.79 19.95 -3.83
N GLU B 13 -10.08 19.99 -4.14
CA GLU B 13 -10.90 21.15 -3.79
C GLU B 13 -10.72 21.51 -2.32
N GLU B 14 -10.72 20.49 -1.46
CA GLU B 14 -10.56 20.70 -0.03
C GLU B 14 -9.10 20.53 0.39
N GLU B 15 -8.44 21.64 0.72
CA GLU B 15 -7.04 21.60 1.14
C GLU B 15 -6.91 21.05 2.55
N GLY A 1 -8.63 -27.84 -47.67
CA GLY A 1 -7.33 -27.34 -47.23
C GLY A 1 -6.75 -28.13 -46.09
N SER A 2 -5.78 -27.54 -45.39
CA SER A 2 -5.14 -28.20 -44.26
C SER A 2 -4.54 -27.18 -43.30
N SER A 3 -4.05 -27.66 -42.16
CA SER A 3 -3.46 -26.80 -41.15
C SER A 3 -2.44 -27.56 -40.31
N GLY A 4 -1.74 -26.84 -39.43
CA GLY A 4 -0.76 -27.46 -38.58
C GLY A 4 -0.85 -26.98 -37.14
N SER A 5 0.27 -27.06 -36.43
CA SER A 5 0.30 -26.64 -35.03
C SER A 5 1.75 -26.43 -34.56
N SER A 6 1.91 -25.89 -33.37
CA SER A 6 3.23 -25.63 -32.80
C SER A 6 3.21 -25.78 -31.29
N GLY A 7 4.40 -25.91 -30.70
CA GLY A 7 4.50 -26.06 -29.26
C GLY A 7 4.93 -24.78 -28.57
N LYS A 8 5.51 -24.91 -27.38
CA LYS A 8 5.97 -23.76 -26.62
C LYS A 8 6.74 -24.20 -25.38
N ALA A 9 7.81 -23.49 -25.07
CA ALA A 9 8.63 -23.80 -23.91
C ALA A 9 8.46 -22.76 -22.81
N GLU A 10 9.13 -22.97 -21.68
CA GLU A 10 9.04 -22.03 -20.56
C GLU A 10 10.32 -22.09 -19.72
N ALA A 11 10.74 -20.93 -19.24
CA ALA A 11 11.95 -20.84 -18.41
C ALA A 11 11.68 -20.08 -17.12
N GLU A 12 12.52 -20.32 -16.12
CA GLU A 12 12.37 -19.65 -14.82
C GLU A 12 13.72 -19.49 -14.14
N GLN A 13 14.02 -18.25 -13.75
CA GLN A 13 15.28 -17.95 -13.08
C GLN A 13 15.08 -17.76 -11.59
N ASN A 14 16.18 -17.69 -10.85
CA ASN A 14 16.12 -17.51 -9.40
C ASN A 14 17.33 -16.72 -8.90
N TRP A 15 17.06 -15.68 -8.12
CA TRP A 15 18.12 -14.85 -7.57
C TRP A 15 17.90 -14.58 -6.08
N TRP A 16 17.52 -15.62 -5.35
CA TRP A 16 17.27 -15.50 -3.92
C TRP A 16 18.47 -15.99 -3.12
N GLU A 17 19.34 -15.05 -2.75
CA GLU A 17 20.53 -15.38 -1.98
C GLU A 17 20.55 -14.65 -0.65
N GLY A 18 19.82 -15.18 0.34
CA GLY A 18 19.76 -14.56 1.64
C GLY A 18 19.81 -13.04 1.56
N PRO A 19 18.77 -12.44 0.98
CA PRO A 19 18.68 -10.99 0.83
C PRO A 19 18.46 -10.27 2.17
N PRO A 20 18.89 -9.01 2.24
CA PRO A 20 18.77 -8.20 3.46
C PRO A 20 17.31 -7.82 3.75
N GLN A 21 17.11 -7.01 4.78
CA GLN A 21 15.77 -6.58 5.15
C GLN A 21 14.90 -6.40 3.93
N ASP A 22 13.67 -6.91 4.01
CA ASP A 22 12.72 -6.80 2.91
C ASP A 22 11.30 -6.60 3.42
N LEU A 23 10.55 -5.76 2.72
CA LEU A 23 9.17 -5.47 3.11
C LEU A 23 8.49 -6.71 3.68
N SER A 24 8.90 -7.88 3.20
CA SER A 24 8.34 -9.14 3.66
C SER A 24 8.10 -9.11 5.16
N VAL A 25 9.09 -8.64 5.91
CA VAL A 25 8.98 -8.55 7.36
C VAL A 25 7.60 -8.08 7.78
N HIS A 26 7.10 -7.05 7.11
CA HIS A 26 5.79 -6.50 7.41
C HIS A 26 4.69 -7.53 7.16
N LEU A 27 3.63 -7.48 7.96
CA LEU A 27 2.52 -8.41 7.81
C LEU A 27 1.86 -8.27 6.45
N TRP A 28 2.24 -7.23 5.72
CA TRP A 28 1.69 -6.98 4.39
C TRP A 28 2.80 -6.73 3.38
N TYR A 29 2.77 -7.48 2.28
CA TYR A 29 3.77 -7.34 1.22
C TYR A 29 3.19 -7.65 -0.15
N ALA A 30 3.75 -7.04 -1.18
CA ALA A 30 3.29 -7.25 -2.54
C ALA A 30 4.40 -7.00 -3.55
N GLY A 31 4.86 -8.07 -4.19
CA GLY A 31 5.92 -7.95 -5.17
C GLY A 31 5.53 -7.08 -6.35
N PRO A 32 6.12 -7.36 -7.52
CA PRO A 32 5.84 -6.61 -8.74
C PRO A 32 4.44 -6.87 -9.29
N MET A 33 3.67 -7.66 -8.55
CA MET A 33 2.31 -7.99 -8.95
C MET A 33 1.64 -6.80 -9.63
N GLU A 34 0.96 -7.06 -10.75
CA GLU A 34 0.28 -6.01 -11.49
C GLU A 34 -1.06 -5.66 -10.86
N ARG A 35 -1.69 -4.61 -11.35
CA ARG A 35 -2.98 -4.17 -10.83
C ARG A 35 -3.95 -5.35 -10.70
N ALA A 36 -4.34 -5.92 -11.84
CA ALA A 36 -5.25 -7.05 -11.85
C ALA A 36 -4.85 -8.09 -10.81
N GLY A 37 -3.54 -8.31 -10.68
CA GLY A 37 -3.05 -9.28 -9.72
C GLY A 37 -3.40 -8.92 -8.29
N ALA A 38 -3.35 -7.63 -7.99
CA ALA A 38 -3.67 -7.14 -6.65
C ALA A 38 -5.14 -7.36 -6.32
N GLU A 39 -6.02 -6.73 -7.09
CA GLU A 39 -7.45 -6.86 -6.88
C GLU A 39 -7.82 -8.28 -6.47
N SER A 40 -7.37 -9.25 -7.27
CA SER A 40 -7.66 -10.66 -7.00
C SER A 40 -7.49 -10.96 -5.51
N ILE A 41 -6.33 -10.62 -4.97
CA ILE A 41 -6.05 -10.86 -3.56
C ILE A 41 -7.15 -10.29 -2.68
N LEU A 42 -7.20 -8.96 -2.59
CA LEU A 42 -8.21 -8.29 -1.77
C LEU A 42 -9.60 -8.82 -2.08
N ALA A 43 -9.77 -9.38 -3.27
CA ALA A 43 -11.06 -9.94 -3.69
C ALA A 43 -11.37 -11.21 -2.91
N ASN A 44 -10.51 -12.21 -3.05
CA ASN A 44 -10.69 -13.48 -2.36
C ASN A 44 -10.74 -13.29 -0.85
N ARG A 45 -9.85 -12.44 -0.35
CA ARG A 45 -9.78 -12.17 1.08
C ARG A 45 -11.04 -11.44 1.56
N SER A 46 -11.07 -11.11 2.85
CA SER A 46 -12.22 -10.42 3.43
C SER A 46 -12.34 -9.00 2.88
N ASP A 47 -13.53 -8.42 3.02
CA ASP A 47 -13.77 -7.06 2.55
C ASP A 47 -13.00 -6.04 3.38
N GLY A 48 -12.13 -5.29 2.71
CA GLY A 48 -11.34 -4.29 3.41
C GLY A 48 -9.86 -4.62 3.42
N THR A 49 -9.49 -5.69 2.70
CA THR A 49 -8.10 -6.11 2.64
C THR A 49 -7.24 -5.08 1.93
N PHE A 50 -5.93 -5.12 2.19
CA PHE A 50 -5.00 -4.18 1.58
C PHE A 50 -3.60 -4.76 1.53
N LEU A 51 -2.71 -4.12 0.76
CA LEU A 51 -1.33 -4.58 0.64
C LEU A 51 -0.45 -3.48 0.06
N VAL A 52 0.85 -3.75 -0.04
CA VAL A 52 1.80 -2.79 -0.58
C VAL A 52 2.55 -3.37 -1.77
N ARG A 53 2.40 -2.73 -2.92
CA ARG A 53 3.07 -3.18 -4.14
C ARG A 53 3.96 -2.08 -4.71
N GLN A 54 4.97 -2.49 -5.47
CA GLN A 54 5.90 -1.53 -6.07
C GLN A 54 5.58 -1.32 -7.55
N ARG A 55 6.07 -0.21 -8.10
CA ARG A 55 5.84 0.11 -9.51
C ARG A 55 6.98 -0.40 -10.37
N VAL A 56 6.83 -0.25 -11.69
CA VAL A 56 7.86 -0.69 -12.63
C VAL A 56 8.55 0.50 -13.29
N LYS A 57 7.77 1.54 -13.56
CA LYS A 57 8.30 2.75 -14.19
C LYS A 57 9.54 3.24 -13.46
N ASP A 58 9.53 3.14 -12.14
CA ASP A 58 10.66 3.57 -11.33
C ASP A 58 10.82 2.68 -10.10
N ALA A 59 12.04 2.20 -9.88
CA ALA A 59 12.32 1.33 -8.74
C ALA A 59 11.81 1.95 -7.44
N ALA A 60 12.28 3.17 -7.15
CA ALA A 60 11.87 3.86 -5.94
C ALA A 60 10.41 4.30 -6.02
N GLU A 61 9.50 3.35 -5.84
CA GLU A 61 8.07 3.63 -5.89
C GLU A 61 7.28 2.60 -5.11
N PHE A 62 6.02 2.91 -4.82
CA PHE A 62 5.15 2.00 -4.07
C PHE A 62 3.68 2.38 -4.27
N ALA A 63 2.80 1.46 -3.89
CA ALA A 63 1.36 1.70 -4.02
C ALA A 63 0.59 0.89 -2.98
N ILE A 64 -0.68 1.25 -2.79
CA ILE A 64 -1.53 0.57 -1.83
C ILE A 64 -2.90 0.26 -2.42
N SER A 65 -3.20 -1.03 -2.56
CA SER A 65 -4.48 -1.46 -3.12
C SER A 65 -5.34 -2.12 -2.06
N ILE A 66 -6.60 -1.69 -1.97
CA ILE A 66 -7.53 -2.24 -0.99
C ILE A 66 -8.89 -2.49 -1.61
N LYS A 67 -9.55 -3.56 -1.18
CA LYS A 67 -10.88 -3.90 -1.69
C LYS A 67 -11.97 -3.25 -0.86
N TYR A 68 -12.87 -2.53 -1.52
CA TYR A 68 -13.96 -1.86 -0.84
C TYR A 68 -14.95 -1.27 -1.84
N ASN A 69 -16.24 -1.39 -1.53
CA ASN A 69 -17.29 -0.87 -2.42
C ASN A 69 -17.36 -1.68 -3.71
N VAL A 70 -17.48 -2.99 -3.57
CA VAL A 70 -17.57 -3.88 -4.73
C VAL A 70 -16.53 -3.50 -5.78
N GLU A 71 -15.43 -2.88 -5.33
CA GLU A 71 -14.36 -2.49 -6.23
C GLU A 71 -13.05 -2.30 -5.47
N VAL A 72 -11.94 -2.66 -6.12
CA VAL A 72 -10.63 -2.54 -5.51
C VAL A 72 -9.97 -1.22 -5.88
N LYS A 73 -9.66 -0.41 -4.87
CA LYS A 73 -9.01 0.88 -5.09
C LYS A 73 -7.50 0.77 -4.96
N HIS A 74 -6.78 1.66 -5.63
CA HIS A 74 -5.33 1.66 -5.58
C HIS A 74 -4.80 3.07 -5.34
N ILE A 75 -3.67 3.16 -4.64
CA ILE A 75 -3.06 4.45 -4.34
C ILE A 75 -1.56 4.44 -4.66
N LYS A 76 -1.09 5.51 -5.28
CA LYS A 76 0.31 5.63 -5.64
C LYS A 76 1.11 6.28 -4.52
N ILE A 77 2.40 5.94 -4.42
CA ILE A 77 3.27 6.49 -3.40
C ILE A 77 4.51 7.13 -4.01
N MET A 78 4.98 8.19 -3.38
CA MET A 78 6.17 8.89 -3.86
C MET A 78 7.26 8.93 -2.78
N THR A 79 8.49 9.19 -3.22
CA THR A 79 9.61 9.25 -2.28
C THR A 79 10.76 10.09 -2.86
N ALA A 80 11.05 11.20 -2.20
CA ALA A 80 12.11 12.09 -2.66
C ALA A 80 13.35 11.95 -1.77
N GLU A 81 13.22 12.36 -0.51
CA GLU A 81 14.33 12.28 0.44
C GLU A 81 14.05 11.24 1.52
N GLY A 82 13.63 10.05 1.09
CA GLY A 82 13.33 8.99 2.03
C GLY A 82 12.06 9.25 2.81
N LEU A 83 11.11 9.94 2.20
CA LEU A 83 9.84 10.26 2.84
C LEU A 83 8.67 9.76 2.01
N TYR A 84 7.72 9.09 2.67
CA TYR A 84 6.54 8.56 1.99
C TYR A 84 5.33 9.44 2.25
N ARG A 85 4.69 9.88 1.16
CA ARG A 85 3.51 10.73 1.26
C ARG A 85 2.72 10.72 -0.05
N ILE A 86 1.39 10.70 0.07
CA ILE A 86 0.53 10.70 -1.10
C ILE A 86 0.03 12.10 -1.42
N THR A 87 0.14 13.00 -0.46
CA THR A 87 -0.30 14.38 -0.63
C THR A 87 0.67 15.36 0.03
N GLU A 88 0.60 16.61 -0.38
CA GLU A 88 1.48 17.65 0.18
C GLU A 88 1.05 18.01 1.60
N LYS A 89 -0.26 17.97 1.84
CA LYS A 89 -0.79 18.30 3.16
C LYS A 89 -0.31 17.29 4.21
N LYS A 90 -0.47 16.01 3.90
CA LYS A 90 -0.05 14.95 4.82
C LYS A 90 1.29 14.37 4.38
N ALA A 91 2.08 13.93 5.36
CA ALA A 91 3.39 13.35 5.09
C ALA A 91 3.79 12.35 6.17
N PHE A 92 4.75 11.51 5.87
CA PHE A 92 5.22 10.50 6.81
C PHE A 92 6.74 10.31 6.71
N ARG A 93 7.31 9.57 7.65
CA ARG A 93 8.73 9.32 7.67
C ARG A 93 9.07 8.03 6.93
N GLY A 94 8.29 6.98 7.19
CA GLY A 94 8.51 5.70 6.54
C GLY A 94 7.22 5.03 6.12
N LEU A 95 7.30 4.22 5.07
CA LEU A 95 6.12 3.51 4.57
C LEU A 95 5.36 2.83 5.70
N THR A 96 6.08 2.10 6.53
CA THR A 96 5.48 1.40 7.66
C THR A 96 4.44 2.28 8.36
N GLU A 97 4.87 3.46 8.79
CA GLU A 97 3.98 4.39 9.48
C GLU A 97 2.82 4.80 8.56
N LEU A 98 3.16 5.20 7.34
CA LEU A 98 2.14 5.62 6.38
C LEU A 98 0.98 4.64 6.34
N VAL A 99 1.29 3.36 6.52
CA VAL A 99 0.26 2.32 6.51
C VAL A 99 -0.28 2.07 7.92
N GLU A 100 0.60 2.11 8.91
CA GLU A 100 0.20 1.89 10.29
C GLU A 100 -0.56 3.10 10.83
N PHE A 101 -0.64 4.16 10.02
CA PHE A 101 -1.34 5.37 10.42
C PHE A 101 -2.76 5.39 9.84
N TYR A 102 -2.85 5.11 8.55
CA TYR A 102 -4.15 5.11 7.87
C TYR A 102 -5.15 4.21 8.60
N GLN A 103 -4.64 3.16 9.22
CA GLN A 103 -5.49 2.22 9.95
C GLN A 103 -6.21 2.93 11.10
N GLN A 104 -5.79 4.16 11.37
CA GLN A 104 -6.40 4.94 12.45
C GLN A 104 -7.15 6.14 11.89
N ASN A 105 -6.89 6.46 10.62
CA ASN A 105 -7.54 7.58 9.97
C ASN A 105 -8.13 7.17 8.63
N SER A 106 -9.46 7.11 8.55
CA SER A 106 -10.14 6.72 7.33
C SER A 106 -9.53 7.44 6.11
N LEU A 107 -9.23 6.68 5.07
CA LEU A 107 -8.66 7.23 3.85
C LEU A 107 -9.52 8.35 3.30
N LYS A 108 -10.79 8.38 3.72
CA LYS A 108 -11.72 9.41 3.27
C LYS A 108 -11.19 10.80 3.60
N ASP A 109 -10.31 10.88 4.59
CA ASP A 109 -9.74 12.15 5.01
C ASP A 109 -9.10 12.88 3.81
N CYS A 110 -8.37 12.12 2.99
CA CYS A 110 -7.72 12.69 1.83
C CYS A 110 -8.57 12.49 0.57
N PHE A 111 -8.86 11.22 0.26
CA PHE A 111 -9.67 10.90 -0.91
C PHE A 111 -11.15 10.93 -0.58
N LYS A 112 -11.99 11.04 -1.60
CA LYS A 112 -13.43 11.08 -1.42
C LYS A 112 -14.05 9.72 -1.72
N SER A 113 -13.65 9.12 -2.84
CA SER A 113 -14.17 7.81 -3.24
C SER A 113 -13.92 6.78 -2.15
N LEU A 114 -12.69 6.74 -1.65
CA LEU A 114 -12.32 5.79 -0.60
C LEU A 114 -12.79 6.28 0.76
N ASP A 115 -13.92 5.73 1.22
CA ASP A 115 -14.46 6.10 2.52
C ASP A 115 -14.16 5.04 3.57
N THR A 116 -13.02 4.37 3.41
CA THR A 116 -12.61 3.33 4.34
C THR A 116 -11.10 3.30 4.51
N THR A 117 -10.64 2.79 5.64
CA THR A 117 -9.20 2.70 5.92
C THR A 117 -8.73 1.26 5.93
N LEU A 118 -7.42 1.06 5.89
CA LEU A 118 -6.84 -0.27 5.90
C LEU A 118 -7.47 -1.13 7.00
N GLN A 119 -8.24 -2.14 6.59
CA GLN A 119 -8.89 -3.02 7.55
C GLN A 119 -8.01 -4.23 7.86
N PHE A 120 -7.55 -4.91 6.81
CA PHE A 120 -6.71 -6.08 6.97
C PHE A 120 -5.62 -6.12 5.90
N PRO A 121 -4.39 -6.45 6.31
CA PRO A 121 -3.24 -6.53 5.40
C PRO A 121 -3.35 -7.72 4.44
N PHE A 122 -2.24 -8.03 3.77
CA PHE A 122 -2.20 -9.14 2.83
C PHE A 122 -2.20 -10.47 3.56
N LYS A 123 -1.51 -10.51 4.70
CA LYS A 123 -1.43 -11.73 5.49
C LYS A 123 -2.54 -11.78 6.54
N GLU A 124 -2.50 -10.84 7.48
CA GLU A 124 -3.50 -10.78 8.53
C GLU A 124 -3.29 -9.54 9.41
N PRO A 125 -4.39 -9.04 10.01
CA PRO A 125 -4.34 -7.87 10.88
C PRO A 125 -3.63 -8.14 12.20
N GLU A 126 -3.66 -7.16 13.10
CA GLU A 126 -3.02 -7.31 14.40
C GLU A 126 -3.69 -6.41 15.44
N LYS A 127 -4.17 -7.02 16.52
CA LYS A 127 -4.83 -6.28 17.58
C LYS A 127 -3.82 -5.83 18.64
N ARG A 128 -4.24 -4.90 19.49
CA ARG A 128 -3.38 -4.38 20.55
C ARG A 128 -2.09 -3.82 19.96
N THR A 129 -2.21 -3.09 18.86
CA THR A 129 -1.05 -2.49 18.21
C THR A 129 -1.32 -1.04 17.83
N ILE A 130 -0.51 -0.13 18.38
CA ILE A 130 -0.67 1.29 18.09
C ILE A 130 0.66 2.03 18.26
N SER A 131 1.09 2.71 17.20
CA SER A 131 2.34 3.45 17.23
C SER A 131 2.10 4.93 17.00
N ARG A 132 2.58 5.77 17.92
CA ARG A 132 2.41 7.20 17.82
C ARG A 132 3.74 7.92 18.01
N SER A 133 3.92 9.05 17.32
CA SER A 133 5.14 9.83 17.41
C SER A 133 4.91 11.28 16.98
N GLY A 134 5.96 12.08 17.04
CA GLY A 134 5.85 13.48 16.66
C GLY A 134 5.91 14.41 17.85
N PRO A 135 7.11 14.56 18.43
CA PRO A 135 7.33 15.43 19.59
C PRO A 135 7.21 16.90 19.24
N SER A 136 7.89 17.31 18.18
CA SER A 136 7.86 18.70 17.74
C SER A 136 8.45 18.84 16.34
N SER A 137 7.70 19.46 15.44
CA SER A 137 8.15 19.65 14.06
C SER A 137 9.64 19.90 14.02
N GLY A 138 10.41 18.89 13.64
CA GLY A 138 11.85 19.02 13.56
C GLY A 138 12.58 17.74 13.89
N GLY B 1 0.96 11.07 -23.53
CA GLY B 1 0.85 12.23 -22.67
C GLY B 1 1.43 11.98 -21.29
N GLU B 2 2.13 12.98 -20.76
CA GLU B 2 2.74 12.87 -19.44
C GLU B 2 1.72 13.15 -18.34
N ASP B 3 0.54 12.55 -18.47
CA ASP B 3 -0.52 12.74 -17.50
C ASP B 3 -0.33 11.80 -16.31
N ASP B 4 -0.70 12.27 -15.13
CA ASP B 4 -0.57 11.48 -13.91
C ASP B 4 -1.93 11.32 -13.22
N GLY B 5 -2.66 10.27 -13.60
CA GLY B 5 -3.96 10.02 -13.01
C GLY B 5 -4.37 8.57 -13.10
N ASP B 6 -3.48 7.68 -12.67
CA ASP B 6 -3.76 6.25 -12.71
C ASP B 6 -4.41 5.79 -11.41
N PTR B 7 -3.84 6.23 -10.28
CA PTR B 7 -4.37 5.85 -8.97
C PTR B 7 -5.34 6.91 -8.47
O PTR B 7 -5.56 7.93 -9.11
CB PTR B 7 -3.22 5.67 -7.97
CG PTR B 7 -2.26 4.56 -8.35
CD1 PTR B 7 -1.45 4.67 -9.47
CD2 PTR B 7 -2.18 3.41 -7.58
CE1 PTR B 7 -0.57 3.66 -9.81
CE2 PTR B 7 -1.30 2.40 -7.92
CZ PTR B 7 -0.50 2.53 -9.03
OH PTR B 7 0.37 1.52 -9.37
P PTR B 7 0.56 0.92 -10.85
O1P PTR B 7 -0.68 0.23 -11.28
O2P PTR B 7 0.84 2.01 -11.81
O3P PTR B 7 1.68 -0.05 -10.87
H PTR B 7 -3.06 6.80 -10.34
HA PTR B 7 -4.89 4.91 -9.08
HB2 PTR B 7 -2.66 6.59 -7.91
HB3 PTR B 7 -3.64 5.44 -7.00
HD1 PTR B 7 -1.50 5.56 -10.07
HD2 PTR B 7 -2.80 3.31 -6.70
HE1 PTR B 7 0.05 3.76 -10.69
HE2 PTR B 7 -1.24 1.50 -7.31
N GLU B 8 -5.93 6.65 -7.29
CA GLU B 8 -6.88 7.58 -6.70
C GLU B 8 -6.31 8.99 -6.65
N SER B 9 -7.12 9.97 -7.01
CA SER B 9 -6.70 11.37 -7.01
C SER B 9 -7.08 12.05 -5.71
N PRO B 10 -6.19 12.93 -5.22
CA PRO B 10 -6.41 13.67 -3.98
C PRO B 10 -7.52 14.71 -4.10
N ASN B 11 -8.23 14.94 -3.01
CA ASN B 11 -9.32 15.91 -2.99
C ASN B 11 -8.79 17.34 -3.12
N GLU B 12 -9.51 18.17 -3.88
CA GLU B 12 -9.10 19.55 -4.08
C GLU B 12 -9.86 20.48 -3.14
N GLU B 13 -11.16 20.21 -2.97
CA GLU B 13 -11.99 21.03 -2.10
C GLU B 13 -11.34 21.20 -0.73
N GLU B 14 -10.87 20.09 -0.15
CA GLU B 14 -10.23 20.12 1.16
C GLU B 14 -9.12 21.17 1.19
N GLU B 15 -9.33 22.23 1.95
CA GLU B 15 -8.35 23.31 2.06
C GLU B 15 -7.62 23.52 0.75
N GLY A 1 -20.39 -38.96 -0.33
CA GLY A 1 -19.07 -39.54 -0.24
C GLY A 1 -18.00 -38.65 -0.82
N SER A 2 -16.75 -39.09 -0.74
CA SER A 2 -15.63 -38.31 -1.25
C SER A 2 -14.34 -39.15 -1.25
N SER A 3 -13.33 -38.67 -1.97
CA SER A 3 -12.06 -39.36 -2.06
C SER A 3 -11.04 -38.53 -2.82
N GLY A 4 -9.81 -39.04 -2.89
CA GLY A 4 -8.75 -38.33 -3.60
C GLY A 4 -7.40 -38.97 -3.40
N SER A 5 -6.38 -38.40 -4.04
CA SER A 5 -5.02 -38.93 -3.94
C SER A 5 -4.00 -37.82 -4.18
N SER A 6 -2.73 -38.15 -3.97
CA SER A 6 -1.63 -37.20 -4.15
C SER A 6 -0.28 -37.88 -4.07
N GLY A 7 0.77 -37.14 -4.38
CA GLY A 7 2.11 -37.69 -4.35
C GLY A 7 3.12 -36.81 -5.05
N LYS A 8 3.99 -36.17 -4.28
CA LYS A 8 5.01 -35.30 -4.84
C LYS A 8 5.96 -34.79 -3.75
N ALA A 9 7.19 -34.48 -4.14
CA ALA A 9 8.18 -33.98 -3.20
C ALA A 9 9.12 -32.98 -3.87
N GLU A 10 9.56 -31.98 -3.09
CA GLU A 10 10.46 -30.96 -3.61
C GLU A 10 11.60 -30.69 -2.63
N ALA A 11 12.73 -30.23 -3.16
CA ALA A 11 13.89 -29.93 -2.33
C ALA A 11 14.05 -28.43 -2.14
N GLU A 12 15.03 -28.04 -1.33
CA GLU A 12 15.29 -26.63 -1.05
C GLU A 12 16.78 -26.37 -0.88
N GLN A 13 17.28 -25.35 -1.57
CA GLN A 13 18.69 -24.99 -1.50
C GLN A 13 18.89 -23.51 -1.81
N ASN A 14 19.89 -22.91 -1.16
CA ASN A 14 20.19 -21.50 -1.37
C ASN A 14 21.69 -21.26 -1.39
N TRP A 15 22.10 -20.11 -1.94
CA TRP A 15 23.51 -19.77 -2.02
C TRP A 15 23.84 -18.58 -1.13
N TRP A 16 22.99 -17.55 -1.18
CA TRP A 16 23.19 -16.35 -0.38
C TRP A 16 23.45 -16.72 1.08
N GLU A 17 23.91 -15.74 1.86
CA GLU A 17 24.20 -15.96 3.27
C GLU A 17 23.60 -14.85 4.13
N GLY A 18 22.31 -14.98 4.43
CA GLY A 18 21.64 -13.98 5.24
C GLY A 18 21.45 -12.66 4.50
N PRO A 19 20.37 -12.59 3.70
CA PRO A 19 20.05 -11.39 2.92
C PRO A 19 19.61 -10.22 3.81
N PRO A 20 19.58 -9.01 3.22
CA PRO A 20 19.17 -7.81 3.94
C PRO A 20 17.68 -7.80 4.27
N GLN A 21 17.23 -6.74 4.94
CA GLN A 21 15.83 -6.60 5.31
C GLN A 21 14.94 -6.58 4.07
N ASP A 22 13.68 -6.97 4.25
CA ASP A 22 12.72 -7.00 3.14
C ASP A 22 11.32 -6.67 3.64
N LEU A 23 10.56 -5.94 2.83
CA LEU A 23 9.19 -5.57 3.18
C LEU A 23 8.45 -6.74 3.82
N SER A 24 8.90 -7.96 3.49
CA SER A 24 8.28 -9.17 4.02
C SER A 24 8.09 -9.07 5.54
N VAL A 25 9.10 -8.53 6.21
CA VAL A 25 9.06 -8.38 7.66
C VAL A 25 7.70 -7.87 8.12
N HIS A 26 7.05 -7.08 7.27
CA HIS A 26 5.74 -6.52 7.58
C HIS A 26 4.64 -7.55 7.34
N LEU A 27 3.55 -7.43 8.08
CA LEU A 27 2.43 -8.35 7.94
C LEU A 27 1.79 -8.22 6.57
N TRP A 28 2.21 -7.22 5.81
CA TRP A 28 1.67 -6.98 4.47
C TRP A 28 2.79 -6.76 3.47
N TYR A 29 2.78 -7.52 2.38
CA TYR A 29 3.79 -7.39 1.34
C TYR A 29 3.21 -7.71 -0.03
N ALA A 30 3.74 -7.05 -1.06
CA ALA A 30 3.28 -7.27 -2.42
C ALA A 30 4.39 -6.97 -3.43
N GLY A 31 4.89 -8.01 -4.08
CA GLY A 31 5.95 -7.84 -5.05
C GLY A 31 5.51 -7.00 -6.24
N PRO A 32 6.14 -7.23 -7.40
CA PRO A 32 5.83 -6.49 -8.63
C PRO A 32 4.46 -6.85 -9.19
N MET A 33 3.70 -7.65 -8.44
CA MET A 33 2.37 -8.06 -8.86
C MET A 33 1.73 -7.00 -9.74
N GLU A 34 1.08 -7.43 -10.81
CA GLU A 34 0.42 -6.50 -11.72
C GLU A 34 -0.91 -6.02 -11.14
N ARG A 35 -1.67 -5.29 -11.96
CA ARG A 35 -2.95 -4.75 -11.52
C ARG A 35 -3.92 -5.89 -11.17
N ALA A 36 -4.35 -6.62 -12.20
CA ALA A 36 -5.27 -7.74 -12.00
C ALA A 36 -4.81 -8.63 -10.84
N GLY A 37 -3.51 -8.65 -10.60
CA GLY A 37 -2.96 -9.47 -9.53
C GLY A 37 -3.30 -8.92 -8.15
N ALA A 38 -3.36 -7.60 -8.05
CA ALA A 38 -3.68 -6.95 -6.78
C ALA A 38 -5.16 -7.08 -6.45
N GLU A 39 -6.00 -6.51 -7.31
CA GLU A 39 -7.44 -6.56 -7.10
C GLU A 39 -7.88 -7.95 -6.65
N SER A 40 -7.49 -8.96 -7.41
CA SER A 40 -7.85 -10.34 -7.08
C SER A 40 -7.69 -10.60 -5.58
N ILE A 41 -6.50 -10.32 -5.06
CA ILE A 41 -6.23 -10.53 -3.64
C ILE A 41 -7.32 -9.92 -2.78
N LEU A 42 -7.36 -8.59 -2.74
CA LEU A 42 -8.35 -7.88 -1.95
C LEU A 42 -9.77 -8.33 -2.33
N ALA A 43 -9.88 -9.02 -3.44
CA ALA A 43 -11.17 -9.51 -3.90
C ALA A 43 -11.56 -10.80 -3.19
N ASN A 44 -10.78 -11.85 -3.41
CA ASN A 44 -11.04 -13.14 -2.78
C ASN A 44 -11.00 -13.03 -1.26
N ARG A 45 -10.22 -12.08 -0.76
CA ARG A 45 -10.09 -11.87 0.67
C ARG A 45 -11.28 -11.09 1.21
N SER A 46 -11.34 -10.94 2.54
CA SER A 46 -12.42 -10.22 3.17
C SER A 46 -12.47 -8.77 2.71
N ASP A 47 -13.63 -8.15 2.83
CA ASP A 47 -13.81 -6.76 2.43
C ASP A 47 -13.03 -5.82 3.34
N GLY A 48 -12.03 -5.15 2.78
CA GLY A 48 -11.22 -4.23 3.57
C GLY A 48 -9.75 -4.60 3.54
N THR A 49 -9.41 -5.65 2.80
CA THR A 49 -8.03 -6.10 2.69
C THR A 49 -7.16 -5.07 1.99
N PHE A 50 -5.86 -5.10 2.27
CA PHE A 50 -4.93 -4.17 1.66
C PHE A 50 -3.54 -4.79 1.53
N LEU A 51 -2.67 -4.15 0.76
CA LEU A 51 -1.31 -4.63 0.56
C LEU A 51 -0.41 -3.52 0.03
N VAL A 52 0.88 -3.84 -0.11
CA VAL A 52 1.84 -2.87 -0.61
C VAL A 52 2.57 -3.40 -1.84
N ARG A 53 2.33 -2.78 -2.99
CA ARG A 53 2.96 -3.20 -4.23
C ARG A 53 4.02 -2.20 -4.66
N GLN A 54 4.82 -2.59 -5.65
CA GLN A 54 5.89 -1.72 -6.16
C GLN A 54 5.84 -1.63 -7.68
N ARG A 55 6.35 -0.53 -8.22
CA ARG A 55 6.37 -0.33 -9.67
C ARG A 55 7.70 -0.79 -10.26
N VAL A 56 7.77 -0.81 -11.59
CA VAL A 56 8.97 -1.24 -12.29
C VAL A 56 9.72 -0.04 -12.87
N LYS A 57 8.98 1.01 -13.20
CA LYS A 57 9.57 2.22 -13.77
C LYS A 57 10.58 2.83 -12.81
N ASP A 58 10.12 3.17 -11.62
CA ASP A 58 10.99 3.76 -10.59
C ASP A 58 11.03 2.89 -9.35
N ALA A 59 12.17 2.26 -9.10
CA ALA A 59 12.35 1.40 -7.94
C ALA A 59 11.89 2.11 -6.67
N ALA A 60 12.34 3.34 -6.49
CA ALA A 60 11.99 4.13 -5.32
C ALA A 60 10.53 4.58 -5.38
N GLU A 61 9.63 3.65 -5.10
CA GLU A 61 8.19 3.95 -5.12
C GLU A 61 7.39 2.79 -4.53
N PHE A 62 6.10 3.02 -4.32
CA PHE A 62 5.23 2.01 -3.75
C PHE A 62 3.76 2.36 -3.98
N ALA A 63 2.86 1.44 -3.62
CA ALA A 63 1.44 1.66 -3.80
C ALA A 63 0.64 0.92 -2.73
N ILE A 64 -0.62 1.29 -2.57
CA ILE A 64 -1.50 0.65 -1.59
C ILE A 64 -2.87 0.36 -2.18
N SER A 65 -3.13 -0.93 -2.42
CA SER A 65 -4.41 -1.35 -2.98
C SER A 65 -5.27 -2.03 -1.93
N ILE A 66 -6.53 -1.61 -1.85
CA ILE A 66 -7.47 -2.17 -0.88
C ILE A 66 -8.85 -2.36 -1.50
N LYS A 67 -9.52 -3.44 -1.10
CA LYS A 67 -10.86 -3.73 -1.60
C LYS A 67 -11.93 -3.11 -0.72
N TYR A 68 -12.89 -2.45 -1.34
CA TYR A 68 -13.97 -1.80 -0.60
C TYR A 68 -15.01 -1.21 -1.55
N ASN A 69 -16.28 -1.44 -1.25
CA ASN A 69 -17.36 -0.93 -2.09
C ASN A 69 -17.43 -1.67 -3.42
N VAL A 70 -17.53 -3.00 -3.35
CA VAL A 70 -17.60 -3.83 -4.54
C VAL A 70 -16.65 -3.32 -5.62
N GLU A 71 -15.56 -2.67 -5.19
CA GLU A 71 -14.57 -2.14 -6.11
C GLU A 71 -13.21 -1.99 -5.42
N VAL A 72 -12.16 -2.46 -6.09
CA VAL A 72 -10.82 -2.38 -5.55
C VAL A 72 -10.16 -1.04 -5.89
N LYS A 73 -9.70 -0.34 -4.87
CA LYS A 73 -9.05 0.96 -5.07
C LYS A 73 -7.53 0.83 -4.98
N HIS A 74 -6.83 1.84 -5.45
CA HIS A 74 -5.36 1.84 -5.42
C HIS A 74 -4.82 3.25 -5.24
N ILE A 75 -3.71 3.37 -4.52
CA ILE A 75 -3.09 4.66 -4.26
C ILE A 75 -1.60 4.63 -4.59
N LYS A 76 -1.18 5.53 -5.48
CA LYS A 76 0.22 5.60 -5.88
C LYS A 76 1.02 6.43 -4.88
N ILE A 77 2.16 5.88 -4.44
CA ILE A 77 3.01 6.57 -3.48
C ILE A 77 4.18 7.26 -4.19
N MET A 78 4.72 8.29 -3.55
CA MET A 78 5.84 9.03 -4.12
C MET A 78 6.95 9.24 -3.08
N THR A 79 8.19 9.23 -3.54
CA THR A 79 9.33 9.41 -2.65
C THR A 79 10.35 10.37 -3.25
N ALA A 80 10.90 11.25 -2.42
CA ALA A 80 11.89 12.22 -2.86
C ALA A 80 13.19 12.08 -2.08
N GLU A 81 13.17 12.55 -0.83
CA GLU A 81 14.35 12.47 0.02
C GLU A 81 14.16 11.44 1.13
N GLY A 82 13.69 10.26 0.74
CA GLY A 82 13.47 9.20 1.72
C GLY A 82 12.20 9.39 2.51
N LEU A 83 11.20 10.02 1.88
CA LEU A 83 9.92 10.27 2.53
C LEU A 83 8.76 9.70 1.71
N TYR A 84 7.76 9.18 2.41
CA TYR A 84 6.59 8.60 1.74
C TYR A 84 5.34 9.44 2.01
N ARG A 85 4.66 9.82 0.93
CA ARG A 85 3.44 10.62 1.04
C ARG A 85 2.61 10.54 -0.24
N ILE A 86 1.30 10.55 -0.09
CA ILE A 86 0.39 10.47 -1.22
C ILE A 86 -0.20 11.85 -1.55
N THR A 87 -0.05 12.78 -0.62
CA THR A 87 -0.57 14.12 -0.81
C THR A 87 0.39 15.16 -0.24
N GLU A 88 0.24 16.40 -0.69
CA GLU A 88 1.10 17.50 -0.24
C GLU A 88 0.72 17.93 1.18
N LYS A 89 -0.57 17.82 1.49
CA LYS A 89 -1.06 18.20 2.82
C LYS A 89 -0.42 17.35 3.90
N LYS A 90 -0.62 16.04 3.81
CA LYS A 90 -0.06 15.11 4.79
C LYS A 90 1.22 14.47 4.26
N ALA A 91 2.14 14.17 5.17
CA ALA A 91 3.41 13.56 4.80
C ALA A 91 3.88 12.56 5.86
N PHE A 92 4.68 11.59 5.45
CA PHE A 92 5.19 10.58 6.36
C PHE A 92 6.69 10.40 6.20
N ARG A 93 7.30 9.64 7.09
CA ARG A 93 8.74 9.39 7.04
C ARG A 93 9.04 8.05 6.37
N GLY A 94 8.16 7.07 6.60
CA GLY A 94 8.35 5.75 6.02
C GLY A 94 7.03 5.10 5.65
N LEU A 95 7.09 4.18 4.69
CA LEU A 95 5.89 3.47 4.23
C LEU A 95 5.20 2.77 5.39
N THR A 96 5.99 2.19 6.29
CA THR A 96 5.46 1.49 7.46
C THR A 96 4.43 2.35 8.19
N GLU A 97 4.84 3.55 8.58
CA GLU A 97 3.96 4.47 9.30
C GLU A 97 2.74 4.82 8.44
N LEU A 98 3.00 5.20 7.20
CA LEU A 98 1.93 5.57 6.28
C LEU A 98 0.82 4.52 6.28
N VAL A 99 1.20 3.28 6.56
CA VAL A 99 0.24 2.18 6.60
C VAL A 99 -0.29 1.97 8.01
N GLU A 100 0.61 1.99 8.99
CA GLU A 100 0.23 1.79 10.38
C GLU A 100 -0.52 3.01 10.91
N PHE A 101 -0.61 4.05 10.10
CA PHE A 101 -1.30 5.28 10.48
C PHE A 101 -2.72 5.29 9.94
N TYR A 102 -2.85 5.05 8.64
CA TYR A 102 -4.16 5.04 7.99
C TYR A 102 -5.13 4.10 8.72
N GLN A 103 -4.58 3.03 9.29
CA GLN A 103 -5.39 2.06 10.02
C GLN A 103 -6.12 2.71 11.19
N GLN A 104 -5.72 3.95 11.50
CA GLN A 104 -6.33 4.69 12.60
C GLN A 104 -7.09 5.89 12.08
N ASN A 105 -6.83 6.26 10.83
CA ASN A 105 -7.50 7.40 10.21
C ASN A 105 -8.07 7.03 8.85
N SER A 106 -9.40 6.94 8.78
CA SER A 106 -10.06 6.58 7.53
C SER A 106 -9.46 7.35 6.35
N LEU A 107 -9.19 6.64 5.26
CA LEU A 107 -8.62 7.25 4.07
C LEU A 107 -9.51 8.37 3.55
N LYS A 108 -10.75 8.38 4.00
CA LYS A 108 -11.71 9.40 3.57
C LYS A 108 -11.21 10.79 3.93
N ASP A 109 -10.24 10.85 4.83
CA ASP A 109 -9.67 12.13 5.26
C ASP A 109 -9.08 12.88 4.08
N CYS A 110 -8.48 12.15 3.15
CA CYS A 110 -7.87 12.75 1.96
C CYS A 110 -8.74 12.53 0.74
N PHE A 111 -9.00 11.27 0.41
CA PHE A 111 -9.81 10.92 -0.74
C PHE A 111 -11.30 10.89 -0.36
N LYS A 112 -12.16 11.03 -1.38
CA LYS A 112 -13.60 11.01 -1.15
C LYS A 112 -14.18 9.64 -1.45
N SER A 113 -13.73 9.03 -2.54
CA SER A 113 -14.20 7.71 -2.95
C SER A 113 -13.97 6.70 -1.83
N LEU A 114 -12.73 6.60 -1.38
CA LEU A 114 -12.37 5.66 -0.31
C LEU A 114 -12.82 6.19 1.05
N ASP A 115 -13.99 5.74 1.50
CA ASP A 115 -14.52 6.16 2.79
C ASP A 115 -14.15 5.16 3.88
N THR A 116 -13.09 4.41 3.65
CA THR A 116 -12.62 3.42 4.61
C THR A 116 -11.11 3.48 4.78
N THR A 117 -10.57 2.58 5.60
CA THR A 117 -9.14 2.52 5.85
C THR A 117 -8.64 1.08 5.89
N LEU A 118 -7.32 0.92 5.91
CA LEU A 118 -6.72 -0.42 5.96
C LEU A 118 -7.34 -1.26 7.05
N GLN A 119 -8.15 -2.23 6.65
CA GLN A 119 -8.81 -3.12 7.62
C GLN A 119 -7.95 -4.35 7.91
N PHE A 120 -7.46 -4.98 6.85
CA PHE A 120 -6.62 -6.17 6.99
C PHE A 120 -5.53 -6.20 5.92
N PRO A 121 -4.31 -6.54 6.33
CA PRO A 121 -3.16 -6.62 5.43
C PRO A 121 -3.27 -7.78 4.45
N PHE A 122 -2.18 -8.03 3.72
CA PHE A 122 -2.16 -9.12 2.74
C PHE A 122 -2.16 -10.47 3.44
N LYS A 123 -1.23 -10.65 4.37
CA LYS A 123 -1.12 -11.90 5.12
C LYS A 123 -2.33 -12.10 6.03
N GLU A 124 -2.40 -11.29 7.08
CA GLU A 124 -3.51 -11.37 8.03
C GLU A 124 -3.42 -10.26 9.07
N PRO A 125 -4.58 -9.86 9.60
CA PRO A 125 -4.66 -8.79 10.61
C PRO A 125 -4.09 -9.23 11.96
N GLU A 126 -3.19 -8.41 12.51
CA GLU A 126 -2.58 -8.72 13.79
C GLU A 126 -1.86 -7.49 14.36
N LYS A 127 -2.37 -6.97 15.46
CA LYS A 127 -1.79 -5.80 16.11
C LYS A 127 -0.99 -6.20 17.33
N ARG A 128 0.24 -6.66 17.12
CA ARG A 128 1.12 -7.08 18.20
C ARG A 128 2.51 -7.43 17.69
N THR A 129 3.51 -6.70 18.17
CA THR A 129 4.89 -6.93 17.76
C THR A 129 5.48 -8.14 18.46
N ILE A 130 5.36 -9.30 17.83
CA ILE A 130 5.88 -10.54 18.38
C ILE A 130 6.71 -11.31 17.36
N SER A 131 6.20 -11.35 16.13
CA SER A 131 6.90 -12.06 15.05
C SER A 131 7.39 -11.07 14.00
N ARG A 132 8.69 -10.77 14.04
CA ARG A 132 9.29 -9.86 13.10
C ARG A 132 9.97 -10.62 11.95
N SER A 133 10.45 -11.81 12.25
CA SER A 133 11.13 -12.64 11.26
C SER A 133 10.12 -13.34 10.36
N GLY A 134 10.07 -12.92 9.10
CA GLY A 134 9.15 -13.51 8.14
C GLY A 134 9.85 -14.36 7.10
N PRO A 135 9.19 -14.53 5.94
CA PRO A 135 9.75 -15.32 4.84
C PRO A 135 10.94 -14.65 4.18
N SER A 136 11.46 -15.27 3.12
CA SER A 136 12.60 -14.73 2.40
C SER A 136 12.70 -15.32 1.00
N SER A 137 12.42 -14.50 -0.01
CA SER A 137 12.47 -14.93 -1.40
C SER A 137 13.44 -14.09 -2.21
N GLY A 138 13.66 -14.48 -3.45
CA GLY A 138 14.57 -13.75 -4.32
C GLY A 138 14.19 -13.85 -5.78
N GLY B 1 5.11 15.93 -20.86
CA GLY B 1 4.22 16.09 -19.73
C GLY B 1 3.77 14.77 -19.15
N GLU B 2 3.86 14.65 -17.83
CA GLU B 2 3.46 13.41 -17.15
C GLU B 2 2.32 13.68 -16.17
N ASP B 3 1.36 14.49 -16.60
CA ASP B 3 0.21 14.82 -15.76
C ASP B 3 -0.94 13.84 -16.00
N ASP B 4 -1.00 12.80 -15.18
CA ASP B 4 -2.05 11.78 -15.30
C ASP B 4 -2.36 11.16 -13.96
N GLY B 5 -3.64 11.00 -13.67
CA GLY B 5 -4.06 10.41 -12.40
C GLY B 5 -4.51 8.98 -12.55
N ASP B 6 -3.54 8.05 -12.58
CA ASP B 6 -3.84 6.63 -12.72
C ASP B 6 -4.50 6.10 -11.45
N PTR B 7 -4.00 6.53 -10.29
CA PTR B 7 -4.55 6.09 -9.01
C PTR B 7 -5.53 7.12 -8.46
O PTR B 7 -5.78 8.16 -9.07
CB PTR B 7 -3.42 5.85 -8.02
CG PTR B 7 -2.49 4.72 -8.42
CD1 PTR B 7 -2.28 3.64 -7.59
CD2 PTR B 7 -1.80 4.77 -9.63
CE1 PTR B 7 -1.43 2.61 -7.94
CE2 PTR B 7 -0.95 3.74 -9.99
CZ PTR B 7 -0.77 2.66 -9.15
OH PTR B 7 0.08 1.65 -9.52
P PTR B 7 1.68 1.73 -9.50
O1P PTR B 7 2.23 0.75 -8.55
O2P PTR B 7 2.21 1.44 -10.85
O3P PTR B 7 2.11 3.09 -9.10
H PTR B 7 -3.26 7.16 -10.31
HA PTR B 7 -5.07 5.16 -9.18
HB2 PTR B 7 -2.83 6.76 -7.93
HB3 PTR B 7 -3.83 5.60 -7.06
HD1 PTR B 7 -2.81 3.60 -6.64
HD2 PTR B 7 -1.94 5.61 -10.29
HE1 PTR B 7 -1.29 1.77 -7.28
HE2 PTR B 7 -0.42 3.78 -10.94
N GLU B 8 -6.08 6.81 -7.28
CA GLU B 8 -7.03 7.72 -6.64
C GLU B 8 -6.54 9.16 -6.69
N SER B 9 -7.48 10.09 -6.76
CA SER B 9 -7.15 11.51 -6.81
C SER B 9 -7.47 12.20 -5.49
N PRO B 10 -6.58 13.12 -5.07
CA PRO B 10 -6.76 13.87 -3.82
C PRO B 10 -7.91 14.87 -3.89
N ASN B 11 -8.61 15.03 -2.77
CA ASN B 11 -9.74 15.95 -2.71
C ASN B 11 -9.28 17.38 -2.94
N GLU B 12 -9.74 17.97 -4.04
CA GLU B 12 -9.38 19.34 -4.37
C GLU B 12 -10.19 20.34 -3.56
N GLU B 13 -11.47 20.03 -3.35
CA GLU B 13 -12.36 20.89 -2.58
C GLU B 13 -11.70 21.32 -1.28
N GLU B 14 -11.25 20.34 -0.50
CA GLU B 14 -10.60 20.61 0.78
C GLU B 14 -9.27 21.31 0.57
N GLU B 15 -8.97 22.29 1.43
CA GLU B 15 -7.72 23.03 1.34
C GLU B 15 -6.57 22.24 1.94
N GLY A 1 -21.28 -7.86 6.82
CA GLY A 1 -20.89 -9.18 6.35
C GLY A 1 -21.86 -9.75 5.33
N SER A 2 -21.63 -9.43 4.06
CA SER A 2 -22.49 -9.90 2.98
C SER A 2 -21.67 -10.59 1.89
N SER A 3 -22.36 -11.35 1.05
CA SER A 3 -21.70 -12.07 -0.04
C SER A 3 -21.01 -11.09 -0.99
N GLY A 4 -20.21 -11.64 -1.90
CA GLY A 4 -19.51 -10.81 -2.86
C GLY A 4 -18.13 -11.35 -3.21
N SER A 5 -17.91 -11.62 -4.49
CA SER A 5 -16.63 -12.16 -4.95
C SER A 5 -16.51 -12.04 -6.46
N SER A 6 -15.35 -11.58 -6.92
CA SER A 6 -15.10 -11.41 -8.35
C SER A 6 -13.62 -11.56 -8.66
N GLY A 7 -13.30 -12.32 -9.70
CA GLY A 7 -11.92 -12.52 -10.09
C GLY A 7 -11.32 -13.79 -9.51
N LYS A 8 -10.70 -14.59 -10.36
CA LYS A 8 -10.09 -15.85 -9.92
C LYS A 8 -8.72 -16.02 -10.55
N ALA A 9 -7.72 -16.24 -9.70
CA ALA A 9 -6.34 -16.44 -10.17
C ALA A 9 -5.49 -17.08 -9.09
N GLU A 10 -4.36 -17.67 -9.50
CA GLU A 10 -3.45 -18.32 -8.57
C GLU A 10 -2.00 -17.97 -8.89
N ALA A 11 -1.27 -17.54 -7.87
CA ALA A 11 0.13 -17.17 -8.04
C ALA A 11 0.91 -17.39 -6.76
N GLU A 12 2.22 -17.63 -6.89
CA GLU A 12 3.08 -17.86 -5.74
C GLU A 12 4.49 -17.36 -6.01
N GLN A 13 5.13 -16.84 -4.97
CA GLN A 13 6.49 -16.32 -5.09
C GLN A 13 7.20 -16.31 -3.74
N ASN A 14 8.29 -17.06 -3.63
CA ASN A 14 9.05 -17.13 -2.39
C ASN A 14 10.52 -16.81 -2.64
N TRP A 15 10.84 -15.53 -2.72
CA TRP A 15 12.21 -15.08 -2.94
C TRP A 15 12.66 -14.13 -1.85
N TRP A 16 12.92 -14.67 -0.67
CA TRP A 16 13.36 -13.86 0.46
C TRP A 16 14.66 -14.41 1.05
N GLU A 17 14.93 -15.69 0.79
CA GLU A 17 16.13 -16.32 1.30
C GLU A 17 17.36 -15.89 0.49
N GLY A 18 18.07 -14.89 1.00
CA GLY A 18 19.25 -14.40 0.32
C GLY A 18 19.60 -12.98 0.69
N PRO A 19 18.80 -12.02 0.18
CA PRO A 19 19.00 -10.59 0.47
C PRO A 19 18.67 -10.23 1.91
N PRO A 20 19.05 -9.00 2.31
CA PRO A 20 18.80 -8.51 3.67
C PRO A 20 17.33 -8.26 3.94
N GLN A 21 17.03 -7.61 5.06
CA GLN A 21 15.65 -7.31 5.43
C GLN A 21 14.82 -6.98 4.19
N ASP A 22 13.58 -7.46 4.18
CA ASP A 22 12.68 -7.22 3.06
C ASP A 22 11.26 -6.98 3.54
N LEU A 23 10.51 -6.18 2.80
CA LEU A 23 9.13 -5.88 3.16
C LEU A 23 8.41 -7.12 3.68
N SER A 24 8.81 -8.28 3.17
CA SER A 24 8.21 -9.54 3.58
C SER A 24 7.94 -9.55 5.09
N VAL A 25 8.92 -9.10 5.86
CA VAL A 25 8.79 -9.05 7.31
C VAL A 25 7.43 -8.53 7.72
N HIS A 26 7.00 -7.43 7.09
CA HIS A 26 5.70 -6.83 7.41
C HIS A 26 4.57 -7.80 7.11
N LEU A 27 3.51 -7.73 7.90
CA LEU A 27 2.36 -8.61 7.71
C LEU A 27 1.73 -8.40 6.35
N TRP A 28 2.17 -7.36 5.65
CA TRP A 28 1.66 -7.05 4.33
C TRP A 28 2.80 -6.81 3.34
N TYR A 29 2.74 -7.50 2.20
CA TYR A 29 3.77 -7.37 1.18
C TYR A 29 3.18 -7.59 -0.21
N ALA A 30 3.64 -6.78 -1.18
CA ALA A 30 3.15 -6.88 -2.55
C ALA A 30 4.21 -6.39 -3.53
N GLY A 31 4.79 -7.31 -4.30
CA GLY A 31 5.80 -6.95 -5.26
C GLY A 31 5.23 -6.18 -6.44
N PRO A 32 5.79 -6.43 -7.64
CA PRO A 32 5.35 -5.76 -8.86
C PRO A 32 3.97 -6.23 -9.31
N MET A 33 3.33 -7.06 -8.48
CA MET A 33 2.00 -7.57 -8.79
C MET A 33 1.22 -6.58 -9.65
N GLU A 34 0.53 -7.10 -10.66
CA GLU A 34 -0.26 -6.26 -11.56
C GLU A 34 -1.66 -6.04 -11.00
N ARG A 35 -2.44 -5.21 -11.69
CA ARG A 35 -3.81 -4.92 -11.26
C ARG A 35 -4.54 -6.20 -10.86
N ALA A 36 -4.82 -7.06 -11.83
CA ALA A 36 -5.51 -8.31 -11.57
C ALA A 36 -4.82 -9.10 -10.46
N GLY A 37 -3.51 -8.93 -10.37
CA GLY A 37 -2.75 -9.65 -9.36
C GLY A 37 -3.07 -9.18 -7.95
N ALA A 38 -3.49 -7.92 -7.83
CA ALA A 38 -3.83 -7.35 -6.54
C ALA A 38 -5.31 -7.50 -6.24
N GLU A 39 -6.15 -6.92 -7.09
CA GLU A 39 -7.59 -6.98 -6.92
C GLU A 39 -8.02 -8.40 -6.56
N SER A 40 -7.46 -9.39 -7.25
CA SER A 40 -7.78 -10.79 -6.99
C SER A 40 -7.62 -11.12 -5.51
N ILE A 41 -6.60 -10.54 -4.89
CA ILE A 41 -6.34 -10.78 -3.47
C ILE A 41 -7.41 -10.14 -2.60
N LEU A 42 -7.38 -8.82 -2.52
CA LEU A 42 -8.36 -8.09 -1.72
C LEU A 42 -9.79 -8.46 -2.11
N ALA A 43 -9.94 -8.99 -3.32
CA ALA A 43 -11.25 -9.40 -3.81
C ALA A 43 -11.73 -10.67 -3.10
N ASN A 44 -11.00 -11.76 -3.29
CA ASN A 44 -11.35 -13.03 -2.68
C ASN A 44 -11.32 -12.92 -1.16
N ARG A 45 -10.35 -12.17 -0.64
CA ARG A 45 -10.21 -11.98 0.80
C ARG A 45 -11.41 -11.23 1.37
N SER A 46 -11.38 -11.00 2.68
CA SER A 46 -12.47 -10.30 3.35
C SER A 46 -12.54 -8.84 2.91
N ASP A 47 -13.75 -8.30 2.85
CA ASP A 47 -13.96 -6.91 2.44
C ASP A 47 -13.22 -5.96 3.37
N GLY A 48 -12.15 -5.35 2.87
CA GLY A 48 -11.38 -4.41 3.68
C GLY A 48 -9.90 -4.75 3.69
N THR A 49 -9.51 -5.71 2.86
CA THR A 49 -8.10 -6.12 2.78
C THR A 49 -7.25 -5.03 2.13
N PHE A 50 -5.94 -5.11 2.35
CA PHE A 50 -5.02 -4.14 1.79
C PHE A 50 -3.62 -4.73 1.67
N LEU A 51 -2.75 -4.03 0.94
CA LEU A 51 -1.37 -4.49 0.75
C LEU A 51 -0.49 -3.35 0.23
N VAL A 52 0.79 -3.64 0.08
CA VAL A 52 1.74 -2.64 -0.42
C VAL A 52 2.38 -3.09 -1.73
N ARG A 53 2.10 -2.37 -2.80
CA ARG A 53 2.64 -2.70 -4.11
C ARG A 53 3.83 -1.80 -4.44
N GLN A 54 4.56 -2.16 -5.50
CA GLN A 54 5.73 -1.39 -5.92
C GLN A 54 5.70 -1.13 -7.43
N ARG A 55 6.41 -0.10 -7.86
CA ARG A 55 6.47 0.25 -9.27
C ARG A 55 7.68 -0.39 -9.94
N VAL A 56 7.65 -0.47 -11.27
CA VAL A 56 8.74 -1.06 -12.03
C VAL A 56 9.54 0.02 -12.75
N LYS A 57 9.08 1.25 -12.68
CA LYS A 57 9.75 2.38 -13.32
C LYS A 57 10.84 2.95 -12.41
N ASP A 58 10.50 3.17 -11.16
CA ASP A 58 11.44 3.71 -10.18
C ASP A 58 11.37 2.96 -8.87
N ALA A 59 12.34 2.08 -8.64
CA ALA A 59 12.38 1.28 -7.42
C ALA A 59 11.83 2.07 -6.23
N ALA A 60 12.20 3.33 -6.14
CA ALA A 60 11.74 4.20 -5.06
C ALA A 60 10.29 4.63 -5.29
N GLU A 61 9.37 3.68 -5.16
CA GLU A 61 7.95 3.97 -5.35
C GLU A 61 7.09 2.79 -4.90
N PHE A 62 6.09 3.07 -4.09
CA PHE A 62 5.20 2.03 -3.58
C PHE A 62 3.74 2.42 -3.79
N ALA A 63 2.83 1.53 -3.42
CA ALA A 63 1.40 1.77 -3.57
C ALA A 63 0.60 0.94 -2.59
N ILE A 64 -0.68 1.29 -2.43
CA ILE A 64 -1.56 0.58 -1.51
C ILE A 64 -2.86 0.19 -2.20
N SER A 65 -3.12 -1.11 -2.28
CA SER A 65 -4.34 -1.61 -2.91
C SER A 65 -5.26 -2.28 -1.88
N ILE A 66 -6.44 -1.70 -1.70
CA ILE A 66 -7.41 -2.24 -0.76
C ILE A 66 -8.78 -2.40 -1.41
N LYS A 67 -9.46 -3.49 -1.05
CA LYS A 67 -10.79 -3.77 -1.60
C LYS A 67 -11.87 -3.10 -0.75
N TYR A 68 -12.85 -2.51 -1.43
CA TYR A 68 -13.95 -1.83 -0.74
C TYR A 68 -15.00 -1.36 -1.73
N ASN A 69 -16.27 -1.59 -1.39
CA ASN A 69 -17.37 -1.18 -2.25
C ASN A 69 -17.37 -1.97 -3.55
N VAL A 70 -17.31 -3.30 -3.43
CA VAL A 70 -17.30 -4.17 -4.60
C VAL A 70 -16.31 -3.67 -5.66
N GLU A 71 -15.30 -2.95 -5.20
CA GLU A 71 -14.28 -2.41 -6.10
C GLU A 71 -12.95 -2.23 -5.37
N VAL A 72 -11.87 -2.62 -6.04
CA VAL A 72 -10.54 -2.50 -5.45
C VAL A 72 -9.86 -1.20 -5.89
N LYS A 73 -9.43 -0.41 -4.90
CA LYS A 73 -8.78 0.86 -5.18
C LYS A 73 -7.26 0.73 -5.05
N HIS A 74 -6.54 1.77 -5.45
CA HIS A 74 -5.08 1.77 -5.38
C HIS A 74 -4.55 3.19 -5.20
N ILE A 75 -3.50 3.31 -4.38
CA ILE A 75 -2.90 4.62 -4.13
C ILE A 75 -1.43 4.61 -4.49
N LYS A 76 -1.02 5.60 -5.30
CA LYS A 76 0.37 5.72 -5.72
C LYS A 76 1.18 6.53 -4.71
N ILE A 77 2.28 5.95 -4.26
CA ILE A 77 3.16 6.61 -3.29
C ILE A 77 4.36 7.24 -3.98
N MET A 78 4.68 8.47 -3.60
CA MET A 78 5.82 9.18 -4.17
C MET A 78 6.96 9.29 -3.17
N THR A 79 8.19 9.30 -3.67
CA THR A 79 9.36 9.40 -2.82
C THR A 79 10.45 10.25 -3.47
N ALA A 80 10.94 11.24 -2.74
CA ALA A 80 11.98 12.12 -3.24
C ALA A 80 13.25 12.02 -2.40
N GLU A 81 13.17 12.51 -1.17
CA GLU A 81 14.31 12.48 -0.26
C GLU A 81 14.08 11.49 0.88
N GLY A 82 13.60 10.30 0.54
CA GLY A 82 13.34 9.29 1.55
C GLY A 82 12.06 9.57 2.32
N LEU A 83 11.12 10.27 1.68
CA LEU A 83 9.85 10.61 2.32
C LEU A 83 8.68 10.10 1.48
N TYR A 84 7.66 9.57 2.17
CA TYR A 84 6.48 9.05 1.48
C TYR A 84 5.23 9.83 1.88
N ARG A 85 4.48 10.29 0.88
CA ARG A 85 3.27 11.06 1.13
C ARG A 85 2.39 11.09 -0.12
N ILE A 86 1.08 10.96 0.09
CA ILE A 86 0.13 10.97 -1.01
C ILE A 86 -0.37 12.37 -1.30
N THR A 87 -0.22 13.26 -0.31
CA THR A 87 -0.66 14.64 -0.45
C THR A 87 0.33 15.60 0.21
N GLU A 88 0.19 16.89 -0.09
CA GLU A 88 1.06 17.90 0.47
C GLU A 88 0.71 18.19 1.93
N LYS A 89 -0.55 17.95 2.28
CA LYS A 89 -1.01 18.18 3.64
C LYS A 89 -0.40 17.18 4.61
N LYS A 90 -0.65 15.88 4.35
CA LYS A 90 -0.13 14.82 5.20
C LYS A 90 1.11 14.19 4.56
N ALA A 91 2.02 13.69 5.40
CA ALA A 91 3.23 13.05 4.92
C ALA A 91 3.77 12.05 5.93
N PHE A 92 4.74 11.25 5.51
CA PHE A 92 5.33 10.24 6.38
C PHE A 92 6.84 10.16 6.17
N ARG A 93 7.51 9.43 7.06
CA ARG A 93 8.96 9.27 6.97
C ARG A 93 9.32 7.90 6.42
N GLY A 94 8.39 6.96 6.51
CA GLY A 94 8.62 5.62 6.01
C GLY A 94 7.36 4.94 5.54
N LEU A 95 7.50 4.01 4.60
CA LEU A 95 6.35 3.29 4.06
C LEU A 95 5.60 2.57 5.17
N THR A 96 6.32 2.09 6.17
CA THR A 96 5.71 1.38 7.30
C THR A 96 4.69 2.27 7.99
N GLU A 97 5.14 3.37 8.57
CA GLU A 97 4.26 4.30 9.26
C GLU A 97 3.07 4.67 8.39
N LEU A 98 3.35 5.00 7.14
CA LEU A 98 2.29 5.39 6.20
C LEU A 98 1.13 4.39 6.23
N VAL A 99 1.48 3.10 6.27
CA VAL A 99 0.48 2.05 6.32
C VAL A 99 -0.09 1.87 7.72
N GLU A 100 0.81 1.85 8.70
CA GLU A 100 0.41 1.67 10.10
C GLU A 100 -0.38 2.90 10.59
N PHE A 101 -0.46 3.91 9.73
CA PHE A 101 -1.18 5.13 10.08
C PHE A 101 -2.60 5.11 9.52
N TYR A 102 -2.71 4.82 8.22
CA TYR A 102 -4.00 4.77 7.56
C TYR A 102 -4.99 3.94 8.36
N GLN A 103 -4.55 2.77 8.81
CA GLN A 103 -5.41 1.88 9.59
C GLN A 103 -6.18 2.65 10.64
N GLN A 104 -5.67 3.82 11.01
CA GLN A 104 -6.31 4.66 12.00
C GLN A 104 -7.05 5.83 11.35
N ASN A 105 -6.47 6.35 10.26
CA ASN A 105 -7.08 7.46 9.54
C ASN A 105 -7.71 6.99 8.24
N SER A 106 -9.03 7.09 8.17
CA SER A 106 -9.77 6.67 6.97
C SER A 106 -9.34 7.49 5.75
N LEU A 107 -9.14 6.80 4.64
CA LEU A 107 -8.74 7.47 3.40
C LEU A 107 -9.76 8.51 2.97
N LYS A 108 -10.91 8.49 3.63
CA LYS A 108 -11.98 9.44 3.33
C LYS A 108 -11.54 10.87 3.63
N ASP A 109 -10.49 11.00 4.43
CA ASP A 109 -9.97 12.31 4.81
C ASP A 109 -9.28 12.98 3.62
N CYS A 110 -8.41 12.23 2.95
CA CYS A 110 -7.68 12.75 1.81
C CYS A 110 -8.39 12.40 0.50
N PHE A 111 -8.73 11.13 0.34
CA PHE A 111 -9.40 10.66 -0.85
C PHE A 111 -10.92 10.61 -0.64
N LYS A 112 -11.65 11.31 -1.50
CA LYS A 112 -13.11 11.36 -1.40
C LYS A 112 -13.72 10.07 -1.95
N SER A 113 -12.92 9.31 -2.68
CA SER A 113 -13.39 8.06 -3.27
C SER A 113 -13.43 6.95 -2.21
N LEU A 114 -12.31 6.74 -1.54
CA LEU A 114 -12.20 5.71 -0.51
C LEU A 114 -12.75 6.23 0.82
N ASP A 115 -13.85 5.62 1.28
CA ASP A 115 -14.46 6.02 2.54
C ASP A 115 -14.17 4.99 3.63
N THR A 116 -13.08 4.24 3.46
CA THR A 116 -12.70 3.22 4.42
C THR A 116 -11.19 3.18 4.62
N THR A 117 -10.75 2.54 5.69
CA THR A 117 -9.33 2.43 5.99
C THR A 117 -8.86 0.99 5.93
N LEU A 118 -7.55 0.78 6.06
CA LEU A 118 -6.98 -0.55 6.02
C LEU A 118 -7.53 -1.42 7.14
N GLN A 119 -8.35 -2.41 6.77
CA GLN A 119 -8.95 -3.31 7.75
C GLN A 119 -8.03 -4.50 8.01
N PHE A 120 -7.55 -5.13 6.95
CA PHE A 120 -6.68 -6.29 7.06
C PHE A 120 -5.60 -6.27 5.98
N PRO A 121 -4.37 -6.62 6.35
CA PRO A 121 -3.24 -6.65 5.42
C PRO A 121 -3.35 -7.79 4.42
N PHE A 122 -2.24 -8.09 3.74
CA PHE A 122 -2.22 -9.16 2.75
C PHE A 122 -2.19 -10.53 3.44
N LYS A 123 -1.42 -10.63 4.52
CA LYS A 123 -1.32 -11.88 5.26
C LYS A 123 -2.45 -12.02 6.27
N GLU A 124 -2.45 -11.13 7.27
CA GLU A 124 -3.49 -11.15 8.30
C GLU A 124 -3.33 -9.96 9.25
N PRO A 125 -4.45 -9.52 9.82
CA PRO A 125 -4.47 -8.39 10.75
C PRO A 125 -3.81 -8.72 12.08
N GLU A 126 -3.20 -7.72 12.71
CA GLU A 126 -2.53 -7.91 13.99
C GLU A 126 -3.45 -7.55 15.15
N LYS A 127 -3.20 -8.17 16.30
CA LYS A 127 -4.01 -7.92 17.49
C LYS A 127 -3.15 -7.45 18.65
N ARG A 128 -2.19 -6.58 18.35
CA ARG A 128 -1.29 -6.05 19.37
C ARG A 128 -0.38 -4.97 18.79
N THR A 129 -0.29 -3.84 19.48
CA THR A 129 0.54 -2.73 19.02
C THR A 129 1.37 -2.16 20.17
N ILE A 130 2.69 -2.20 20.02
CA ILE A 130 3.59 -1.69 21.04
C ILE A 130 4.50 -0.61 20.47
N SER A 131 3.93 0.31 19.72
CA SER A 131 4.69 1.40 19.11
C SER A 131 4.80 2.58 20.07
N ARG A 132 6.04 3.01 20.32
CA ARG A 132 6.29 4.12 21.22
C ARG A 132 7.16 5.19 20.54
N SER A 133 8.01 4.74 19.62
CA SER A 133 8.89 5.66 18.90
C SER A 133 9.43 5.01 17.64
N GLY A 134 9.38 5.74 16.53
CA GLY A 134 9.86 5.23 15.27
C GLY A 134 11.25 5.73 14.93
N PRO A 135 11.65 5.58 13.65
CA PRO A 135 12.96 6.01 13.17
C PRO A 135 13.09 7.52 13.13
N SER A 136 13.66 8.10 14.18
CA SER A 136 13.84 9.54 14.27
C SER A 136 15.17 9.96 13.67
N SER A 137 15.16 11.06 12.92
CA SER A 137 16.37 11.56 12.29
C SER A 137 16.17 12.98 11.78
N GLY A 138 17.24 13.58 11.29
CA GLY A 138 17.16 14.94 10.77
C GLY A 138 18.30 15.81 11.27
N GLY B 1 2.83 18.17 -22.81
CA GLY B 1 2.65 17.84 -21.41
C GLY B 1 2.22 16.41 -21.19
N GLU B 2 2.11 16.00 -19.93
CA GLU B 2 1.71 14.65 -19.59
C GLU B 2 0.73 14.64 -18.43
N ASP B 3 -0.26 13.76 -18.49
CA ASP B 3 -1.27 13.66 -17.44
C ASP B 3 -1.15 12.33 -16.70
N ASP B 4 -0.92 12.40 -15.39
CA ASP B 4 -0.78 11.20 -14.57
C ASP B 4 -1.85 11.18 -13.48
N GLY B 5 -2.87 10.36 -13.68
CA GLY B 5 -3.93 10.25 -12.69
C GLY B 5 -4.69 8.94 -12.80
N ASP B 6 -3.97 7.83 -12.62
CA ASP B 6 -4.58 6.50 -12.70
C ASP B 6 -5.00 6.02 -11.31
N PTR B 7 -4.28 6.46 -10.29
CA PTR B 7 -4.57 6.07 -8.92
C PTR B 7 -5.52 7.07 -8.26
O PTR B 7 -5.81 8.12 -8.81
CB PTR B 7 -3.28 5.97 -8.11
CG PTR B 7 -2.42 4.78 -8.49
CD1 PTR B 7 -1.97 4.61 -9.80
CD2 PTR B 7 -2.04 3.82 -7.55
CE1 PTR B 7 -1.19 3.54 -10.16
CE2 PTR B 7 -1.26 2.74 -7.90
CZ PTR B 7 -0.84 2.61 -9.20
OH PTR B 7 -0.06 1.52 -9.55
P PTR B 7 -0.14 0.75 -10.94
O1P PTR B 7 0.16 1.66 -12.06
O2P PTR B 7 0.84 -0.36 -10.96
O3P PTR B 7 -1.50 0.19 -11.13
H PTR B 7 -3.53 7.07 -10.46
HA PTR B 7 -5.05 5.10 -8.95
HB2 PTR B 7 -2.70 6.86 -8.26
HB3 PTR B 7 -3.52 5.86 -7.07
HD1 PTR B 7 -2.26 5.35 -10.55
HD2 PTR B 7 -2.38 3.94 -6.53
HE1 PTR B 7 -0.86 3.42 -11.18
HE2 PTR B 7 -0.98 2.02 -7.15
N GLU B 8 -6.00 6.72 -7.07
CA GLU B 8 -6.90 7.58 -6.33
C GLU B 8 -6.43 9.03 -6.36
N SER B 9 -7.37 9.96 -6.37
CA SER B 9 -7.05 11.39 -6.40
C SER B 9 -7.44 12.06 -5.08
N PRO B 10 -6.58 12.96 -4.60
CA PRO B 10 -6.81 13.69 -3.36
C PRO B 10 -7.93 14.71 -3.48
N ASN B 11 -8.46 15.16 -2.34
CA ASN B 11 -9.54 16.14 -2.33
C ASN B 11 -9.03 17.52 -2.72
N GLU B 12 -9.86 18.27 -3.44
CA GLU B 12 -9.50 19.61 -3.88
C GLU B 12 -9.86 20.65 -2.82
N GLU B 13 -11.05 20.52 -2.25
CA GLU B 13 -11.50 21.45 -1.22
C GLU B 13 -10.39 21.74 -0.21
N GLU B 14 -9.79 20.67 0.31
CA GLU B 14 -8.72 20.81 1.29
C GLU B 14 -7.56 21.61 0.72
N GLU B 15 -6.79 22.24 1.60
CA GLU B 15 -5.65 23.05 1.18
C GLU B 15 -4.65 22.21 0.39
N GLY A 1 -19.87 -9.07 -14.93
CA GLY A 1 -19.93 -10.52 -15.06
C GLY A 1 -20.16 -11.21 -13.73
N SER A 2 -21.42 -11.44 -13.39
CA SER A 2 -21.76 -12.10 -12.14
C SER A 2 -21.13 -13.47 -12.05
N SER A 3 -21.31 -14.28 -13.09
CA SER A 3 -20.74 -15.63 -13.13
C SER A 3 -19.52 -15.68 -14.04
N GLY A 4 -18.34 -15.53 -13.44
CA GLY A 4 -17.11 -15.57 -14.21
C GLY A 4 -15.89 -15.30 -13.36
N SER A 5 -14.81 -16.04 -13.60
CA SER A 5 -13.58 -15.88 -12.85
C SER A 5 -12.61 -14.97 -13.59
N SER A 6 -11.57 -14.52 -12.88
CA SER A 6 -10.56 -13.65 -13.48
C SER A 6 -9.37 -14.45 -14.00
N GLY A 7 -8.87 -15.35 -13.16
CA GLY A 7 -7.73 -16.17 -13.54
C GLY A 7 -6.71 -16.32 -12.43
N LYS A 8 -5.56 -16.88 -12.76
CA LYS A 8 -4.49 -17.08 -11.78
C LYS A 8 -3.13 -17.00 -12.44
N ALA A 9 -2.10 -16.72 -11.64
CA ALA A 9 -0.74 -16.64 -12.15
C ALA A 9 0.27 -16.84 -11.03
N GLU A 10 1.46 -17.32 -11.40
CA GLU A 10 2.52 -17.56 -10.42
C GLU A 10 3.86 -17.78 -11.11
N ALA A 11 4.91 -17.18 -10.56
CA ALA A 11 6.25 -17.30 -11.13
C ALA A 11 7.28 -16.65 -10.23
N GLU A 12 8.56 -16.81 -10.59
CA GLU A 12 9.65 -16.24 -9.81
C GLU A 12 9.36 -14.79 -9.44
N GLN A 13 10.15 -14.24 -8.52
CA GLN A 13 9.98 -12.86 -8.09
C GLN A 13 11.31 -12.14 -8.04
N ASN A 14 12.27 -12.70 -7.31
CA ASN A 14 13.60 -12.11 -7.18
C ASN A 14 14.69 -13.12 -7.52
N TRP A 15 15.85 -12.62 -7.93
CA TRP A 15 16.97 -13.49 -8.29
C TRP A 15 17.98 -13.56 -7.15
N TRP A 16 18.37 -12.40 -6.63
CA TRP A 16 19.33 -12.34 -5.54
C TRP A 16 19.00 -13.37 -4.46
N GLU A 17 19.92 -13.56 -3.54
CA GLU A 17 19.73 -14.52 -2.45
C GLU A 17 20.05 -13.88 -1.10
N GLY A 18 19.06 -13.21 -0.52
CA GLY A 18 19.24 -12.57 0.76
C GLY A 18 18.67 -11.17 0.80
N PRO A 19 17.33 -11.07 0.88
CA PRO A 19 16.63 -9.79 0.92
C PRO A 19 16.85 -9.05 2.23
N PRO A 20 17.46 -7.86 2.15
CA PRO A 20 17.75 -7.02 3.31
C PRO A 20 16.49 -6.44 3.94
N GLN A 21 16.02 -7.06 5.03
CA GLN A 21 14.83 -6.59 5.71
C GLN A 21 13.79 -6.08 4.72
N ASP A 22 13.64 -6.80 3.61
CA ASP A 22 12.67 -6.41 2.59
C ASP A 22 11.30 -6.15 3.19
N LEU A 23 10.40 -5.56 2.39
CA LEU A 23 9.06 -5.25 2.85
C LEU A 23 8.40 -6.49 3.47
N SER A 24 8.95 -7.66 3.15
CA SER A 24 8.40 -8.91 3.66
C SER A 24 8.28 -8.87 5.19
N VAL A 25 9.25 -8.22 5.84
CA VAL A 25 9.24 -8.11 7.29
C VAL A 25 7.91 -7.56 7.79
N HIS A 26 7.14 -6.95 6.88
CA HIS A 26 5.85 -6.39 7.24
C HIS A 26 4.73 -7.41 7.02
N LEU A 27 3.70 -7.34 7.85
CA LEU A 27 2.57 -8.27 7.74
C LEU A 27 1.90 -8.14 6.37
N TRP A 28 2.31 -7.13 5.61
CA TRP A 28 1.75 -6.91 4.28
C TRP A 28 2.85 -6.68 3.26
N TYR A 29 2.81 -7.44 2.18
CA TYR A 29 3.81 -7.33 1.12
C TYR A 29 3.20 -7.65 -0.24
N ALA A 30 3.69 -6.97 -1.28
CA ALA A 30 3.20 -7.19 -2.64
C ALA A 30 4.29 -6.88 -3.66
N GLY A 31 4.79 -7.93 -4.32
CA GLY A 31 5.82 -7.75 -5.32
C GLY A 31 5.35 -6.91 -6.49
N PRO A 32 6.00 -7.10 -7.65
CA PRO A 32 5.66 -6.35 -8.87
C PRO A 32 4.30 -6.75 -9.44
N MET A 33 3.60 -7.61 -8.71
CA MET A 33 2.28 -8.07 -9.15
C MET A 33 1.55 -6.97 -9.92
N GLU A 34 0.73 -7.38 -10.88
CA GLU A 34 -0.03 -6.43 -11.69
C GLU A 34 -1.33 -6.05 -11.00
N ARG A 35 -2.05 -5.10 -11.59
CA ARG A 35 -3.32 -4.63 -11.04
C ARG A 35 -4.27 -5.80 -10.83
N ALA A 36 -4.63 -6.47 -11.92
CA ALA A 36 -5.54 -7.61 -11.86
C ALA A 36 -5.10 -8.61 -10.80
N GLY A 37 -3.78 -8.72 -10.61
CA GLY A 37 -3.25 -9.65 -9.62
C GLY A 37 -3.50 -9.19 -8.20
N ALA A 38 -3.55 -7.87 -8.01
CA ALA A 38 -3.78 -7.30 -6.69
C ALA A 38 -5.25 -7.40 -6.29
N GLU A 39 -6.11 -6.73 -7.06
CA GLU A 39 -7.54 -6.74 -6.79
C GLU A 39 -8.00 -8.13 -6.32
N SER A 40 -7.68 -9.14 -7.12
CA SER A 40 -8.06 -10.52 -6.80
C SER A 40 -7.76 -10.83 -5.34
N ILE A 41 -6.53 -10.56 -4.92
CA ILE A 41 -6.12 -10.82 -3.55
C ILE A 41 -7.14 -10.26 -2.55
N LEU A 42 -7.19 -8.94 -2.46
CA LEU A 42 -8.13 -8.29 -1.54
C LEU A 42 -9.54 -8.81 -1.74
N ALA A 43 -9.83 -9.29 -2.95
CA ALA A 43 -11.14 -9.82 -3.27
C ALA A 43 -11.39 -11.14 -2.53
N ASN A 44 -10.58 -12.14 -2.84
CA ASN A 44 -10.71 -13.45 -2.20
C ASN A 44 -10.56 -13.34 -0.69
N ARG A 45 -9.54 -12.59 -0.26
CA ARG A 45 -9.29 -12.41 1.17
C ARG A 45 -10.57 -12.00 1.90
N SER A 46 -10.96 -10.74 1.74
CA SER A 46 -12.16 -10.23 2.39
C SER A 46 -12.45 -8.80 1.94
N ASP A 47 -13.48 -8.19 2.52
CA ASP A 47 -13.86 -6.84 2.18
C ASP A 47 -13.15 -5.83 3.08
N GLY A 48 -12.14 -5.16 2.55
CA GLY A 48 -11.40 -4.18 3.33
C GLY A 48 -9.91 -4.49 3.37
N THR A 49 -9.52 -5.59 2.74
CA THR A 49 -8.12 -5.99 2.72
C THR A 49 -7.27 -4.97 1.96
N PHE A 50 -5.96 -5.00 2.20
CA PHE A 50 -5.04 -4.09 1.54
C PHE A 50 -3.64 -4.69 1.44
N LEU A 51 -2.78 -4.05 0.67
CA LEU A 51 -1.41 -4.53 0.48
C LEU A 51 -0.52 -3.42 -0.06
N VAL A 52 0.76 -3.73 -0.21
CA VAL A 52 1.72 -2.76 -0.73
C VAL A 52 2.45 -3.30 -1.95
N ARG A 53 2.26 -2.64 -3.09
CA ARG A 53 2.90 -3.05 -4.34
C ARG A 53 4.01 -2.08 -4.72
N GLN A 54 4.88 -2.51 -5.65
CA GLN A 54 5.98 -1.69 -6.11
C GLN A 54 5.83 -1.34 -7.58
N ARG A 55 6.51 -0.28 -8.01
CA ARG A 55 6.45 0.16 -9.40
C ARG A 55 7.59 -0.47 -10.21
N VAL A 56 7.54 -0.25 -11.53
CA VAL A 56 8.56 -0.79 -12.42
C VAL A 56 9.43 0.33 -13.01
N LYS A 57 8.81 1.49 -13.23
CA LYS A 57 9.51 2.63 -13.77
C LYS A 57 10.72 3.00 -12.91
N ASP A 58 10.50 3.05 -11.60
CA ASP A 58 11.56 3.39 -10.67
C ASP A 58 11.44 2.57 -9.38
N ALA A 59 12.55 1.98 -8.96
CA ALA A 59 12.57 1.17 -7.74
C ALA A 59 12.08 1.97 -6.55
N ALA A 60 12.37 3.27 -6.54
CA ALA A 60 11.95 4.14 -5.45
C ALA A 60 10.48 4.52 -5.58
N GLU A 61 9.61 3.51 -5.61
CA GLU A 61 8.18 3.74 -5.73
C GLU A 61 7.39 2.61 -5.06
N PHE A 62 6.12 2.88 -4.76
CA PHE A 62 5.26 1.89 -4.12
C PHE A 62 3.80 2.27 -4.27
N ALA A 63 2.91 1.39 -3.82
CA ALA A 63 1.47 1.63 -3.90
C ALA A 63 0.72 0.87 -2.80
N ILE A 64 -0.52 1.27 -2.58
CA ILE A 64 -1.35 0.63 -1.56
C ILE A 64 -2.75 0.34 -2.08
N SER A 65 -2.99 -0.91 -2.47
CA SER A 65 -4.28 -1.31 -2.99
C SER A 65 -5.17 -1.88 -1.88
N ILE A 66 -6.46 -1.57 -1.94
CA ILE A 66 -7.41 -2.05 -0.94
C ILE A 66 -8.77 -2.29 -1.56
N LYS A 67 -9.46 -3.32 -1.08
CA LYS A 67 -10.79 -3.66 -1.58
C LYS A 67 -11.87 -2.98 -0.75
N TYR A 68 -12.84 -2.37 -1.42
CA TYR A 68 -13.93 -1.69 -0.74
C TYR A 68 -14.96 -1.18 -1.74
N ASN A 69 -16.24 -1.34 -1.42
CA ASN A 69 -17.32 -0.89 -2.29
C ASN A 69 -17.34 -1.69 -3.58
N VAL A 70 -17.36 -3.02 -3.46
CA VAL A 70 -17.37 -3.90 -4.61
C VAL A 70 -16.36 -3.46 -5.66
N GLU A 71 -15.32 -2.76 -5.20
CA GLU A 71 -14.27 -2.29 -6.11
C GLU A 71 -12.96 -2.11 -5.35
N VAL A 72 -11.87 -2.51 -5.99
CA VAL A 72 -10.54 -2.40 -5.38
C VAL A 72 -9.82 -1.15 -5.87
N LYS A 73 -9.49 -0.26 -4.94
CA LYS A 73 -8.80 0.98 -5.28
C LYS A 73 -7.29 0.83 -5.10
N HIS A 74 -6.53 1.79 -5.61
CA HIS A 74 -5.08 1.77 -5.50
C HIS A 74 -4.54 3.15 -5.16
N ILE A 75 -3.53 3.19 -4.29
CA ILE A 75 -2.92 4.44 -3.88
C ILE A 75 -1.42 4.47 -4.21
N LYS A 76 -1.04 5.37 -5.10
CA LYS A 76 0.36 5.49 -5.50
C LYS A 76 1.16 6.25 -4.44
N ILE A 77 2.39 5.81 -4.22
CA ILE A 77 3.26 6.45 -3.24
C ILE A 77 4.45 7.12 -3.91
N MET A 78 4.71 8.37 -3.54
CA MET A 78 5.83 9.12 -4.10
C MET A 78 6.98 9.20 -3.11
N THR A 79 8.20 9.27 -3.64
CA THR A 79 9.39 9.34 -2.80
C THR A 79 10.46 10.21 -3.45
N ALA A 80 11.02 11.14 -2.68
CA ALA A 80 12.06 12.03 -3.18
C ALA A 80 13.31 11.96 -2.30
N GLU A 81 13.15 12.27 -1.02
CA GLU A 81 14.26 12.25 -0.09
C GLU A 81 14.03 11.20 1.00
N GLY A 82 13.59 10.02 0.59
CA GLY A 82 13.34 8.95 1.54
C GLY A 82 12.09 9.18 2.36
N LEU A 83 11.10 9.85 1.78
CA LEU A 83 9.86 10.16 2.47
C LEU A 83 8.67 9.61 1.69
N TYR A 84 7.65 9.16 2.40
CA TYR A 84 6.44 8.62 1.78
C TYR A 84 5.24 9.51 2.06
N ARG A 85 4.61 10.00 1.00
CA ARG A 85 3.44 10.87 1.13
C ARG A 85 2.55 10.78 -0.11
N ILE A 86 1.25 10.80 0.11
CA ILE A 86 0.29 10.72 -0.99
C ILE A 86 -0.28 12.10 -1.32
N THR A 87 -0.06 13.06 -0.43
CA THR A 87 -0.55 14.41 -0.62
C THR A 87 0.39 15.43 0.02
N GLU A 88 0.80 16.42 -0.77
CA GLU A 88 1.71 17.45 -0.28
C GLU A 88 1.28 17.93 1.11
N LYS A 89 0.01 17.75 1.43
CA LYS A 89 -0.53 18.16 2.72
C LYS A 89 0.03 17.28 3.83
N LYS A 90 -0.07 15.97 3.66
CA LYS A 90 0.42 15.01 4.65
C LYS A 90 1.78 14.45 4.23
N ALA A 91 2.62 14.17 5.21
CA ALA A 91 3.94 13.61 4.94
C ALA A 91 4.40 12.70 6.08
N PHE A 92 4.93 11.54 5.72
CA PHE A 92 5.39 10.57 6.71
C PHE A 92 6.90 10.36 6.58
N ARG A 93 7.47 9.62 7.53
CA ARG A 93 8.90 9.34 7.52
C ARG A 93 9.19 7.98 6.89
N GLY A 94 8.25 7.05 7.04
CA GLY A 94 8.43 5.73 6.47
C GLY A 94 7.12 5.10 6.06
N LEU A 95 7.12 4.38 4.94
CA LEU A 95 5.93 3.73 4.42
C LEU A 95 5.17 3.04 5.55
N THR A 96 5.90 2.37 6.43
CA THR A 96 5.30 1.66 7.56
C THR A 96 4.23 2.52 8.23
N GLU A 97 4.67 3.57 8.92
CA GLU A 97 3.76 4.47 9.61
C GLU A 97 2.59 4.84 8.72
N LEU A 98 2.89 5.31 7.51
CA LEU A 98 1.86 5.71 6.56
C LEU A 98 0.73 4.68 6.52
N VAL A 99 1.09 3.41 6.64
CA VAL A 99 0.11 2.33 6.62
C VAL A 99 -0.46 2.09 8.01
N GLU A 100 0.43 1.99 9.00
CA GLU A 100 0.01 1.76 10.38
C GLU A 100 -0.76 2.95 10.93
N PHE A 101 -0.83 4.02 10.13
CA PHE A 101 -1.53 5.24 10.54
C PHE A 101 -2.94 5.25 9.97
N TYR A 102 -3.05 5.01 8.66
CA TYR A 102 -4.34 5.01 7.99
C TYR A 102 -5.33 4.08 8.71
N GLN A 103 -4.80 3.02 9.30
CA GLN A 103 -5.63 2.05 10.01
C GLN A 103 -6.37 2.72 11.17
N GLN A 104 -5.98 3.96 11.48
CA GLN A 104 -6.60 4.70 12.57
C GLN A 104 -7.33 5.93 12.03
N ASN A 105 -7.05 6.28 10.78
CA ASN A 105 -7.69 7.44 10.16
C ASN A 105 -8.25 7.07 8.79
N SER A 106 -9.57 7.04 8.69
CA SER A 106 -10.25 6.70 7.44
C SER A 106 -9.62 7.45 6.26
N LEU A 107 -9.37 6.73 5.18
CA LEU A 107 -8.77 7.32 3.99
C LEU A 107 -9.65 8.44 3.43
N LYS A 108 -10.91 8.46 3.88
CA LYS A 108 -11.86 9.47 3.42
C LYS A 108 -11.33 10.87 3.69
N ASP A 109 -10.40 10.99 4.63
CA ASP A 109 -9.81 12.27 4.98
C ASP A 109 -9.26 12.97 3.74
N CYS A 110 -8.80 12.17 2.78
CA CYS A 110 -8.24 12.72 1.55
C CYS A 110 -9.01 12.21 0.33
N PHE A 111 -9.23 10.90 0.28
CA PHE A 111 -9.97 10.29 -0.82
C PHE A 111 -11.45 10.20 -0.51
N LYS A 112 -12.18 11.26 -0.78
CA LYS A 112 -13.62 11.31 -0.53
C LYS A 112 -14.29 10.02 -0.99
N SER A 113 -13.87 9.53 -2.16
CA SER A 113 -14.43 8.31 -2.71
C SER A 113 -14.27 7.14 -1.75
N LEU A 114 -13.03 6.90 -1.31
CA LEU A 114 -12.74 5.82 -0.38
C LEU A 114 -13.08 6.22 1.05
N ASP A 115 -14.24 5.77 1.52
CA ASP A 115 -14.68 6.08 2.87
C ASP A 115 -14.34 4.94 3.83
N THR A 116 -13.21 4.29 3.58
CA THR A 116 -12.76 3.18 4.42
C THR A 116 -11.25 3.22 4.63
N THR A 117 -10.79 2.59 5.70
CA THR A 117 -9.36 2.55 6.01
C THR A 117 -8.84 1.11 6.02
N LEU A 118 -7.53 0.97 5.88
CA LEU A 118 -6.91 -0.35 5.88
C LEU A 118 -7.51 -1.24 6.97
N GLN A 119 -8.26 -2.25 6.54
CA GLN A 119 -8.89 -3.17 7.48
C GLN A 119 -7.98 -4.36 7.78
N PHE A 120 -7.50 -5.00 6.72
CA PHE A 120 -6.61 -6.14 6.87
C PHE A 120 -5.53 -6.15 5.79
N PRO A 121 -4.29 -6.48 6.19
CA PRO A 121 -3.15 -6.52 5.27
C PRO A 121 -3.25 -7.68 4.28
N PHE A 122 -2.15 -7.95 3.60
CA PHE A 122 -2.10 -9.04 2.62
C PHE A 122 -2.12 -10.40 3.30
N LYS A 123 -1.22 -10.59 4.26
CA LYS A 123 -1.14 -11.84 4.99
C LYS A 123 -2.35 -12.02 5.91
N GLU A 124 -2.40 -11.21 6.96
CA GLU A 124 -3.50 -11.28 7.91
C GLU A 124 -3.41 -10.16 8.95
N PRO A 125 -4.56 -9.72 9.46
CA PRO A 125 -4.63 -8.66 10.46
C PRO A 125 -4.07 -9.10 11.82
N GLU A 126 -3.43 -8.16 12.52
CA GLU A 126 -2.84 -8.46 13.82
C GLU A 126 -2.78 -7.20 14.68
N LYS A 127 -2.57 -7.39 15.98
CA LYS A 127 -2.48 -6.26 16.91
C LYS A 127 -1.47 -6.56 18.02
N ARG A 128 -1.18 -5.55 18.83
CA ARG A 128 -0.23 -5.70 19.93
C ARG A 128 -0.51 -4.67 21.03
N THR A 129 -0.58 -5.16 22.27
CA THR A 129 -0.85 -4.28 23.41
C THR A 129 0.41 -4.07 24.23
N ILE A 130 1.54 -3.87 23.54
CA ILE A 130 2.81 -3.65 24.22
C ILE A 130 2.69 -2.55 25.28
N SER A 131 1.89 -1.53 24.97
CA SER A 131 1.68 -0.42 25.91
C SER A 131 0.31 0.21 25.71
N ARG A 132 -0.14 0.98 26.69
CA ARG A 132 -1.43 1.64 26.63
C ARG A 132 -1.31 3.04 26.04
N SER A 133 -0.37 3.81 26.57
CA SER A 133 -0.15 5.17 26.11
C SER A 133 1.32 5.57 26.25
N GLY A 134 1.85 6.26 25.24
CA GLY A 134 3.23 6.69 25.27
C GLY A 134 3.52 7.80 24.28
N PRO A 135 3.87 8.98 24.79
CA PRO A 135 4.17 10.15 23.96
C PRO A 135 5.48 9.99 23.21
N SER A 136 5.65 10.77 22.14
CA SER A 136 6.87 10.71 21.33
C SER A 136 7.80 11.89 21.66
N SER A 137 9.09 11.68 21.46
CA SER A 137 10.08 12.70 21.73
C SER A 137 10.59 13.33 20.44
N GLY A 138 10.89 12.48 19.47
CA GLY A 138 11.38 12.97 18.19
C GLY A 138 11.87 11.84 17.29
N GLY B 1 3.94 15.09 -18.54
CA GLY B 1 3.24 15.42 -19.77
C GLY B 1 1.75 15.57 -19.57
N GLU B 2 1.07 14.45 -19.32
CA GLU B 2 -0.37 14.46 -19.11
C GLU B 2 -0.74 13.81 -17.79
N ASP B 3 -1.91 14.14 -17.27
CA ASP B 3 -2.37 13.58 -16.01
C ASP B 3 -3.41 12.48 -16.25
N ASP B 4 -3.05 11.25 -15.88
CA ASP B 4 -3.94 10.11 -16.05
C ASP B 4 -4.90 9.99 -14.89
N GLY B 5 -4.39 10.17 -13.67
CA GLY B 5 -5.23 10.08 -12.49
C GLY B 5 -6.06 8.81 -12.47
N ASP B 6 -5.39 7.67 -12.37
CA ASP B 6 -6.07 6.38 -12.34
C ASP B 6 -6.29 5.91 -10.90
N PTR B 7 -5.30 6.15 -10.05
CA PTR B 7 -5.37 5.75 -8.65
C PTR B 7 -6.25 6.72 -7.85
O PTR B 7 -6.71 7.73 -8.38
CB PTR B 7 -3.97 5.69 -8.04
CG PTR B 7 -3.15 4.51 -8.50
CD1 PTR B 7 -2.57 3.64 -7.58
CD2 PTR B 7 -2.96 4.26 -9.86
CE1 PTR B 7 -1.83 2.55 -8.00
CE2 PTR B 7 -2.22 3.17 -10.28
CZ PTR B 7 -1.66 2.33 -9.36
OH PTR B 7 -0.91 1.25 -9.78
P PTR B 7 -1.20 0.40 -11.10
O1P PTR B 7 -2.62 -0.02 -11.13
O2P PTR B 7 -0.91 1.20 -12.30
O3P PTR B 7 -0.35 -0.81 -11.12
H PTR B 7 -4.49 6.60 -10.38
HA PTR B 7 -5.81 4.76 -8.61
HB2 PTR B 7 -3.44 6.59 -8.30
HB3 PTR B 7 -4.06 5.63 -6.96
HD1 PTR B 7 -2.71 3.82 -6.53
HD2 PTR B 7 -3.41 4.92 -10.58
HE1 PTR B 7 -1.38 1.89 -7.28
HE2 PTR B 7 -2.08 3.00 -11.34
N GLU B 8 -6.47 6.39 -6.59
CA GLU B 8 -7.29 7.23 -5.71
C GLU B 8 -6.98 8.71 -5.94
N SER B 9 -7.87 9.58 -5.46
CA SER B 9 -7.69 11.01 -5.62
C SER B 9 -8.01 11.74 -4.30
N PRO B 10 -7.11 12.67 -3.92
CA PRO B 10 -7.27 13.45 -2.69
C PRO B 10 -8.42 14.44 -2.77
N ASN B 11 -8.66 15.15 -1.67
CA ASN B 11 -9.74 16.14 -1.63
C ASN B 11 -9.22 17.52 -2.02
N GLU B 12 -9.83 18.11 -3.05
CA GLU B 12 -9.43 19.42 -3.52
C GLU B 12 -10.13 20.52 -2.72
N GLU B 13 -11.36 20.23 -2.28
CA GLU B 13 -12.13 21.20 -1.51
C GLU B 13 -11.48 21.47 -0.16
N GLU B 14 -11.47 20.46 0.71
CA GLU B 14 -10.88 20.59 2.03
C GLU B 14 -9.54 21.33 1.95
N GLU B 15 -9.50 22.53 2.53
CA GLU B 15 -8.29 23.33 2.52
C GLU B 15 -7.12 22.56 3.13
N GLY A 1 -5.98 -8.70 -22.33
CA GLY A 1 -5.80 -7.99 -21.07
C GLY A 1 -6.86 -8.35 -20.04
N SER A 2 -8.12 -8.02 -20.35
CA SER A 2 -9.21 -8.30 -19.43
C SER A 2 -9.28 -9.79 -19.12
N SER A 3 -9.79 -10.12 -17.93
CA SER A 3 -9.90 -11.51 -17.50
C SER A 3 -11.37 -11.94 -17.46
N GLY A 4 -11.59 -13.23 -17.20
CA GLY A 4 -12.95 -13.75 -17.13
C GLY A 4 -13.00 -15.24 -17.36
N SER A 5 -14.04 -15.69 -18.06
CA SER A 5 -14.21 -17.11 -18.33
C SER A 5 -12.89 -17.75 -18.76
N SER A 6 -12.41 -18.69 -17.95
CA SER A 6 -11.14 -19.37 -18.24
C SER A 6 -10.00 -18.37 -18.34
N GLY A 7 -9.98 -17.40 -17.43
CA GLY A 7 -8.94 -16.40 -17.43
C GLY A 7 -8.14 -16.40 -16.14
N LYS A 8 -6.97 -17.04 -16.17
CA LYS A 8 -6.11 -17.11 -14.99
C LYS A 8 -4.66 -16.86 -15.37
N ALA A 9 -3.84 -16.55 -14.38
CA ALA A 9 -2.42 -16.29 -14.60
C ALA A 9 -1.55 -17.35 -13.94
N GLU A 10 -0.56 -17.85 -14.68
CA GLU A 10 0.34 -18.88 -14.16
C GLU A 10 1.73 -18.72 -14.76
N ALA A 11 2.71 -19.41 -14.17
CA ALA A 11 4.08 -19.36 -14.64
C ALA A 11 4.92 -20.48 -14.04
N GLU A 12 5.86 -21.01 -14.82
CA GLU A 12 6.71 -22.09 -14.36
C GLU A 12 8.19 -21.69 -14.48
N GLN A 13 8.79 -21.29 -13.36
CA GLN A 13 10.18 -20.90 -13.34
C GLN A 13 10.72 -20.86 -11.91
N ASN A 14 12.00 -20.54 -11.77
CA ASN A 14 12.64 -20.47 -10.46
C ASN A 14 11.70 -19.83 -9.44
N TRP A 15 11.40 -20.57 -8.37
CA TRP A 15 10.52 -20.08 -7.32
C TRP A 15 11.25 -19.99 -5.99
N TRP A 16 12.55 -19.70 -6.06
CA TRP A 16 13.37 -19.59 -4.86
C TRP A 16 14.00 -18.21 -4.76
N GLU A 17 13.73 -17.51 -3.66
CA GLU A 17 14.27 -16.17 -3.46
C GLU A 17 14.34 -15.84 -1.96
N GLY A 18 15.55 -15.87 -1.41
CA GLY A 18 15.73 -15.57 -0.01
C GLY A 18 16.55 -14.32 0.22
N PRO A 19 16.02 -13.18 -0.23
CA PRO A 19 16.69 -11.88 -0.08
C PRO A 19 16.74 -11.41 1.36
N PRO A 20 17.60 -10.42 1.64
CA PRO A 20 17.76 -9.86 2.99
C PRO A 20 16.53 -9.05 3.42
N GLN A 21 16.69 -8.28 4.50
CA GLN A 21 15.60 -7.47 5.02
C GLN A 21 14.76 -6.90 3.88
N ASP A 22 13.51 -7.38 3.79
CA ASP A 22 12.59 -6.92 2.75
C ASP A 22 11.22 -6.61 3.34
N LEU A 23 10.42 -5.86 2.59
CA LEU A 23 9.08 -5.49 3.04
C LEU A 23 8.36 -6.69 3.63
N SER A 24 8.80 -7.89 3.25
CA SER A 24 8.19 -9.12 3.75
C SER A 24 7.98 -9.05 5.26
N VAL A 25 8.98 -8.55 5.97
CA VAL A 25 8.91 -8.42 7.42
C VAL A 25 7.54 -7.90 7.86
N HIS A 26 7.01 -6.95 7.11
CA HIS A 26 5.71 -6.36 7.41
C HIS A 26 4.59 -7.38 7.18
N LEU A 27 3.50 -7.22 7.91
CA LEU A 27 2.36 -8.13 7.79
C LEU A 27 1.71 -7.99 6.42
N TRP A 28 2.21 -7.06 5.61
CA TRP A 28 1.68 -6.84 4.28
C TRP A 28 2.82 -6.62 3.26
N TYR A 29 2.79 -7.38 2.19
CA TYR A 29 3.82 -7.28 1.15
C TYR A 29 3.24 -7.63 -0.21
N ALA A 30 3.73 -6.95 -1.25
CA ALA A 30 3.27 -7.20 -2.62
C ALA A 30 4.34 -6.81 -3.63
N GLY A 31 4.93 -7.81 -4.27
CA GLY A 31 5.95 -7.55 -5.26
C GLY A 31 5.44 -6.73 -6.43
N PRO A 32 6.10 -6.88 -7.60
CA PRO A 32 5.73 -6.16 -8.81
C PRO A 32 4.39 -6.64 -9.38
N MET A 33 3.73 -7.53 -8.66
CA MET A 33 2.45 -8.07 -9.10
C MET A 33 1.68 -7.04 -9.92
N GLU A 34 0.97 -7.52 -10.94
CA GLU A 34 0.18 -6.64 -11.80
C GLU A 34 -1.11 -6.23 -11.12
N ARG A 35 -1.71 -5.14 -11.60
CA ARG A 35 -2.96 -4.64 -11.04
C ARG A 35 -3.93 -5.79 -10.76
N ALA A 36 -4.33 -6.49 -11.83
CA ALA A 36 -5.24 -7.61 -11.71
C ALA A 36 -4.82 -8.55 -10.58
N GLY A 37 -3.52 -8.64 -10.35
CA GLY A 37 -3.01 -9.51 -9.30
C GLY A 37 -3.45 -9.05 -7.91
N ALA A 38 -3.55 -7.74 -7.73
CA ALA A 38 -3.96 -7.19 -6.46
C ALA A 38 -5.46 -7.32 -6.24
N GLU A 39 -6.24 -6.70 -7.13
CA GLU A 39 -7.69 -6.75 -7.05
C GLU A 39 -8.16 -8.13 -6.59
N SER A 40 -7.78 -9.16 -7.34
CA SER A 40 -8.17 -10.52 -7.02
C SER A 40 -7.88 -10.83 -5.56
N ILE A 41 -6.68 -10.47 -5.10
CA ILE A 41 -6.27 -10.71 -3.72
C ILE A 41 -7.27 -10.10 -2.75
N LEU A 42 -7.26 -8.78 -2.67
CA LEU A 42 -8.17 -8.06 -1.77
C LEU A 42 -9.60 -8.55 -1.94
N ALA A 43 -9.86 -9.22 -3.05
CA ALA A 43 -11.20 -9.74 -3.33
C ALA A 43 -11.43 -11.07 -2.63
N ASN A 44 -10.64 -12.08 -2.99
CA ASN A 44 -10.76 -13.39 -2.39
C ASN A 44 -10.48 -13.34 -0.89
N ARG A 45 -9.70 -12.35 -0.47
CA ARG A 45 -9.35 -12.19 0.93
C ARG A 45 -10.57 -11.79 1.75
N SER A 46 -10.97 -10.53 1.63
CA SER A 46 -12.12 -10.02 2.37
C SER A 46 -12.43 -8.59 1.99
N ASP A 47 -13.58 -8.09 2.44
CA ASP A 47 -13.98 -6.72 2.14
C ASP A 47 -13.27 -5.73 3.06
N GLY A 48 -12.19 -5.13 2.56
CA GLY A 48 -11.44 -4.18 3.35
C GLY A 48 -9.96 -4.52 3.41
N THR A 49 -9.55 -5.54 2.67
CA THR A 49 -8.16 -5.97 2.64
C THR A 49 -7.30 -4.98 1.86
N PHE A 50 -6.02 -4.93 2.19
CA PHE A 50 -5.08 -4.03 1.53
C PHE A 50 -3.68 -4.63 1.47
N LEU A 51 -2.81 -4.00 0.70
CA LEU A 51 -1.44 -4.48 0.55
C LEU A 51 -0.54 -3.38 -0.02
N VAL A 52 0.75 -3.68 -0.15
CA VAL A 52 1.71 -2.73 -0.69
C VAL A 52 2.39 -3.29 -1.93
N ARG A 53 2.20 -2.62 -3.06
CA ARG A 53 2.80 -3.04 -4.32
C ARG A 53 3.98 -2.15 -4.69
N GLN A 54 4.73 -2.56 -5.71
CA GLN A 54 5.89 -1.79 -6.16
C GLN A 54 5.83 -1.55 -7.66
N ARG A 55 6.55 -0.54 -8.13
CA ARG A 55 6.58 -0.20 -9.55
C ARG A 55 7.79 -0.83 -10.23
N VAL A 56 7.65 -1.15 -11.52
CA VAL A 56 8.73 -1.75 -12.28
C VAL A 56 9.65 -0.68 -12.87
N LYS A 57 9.06 0.39 -13.36
CA LYS A 57 9.82 1.49 -13.94
C LYS A 57 11.02 1.83 -13.09
N ASP A 58 10.79 2.07 -11.80
CA ASP A 58 11.86 2.41 -10.87
C ASP A 58 11.58 1.82 -9.49
N ALA A 59 12.62 1.28 -8.87
CA ALA A 59 12.50 0.68 -7.55
C ALA A 59 12.52 1.74 -6.45
N ALA A 60 11.85 2.86 -6.70
CA ALA A 60 11.79 3.96 -5.75
C ALA A 60 10.37 4.48 -5.58
N GLU A 61 9.41 3.56 -5.51
CA GLU A 61 8.01 3.92 -5.36
C GLU A 61 7.20 2.77 -4.76
N PHE A 62 5.93 3.02 -4.48
CA PHE A 62 5.05 2.00 -3.91
C PHE A 62 3.59 2.39 -4.10
N ALA A 63 2.70 1.49 -3.69
CA ALA A 63 1.26 1.73 -3.80
C ALA A 63 0.48 0.94 -2.75
N ILE A 64 -0.77 1.31 -2.55
CA ILE A 64 -1.62 0.64 -1.58
C ILE A 64 -2.99 0.32 -2.17
N SER A 65 -3.18 -0.93 -2.57
CA SER A 65 -4.44 -1.37 -3.15
C SER A 65 -5.33 -2.02 -2.10
N ILE A 66 -6.60 -1.60 -2.05
CA ILE A 66 -7.54 -2.13 -1.09
C ILE A 66 -8.90 -2.38 -1.74
N LYS A 67 -9.57 -3.45 -1.33
CA LYS A 67 -10.88 -3.79 -1.87
C LYS A 67 -11.99 -3.12 -1.06
N TYR A 68 -12.88 -2.42 -1.76
CA TYR A 68 -13.99 -1.74 -1.11
C TYR A 68 -15.07 -1.35 -2.12
N ASN A 69 -16.33 -1.56 -1.75
CA ASN A 69 -17.45 -1.24 -2.62
C ASN A 69 -17.40 -2.07 -3.90
N VAL A 70 -17.30 -3.39 -3.74
CA VAL A 70 -17.24 -4.29 -4.88
C VAL A 70 -16.26 -3.80 -5.93
N GLU A 71 -15.28 -3.01 -5.49
CA GLU A 71 -14.28 -2.47 -6.41
C GLU A 71 -12.95 -2.25 -5.68
N VAL A 72 -11.86 -2.70 -6.29
CA VAL A 72 -10.54 -2.55 -5.71
C VAL A 72 -9.87 -1.28 -6.19
N LYS A 73 -9.57 -0.39 -5.25
CA LYS A 73 -8.92 0.87 -5.57
C LYS A 73 -7.41 0.77 -5.42
N HIS A 74 -6.69 1.80 -5.84
CA HIS A 74 -5.23 1.83 -5.74
C HIS A 74 -4.72 3.25 -5.55
N ILE A 75 -3.73 3.40 -4.67
CA ILE A 75 -3.15 4.71 -4.40
C ILE A 75 -1.66 4.74 -4.72
N LYS A 76 -1.24 5.75 -5.47
CA LYS A 76 0.16 5.89 -5.85
C LYS A 76 0.95 6.60 -4.75
N ILE A 77 2.14 6.09 -4.46
CA ILE A 77 2.99 6.67 -3.43
C ILE A 77 4.20 7.36 -4.06
N MET A 78 4.47 8.59 -3.62
CA MET A 78 5.59 9.36 -4.13
C MET A 78 6.74 9.39 -3.13
N THR A 79 7.95 9.58 -3.62
CA THR A 79 9.13 9.62 -2.76
C THR A 79 10.21 10.51 -3.36
N ALA A 80 10.81 11.36 -2.53
CA ALA A 80 11.87 12.25 -2.98
C ALA A 80 13.13 12.08 -2.14
N GLU A 81 13.05 12.49 -0.88
CA GLU A 81 14.18 12.39 0.03
C GLU A 81 13.93 11.34 1.10
N GLY A 82 13.50 10.15 0.67
CA GLY A 82 13.22 9.08 1.61
C GLY A 82 11.95 9.31 2.40
N LEU A 83 11.02 10.06 1.81
CA LEU A 83 9.75 10.35 2.46
C LEU A 83 8.58 9.77 1.68
N TYR A 84 7.55 9.33 2.40
CA TYR A 84 6.36 8.76 1.76
C TYR A 84 5.13 9.60 2.06
N ARG A 85 4.45 10.03 1.01
CA ARG A 85 3.25 10.84 1.15
C ARG A 85 2.41 10.82 -0.13
N ILE A 86 1.10 10.73 0.04
CA ILE A 86 0.19 10.70 -1.11
C ILE A 86 -0.46 12.06 -1.33
N THR A 87 -0.33 12.95 -0.35
CA THR A 87 -0.90 14.28 -0.44
C THR A 87 -0.05 15.29 0.32
N GLU A 88 0.35 16.36 -0.36
CA GLU A 88 1.16 17.40 0.26
C GLU A 88 0.62 17.76 1.64
N LYS A 89 -0.68 17.59 1.83
CA LYS A 89 -1.32 17.89 3.11
C LYS A 89 -0.66 17.11 4.24
N LYS A 90 -0.59 15.79 4.07
CA LYS A 90 0.03 14.93 5.08
C LYS A 90 1.30 14.30 4.56
N ALA A 91 2.31 14.21 5.43
CA ALA A 91 3.60 13.62 5.05
C ALA A 91 4.11 12.68 6.14
N PHE A 92 4.72 11.57 5.73
CA PHE A 92 5.25 10.60 6.67
C PHE A 92 6.75 10.38 6.43
N ARG A 93 7.38 9.69 7.37
CA ARG A 93 8.82 9.41 7.26
C ARG A 93 9.06 8.13 6.46
N GLY A 94 8.34 7.07 6.83
CA GLY A 94 8.50 5.80 6.13
C GLY A 94 7.17 5.18 5.75
N LEU A 95 7.17 4.37 4.69
CA LEU A 95 5.96 3.71 4.23
C LEU A 95 5.25 3.01 5.38
N THR A 96 6.03 2.34 6.24
CA THR A 96 5.47 1.63 7.38
C THR A 96 4.49 2.50 8.15
N GLU A 97 4.98 3.61 8.70
CA GLU A 97 4.14 4.52 9.45
C GLU A 97 2.91 4.92 8.65
N LEU A 98 3.13 5.42 7.44
CA LEU A 98 2.04 5.85 6.57
C LEU A 98 0.90 4.84 6.60
N VAL A 99 1.25 3.55 6.64
CA VAL A 99 0.25 2.49 6.67
C VAL A 99 -0.27 2.28 8.08
N GLU A 100 0.65 2.20 9.05
CA GLU A 100 0.27 2.00 10.44
C GLU A 100 -0.51 3.19 10.97
N PHE A 101 -0.63 4.24 10.15
CA PHE A 101 -1.36 5.43 10.53
C PHE A 101 -2.79 5.40 10.02
N TYR A 102 -2.95 5.06 8.74
CA TYR A 102 -4.27 5.00 8.12
C TYR A 102 -5.20 4.08 8.91
N GLN A 103 -4.67 2.93 9.33
CA GLN A 103 -5.46 1.98 10.10
C GLN A 103 -6.26 2.68 11.19
N GLN A 104 -5.81 3.87 11.58
CA GLN A 104 -6.49 4.65 12.61
C GLN A 104 -7.24 5.83 11.99
N ASN A 105 -6.73 6.33 10.87
CA ASN A 105 -7.35 7.46 10.19
C ASN A 105 -7.98 7.03 8.86
N SER A 106 -9.30 7.07 8.80
CA SER A 106 -10.02 6.68 7.60
C SER A 106 -9.41 7.34 6.36
N LEU A 107 -9.17 6.54 5.33
CA LEU A 107 -8.59 7.04 4.09
C LEU A 107 -9.39 8.23 3.57
N LYS A 108 -10.61 8.39 4.07
CA LYS A 108 -11.47 9.49 3.65
C LYS A 108 -10.85 10.84 4.01
N ASP A 109 -9.95 10.84 4.98
CA ASP A 109 -9.28 12.06 5.41
C ASP A 109 -8.65 12.77 4.22
N CYS A 110 -8.03 12.00 3.34
CA CYS A 110 -7.38 12.55 2.16
C CYS A 110 -8.27 12.41 0.92
N PHE A 111 -8.62 11.17 0.59
CA PHE A 111 -9.46 10.90 -0.56
C PHE A 111 -10.93 11.03 -0.20
N LYS A 112 -11.79 11.04 -1.22
CA LYS A 112 -13.23 11.16 -1.00
C LYS A 112 -13.91 9.80 -1.13
N SER A 113 -13.77 9.18 -2.30
CA SER A 113 -14.37 7.87 -2.55
C SER A 113 -14.10 6.91 -1.40
N LEU A 114 -12.82 6.75 -1.06
CA LEU A 114 -12.41 5.86 0.02
C LEU A 114 -12.93 6.38 1.36
N ASP A 115 -13.99 5.75 1.87
CA ASP A 115 -14.56 6.14 3.15
C ASP A 115 -14.17 5.16 4.25
N THR A 116 -13.17 4.33 3.97
CA THR A 116 -12.71 3.33 4.93
C THR A 116 -11.17 3.28 4.96
N THR A 117 -10.63 2.81 6.08
CA THR A 117 -9.19 2.71 6.25
C THR A 117 -8.73 1.26 6.20
N LEU A 118 -7.43 1.05 6.06
CA LEU A 118 -6.86 -0.29 6.01
C LEU A 118 -7.45 -1.17 7.10
N GLN A 119 -8.24 -2.17 6.68
CA GLN A 119 -8.86 -3.08 7.62
C GLN A 119 -7.97 -4.30 7.88
N PHE A 120 -7.54 -4.95 6.79
CA PHE A 120 -6.69 -6.12 6.89
C PHE A 120 -5.61 -6.10 5.81
N PRO A 121 -4.36 -6.41 6.22
CA PRO A 121 -3.22 -6.43 5.30
C PRO A 121 -3.29 -7.60 4.32
N PHE A 122 -2.30 -7.68 3.44
CA PHE A 122 -2.25 -8.74 2.44
C PHE A 122 -2.21 -10.11 3.11
N LYS A 123 -1.31 -10.26 4.08
CA LYS A 123 -1.17 -11.52 4.81
C LYS A 123 -2.35 -11.75 5.75
N GLU A 124 -2.42 -10.95 6.81
CA GLU A 124 -3.50 -11.07 7.78
C GLU A 124 -3.38 -9.98 8.85
N PRO A 125 -4.53 -9.60 9.43
CA PRO A 125 -4.59 -8.57 10.47
C PRO A 125 -3.96 -9.04 11.78
N GLU A 126 -3.22 -8.14 12.43
CA GLU A 126 -2.57 -8.46 13.70
C GLU A 126 -3.51 -8.22 14.87
N LYS A 127 -3.14 -8.74 16.04
CA LYS A 127 -3.94 -8.57 17.24
C LYS A 127 -3.26 -7.63 18.23
N ARG A 128 -4.05 -6.77 18.86
CA ARG A 128 -3.52 -5.82 19.83
C ARG A 128 -4.65 -5.03 20.49
N THR A 129 -4.40 -4.55 21.70
CA THR A 129 -5.40 -3.80 22.44
C THR A 129 -4.75 -2.65 23.22
N ILE A 130 -5.42 -1.51 23.24
CA ILE A 130 -4.92 -0.33 23.94
C ILE A 130 -5.93 0.80 23.92
N SER A 131 -5.99 1.56 25.01
CA SER A 131 -6.91 2.68 25.12
C SER A 131 -6.17 4.01 25.02
N ARG A 132 -5.29 4.27 25.98
CA ARG A 132 -4.52 5.50 26.00
C ARG A 132 -3.72 5.66 24.71
N SER A 133 -3.67 6.88 24.20
CA SER A 133 -2.95 7.17 22.96
C SER A 133 -1.57 7.74 23.28
N GLY A 134 -0.89 7.14 24.25
CA GLY A 134 0.43 7.60 24.63
C GLY A 134 0.43 9.03 25.14
N PRO A 135 1.58 9.71 25.01
CA PRO A 135 1.73 11.10 25.45
C PRO A 135 0.94 12.07 24.59
N SER A 136 1.00 13.35 24.93
CA SER A 136 0.29 14.39 24.20
C SER A 136 1.23 15.54 23.83
N SER A 137 2.21 15.79 24.69
CA SER A 137 3.16 16.87 24.46
C SER A 137 4.51 16.31 24.00
N GLY A 138 4.81 16.48 22.71
CA GLY A 138 6.05 15.99 22.17
C GLY A 138 5.87 15.25 20.87
N GLY B 1 1.78 4.56 -20.77
CA GLY B 1 3.00 5.16 -20.25
C GLY B 1 2.83 5.71 -18.85
N GLU B 2 3.30 6.93 -18.62
CA GLU B 2 3.20 7.56 -17.32
C GLU B 2 1.89 8.33 -17.18
N ASP B 3 0.88 7.68 -16.61
CA ASP B 3 -0.42 8.31 -16.43
C ASP B 3 -0.60 8.78 -14.98
N ASP B 4 -0.12 9.98 -14.69
CA ASP B 4 -0.22 10.53 -13.35
C ASP B 4 -1.61 10.29 -12.76
N GLY B 5 -2.64 10.72 -13.49
CA GLY B 5 -4.00 10.54 -13.03
C GLY B 5 -4.54 9.16 -13.31
N ASP B 6 -4.08 8.19 -12.53
CA ASP B 6 -4.52 6.80 -12.70
C ASP B 6 -5.05 6.23 -11.39
N PTR B 7 -4.35 6.51 -10.30
CA PTR B 7 -4.75 6.03 -8.98
C PTR B 7 -5.80 6.94 -8.37
O PTR B 7 -6.23 7.92 -8.98
CB PTR B 7 -3.53 5.94 -8.06
CG PTR B 7 -2.50 4.93 -8.50
CD1 PTR B 7 -2.24 3.79 -7.74
CD2 PTR B 7 -1.80 5.10 -9.68
CE1 PTR B 7 -1.31 2.86 -8.15
CE2 PTR B 7 -0.86 4.16 -10.10
CZ PTR B 7 -0.62 3.05 -9.32
OH PTR B 7 0.32 2.12 -9.73
P PTR B 7 1.84 2.45 -10.06
O1P PTR B 7 2.23 3.75 -9.47
O2P PTR B 7 2.72 1.40 -9.50
O3P PTR B 7 2.04 2.51 -11.53
H PTR B 7 -3.53 7.06 -10.38
HA PTR B 7 -5.17 5.05 -9.11
HB2 PTR B 7 -3.05 6.90 -8.02
HB3 PTR B 7 -3.86 5.67 -7.07
HD1 PTR B 7 -2.79 3.65 -6.82
HD2 PTR B 7 -1.98 5.97 -10.29
HE1 PTR B 7 -1.12 1.98 -7.54
HE2 PTR B 7 -0.31 4.32 -11.02
N GLU B 8 -6.22 6.61 -7.14
CA GLU B 8 -7.23 7.40 -6.44
C GLU B 8 -6.82 8.87 -6.38
N SER B 9 -7.80 9.75 -6.52
CA SER B 9 -7.55 11.18 -6.48
C SER B 9 -7.92 11.78 -5.13
N PRO B 10 -7.04 12.63 -4.59
CA PRO B 10 -7.25 13.28 -3.29
C PRO B 10 -8.39 14.31 -3.33
N ASN B 11 -8.99 14.56 -2.17
CA ASN B 11 -10.09 15.52 -2.07
C ASN B 11 -9.67 16.87 -2.66
N GLU B 12 -10.52 17.42 -3.51
CA GLU B 12 -10.26 18.71 -4.13
C GLU B 12 -9.61 19.67 -3.13
N GLU B 13 -10.29 19.90 -2.02
CA GLU B 13 -9.79 20.80 -0.99
C GLU B 13 -8.27 20.67 -0.83
N GLU B 14 -7.80 19.43 -0.81
CA GLU B 14 -6.38 19.15 -0.67
C GLU B 14 -5.57 19.88 -1.74
N GLU B 15 -5.05 21.05 -1.41
CA GLU B 15 -4.27 21.84 -2.36
C GLU B 15 -2.81 21.93 -1.91
N GLY A 1 20.98 5.40 -12.43
CA GLY A 1 21.21 4.14 -13.09
C GLY A 1 21.09 4.23 -14.59
N SER A 2 19.99 4.83 -15.07
CA SER A 2 19.76 4.99 -16.49
C SER A 2 19.79 3.64 -17.20
N SER A 3 19.14 2.64 -16.58
CA SER A 3 19.09 1.30 -17.14
C SER A 3 17.92 0.51 -16.54
N GLY A 4 17.36 -0.38 -17.34
CA GLY A 4 16.24 -1.19 -16.88
C GLY A 4 15.67 -2.06 -17.97
N SER A 5 15.94 -3.36 -17.89
CA SER A 5 15.45 -4.31 -18.89
C SER A 5 13.92 -4.30 -18.94
N SER A 6 13.36 -5.03 -19.89
CA SER A 6 11.92 -5.10 -20.05
C SER A 6 11.50 -6.44 -20.66
N GLY A 7 10.82 -7.27 -19.87
CA GLY A 7 10.38 -8.57 -20.34
C GLY A 7 9.24 -9.13 -19.52
N LYS A 8 8.82 -10.34 -19.84
CA LYS A 8 7.73 -11.00 -19.12
C LYS A 8 8.16 -12.38 -18.62
N ALA A 9 7.64 -12.77 -17.47
CA ALA A 9 7.96 -14.06 -16.89
C ALA A 9 6.70 -14.86 -16.58
N GLU A 10 6.88 -16.14 -16.25
CA GLU A 10 5.75 -17.01 -15.94
C GLU A 10 5.49 -17.04 -14.43
N ALA A 11 5.56 -15.87 -13.80
CA ALA A 11 5.34 -15.76 -12.36
C ALA A 11 6.23 -16.73 -11.59
N GLU A 12 7.49 -16.82 -12.00
CA GLU A 12 8.44 -17.71 -11.35
C GLU A 12 9.50 -16.91 -10.60
N GLN A 13 9.36 -16.84 -9.28
CA GLN A 13 10.31 -16.11 -8.44
C GLN A 13 10.74 -16.96 -7.25
N ASN A 14 11.25 -18.15 -7.53
CA ASN A 14 11.71 -19.05 -6.49
C ASN A 14 13.15 -18.75 -6.10
N TRP A 15 13.65 -17.61 -6.56
CA TRP A 15 15.03 -17.20 -6.25
C TRP A 15 15.12 -16.60 -4.86
N TRP A 16 14.46 -17.23 -3.90
CA TRP A 16 14.47 -16.76 -2.53
C TRP A 16 15.66 -17.34 -1.76
N GLU A 17 16.75 -16.57 -1.70
CA GLU A 17 17.95 -17.01 -1.00
C GLU A 17 18.23 -16.12 0.21
N GLY A 18 17.62 -16.45 1.34
CA GLY A 18 17.82 -15.66 2.54
C GLY A 18 17.82 -14.17 2.27
N PRO A 19 16.65 -13.62 1.94
CA PRO A 19 16.50 -12.19 1.65
C PRO A 19 16.66 -11.33 2.90
N PRO A 20 17.51 -10.29 2.80
CA PRO A 20 17.77 -9.38 3.91
C PRO A 20 16.57 -8.48 4.22
N GLN A 21 16.77 -7.51 5.11
CA GLN A 21 15.71 -6.60 5.49
C GLN A 21 14.85 -6.23 4.28
N ASP A 22 13.66 -6.82 4.21
CA ASP A 22 12.75 -6.55 3.11
C ASP A 22 11.34 -6.26 3.63
N LEU A 23 10.51 -5.68 2.77
CA LEU A 23 9.13 -5.34 3.15
C LEU A 23 8.42 -6.57 3.69
N SER A 24 8.92 -7.75 3.36
CA SER A 24 8.32 -9.00 3.80
C SER A 24 8.15 -9.02 5.32
N VAL A 25 9.10 -8.41 6.02
CA VAL A 25 9.05 -8.34 7.47
C VAL A 25 7.70 -7.84 7.96
N HIS A 26 7.03 -7.05 7.13
CA HIS A 26 5.72 -6.51 7.47
C HIS A 26 4.62 -7.53 7.19
N LEU A 27 3.52 -7.42 7.92
CA LEU A 27 2.40 -8.34 7.76
C LEU A 27 1.74 -8.14 6.40
N TRP A 28 2.22 -7.16 5.64
CA TRP A 28 1.67 -6.88 4.33
C TRP A 28 2.79 -6.60 3.33
N TYR A 29 2.76 -7.31 2.20
CA TYR A 29 3.78 -7.14 1.17
C TYR A 29 3.20 -7.43 -0.21
N ALA A 30 3.68 -6.70 -1.21
CA ALA A 30 3.22 -6.87 -2.58
C ALA A 30 4.29 -6.45 -3.59
N GLY A 31 4.85 -7.42 -4.29
CA GLY A 31 5.87 -7.13 -5.28
C GLY A 31 5.35 -6.32 -6.45
N PRO A 32 5.98 -6.49 -7.62
CA PRO A 32 5.59 -5.79 -8.84
C PRO A 32 4.25 -6.27 -9.38
N MET A 33 3.61 -7.17 -8.65
CA MET A 33 2.31 -7.72 -9.06
C MET A 33 1.50 -6.67 -9.81
N GLU A 34 0.93 -7.08 -10.94
CA GLU A 34 0.12 -6.18 -11.76
C GLU A 34 -1.19 -5.84 -11.06
N ARG A 35 -1.75 -4.68 -11.40
CA ARG A 35 -2.99 -4.23 -10.80
C ARG A 35 -3.92 -5.42 -10.54
N ALA A 36 -4.36 -6.08 -11.61
CA ALA A 36 -5.24 -7.22 -11.49
C ALA A 36 -4.74 -8.21 -10.44
N GLY A 37 -3.44 -8.49 -10.48
CA GLY A 37 -2.85 -9.41 -9.53
C GLY A 37 -3.27 -9.12 -8.10
N ALA A 38 -3.43 -7.84 -7.79
CA ALA A 38 -3.84 -7.42 -6.46
C ALA A 38 -5.33 -7.60 -6.24
N GLU A 39 -6.13 -7.07 -7.17
CA GLU A 39 -7.57 -7.18 -7.08
C GLU A 39 -7.99 -8.54 -6.56
N SER A 40 -7.51 -9.60 -7.20
CA SER A 40 -7.83 -10.96 -6.80
C SER A 40 -7.58 -11.16 -5.31
N ILE A 41 -6.39 -10.77 -4.86
CA ILE A 41 -6.03 -10.90 -3.46
C ILE A 41 -7.06 -10.24 -2.55
N LEU A 42 -7.24 -8.94 -2.74
CA LEU A 42 -8.21 -8.18 -1.95
C LEU A 42 -9.64 -8.56 -2.31
N ALA A 43 -9.79 -9.23 -3.44
CA ALA A 43 -11.11 -9.66 -3.90
C ALA A 43 -11.60 -10.88 -3.11
N ASN A 44 -10.87 -11.98 -3.22
CA ASN A 44 -11.23 -13.20 -2.52
C ASN A 44 -11.29 -12.97 -1.02
N ARG A 45 -10.32 -12.24 -0.50
CA ARG A 45 -10.27 -11.94 0.93
C ARG A 45 -11.52 -11.19 1.37
N SER A 46 -11.52 -10.76 2.63
CA SER A 46 -12.66 -10.03 3.19
C SER A 46 -12.65 -8.57 2.72
N ASP A 47 -13.84 -8.01 2.56
CA ASP A 47 -13.98 -6.63 2.12
C ASP A 47 -13.28 -5.67 3.09
N GLY A 48 -12.12 -5.18 2.70
CA GLY A 48 -11.37 -4.27 3.55
C GLY A 48 -9.89 -4.57 3.56
N THR A 49 -9.49 -5.62 2.85
CA THR A 49 -8.09 -6.01 2.78
C THR A 49 -7.26 -4.97 2.07
N PHE A 50 -5.95 -4.95 2.35
CA PHE A 50 -5.04 -4.00 1.73
C PHE A 50 -3.65 -4.59 1.59
N LEU A 51 -2.75 -3.84 0.95
CA LEU A 51 -1.39 -4.29 0.74
C LEU A 51 -0.52 -3.17 0.20
N VAL A 52 0.77 -3.45 0.03
CA VAL A 52 1.72 -2.45 -0.48
C VAL A 52 2.41 -2.95 -1.74
N ARG A 53 2.01 -2.42 -2.88
CA ARG A 53 2.59 -2.82 -4.17
C ARG A 53 3.68 -1.83 -4.59
N GLN A 54 4.44 -2.20 -5.61
CA GLN A 54 5.51 -1.35 -6.12
C GLN A 54 5.37 -1.12 -7.62
N ARG A 55 5.92 -0.02 -8.10
CA ARG A 55 5.85 0.31 -9.52
C ARG A 55 7.09 -0.19 -10.26
N VAL A 56 6.95 -0.40 -11.56
CA VAL A 56 8.06 -0.87 -12.38
C VAL A 56 8.68 0.26 -13.18
N LYS A 57 7.85 1.20 -13.63
CA LYS A 57 8.32 2.34 -14.40
C LYS A 57 9.56 2.95 -13.77
N ASP A 58 9.50 3.16 -12.46
CA ASP A 58 10.63 3.74 -11.72
C ASP A 58 10.63 3.28 -10.27
N ALA A 59 11.70 2.60 -9.88
CA ALA A 59 11.83 2.11 -8.51
C ALA A 59 11.60 3.23 -7.50
N ALA A 60 11.80 2.92 -6.22
CA ALA A 60 11.62 3.91 -5.16
C ALA A 60 10.20 4.45 -5.14
N GLU A 61 9.23 3.54 -5.21
CA GLU A 61 7.82 3.93 -5.20
C GLU A 61 6.95 2.77 -4.72
N PHE A 62 5.92 3.10 -3.95
CA PHE A 62 5.00 2.10 -3.43
C PHE A 62 3.54 2.49 -3.70
N ALA A 63 2.63 1.59 -3.39
CA ALA A 63 1.20 1.83 -3.60
C ALA A 63 0.36 1.01 -2.64
N ILE A 64 -0.72 1.61 -2.15
CA ILE A 64 -1.62 0.92 -1.22
C ILE A 64 -2.94 0.55 -1.90
N SER A 65 -3.12 -0.75 -2.16
CA SER A 65 -4.33 -1.22 -2.80
C SER A 65 -5.25 -1.92 -1.81
N ILE A 66 -6.44 -1.38 -1.62
CA ILE A 66 -7.40 -1.95 -0.69
C ILE A 66 -8.74 -2.21 -1.38
N LYS A 67 -9.39 -3.31 -1.01
CA LYS A 67 -10.68 -3.68 -1.59
C LYS A 67 -11.82 -3.13 -0.74
N TYR A 68 -12.71 -2.37 -1.39
CA TYR A 68 -13.85 -1.78 -0.70
C TYR A 68 -14.92 -1.34 -1.69
N ASN A 69 -16.18 -1.66 -1.39
CA ASN A 69 -17.29 -1.30 -2.25
C ASN A 69 -17.28 -2.14 -3.53
N VAL A 70 -17.21 -3.46 -3.37
CA VAL A 70 -17.20 -4.37 -4.50
C VAL A 70 -16.26 -3.87 -5.60
N GLU A 71 -15.27 -3.08 -5.19
CA GLU A 71 -14.29 -2.54 -6.14
C GLU A 71 -12.93 -2.35 -5.47
N VAL A 72 -11.87 -2.75 -6.17
CA VAL A 72 -10.52 -2.62 -5.65
C VAL A 72 -9.91 -1.27 -6.03
N LYS A 73 -9.46 -0.53 -5.02
CA LYS A 73 -8.85 0.78 -5.25
C LYS A 73 -7.34 0.72 -5.05
N HIS A 74 -6.64 1.72 -5.56
CA HIS A 74 -5.18 1.79 -5.45
C HIS A 74 -4.71 3.23 -5.35
N ILE A 75 -3.66 3.45 -4.58
CA ILE A 75 -3.10 4.79 -4.40
C ILE A 75 -1.59 4.79 -4.61
N LYS A 76 -1.11 5.78 -5.37
CA LYS A 76 0.31 5.89 -5.66
C LYS A 76 1.03 6.65 -4.54
N ILE A 77 2.10 6.05 -4.04
CA ILE A 77 2.88 6.66 -2.97
C ILE A 77 4.19 7.25 -3.49
N MET A 78 4.47 8.49 -3.11
CA MET A 78 5.69 9.16 -3.55
C MET A 78 6.79 9.03 -2.50
N THR A 79 8.02 9.31 -2.91
CA THR A 79 9.17 9.22 -2.01
C THR A 79 10.10 10.42 -2.18
N ALA A 80 10.56 10.97 -1.06
CA ALA A 80 11.46 12.12 -1.09
C ALA A 80 12.59 11.95 -0.07
N GLU A 81 13.80 11.73 -0.56
CA GLU A 81 14.95 11.56 0.32
C GLU A 81 14.65 10.56 1.43
N GLY A 82 14.06 9.43 1.05
CA GLY A 82 13.72 8.41 2.02
C GLY A 82 12.42 8.69 2.75
N LEU A 83 11.55 9.46 2.11
CA LEU A 83 10.26 9.82 2.69
C LEU A 83 9.13 9.06 2.02
N TYR A 84 7.90 9.31 2.47
CA TYR A 84 6.73 8.65 1.90
C TYR A 84 5.49 9.52 2.08
N ARG A 85 4.86 9.88 0.96
CA ARG A 85 3.66 10.70 0.98
C ARG A 85 2.86 10.54 -0.30
N ILE A 86 1.54 10.42 -0.16
CA ILE A 86 0.66 10.24 -1.31
C ILE A 86 0.01 11.56 -1.70
N THR A 87 0.13 12.56 -0.83
CA THR A 87 -0.44 13.88 -1.09
C THR A 87 0.45 14.98 -0.54
N GLU A 88 0.63 16.04 -1.33
CA GLU A 88 1.46 17.17 -0.92
C GLU A 88 1.05 17.68 0.45
N LYS A 89 -0.19 17.39 0.83
CA LYS A 89 -0.72 17.83 2.12
C LYS A 89 -0.20 16.93 3.25
N LYS A 90 -0.39 15.63 3.09
CA LYS A 90 0.05 14.66 4.09
C LYS A 90 1.48 14.21 3.82
N ALA A 91 2.19 13.83 4.87
CA ALA A 91 3.57 13.37 4.75
C ALA A 91 3.95 12.46 5.90
N PHE A 92 4.95 11.62 5.68
CA PHE A 92 5.42 10.68 6.71
C PHE A 92 6.93 10.52 6.65
N ARG A 93 7.48 9.79 7.62
CA ARG A 93 8.92 9.56 7.68
C ARG A 93 9.29 8.23 7.02
N GLY A 94 8.45 7.22 7.23
CA GLY A 94 8.70 5.91 6.65
C GLY A 94 7.44 5.27 6.11
N LEU A 95 7.60 4.39 5.13
CA LEU A 95 6.46 3.70 4.53
C LEU A 95 5.59 3.05 5.60
N THR A 96 6.22 2.33 6.52
CA THR A 96 5.49 1.66 7.59
C THR A 96 4.49 2.60 8.25
N GLU A 97 5.00 3.61 8.94
CA GLU A 97 4.14 4.57 9.62
C GLU A 97 2.96 4.96 8.74
N LEU A 98 3.24 5.23 7.47
CA LEU A 98 2.20 5.60 6.51
C LEU A 98 1.09 4.56 6.48
N VAL A 99 1.48 3.29 6.48
CA VAL A 99 0.52 2.20 6.45
C VAL A 99 -0.12 1.98 7.81
N GLU A 100 0.73 1.81 8.83
CA GLU A 100 0.25 1.59 10.19
C GLU A 100 -0.53 2.80 10.69
N PHE A 101 -0.54 3.87 9.90
CA PHE A 101 -1.25 5.09 10.26
C PHE A 101 -2.64 5.10 9.64
N TYR A 102 -2.71 4.85 8.34
CA TYR A 102 -3.98 4.84 7.63
C TYR A 102 -4.98 3.89 8.30
N GLN A 103 -4.47 2.76 8.78
CA GLN A 103 -5.31 1.77 9.45
C GLN A 103 -6.13 2.41 10.56
N GLN A 104 -5.74 3.62 10.96
CA GLN A 104 -6.43 4.34 12.02
C GLN A 104 -7.16 5.56 11.46
N ASN A 105 -6.60 6.15 10.41
CA ASN A 105 -7.20 7.32 9.78
C ASN A 105 -7.88 6.94 8.46
N SER A 106 -9.20 7.07 8.44
CA SER A 106 -9.97 6.74 7.25
C SER A 106 -9.49 7.55 6.04
N LEU A 107 -9.10 6.84 4.98
CA LEU A 107 -8.61 7.50 3.77
C LEU A 107 -9.63 8.49 3.24
N LYS A 108 -10.87 8.37 3.70
CA LYS A 108 -11.94 9.26 3.28
C LYS A 108 -11.55 10.72 3.49
N ASP A 109 -10.58 10.95 4.36
CA ASP A 109 -10.11 12.30 4.65
C ASP A 109 -9.31 12.85 3.48
N CYS A 110 -8.58 11.97 2.79
CA CYS A 110 -7.78 12.37 1.64
C CYS A 110 -8.48 12.03 0.33
N PHE A 111 -8.74 10.75 0.13
CA PHE A 111 -9.41 10.29 -1.08
C PHE A 111 -10.90 10.06 -0.83
N LYS A 112 -11.71 11.08 -1.08
CA LYS A 112 -13.14 10.99 -0.89
C LYS A 112 -13.70 9.69 -1.48
N SER A 113 -12.96 9.13 -2.44
CA SER A 113 -13.38 7.89 -3.09
C SER A 113 -13.35 6.73 -2.11
N LEU A 114 -12.22 6.56 -1.43
CA LEU A 114 -12.07 5.48 -0.46
C LEU A 114 -12.61 5.90 0.91
N ASP A 115 -13.87 5.60 1.15
CA ASP A 115 -14.50 5.95 2.42
C ASP A 115 -14.26 4.86 3.46
N THR A 116 -13.04 4.30 3.46
CA THR A 116 -12.69 3.26 4.41
C THR A 116 -11.18 3.22 4.64
N THR A 117 -10.77 2.62 5.75
CA THR A 117 -9.35 2.50 6.08
C THR A 117 -8.88 1.06 6.01
N LEU A 118 -7.57 0.87 6.12
CA LEU A 118 -6.98 -0.46 6.07
C LEU A 118 -7.58 -1.36 7.16
N GLN A 119 -8.36 -2.35 6.74
CA GLN A 119 -8.98 -3.27 7.68
C GLN A 119 -8.07 -4.47 7.96
N PHE A 120 -7.53 -5.05 6.90
CA PHE A 120 -6.64 -6.20 7.03
C PHE A 120 -5.56 -6.18 5.95
N PRO A 121 -4.32 -6.50 6.36
CA PRO A 121 -3.17 -6.52 5.44
C PRO A 121 -3.26 -7.67 4.44
N PHE A 122 -2.16 -7.91 3.74
CA PHE A 122 -2.10 -8.98 2.75
C PHE A 122 -2.03 -10.35 3.42
N LYS A 123 -1.32 -10.41 4.55
CA LYS A 123 -1.18 -11.66 5.30
C LYS A 123 -2.30 -11.81 6.32
N GLU A 124 -2.30 -10.91 7.31
CA GLU A 124 -3.33 -10.94 8.36
C GLU A 124 -3.19 -9.74 9.28
N PRO A 125 -4.32 -9.29 9.84
CA PRO A 125 -4.36 -8.14 10.75
C PRO A 125 -3.69 -8.44 12.09
N GLU A 126 -3.80 -7.50 13.02
CA GLU A 126 -3.21 -7.67 14.35
C GLU A 126 -3.88 -6.75 15.36
N LYS A 127 -4.03 -7.24 16.59
CA LYS A 127 -4.66 -6.47 17.65
C LYS A 127 -3.61 -5.82 18.55
N ARG A 128 -2.75 -6.63 19.15
CA ARG A 128 -1.70 -6.13 20.02
C ARG A 128 -1.04 -4.90 19.42
N THR A 129 -0.78 -3.90 20.26
CA THR A 129 -0.15 -2.66 19.81
C THR A 129 0.50 -1.92 20.97
N ILE A 130 1.61 -1.26 20.69
CA ILE A 130 2.33 -0.51 21.72
C ILE A 130 2.73 -1.41 22.88
N SER A 131 3.37 -2.53 22.57
CA SER A 131 3.80 -3.47 23.59
C SER A 131 5.09 -3.00 24.25
N ARG A 132 6.04 -2.53 23.44
CA ARG A 132 7.32 -2.05 23.94
C ARG A 132 7.74 -0.77 23.22
N SER A 133 8.29 0.18 23.98
CA SER A 133 8.73 1.44 23.41
C SER A 133 10.25 1.58 23.51
N GLY A 134 10.88 2.05 22.43
CA GLY A 134 12.32 2.22 22.42
C GLY A 134 12.98 1.48 21.29
N PRO A 135 13.43 2.22 20.26
CA PRO A 135 14.09 1.65 19.09
C PRO A 135 15.48 1.10 19.43
N SER A 136 16.21 1.81 20.27
CA SER A 136 17.55 1.40 20.66
C SER A 136 17.70 1.40 22.18
N SER A 137 18.38 0.38 22.71
CA SER A 137 18.59 0.26 24.15
C SER A 137 20.03 0.61 24.51
N GLY A 138 20.20 1.70 25.26
CA GLY A 138 21.53 2.12 25.67
C GLY A 138 21.60 2.46 27.14
N GLY B 1 -2.53 18.36 -21.67
CA GLY B 1 -2.52 18.02 -20.25
C GLY B 1 -1.51 16.95 -19.91
N GLU B 2 -0.27 17.36 -19.70
CA GLU B 2 0.79 16.41 -19.37
C GLU B 2 0.64 15.90 -17.93
N ASP B 3 -0.22 14.89 -17.77
CA ASP B 3 -0.45 14.30 -16.45
C ASP B 3 -1.23 13.00 -16.57
N ASP B 4 -1.04 12.11 -15.61
CA ASP B 4 -1.71 10.82 -15.60
C ASP B 4 -2.36 10.55 -14.25
N GLY B 5 -3.65 10.20 -14.27
CA GLY B 5 -4.36 9.92 -13.04
C GLY B 5 -5.11 8.61 -13.09
N ASP B 6 -4.38 7.50 -13.04
CA ASP B 6 -4.99 6.17 -13.08
C ASP B 6 -5.46 5.74 -11.69
N PTR B 7 -4.73 6.18 -10.68
CA PTR B 7 -5.07 5.84 -9.29
C PTR B 7 -6.07 6.84 -8.72
O PTR B 7 -6.41 7.84 -9.35
CB PTR B 7 -3.80 5.82 -8.43
CG PTR B 7 -2.91 4.63 -8.71
CD1 PTR B 7 -2.43 3.83 -7.67
CD2 PTR B 7 -2.54 4.30 -10.01
CE1 PTR B 7 -1.61 2.75 -7.92
CE2 PTR B 7 -1.72 3.21 -10.26
CZ PTR B 7 -1.27 2.45 -9.22
OH PTR B 7 -0.45 1.36 -9.47
P PTR B 7 1.15 1.41 -9.52
O1P PTR B 7 1.64 2.69 -8.96
O2P PTR B 7 1.71 0.29 -8.72
O3P PTR B 7 1.62 1.29 -10.92
H PTR B 7 -3.95 6.75 -10.85
HA PTR B 7 -5.51 4.86 -9.29
HB2 PTR B 7 -3.23 6.71 -8.62
HB3 PTR B 7 -4.09 5.78 -7.40
HD1 PTR B 7 -2.71 4.08 -6.66
HD2 PTR B 7 -2.90 4.91 -10.83
HE1 PTR B 7 -1.25 2.15 -7.10
HE2 PTR B 7 -1.45 2.97 -11.28
N GLU B 8 -6.54 6.54 -7.51
CA GLU B 8 -7.51 7.41 -6.84
C GLU B 8 -7.08 8.88 -6.94
N SER B 9 -8.06 9.78 -6.84
CA SER B 9 -7.79 11.21 -6.93
C SER B 9 -7.95 11.87 -5.56
N PRO B 10 -6.92 12.64 -5.15
CA PRO B 10 -6.92 13.34 -3.87
C PRO B 10 -7.93 14.50 -3.84
N ASN B 11 -8.36 14.87 -2.64
CA ASN B 11 -9.32 15.96 -2.47
C ASN B 11 -8.68 17.30 -2.80
N GLU B 12 -9.08 17.89 -3.91
CA GLU B 12 -8.54 19.18 -4.34
C GLU B 12 -9.21 20.32 -3.57
N GLU B 13 -10.53 20.38 -3.66
CA GLU B 13 -11.29 21.43 -2.99
C GLU B 13 -10.76 21.65 -1.56
N GLU B 14 -10.64 20.55 -0.81
CA GLU B 14 -10.15 20.63 0.56
C GLU B 14 -8.65 20.39 0.61
N GLU B 15 -7.91 21.38 1.10
CA GLU B 15 -6.46 21.28 1.20
C GLU B 15 -5.99 21.73 2.57
N GLY A 1 10.40 -20.95 43.21
CA GLY A 1 9.47 -20.07 42.53
C GLY A 1 8.77 -20.75 41.37
N SER A 2 7.73 -20.11 40.87
CA SER A 2 6.97 -20.67 39.74
C SER A 2 6.06 -19.61 39.12
N SER A 3 5.75 -19.78 37.84
CA SER A 3 4.90 -18.83 37.13
C SER A 3 4.32 -19.47 35.87
N GLY A 4 3.47 -18.72 35.17
CA GLY A 4 2.86 -19.23 33.97
C GLY A 4 2.63 -18.14 32.93
N SER A 5 2.69 -18.52 31.66
CA SER A 5 2.50 -17.57 30.57
C SER A 5 1.62 -18.16 29.48
N SER A 6 1.05 -17.30 28.63
CA SER A 6 0.19 -17.74 27.54
C SER A 6 0.74 -17.28 26.20
N GLY A 7 1.15 -18.25 25.38
CA GLY A 7 1.71 -17.93 24.07
C GLY A 7 0.63 -17.80 23.02
N LYS A 8 1.04 -17.48 21.79
CA LYS A 8 0.09 -17.33 20.69
C LYS A 8 0.60 -18.06 19.44
N ALA A 9 1.14 -19.25 19.63
CA ALA A 9 1.65 -20.05 18.54
C ALA A 9 2.04 -21.46 19.00
N GLU A 10 1.21 -22.43 18.65
CA GLU A 10 1.47 -23.82 19.04
C GLU A 10 2.05 -24.62 17.87
N ALA A 11 3.29 -25.05 18.04
CA ALA A 11 3.97 -25.82 17.00
C ALA A 11 5.30 -26.35 17.49
N GLU A 12 5.64 -27.57 17.09
CA GLU A 12 6.89 -28.20 17.50
C GLU A 12 7.93 -28.10 16.40
N GLN A 13 7.99 -26.94 15.75
CA GLN A 13 8.94 -26.71 14.67
C GLN A 13 9.17 -25.22 14.45
N ASN A 14 10.32 -24.88 13.88
CA ASN A 14 10.66 -23.48 13.61
C ASN A 14 10.98 -23.27 12.14
N TRP A 15 10.54 -22.14 11.58
CA TRP A 15 10.78 -21.83 10.19
C TRP A 15 11.64 -20.56 10.06
N TRP A 16 11.33 -19.56 10.87
CA TRP A 16 12.06 -18.30 10.85
C TRP A 16 13.56 -18.55 10.89
N GLU A 17 14.27 -18.05 9.89
CA GLU A 17 15.71 -18.22 9.80
C GLU A 17 16.40 -16.92 9.42
N GLY A 18 16.65 -16.07 10.42
CA GLY A 18 17.30 -14.80 10.18
C GLY A 18 16.54 -13.95 9.18
N PRO A 19 15.32 -13.55 9.55
CA PRO A 19 14.46 -12.72 8.70
C PRO A 19 14.98 -11.30 8.55
N PRO A 20 15.27 -10.90 7.30
CA PRO A 20 15.79 -9.56 7.00
C PRO A 20 14.73 -8.48 7.20
N GLN A 21 15.12 -7.23 6.98
CA GLN A 21 14.22 -6.10 7.14
C GLN A 21 13.40 -5.87 5.88
N ASP A 22 13.09 -6.96 5.18
CA ASP A 22 12.31 -6.89 3.94
C ASP A 22 10.84 -6.60 4.25
N LEU A 23 10.17 -5.94 3.31
CA LEU A 23 8.76 -5.60 3.47
C LEU A 23 7.97 -6.80 4.00
N SER A 24 8.49 -8.00 3.74
CA SER A 24 7.83 -9.22 4.20
C SER A 24 7.55 -9.16 5.70
N VAL A 25 8.55 -8.74 6.46
CA VAL A 25 8.42 -8.64 7.92
C VAL A 25 7.05 -8.10 8.30
N HIS A 26 6.54 -7.17 7.50
CA HIS A 26 5.23 -6.57 7.75
C HIS A 26 4.11 -7.55 7.42
N LEU A 27 2.96 -7.36 8.05
CA LEU A 27 1.81 -8.23 7.81
C LEU A 27 1.24 -8.01 6.41
N TRP A 28 1.84 -7.09 5.67
CA TRP A 28 1.41 -6.80 4.31
C TRP A 28 2.60 -6.59 3.38
N TYR A 29 2.62 -7.34 2.28
CA TYR A 29 3.71 -7.25 1.32
C TYR A 29 3.22 -7.59 -0.09
N ALA A 30 3.82 -6.95 -1.08
CA ALA A 30 3.44 -7.18 -2.47
C ALA A 30 4.59 -6.84 -3.41
N GLY A 31 5.19 -7.87 -4.01
CA GLY A 31 6.30 -7.67 -4.93
C GLY A 31 5.89 -6.88 -6.16
N PRO A 32 6.63 -7.07 -7.26
CA PRO A 32 6.36 -6.39 -8.52
C PRO A 32 5.07 -6.87 -9.18
N MET A 33 4.32 -7.70 -8.47
CA MET A 33 3.07 -8.23 -8.99
C MET A 33 2.35 -7.19 -9.84
N GLU A 34 1.56 -7.67 -10.79
CA GLU A 34 0.81 -6.78 -11.68
C GLU A 34 -0.52 -6.36 -11.06
N ARG A 35 -1.23 -5.47 -11.73
CA ARG A 35 -2.52 -4.98 -11.24
C ARG A 35 -3.46 -6.15 -10.95
N ALA A 36 -3.77 -6.92 -11.98
CA ALA A 36 -4.66 -8.07 -11.84
C ALA A 36 -4.28 -8.90 -10.62
N GLY A 37 -2.98 -8.99 -10.34
CA GLY A 37 -2.51 -9.75 -9.20
C GLY A 37 -2.96 -9.16 -7.88
N ALA A 38 -3.12 -7.85 -7.84
CA ALA A 38 -3.54 -7.16 -6.63
C ALA A 38 -5.04 -7.34 -6.40
N GLU A 39 -5.84 -6.76 -7.27
CA GLU A 39 -7.30 -6.86 -7.17
C GLU A 39 -7.72 -8.27 -6.77
N SER A 40 -7.09 -9.26 -7.37
CA SER A 40 -7.40 -10.66 -7.09
C SER A 40 -7.30 -10.94 -5.59
N ILE A 41 -6.24 -10.44 -4.96
CA ILE A 41 -6.04 -10.62 -3.53
C ILE A 41 -7.19 -10.03 -2.73
N LEU A 42 -7.23 -8.70 -2.68
CA LEU A 42 -8.28 -8.01 -1.94
C LEU A 42 -9.66 -8.43 -2.42
N ALA A 43 -9.70 -9.12 -3.56
CA ALA A 43 -10.96 -9.59 -4.14
C ALA A 43 -11.39 -10.90 -3.49
N ASN A 44 -10.53 -11.90 -3.56
CA ASN A 44 -10.83 -13.21 -2.98
C ASN A 44 -10.83 -13.14 -1.45
N ARG A 45 -10.00 -12.28 -0.90
CA ARG A 45 -9.90 -12.11 0.54
C ARG A 45 -11.11 -11.36 1.09
N SER A 46 -11.18 -11.22 2.41
CA SER A 46 -12.28 -10.53 3.06
C SER A 46 -12.42 -9.11 2.52
N ASP A 47 -13.58 -8.50 2.76
CA ASP A 47 -13.83 -7.14 2.30
C ASP A 47 -13.10 -6.13 3.17
N GLY A 48 -12.24 -5.33 2.55
CA GLY A 48 -11.48 -4.33 3.28
C GLY A 48 -10.01 -4.65 3.35
N THR A 49 -9.59 -5.70 2.63
CA THR A 49 -8.19 -6.11 2.62
C THR A 49 -7.32 -5.06 1.94
N PHE A 50 -6.03 -5.08 2.24
CA PHE A 50 -5.09 -4.13 1.66
C PHE A 50 -3.68 -4.72 1.60
N LEU A 51 -2.78 -4.02 0.93
CA LEU A 51 -1.40 -4.48 0.79
C LEU A 51 -0.52 -3.39 0.19
N VAL A 52 0.77 -3.67 0.08
CA VAL A 52 1.72 -2.71 -0.48
C VAL A 52 2.45 -3.30 -1.69
N ARG A 53 2.33 -2.64 -2.83
CA ARG A 53 2.97 -3.10 -4.05
C ARG A 53 3.82 -2.00 -4.67
N GLN A 54 4.97 -2.38 -5.22
CA GLN A 54 5.87 -1.41 -5.84
C GLN A 54 5.57 -1.26 -7.33
N ARG A 55 6.00 -0.15 -7.90
CA ARG A 55 5.77 0.11 -9.33
C ARG A 55 6.99 -0.28 -10.15
N VAL A 56 6.74 -0.84 -11.34
CA VAL A 56 7.81 -1.26 -12.23
C VAL A 56 8.22 -0.14 -13.17
N LYS A 57 7.24 0.63 -13.63
CA LYS A 57 7.50 1.74 -14.54
C LYS A 57 8.69 2.57 -14.07
N ASP A 58 8.77 2.77 -12.76
CA ASP A 58 9.86 3.55 -12.18
C ASP A 58 10.06 3.19 -10.70
N ALA A 59 11.22 2.61 -10.40
CA ALA A 59 11.54 2.21 -9.03
C ALA A 59 11.32 3.38 -8.05
N ALA A 60 11.53 3.12 -6.77
CA ALA A 60 11.36 4.13 -5.74
C ALA A 60 9.93 4.66 -5.72
N GLU A 61 8.97 3.73 -5.71
CA GLU A 61 7.56 4.10 -5.68
C GLU A 61 6.69 2.92 -5.27
N PHE A 62 5.92 3.10 -4.20
CA PHE A 62 5.04 2.04 -3.71
C PHE A 62 3.58 2.43 -3.88
N ALA A 63 2.69 1.51 -3.53
CA ALA A 63 1.25 1.74 -3.65
C ALA A 63 0.47 0.88 -2.67
N ILE A 64 -0.77 1.26 -2.39
CA ILE A 64 -1.62 0.52 -1.47
C ILE A 64 -2.97 0.21 -2.10
N SER A 65 -3.18 -1.06 -2.44
CA SER A 65 -4.43 -1.49 -3.05
C SER A 65 -5.34 -2.16 -2.02
N ILE A 66 -6.57 -1.66 -1.91
CA ILE A 66 -7.54 -2.21 -0.97
C ILE A 66 -8.89 -2.45 -1.64
N LYS A 67 -9.58 -3.50 -1.21
CA LYS A 67 -10.88 -3.83 -1.77
C LYS A 67 -12.00 -3.19 -0.97
N TYR A 68 -12.86 -2.45 -1.65
CA TYR A 68 -13.98 -1.78 -1.00
C TYR A 68 -14.96 -1.21 -2.03
N ASN A 69 -16.25 -1.26 -1.71
CA ASN A 69 -17.27 -0.75 -2.60
C ASN A 69 -17.36 -1.60 -3.87
N VAL A 70 -17.50 -2.92 -3.68
CA VAL A 70 -17.59 -3.84 -4.81
C VAL A 70 -16.53 -3.53 -5.86
N GLU A 71 -15.44 -2.92 -5.43
CA GLU A 71 -14.34 -2.57 -6.33
C GLU A 71 -13.04 -2.41 -5.57
N VAL A 72 -11.93 -2.65 -6.26
CA VAL A 72 -10.61 -2.54 -5.66
C VAL A 72 -9.96 -1.19 -5.97
N LYS A 73 -9.61 -0.46 -4.92
CA LYS A 73 -8.98 0.85 -5.09
C LYS A 73 -7.47 0.73 -5.01
N HIS A 74 -6.77 1.70 -5.63
CA HIS A 74 -5.32 1.71 -5.64
C HIS A 74 -4.78 3.14 -5.53
N ILE A 75 -3.73 3.31 -4.74
CA ILE A 75 -3.13 4.62 -4.56
C ILE A 75 -1.63 4.59 -4.85
N LYS A 76 -1.13 5.65 -5.48
CA LYS A 76 0.29 5.73 -5.81
C LYS A 76 1.05 6.51 -4.73
N ILE A 77 2.23 6.01 -4.38
CA ILE A 77 3.05 6.65 -3.36
C ILE A 77 4.28 7.32 -4.00
N MET A 78 4.60 8.51 -3.52
CA MET A 78 5.75 9.26 -4.04
C MET A 78 6.85 9.34 -2.98
N THR A 79 8.09 9.33 -3.44
CA THR A 79 9.24 9.40 -2.54
C THR A 79 10.35 10.26 -3.14
N ALA A 80 10.99 11.06 -2.29
CA ALA A 80 12.07 11.93 -2.74
C ALA A 80 13.36 11.63 -1.98
N GLU A 81 13.40 12.00 -0.70
CA GLU A 81 14.56 11.78 0.13
C GLU A 81 14.28 10.71 1.18
N GLY A 82 13.73 9.59 0.74
CA GLY A 82 13.43 8.50 1.65
C GLY A 82 12.17 8.76 2.47
N LEU A 83 11.27 9.57 1.91
CA LEU A 83 10.03 9.90 2.59
C LEU A 83 8.82 9.43 1.79
N TYR A 84 7.74 9.10 2.49
CA TYR A 84 6.52 8.63 1.84
C TYR A 84 5.34 9.53 2.18
N ARG A 85 4.67 10.04 1.15
CA ARG A 85 3.53 10.91 1.34
C ARG A 85 2.65 10.93 0.09
N ILE A 86 1.35 10.73 0.28
CA ILE A 86 0.41 10.73 -0.84
C ILE A 86 -0.12 12.13 -1.09
N THR A 87 0.16 13.05 -0.18
CA THR A 87 -0.28 14.43 -0.32
C THR A 87 0.76 15.41 0.22
N GLU A 88 0.62 16.68 -0.15
CA GLU A 88 1.55 17.71 0.31
C GLU A 88 1.23 18.14 1.74
N LYS A 89 -0.05 18.18 2.06
CA LYS A 89 -0.49 18.58 3.39
C LYS A 89 0.00 17.59 4.44
N LYS A 90 -0.25 16.30 4.21
CA LYS A 90 0.16 15.26 5.14
C LYS A 90 1.32 14.46 4.56
N ALA A 91 2.37 14.27 5.36
CA ALA A 91 3.54 13.51 4.93
C ALA A 91 4.02 12.57 6.03
N PHE A 92 4.81 11.57 5.64
CA PHE A 92 5.34 10.61 6.59
C PHE A 92 6.84 10.43 6.42
N ARG A 93 7.45 9.69 7.34
CA ARG A 93 8.89 9.45 7.30
C ARG A 93 9.19 8.14 6.60
N GLY A 94 8.37 7.13 6.84
CA GLY A 94 8.57 5.82 6.23
C GLY A 94 7.27 5.20 5.77
N LEU A 95 7.38 4.18 4.93
CA LEU A 95 6.21 3.48 4.41
C LEU A 95 5.38 2.89 5.55
N THR A 96 6.05 2.17 6.44
CA THR A 96 5.37 1.56 7.58
C THR A 96 4.42 2.54 8.26
N GLU A 97 4.99 3.59 8.85
CA GLU A 97 4.19 4.60 9.53
C GLU A 97 2.98 4.99 8.70
N LEU A 98 3.22 5.36 7.44
CA LEU A 98 2.15 5.75 6.53
C LEU A 98 1.03 4.71 6.54
N VAL A 99 1.39 3.46 6.80
CA VAL A 99 0.41 2.37 6.82
C VAL A 99 -0.21 2.23 8.20
N GLU A 100 0.65 2.20 9.22
CA GLU A 100 0.18 2.07 10.60
C GLU A 100 -0.62 3.28 11.03
N PHE A 101 -0.67 4.28 10.16
CA PHE A 101 -1.41 5.51 10.44
C PHE A 101 -2.82 5.45 9.86
N TYR A 102 -2.92 5.06 8.59
CA TYR A 102 -4.20 4.96 7.92
C TYR A 102 -5.17 4.07 8.70
N GLN A 103 -4.64 2.99 9.27
CA GLN A 103 -5.44 2.06 10.05
C GLN A 103 -6.25 2.80 11.11
N GLN A 104 -5.80 4.00 11.46
CA GLN A 104 -6.49 4.81 12.47
C GLN A 104 -7.18 6.01 11.82
N ASN A 105 -6.63 6.47 10.69
CA ASN A 105 -7.20 7.61 9.99
C ASN A 105 -7.81 7.17 8.65
N SER A 106 -9.14 7.26 8.57
CA SER A 106 -9.85 6.87 7.35
C SER A 106 -9.29 7.62 6.14
N LEU A 107 -9.21 6.93 5.01
CA LEU A 107 -8.70 7.52 3.78
C LEU A 107 -9.65 8.60 3.27
N LYS A 108 -10.85 8.64 3.84
CA LYS A 108 -11.85 9.63 3.44
C LYS A 108 -11.42 11.04 3.85
N ASP A 109 -10.45 11.11 4.75
CA ASP A 109 -9.94 12.39 5.21
C ASP A 109 -9.19 13.12 4.10
N CYS A 110 -8.41 12.37 3.34
CA CYS A 110 -7.63 12.93 2.24
C CYS A 110 -8.32 12.71 0.90
N PHE A 111 -8.86 11.51 0.72
CA PHE A 111 -9.55 11.17 -0.52
C PHE A 111 -11.06 11.24 -0.33
N LYS A 112 -11.79 11.15 -1.43
CA LYS A 112 -13.25 11.19 -1.39
C LYS A 112 -13.85 9.89 -1.91
N SER A 113 -13.04 9.10 -2.61
CA SER A 113 -13.50 7.83 -3.16
C SER A 113 -13.35 6.72 -2.13
N LEU A 114 -12.30 6.79 -1.33
CA LEU A 114 -12.03 5.79 -0.31
C LEU A 114 -12.62 6.21 1.03
N ASP A 115 -13.76 5.64 1.40
CA ASP A 115 -14.42 5.96 2.66
C ASP A 115 -14.12 4.89 3.71
N THR A 116 -12.99 4.23 3.57
CA THR A 116 -12.59 3.19 4.51
C THR A 116 -11.08 3.14 4.68
N THR A 117 -10.62 2.63 5.82
CA THR A 117 -9.20 2.54 6.11
C THR A 117 -8.73 1.08 6.15
N LEU A 118 -7.44 0.87 5.99
CA LEU A 118 -6.87 -0.47 6.01
C LEU A 118 -7.55 -1.32 7.08
N GLN A 119 -8.41 -2.25 6.65
CA GLN A 119 -9.11 -3.12 7.58
C GLN A 119 -8.28 -4.35 7.90
N PHE A 120 -7.76 -5.00 6.86
CA PHE A 120 -6.94 -6.19 7.05
C PHE A 120 -5.83 -6.25 5.99
N PRO A 121 -4.60 -6.55 6.44
CA PRO A 121 -3.43 -6.66 5.56
C PRO A 121 -3.51 -7.87 4.64
N PHE A 122 -2.37 -8.22 4.05
CA PHE A 122 -2.30 -9.36 3.15
C PHE A 122 -2.10 -10.66 3.93
N LYS A 123 -1.10 -10.66 4.80
CA LYS A 123 -0.79 -11.84 5.61
C LYS A 123 -2.01 -12.27 6.42
N GLU A 124 -2.37 -11.46 7.42
CA GLU A 124 -3.51 -11.76 8.27
C GLU A 124 -3.83 -10.58 9.19
N PRO A 125 -5.09 -10.48 9.61
CA PRO A 125 -5.54 -9.40 10.50
C PRO A 125 -4.99 -9.55 11.92
N GLU A 126 -4.51 -8.45 12.48
CA GLU A 126 -3.96 -8.47 13.83
C GLU A 126 -4.00 -7.07 14.44
N LYS A 127 -4.00 -7.02 15.77
CA LYS A 127 -4.04 -5.75 16.49
C LYS A 127 -2.91 -5.67 17.52
N ARG A 128 -2.24 -4.53 17.56
CA ARG A 128 -1.13 -4.33 18.49
C ARG A 128 -0.85 -2.84 18.67
N THR A 129 -0.12 -2.51 19.74
CA THR A 129 0.23 -1.12 20.03
C THR A 129 1.73 -0.91 19.95
N ILE A 130 2.49 -1.73 20.68
CA ILE A 130 3.94 -1.63 20.69
C ILE A 130 4.54 -2.28 19.46
N SER A 131 5.46 -1.56 18.81
CA SER A 131 6.11 -2.07 17.61
C SER A 131 7.59 -1.65 17.58
N ARG A 132 8.41 -2.51 16.99
CA ARG A 132 9.85 -2.24 16.90
C ARG A 132 10.10 -0.80 16.46
N SER A 133 11.22 -0.24 16.89
CA SER A 133 11.58 1.13 16.54
C SER A 133 12.79 1.16 15.62
N GLY A 134 13.83 0.43 15.99
CA GLY A 134 15.04 0.38 15.18
C GLY A 134 15.77 1.71 15.15
N PRO A 135 16.55 1.97 16.20
CA PRO A 135 17.32 3.22 16.31
C PRO A 135 18.47 3.29 15.31
N SER A 136 18.61 2.25 14.50
CA SER A 136 19.66 2.19 13.50
C SER A 136 19.57 3.36 12.54
N SER A 137 20.35 4.41 12.80
CA SER A 137 20.36 5.60 11.96
C SER A 137 20.55 5.23 10.49
N GLY A 138 21.49 4.32 10.25
CA GLY A 138 21.77 3.89 8.89
C GLY A 138 21.66 5.03 7.88
N GLY B 1 -17.68 10.09 -16.55
CA GLY B 1 -17.37 10.05 -17.97
C GLY B 1 -15.87 10.12 -18.22
N GLU B 2 -15.19 11.01 -17.52
CA GLU B 2 -13.76 11.18 -17.68
C GLU B 2 -13.00 10.67 -16.46
N ASP B 3 -11.98 9.85 -16.69
CA ASP B 3 -11.18 9.29 -15.61
C ASP B 3 -9.98 10.19 -15.31
N ASP B 4 -9.28 9.87 -14.22
CA ASP B 4 -8.12 10.65 -13.82
C ASP B 4 -6.82 9.96 -14.26
N GLY B 5 -6.75 8.65 -14.05
CA GLY B 5 -5.57 7.90 -14.44
C GLY B 5 -5.69 6.42 -14.12
N ASP B 6 -4.71 5.89 -13.41
CA ASP B 6 -4.71 4.48 -13.03
C ASP B 6 -5.07 4.30 -11.57
N PTR B 7 -4.55 5.19 -10.72
CA PTR B 7 -4.81 5.12 -9.29
C PTR B 7 -5.82 6.18 -8.88
O PTR B 7 -6.35 6.91 -9.71
CB PTR B 7 -3.51 5.31 -8.50
CG PTR B 7 -2.49 4.23 -8.75
CD1 PTR B 7 -1.86 4.11 -9.99
CD2 PTR B 7 -2.15 3.32 -7.76
CE1 PTR B 7 -0.92 3.12 -10.23
CE2 PTR B 7 -1.21 2.33 -7.99
CZ PTR B 7 -0.60 2.23 -9.22
OH PTR B 7 0.33 1.25 -9.45
P PTR B 7 0.00 -0.21 -10.03
O1P PTR B 7 -1.40 -0.25 -10.51
O2P PTR B 7 0.92 -0.51 -11.16
O3P PTR B 7 0.18 -1.23 -8.97
H PTR B 7 -3.96 5.89 -11.08
HA PTR B 7 -5.21 4.15 -9.06
HB2 PTR B 7 -3.06 6.25 -8.78
HB3 PTR B 7 -3.73 5.32 -7.45
HD1 PTR B 7 -2.12 4.80 -10.77
HD2 PTR B 7 -2.62 3.40 -6.79
HE1 PTR B 7 -0.45 3.04 -11.19
HE2 PTR B 7 -0.96 1.64 -7.19
N GLU B 8 -6.10 6.25 -7.58
CA GLU B 8 -7.06 7.23 -7.05
C GLU B 8 -6.46 8.62 -7.03
N SER B 9 -7.24 9.59 -6.58
CA SER B 9 -6.79 10.98 -6.51
C SER B 9 -7.26 11.64 -5.22
N PRO B 10 -6.35 12.41 -4.59
CA PRO B 10 -6.64 13.12 -3.34
C PRO B 10 -7.63 14.26 -3.54
N ASN B 11 -8.26 14.69 -2.44
CA ASN B 11 -9.23 15.77 -2.49
C ASN B 11 -8.54 17.10 -2.77
N GLU B 12 -8.74 17.64 -3.98
CA GLU B 12 -8.14 18.90 -4.37
C GLU B 12 -9.05 20.07 -3.99
N GLU B 13 -10.32 19.98 -4.37
CA GLU B 13 -11.28 21.04 -4.07
C GLU B 13 -11.25 21.40 -2.59
N GLU B 14 -11.21 20.36 -1.74
CA GLU B 14 -11.19 20.57 -0.30
C GLU B 14 -9.81 21.07 0.16
N GLU B 15 -9.80 22.25 0.77
CA GLU B 15 -8.55 22.84 1.25
C GLU B 15 -8.81 23.82 2.38
N GLY A 1 -19.53 -26.56 -19.67
CA GLY A 1 -19.26 -25.32 -18.98
C GLY A 1 -17.99 -24.63 -19.46
N SER A 2 -16.91 -24.82 -18.71
CA SER A 2 -15.63 -24.22 -19.07
C SER A 2 -14.48 -25.19 -18.84
N SER A 3 -13.37 -24.96 -19.52
CA SER A 3 -12.20 -25.81 -19.40
C SER A 3 -10.91 -25.00 -19.42
N GLY A 4 -10.23 -24.94 -18.29
CA GLY A 4 -9.00 -24.19 -18.18
C GLY A 4 -9.03 -23.17 -17.07
N SER A 5 -7.89 -22.99 -16.40
CA SER A 5 -7.78 -22.05 -15.29
C SER A 5 -6.96 -20.83 -15.70
N SER A 6 -7.65 -19.79 -16.16
CA SER A 6 -6.97 -18.56 -16.57
C SER A 6 -7.29 -17.42 -15.62
N GLY A 7 -6.63 -17.42 -14.47
CA GLY A 7 -6.84 -16.37 -13.48
C GLY A 7 -6.17 -16.68 -12.16
N LYS A 8 -4.85 -16.50 -12.11
CA LYS A 8 -4.09 -16.76 -10.88
C LYS A 8 -2.63 -16.34 -11.06
N ALA A 9 -1.94 -16.17 -9.94
CA ALA A 9 -0.53 -15.77 -9.97
C ALA A 9 0.30 -16.67 -9.08
N GLU A 10 0.45 -17.93 -9.48
CA GLU A 10 1.23 -18.89 -8.71
C GLU A 10 2.04 -19.81 -9.64
N ALA A 11 3.36 -19.78 -9.48
CA ALA A 11 4.24 -20.60 -10.31
C ALA A 11 5.65 -20.63 -9.73
N GLU A 12 6.50 -21.45 -10.32
CA GLU A 12 7.89 -21.58 -9.87
C GLU A 12 8.81 -20.65 -10.66
N GLN A 13 9.34 -19.63 -9.99
CA GLN A 13 10.23 -18.67 -10.63
C GLN A 13 11.68 -18.93 -10.23
N ASN A 14 11.94 -18.84 -8.94
CA ASN A 14 13.30 -19.06 -8.42
C ASN A 14 13.26 -19.91 -7.15
N TRP A 15 14.44 -20.34 -6.71
CA TRP A 15 14.55 -21.16 -5.51
C TRP A 15 14.85 -20.29 -4.29
N TRP A 16 15.99 -19.61 -4.32
CA TRP A 16 16.39 -18.75 -3.21
C TRP A 16 15.23 -17.86 -2.76
N GLU A 17 14.56 -18.26 -1.69
CA GLU A 17 13.44 -17.49 -1.16
C GLU A 17 13.67 -17.13 0.30
N GLY A 18 14.50 -16.11 0.52
CA GLY A 18 14.80 -15.68 1.88
C GLY A 18 15.74 -14.50 1.91
N PRO A 19 15.32 -13.37 1.32
CA PRO A 19 16.12 -12.15 1.27
C PRO A 19 16.25 -11.49 2.64
N PRO A 20 17.23 -10.57 2.77
CA PRO A 20 17.48 -9.86 4.02
C PRO A 20 16.37 -8.86 4.35
N GLN A 21 16.65 -7.96 5.29
CA GLN A 21 15.67 -6.96 5.70
C GLN A 21 14.85 -6.49 4.52
N ASP A 22 13.65 -7.04 4.36
CA ASP A 22 12.77 -6.67 3.27
C ASP A 22 11.34 -6.44 3.77
N LEU A 23 10.56 -5.70 2.99
CA LEU A 23 9.17 -5.41 3.35
C LEU A 23 8.47 -6.67 3.87
N SER A 24 9.00 -7.83 3.50
CA SER A 24 8.42 -9.10 3.93
C SER A 24 8.18 -9.10 5.44
N VAL A 25 9.15 -8.57 6.19
CA VAL A 25 9.04 -8.51 7.64
C VAL A 25 7.67 -8.03 8.08
N HIS A 26 7.04 -7.23 7.23
CA HIS A 26 5.71 -6.70 7.53
C HIS A 26 4.62 -7.74 7.22
N LEU A 27 3.53 -7.69 7.97
CA LEU A 27 2.43 -8.62 7.78
C LEU A 27 1.80 -8.45 6.40
N TRP A 28 2.21 -7.40 5.69
CA TRP A 28 1.70 -7.12 4.36
C TRP A 28 2.83 -6.83 3.38
N TYR A 29 2.84 -7.55 2.26
CA TYR A 29 3.88 -7.38 1.24
C TYR A 29 3.34 -7.70 -0.14
N ALA A 30 3.88 -7.02 -1.15
CA ALA A 30 3.45 -7.24 -2.53
C ALA A 30 4.58 -6.89 -3.51
N GLY A 31 5.12 -7.90 -4.16
CA GLY A 31 6.19 -7.69 -5.12
C GLY A 31 5.75 -6.86 -6.31
N PRO A 32 6.46 -7.00 -7.43
CA PRO A 32 6.15 -6.27 -8.66
C PRO A 32 4.84 -6.73 -9.30
N MET A 33 4.11 -7.58 -8.59
CA MET A 33 2.84 -8.09 -9.09
C MET A 33 2.12 -7.03 -9.92
N GLU A 34 1.29 -7.49 -10.87
CA GLU A 34 0.55 -6.59 -11.73
C GLU A 34 -0.79 -6.21 -11.10
N ARG A 35 -1.52 -5.32 -11.76
CA ARG A 35 -2.82 -4.87 -11.27
C ARG A 35 -3.73 -6.06 -10.98
N ALA A 36 -4.10 -6.79 -12.04
CA ALA A 36 -4.96 -7.95 -11.90
C ALA A 36 -4.55 -8.80 -10.71
N GLY A 37 -3.24 -8.90 -10.48
CA GLY A 37 -2.74 -9.70 -9.39
C GLY A 37 -3.15 -9.14 -8.03
N ALA A 38 -3.23 -7.82 -7.94
CA ALA A 38 -3.61 -7.17 -6.70
C ALA A 38 -5.09 -7.37 -6.41
N GLU A 39 -5.94 -6.78 -7.24
CA GLU A 39 -7.38 -6.90 -7.07
C GLU A 39 -7.77 -8.32 -6.67
N SER A 40 -7.15 -9.31 -7.32
CA SER A 40 -7.44 -10.70 -7.03
C SER A 40 -7.30 -10.99 -5.54
N ILE A 41 -6.25 -10.44 -4.94
CA ILE A 41 -6.00 -10.64 -3.50
C ILE A 41 -7.13 -10.05 -2.67
N LEU A 42 -7.18 -8.73 -2.61
CA LEU A 42 -8.22 -8.04 -1.83
C LEU A 42 -9.60 -8.46 -2.29
N ALA A 43 -9.67 -9.13 -3.44
CA ALA A 43 -10.93 -9.59 -3.98
C ALA A 43 -11.44 -10.83 -3.25
N ASN A 44 -10.67 -11.92 -3.34
CA ASN A 44 -11.03 -13.17 -2.69
C ASN A 44 -11.02 -13.00 -1.17
N ARG A 45 -10.06 -12.25 -0.67
CA ARG A 45 -9.94 -12.01 0.76
C ARG A 45 -11.17 -11.28 1.31
N SER A 46 -11.16 -11.01 2.60
CA SER A 46 -12.28 -10.32 3.24
C SER A 46 -12.41 -8.90 2.71
N ASP A 47 -13.53 -8.25 3.05
CA ASP A 47 -13.78 -6.88 2.62
C ASP A 47 -13.00 -5.88 3.45
N GLY A 48 -12.14 -5.10 2.79
CA GLY A 48 -11.34 -4.12 3.50
C GLY A 48 -9.87 -4.47 3.52
N THR A 49 -9.51 -5.50 2.77
CA THR A 49 -8.12 -5.95 2.70
C THR A 49 -7.24 -4.92 2.00
N PHE A 50 -5.94 -4.97 2.28
CA PHE A 50 -4.99 -4.05 1.68
C PHE A 50 -3.60 -4.68 1.57
N LEU A 51 -2.68 -3.98 0.92
CA LEU A 51 -1.33 -4.47 0.75
C LEU A 51 -0.42 -3.37 0.19
N VAL A 52 0.87 -3.69 0.04
CA VAL A 52 1.84 -2.74 -0.48
C VAL A 52 2.57 -3.32 -1.68
N ARG A 53 2.36 -2.70 -2.85
CA ARG A 53 3.01 -3.15 -4.07
C ARG A 53 3.86 -2.04 -4.68
N GLN A 54 5.00 -2.42 -5.24
CA GLN A 54 5.90 -1.45 -5.86
C GLN A 54 5.68 -1.38 -7.37
N ARG A 55 6.12 -0.29 -7.97
CA ARG A 55 5.98 -0.11 -9.41
C ARG A 55 7.22 -0.58 -10.16
N VAL A 56 7.01 -1.12 -11.36
CA VAL A 56 8.11 -1.62 -12.17
C VAL A 56 8.54 -0.59 -13.22
N LYS A 57 7.57 0.19 -13.69
CA LYS A 57 7.84 1.22 -14.68
C LYS A 57 8.98 2.13 -14.23
N ASP A 58 9.01 2.44 -12.95
CA ASP A 58 10.04 3.31 -12.39
C ASP A 58 10.19 3.08 -10.88
N ALA A 59 11.26 2.40 -10.49
CA ALA A 59 11.51 2.11 -9.09
C ALA A 59 11.34 3.37 -8.24
N ALA A 60 11.40 3.19 -6.92
CA ALA A 60 11.26 4.32 -6.00
C ALA A 60 9.82 4.80 -5.96
N GLU A 61 8.88 3.88 -6.16
CA GLU A 61 7.46 4.23 -6.14
C GLU A 61 6.62 3.05 -5.66
N PHE A 62 5.89 3.25 -4.57
CA PHE A 62 5.06 2.20 -4.01
C PHE A 62 3.58 2.55 -4.17
N ALA A 63 2.71 1.61 -3.83
CA ALA A 63 1.27 1.80 -3.94
C ALA A 63 0.51 0.90 -2.97
N ILE A 64 -0.64 1.37 -2.50
CA ILE A 64 -1.46 0.61 -1.57
C ILE A 64 -2.82 0.28 -2.17
N SER A 65 -3.05 -1.00 -2.45
CA SER A 65 -4.31 -1.44 -3.03
C SER A 65 -5.20 -2.09 -1.98
N ILE A 66 -6.43 -1.61 -1.88
CA ILE A 66 -7.38 -2.13 -0.90
C ILE A 66 -8.75 -2.34 -1.53
N LYS A 67 -9.42 -3.41 -1.14
CA LYS A 67 -10.75 -3.73 -1.66
C LYS A 67 -11.83 -2.99 -0.87
N TYR A 68 -12.70 -2.28 -1.58
CA TYR A 68 -13.78 -1.54 -0.96
C TYR A 68 -14.80 -1.08 -1.99
N ASN A 69 -16.07 -1.12 -1.60
CA ASN A 69 -17.14 -0.71 -2.49
C ASN A 69 -17.22 -1.62 -3.71
N VAL A 70 -17.26 -2.93 -3.47
CA VAL A 70 -17.34 -3.90 -4.54
C VAL A 70 -16.31 -3.62 -5.63
N GLU A 71 -15.23 -2.93 -5.25
CA GLU A 71 -14.18 -2.58 -6.20
C GLU A 71 -12.85 -2.40 -5.48
N VAL A 72 -11.76 -2.75 -6.17
CA VAL A 72 -10.43 -2.62 -5.59
C VAL A 72 -9.80 -1.28 -5.97
N LYS A 73 -9.46 -0.49 -4.95
CA LYS A 73 -8.85 0.81 -5.17
C LYS A 73 -7.32 0.72 -5.11
N HIS A 74 -6.65 1.72 -5.66
CA HIS A 74 -5.19 1.75 -5.66
C HIS A 74 -4.68 3.18 -5.56
N ILE A 75 -3.67 3.39 -4.71
CA ILE A 75 -3.08 4.70 -4.52
C ILE A 75 -1.60 4.71 -4.88
N LYS A 76 -1.15 5.80 -5.47
CA LYS A 76 0.26 5.94 -5.86
C LYS A 76 1.05 6.65 -4.77
N ILE A 77 2.24 6.11 -4.47
CA ILE A 77 3.10 6.70 -3.45
C ILE A 77 4.31 7.38 -4.08
N MET A 78 4.78 8.44 -3.43
CA MET A 78 5.93 9.19 -3.92
C MET A 78 7.01 9.29 -2.85
N THR A 79 8.26 9.43 -3.28
CA THR A 79 9.38 9.54 -2.37
C THR A 79 10.45 10.48 -2.91
N ALA A 80 10.99 11.33 -2.04
CA ALA A 80 12.01 12.28 -2.43
C ALA A 80 13.33 12.00 -1.71
N GLU A 81 13.34 12.23 -0.39
CA GLU A 81 14.53 12.01 0.41
C GLU A 81 14.26 10.94 1.47
N GLY A 82 13.64 9.85 1.07
CA GLY A 82 13.34 8.77 1.99
C GLY A 82 12.05 8.99 2.75
N LEU A 83 11.17 9.83 2.20
CA LEU A 83 9.89 10.13 2.83
C LEU A 83 8.73 9.65 1.96
N TYR A 84 7.75 9.04 2.61
CA TYR A 84 6.58 8.53 1.90
C TYR A 84 5.35 9.38 2.19
N ARG A 85 4.70 9.87 1.14
CA ARG A 85 3.51 10.70 1.29
C ARG A 85 2.72 10.75 -0.02
N ILE A 86 1.41 10.54 0.08
CA ILE A 86 0.55 10.58 -1.09
C ILE A 86 -0.02 11.98 -1.32
N THR A 87 0.02 12.80 -0.28
CA THR A 87 -0.49 14.16 -0.37
C THR A 87 0.46 15.15 0.30
N GLU A 88 0.31 16.43 -0.04
CA GLU A 88 1.16 17.47 0.53
C GLU A 88 0.70 17.84 1.93
N LYS A 89 -0.60 17.71 2.18
CA LYS A 89 -1.17 18.03 3.49
C LYS A 89 -0.53 17.18 4.58
N LYS A 90 -0.57 15.86 4.40
CA LYS A 90 0.00 14.93 5.37
C LYS A 90 1.24 14.26 4.80
N ALA A 91 2.26 14.11 5.65
CA ALA A 91 3.50 13.46 5.23
C ALA A 91 3.98 12.46 6.27
N PHE A 92 4.79 11.49 5.82
CA PHE A 92 5.30 10.47 6.72
C PHE A 92 6.82 10.35 6.59
N ARG A 93 7.42 9.52 7.44
CA ARG A 93 8.86 9.32 7.42
C ARG A 93 9.21 7.89 6.99
N GLY A 94 8.29 6.97 7.22
CA GLY A 94 8.51 5.59 6.85
C GLY A 94 7.25 4.91 6.35
N LEU A 95 7.34 4.28 5.19
CA LEU A 95 6.19 3.58 4.61
C LEU A 95 5.34 2.92 5.69
N THR A 96 6.00 2.19 6.58
CA THR A 96 5.31 1.50 7.66
C THR A 96 4.33 2.43 8.37
N GLU A 97 4.85 3.52 8.92
CA GLU A 97 4.02 4.50 9.63
C GLU A 97 2.83 4.92 8.77
N LEU A 98 3.10 5.19 7.49
CA LEU A 98 2.05 5.59 6.56
C LEU A 98 0.91 4.58 6.54
N VAL A 99 1.24 3.33 6.83
CA VAL A 99 0.25 2.26 6.84
C VAL A 99 -0.35 2.09 8.23
N GLU A 100 0.52 1.96 9.24
CA GLU A 100 0.07 1.79 10.62
C GLU A 100 -0.67 3.04 11.10
N PHE A 101 -0.69 4.08 10.27
CA PHE A 101 -1.36 5.32 10.62
C PHE A 101 -2.77 5.36 10.03
N TYR A 102 -2.87 5.09 8.74
CA TYR A 102 -4.16 5.10 8.06
C TYR A 102 -5.18 4.26 8.80
N GLN A 103 -4.74 3.11 9.32
CA GLN A 103 -5.61 2.22 10.06
C GLN A 103 -6.41 2.98 11.11
N GLN A 104 -5.91 4.15 11.49
CA GLN A 104 -6.57 4.98 12.49
C GLN A 104 -7.30 6.15 11.84
N ASN A 105 -6.75 6.63 10.73
CA ASN A 105 -7.34 7.76 10.01
C ASN A 105 -7.91 7.29 8.67
N SER A 106 -9.24 7.33 8.54
CA SER A 106 -9.90 6.91 7.32
C SER A 106 -9.28 7.59 6.11
N LEU A 107 -9.01 6.81 5.06
CA LEU A 107 -8.41 7.34 3.85
C LEU A 107 -9.30 8.42 3.23
N LYS A 108 -10.57 8.40 3.59
CA LYS A 108 -11.53 9.38 3.07
C LYS A 108 -11.05 10.80 3.34
N ASP A 109 -10.21 10.96 4.36
CA ASP A 109 -9.68 12.26 4.72
C ASP A 109 -9.00 12.93 3.53
N CYS A 110 -8.46 12.11 2.63
CA CYS A 110 -7.78 12.62 1.44
C CYS A 110 -8.55 12.23 0.18
N PHE A 111 -8.92 10.96 0.07
CA PHE A 111 -9.65 10.47 -1.08
C PHE A 111 -11.14 10.30 -0.76
N LYS A 112 -11.92 11.32 -1.06
CA LYS A 112 -13.35 11.29 -0.81
C LYS A 112 -13.98 10.04 -1.41
N SER A 113 -13.33 9.50 -2.43
CA SER A 113 -13.83 8.30 -3.10
C SER A 113 -13.73 7.08 -2.19
N LEU A 114 -12.71 7.06 -1.34
CA LEU A 114 -12.51 5.96 -0.41
C LEU A 114 -12.97 6.33 0.99
N ASP A 115 -14.15 5.86 1.36
CA ASP A 115 -14.71 6.14 2.68
C ASP A 115 -14.33 5.05 3.68
N THR A 116 -13.17 4.44 3.46
CA THR A 116 -12.69 3.37 4.33
C THR A 116 -11.18 3.45 4.52
N THR A 117 -10.66 2.62 5.41
CA THR A 117 -9.22 2.59 5.68
C THR A 117 -8.70 1.17 5.77
N LEU A 118 -7.38 1.03 5.86
CA LEU A 118 -6.76 -0.29 5.95
C LEU A 118 -7.39 -1.11 7.07
N GLN A 119 -8.17 -2.12 6.69
CA GLN A 119 -8.83 -2.98 7.67
C GLN A 119 -7.99 -4.23 7.94
N PHE A 120 -7.52 -4.86 6.88
CA PHE A 120 -6.70 -6.06 7.01
C PHE A 120 -5.62 -6.11 5.94
N PRO A 121 -4.41 -6.51 6.33
CA PRO A 121 -3.27 -6.61 5.41
C PRO A 121 -3.43 -7.75 4.41
N PHE A 122 -2.34 -8.10 3.73
CA PHE A 122 -2.35 -9.18 2.75
C PHE A 122 -2.36 -10.54 3.44
N LYS A 123 -1.64 -10.63 4.56
CA LYS A 123 -1.55 -11.87 5.31
C LYS A 123 -2.64 -11.94 6.37
N GLU A 124 -2.56 -11.03 7.35
CA GLU A 124 -3.53 -10.99 8.43
C GLU A 124 -3.28 -9.80 9.34
N PRO A 125 -4.36 -9.23 9.90
CA PRO A 125 -4.28 -8.07 10.80
C PRO A 125 -3.66 -8.43 12.15
N GLU A 126 -3.11 -7.42 12.83
CA GLU A 126 -2.49 -7.64 14.12
C GLU A 126 -3.23 -6.87 15.21
N LYS A 127 -3.43 -7.52 16.35
CA LYS A 127 -4.13 -6.91 17.48
C LYS A 127 -3.17 -6.63 18.63
N ARG A 128 -2.58 -5.44 18.63
CA ARG A 128 -1.63 -5.05 19.67
C ARG A 128 -1.27 -3.58 19.55
N THR A 129 -1.48 -2.84 20.63
CA THR A 129 -1.17 -1.41 20.65
C THR A 129 0.23 -1.15 21.22
N ILE A 130 1.17 -0.80 20.35
CA ILE A 130 2.53 -0.52 20.76
C ILE A 130 3.27 0.29 19.72
N SER A 131 4.05 1.27 20.18
CA SER A 131 4.81 2.13 19.28
C SER A 131 6.04 2.69 19.99
N ARG A 132 7.18 2.67 19.29
CA ARG A 132 8.43 3.18 19.86
C ARG A 132 8.66 4.63 19.43
N SER A 133 7.59 5.42 19.47
CA SER A 133 7.69 6.83 19.09
C SER A 133 8.80 7.54 19.86
N GLY A 134 9.70 8.17 19.13
CA GLY A 134 10.81 8.87 19.76
C GLY A 134 10.98 10.28 19.22
N PRO A 135 11.92 11.03 19.82
CA PRO A 135 12.21 12.41 19.42
C PRO A 135 12.87 12.49 18.04
N SER A 136 13.06 13.71 17.56
CA SER A 136 13.67 13.93 16.26
C SER A 136 14.26 15.33 16.16
N SER A 137 15.34 15.47 15.39
CA SER A 137 16.00 16.74 15.21
C SER A 137 15.01 17.82 14.76
N GLY A 138 14.38 17.59 13.61
CA GLY A 138 13.41 18.55 13.10
C GLY A 138 14.06 19.64 12.27
N GLY B 1 7.76 14.74 -19.95
CA GLY B 1 6.49 14.08 -19.81
C GLY B 1 5.93 14.16 -18.40
N GLU B 2 5.36 15.31 -18.07
CA GLU B 2 4.79 15.53 -16.73
C GLU B 2 3.27 15.35 -16.76
N ASP B 3 2.82 14.12 -16.54
CA ASP B 3 1.39 13.83 -16.53
C ASP B 3 1.11 12.56 -15.72
N ASP B 4 0.34 12.71 -14.65
CA ASP B 4 -0.02 11.58 -13.80
C ASP B 4 -1.45 11.70 -13.30
N GLY B 5 -2.28 10.74 -13.69
CA GLY B 5 -3.67 10.76 -13.27
C GLY B 5 -4.35 9.41 -13.45
N ASP B 6 -3.79 8.38 -12.81
CA ASP B 6 -4.34 7.04 -12.90
C ASP B 6 -4.88 6.59 -11.55
N PTR B 7 -4.12 6.84 -10.50
CA PTR B 7 -4.52 6.46 -9.15
C PTR B 7 -5.52 7.46 -8.58
O PTR B 7 -5.67 8.57 -9.08
CB PTR B 7 -3.30 6.36 -8.23
CG PTR B 7 -2.36 5.23 -8.60
CD1 PTR B 7 -1.64 5.25 -9.79
CD2 PTR B 7 -2.20 4.14 -7.77
CE1 PTR B 7 -0.79 4.23 -10.13
CE2 PTR B 7 -1.35 3.10 -8.09
CZ PTR B 7 -0.64 3.15 -9.28
OH PTR B 7 0.21 2.12 -9.61
P PTR B 7 -0.18 0.57 -9.62
O1P PTR B 7 -0.80 0.22 -10.91
O2P PTR B 7 1.03 -0.26 -9.42
O3P PTR B 7 -1.15 0.29 -8.53
H PTR B 7 -3.26 7.30 -10.62
HA PTR B 7 -5.00 5.49 -9.21
HB2 PTR B 7 -2.74 7.28 -8.28
HB3 PTR B 7 -3.63 6.20 -7.22
HD1 PTR B 7 -1.76 6.10 -10.45
HD2 PTR B 7 -2.75 4.10 -6.83
HE1 PTR B 7 -0.24 4.26 -11.05
HE2 PTR B 7 -1.23 2.26 -7.42
N GLU B 8 -6.21 7.05 -7.50
CA GLU B 8 -7.19 7.92 -6.86
C GLU B 8 -6.65 9.33 -6.70
N SER B 9 -7.55 10.31 -6.76
CA SER B 9 -7.16 11.71 -6.62
C SER B 9 -7.62 12.28 -5.29
N PRO B 10 -6.78 13.12 -4.67
CA PRO B 10 -7.07 13.74 -3.38
C PRO B 10 -8.19 14.78 -3.47
N ASN B 11 -8.59 15.33 -2.34
CA ASN B 11 -9.64 16.34 -2.30
C ASN B 11 -9.09 17.70 -2.69
N GLU B 12 -9.65 18.28 -3.75
CA GLU B 12 -9.22 19.59 -4.22
C GLU B 12 -10.10 20.70 -3.66
N GLU B 13 -11.33 20.34 -3.29
CA GLU B 13 -12.28 21.29 -2.74
C GLU B 13 -11.94 21.60 -1.28
N GLU B 14 -11.35 20.62 -0.60
CA GLU B 14 -10.99 20.79 0.80
C GLU B 14 -10.46 22.19 1.07
N GLU B 15 -9.75 22.75 0.09
CA GLU B 15 -9.19 24.09 0.22
C GLU B 15 -8.71 24.35 1.64
N GLY A 1 7.90 9.05 -11.32
CA GLY A 1 7.71 10.49 -11.37
C GLY A 1 6.84 10.91 -12.53
N SER A 2 7.47 11.21 -13.67
CA SER A 2 6.75 11.64 -14.85
C SER A 2 6.76 10.55 -15.92
N SER A 3 6.56 9.31 -15.49
CA SER A 3 6.55 8.18 -16.42
C SER A 3 5.77 7.01 -15.82
N GLY A 4 5.56 5.97 -16.64
CA GLY A 4 4.83 4.81 -16.18
C GLY A 4 4.03 4.15 -17.29
N SER A 5 3.48 2.98 -17.00
CA SER A 5 2.69 2.24 -17.99
C SER A 5 1.27 2.00 -17.47
N SER A 6 0.31 2.00 -18.39
CA SER A 6 -1.09 1.78 -18.03
C SER A 6 -1.78 0.87 -19.05
N GLY A 7 -2.29 -0.26 -18.58
CA GLY A 7 -2.96 -1.19 -19.45
C GLY A 7 -3.20 -2.54 -18.79
N LYS A 8 -3.68 -3.50 -19.57
CA LYS A 8 -3.96 -4.84 -19.06
C LYS A 8 -3.10 -5.88 -19.76
N ALA A 9 -2.61 -6.84 -19.00
CA ALA A 9 -1.77 -7.90 -19.54
C ALA A 9 -1.73 -9.11 -18.62
N GLU A 10 -1.15 -10.20 -19.10
CA GLU A 10 -1.05 -11.43 -18.31
C GLU A 10 0.40 -11.87 -18.15
N ALA A 11 0.87 -11.87 -16.91
CA ALA A 11 2.24 -12.27 -16.61
C ALA A 11 2.42 -12.53 -15.12
N GLU A 12 3.25 -13.52 -14.80
CA GLU A 12 3.52 -13.88 -13.41
C GLU A 12 4.83 -14.66 -13.29
N GLN A 13 5.59 -14.36 -12.24
CA GLN A 13 6.86 -15.03 -12.01
C GLN A 13 7.20 -15.05 -10.52
N ASN A 14 7.63 -16.22 -10.04
CA ASN A 14 7.99 -16.37 -8.64
C ASN A 14 9.49 -16.58 -8.47
N TRP A 15 10.17 -15.56 -7.95
CA TRP A 15 11.61 -15.63 -7.75
C TRP A 15 11.97 -15.36 -6.29
N TRP A 16 11.13 -15.85 -5.38
CA TRP A 16 11.36 -15.66 -3.95
C TRP A 16 12.27 -16.75 -3.39
N GLU A 17 13.55 -16.42 -3.26
CA GLU A 17 14.53 -17.38 -2.75
C GLU A 17 15.10 -16.90 -1.42
N GLY A 18 14.33 -17.08 -0.35
CA GLY A 18 14.77 -16.66 0.97
C GLY A 18 15.60 -15.39 0.92
N PRO A 19 14.99 -14.30 0.45
CA PRO A 19 15.66 -12.99 0.35
C PRO A 19 15.94 -12.38 1.71
N PRO A 20 16.93 -11.47 1.76
CA PRO A 20 17.31 -10.78 2.99
C PRO A 20 16.25 -9.79 3.47
N GLN A 21 16.59 -9.02 4.49
CA GLN A 21 15.66 -8.03 5.04
C GLN A 21 14.89 -7.33 3.91
N ASP A 22 13.57 -7.46 3.95
CA ASP A 22 12.72 -6.84 2.94
C ASP A 22 11.32 -6.60 3.49
N LEU A 23 10.51 -5.88 2.72
CA LEU A 23 9.13 -5.58 3.13
C LEU A 23 8.44 -6.82 3.69
N SER A 24 8.87 -7.99 3.22
CA SER A 24 8.30 -9.25 3.67
C SER A 24 8.04 -9.22 5.18
N VAL A 25 9.00 -8.71 5.94
CA VAL A 25 8.88 -8.62 7.38
C VAL A 25 7.50 -8.13 7.78
N HIS A 26 7.02 -7.09 7.11
CA HIS A 26 5.71 -6.52 7.40
C HIS A 26 4.60 -7.54 7.12
N LEU A 27 3.54 -7.49 7.90
CA LEU A 27 2.41 -8.40 7.74
C LEU A 27 1.79 -8.25 6.35
N TRP A 28 2.22 -7.22 5.63
CA TRP A 28 1.70 -6.96 4.30
C TRP A 28 2.84 -6.72 3.30
N TYR A 29 2.82 -7.46 2.20
CA TYR A 29 3.84 -7.33 1.18
C TYR A 29 3.28 -7.62 -0.21
N ALA A 30 3.74 -6.86 -1.20
CA ALA A 30 3.28 -7.04 -2.57
C ALA A 30 4.33 -6.58 -3.57
N GLY A 31 4.94 -7.53 -4.27
CA GLY A 31 5.96 -7.20 -5.25
C GLY A 31 5.42 -6.37 -6.40
N PRO A 32 5.96 -6.59 -7.60
CA PRO A 32 5.54 -5.86 -8.80
C PRO A 32 4.14 -6.25 -9.25
N MET A 33 3.46 -7.06 -8.45
CA MET A 33 2.11 -7.50 -8.76
C MET A 33 1.35 -6.42 -9.54
N GLU A 34 0.91 -6.76 -10.74
CA GLU A 34 0.18 -5.82 -11.58
C GLU A 34 -1.24 -5.59 -11.03
N ARG A 35 -1.91 -4.57 -11.54
CA ARG A 35 -3.25 -4.25 -11.11
C ARG A 35 -4.04 -5.51 -10.79
N ALA A 36 -4.37 -6.27 -11.84
CA ALA A 36 -5.12 -7.51 -11.67
C ALA A 36 -4.49 -8.40 -10.60
N GLY A 37 -3.17 -8.46 -10.59
CA GLY A 37 -2.46 -9.27 -9.62
C GLY A 37 -2.90 -8.97 -8.20
N ALA A 38 -3.25 -7.71 -7.95
CA ALA A 38 -3.68 -7.30 -6.61
C ALA A 38 -5.18 -7.51 -6.44
N GLU A 39 -5.97 -6.93 -7.33
CA GLU A 39 -7.43 -7.06 -7.26
C GLU A 39 -7.83 -8.50 -6.96
N SER A 40 -7.18 -9.44 -7.64
CA SER A 40 -7.47 -10.85 -7.45
C SER A 40 -7.35 -11.24 -5.98
N ILE A 41 -6.39 -10.63 -5.30
CA ILE A 41 -6.17 -10.92 -3.88
C ILE A 41 -7.29 -10.36 -3.02
N LEU A 42 -7.31 -9.04 -2.86
CA LEU A 42 -8.34 -8.38 -2.06
C LEU A 42 -9.73 -8.85 -2.47
N ALA A 43 -9.82 -9.47 -3.64
CA ALA A 43 -11.09 -9.96 -4.15
C ALA A 43 -11.57 -11.16 -3.34
N ASN A 44 -10.64 -12.04 -2.97
CA ASN A 44 -10.97 -13.23 -2.19
C ASN A 44 -10.98 -12.91 -0.70
N ARG A 45 -10.01 -12.11 -0.26
CA ARG A 45 -9.90 -11.73 1.14
C ARG A 45 -11.16 -11.01 1.60
N SER A 46 -11.28 -10.82 2.91
CA SER A 46 -12.44 -10.14 3.48
C SER A 46 -12.57 -8.72 2.92
N ASP A 47 -13.73 -8.12 3.11
CA ASP A 47 -13.99 -6.76 2.63
C ASP A 47 -13.20 -5.75 3.43
N GLY A 48 -12.23 -5.11 2.79
CA GLY A 48 -11.41 -4.12 3.46
C GLY A 48 -9.93 -4.47 3.45
N THR A 49 -9.60 -5.57 2.78
CA THR A 49 -8.21 -6.02 2.69
C THR A 49 -7.36 -5.01 1.92
N PHE A 50 -6.05 -5.04 2.17
CA PHE A 50 -5.13 -4.13 1.50
C PHE A 50 -3.74 -4.74 1.41
N LEU A 51 -2.84 -4.05 0.71
CA LEU A 51 -1.47 -4.52 0.55
C LEU A 51 -0.57 -3.41 0.02
N VAL A 52 0.72 -3.71 -0.07
CA VAL A 52 1.69 -2.73 -0.57
C VAL A 52 2.37 -3.23 -1.84
N ARG A 53 2.11 -2.53 -2.94
CA ARG A 53 2.70 -2.90 -4.22
C ARG A 53 3.87 -1.99 -4.57
N GLN A 54 4.64 -2.38 -5.59
CA GLN A 54 5.79 -1.60 -6.02
C GLN A 54 5.83 -1.47 -7.53
N ARG A 55 6.54 -0.46 -8.02
CA ARG A 55 6.65 -0.23 -9.46
C ARG A 55 7.92 -0.89 -10.02
N VAL A 56 7.74 -1.69 -11.07
CA VAL A 56 8.85 -2.38 -11.70
C VAL A 56 9.67 -1.43 -12.56
N LYS A 57 9.01 -0.43 -13.13
CA LYS A 57 9.68 0.55 -13.97
C LYS A 57 10.78 1.27 -13.20
N ASP A 58 10.50 1.60 -11.96
CA ASP A 58 11.47 2.29 -11.11
C ASP A 58 11.34 1.86 -9.66
N ALA A 59 12.46 1.45 -9.06
CA ALA A 59 12.46 1.02 -7.67
C ALA A 59 12.53 2.21 -6.72
N ALA A 60 11.79 3.27 -7.05
CA ALA A 60 11.77 4.46 -6.22
C ALA A 60 10.34 4.92 -5.97
N GLU A 61 9.45 3.97 -5.71
CA GLU A 61 8.05 4.29 -5.46
C GLU A 61 7.30 3.06 -4.93
N PHE A 62 6.04 3.26 -4.54
CA PHE A 62 5.22 2.17 -4.02
C PHE A 62 3.74 2.48 -4.22
N ALA A 63 2.89 1.53 -3.82
CA ALA A 63 1.45 1.70 -3.95
C ALA A 63 0.71 0.91 -2.88
N ILE A 64 -0.55 1.25 -2.65
CA ILE A 64 -1.37 0.58 -1.66
C ILE A 64 -2.76 0.26 -2.20
N SER A 65 -2.98 -1.01 -2.53
CA SER A 65 -4.27 -1.44 -3.06
C SER A 65 -5.15 -2.00 -1.95
N ILE A 66 -6.45 -1.70 -2.03
CA ILE A 66 -7.40 -2.17 -1.03
C ILE A 66 -8.79 -2.37 -1.65
N LYS A 67 -9.49 -3.40 -1.20
CA LYS A 67 -10.82 -3.70 -1.70
C LYS A 67 -11.88 -2.98 -0.88
N TYR A 68 -12.77 -2.27 -1.55
CA TYR A 68 -13.83 -1.53 -0.88
C TYR A 68 -14.89 -1.06 -1.87
N ASN A 69 -16.16 -1.14 -1.46
CA ASN A 69 -17.26 -0.73 -2.33
C ASN A 69 -17.34 -1.60 -3.57
N VAL A 70 -17.35 -2.92 -3.36
CA VAL A 70 -17.43 -3.86 -4.46
C VAL A 70 -16.44 -3.51 -5.56
N GLU A 71 -15.37 -2.83 -5.19
CA GLU A 71 -14.34 -2.42 -6.14
C GLU A 71 -12.99 -2.26 -5.46
N VAL A 72 -11.94 -2.67 -6.16
CA VAL A 72 -10.58 -2.57 -5.61
C VAL A 72 -9.89 -1.30 -6.10
N LYS A 73 -9.51 -0.45 -5.15
CA LYS A 73 -8.83 0.80 -5.48
C LYS A 73 -7.33 0.67 -5.30
N HIS A 74 -6.60 1.70 -5.70
CA HIS A 74 -5.14 1.70 -5.58
C HIS A 74 -4.63 3.09 -5.22
N ILE A 75 -3.63 3.13 -4.35
CA ILE A 75 -3.04 4.40 -3.92
C ILE A 75 -1.56 4.46 -4.26
N LYS A 76 -1.20 5.39 -5.15
CA LYS A 76 0.19 5.56 -5.56
C LYS A 76 0.98 6.33 -4.50
N ILE A 77 2.25 5.97 -4.33
CA ILE A 77 3.10 6.63 -3.36
C ILE A 77 4.25 7.36 -4.05
N MET A 78 4.54 8.57 -3.59
CA MET A 78 5.62 9.36 -4.15
C MET A 78 6.83 9.39 -3.23
N THR A 79 7.99 9.67 -3.80
CA THR A 79 9.23 9.71 -3.03
C THR A 79 10.24 10.67 -3.65
N ALA A 80 10.77 11.58 -2.84
CA ALA A 80 11.74 12.56 -3.31
C ALA A 80 13.02 12.50 -2.49
N GLU A 81 12.90 12.72 -1.19
CA GLU A 81 14.05 12.69 -0.29
C GLU A 81 13.92 11.56 0.72
N GLY A 82 13.53 10.38 0.24
CA GLY A 82 13.37 9.23 1.12
C GLY A 82 12.16 9.36 2.02
N LEU A 83 11.11 9.98 1.51
CA LEU A 83 9.88 10.17 2.29
C LEU A 83 8.68 9.56 1.56
N TYR A 84 7.62 9.28 2.31
CA TYR A 84 6.42 8.70 1.73
C TYR A 84 5.19 9.53 2.07
N ARG A 85 4.45 9.94 1.06
CA ARG A 85 3.25 10.75 1.25
C ARG A 85 2.37 10.71 0.01
N ILE A 86 1.06 10.82 0.21
CA ILE A 86 0.11 10.80 -0.89
C ILE A 86 -0.49 12.19 -1.12
N THR A 87 -0.33 13.06 -0.13
CA THR A 87 -0.86 14.42 -0.22
C THR A 87 0.00 15.40 0.56
N GLU A 88 0.36 16.51 -0.08
CA GLU A 88 1.19 17.52 0.55
C GLU A 88 0.69 17.84 1.96
N LYS A 89 -0.60 17.59 2.19
CA LYS A 89 -1.21 17.85 3.49
C LYS A 89 -0.56 16.99 4.57
N LYS A 90 -0.48 15.69 4.32
CA LYS A 90 0.12 14.76 5.28
C LYS A 90 1.41 14.16 4.72
N ALA A 91 2.39 13.96 5.58
CA ALA A 91 3.66 13.38 5.17
C ALA A 91 4.23 12.46 6.25
N PHE A 92 4.89 11.39 5.82
CA PHE A 92 5.47 10.43 6.75
C PHE A 92 6.96 10.25 6.49
N ARG A 93 7.64 9.54 7.38
CA ARG A 93 9.07 9.31 7.25
C ARG A 93 9.34 7.91 6.69
N GLY A 94 8.36 7.01 6.85
CA GLY A 94 8.51 5.66 6.37
C GLY A 94 7.18 5.03 5.97
N LEU A 95 7.21 4.17 4.96
CA LEU A 95 6.01 3.50 4.49
C LEU A 95 5.31 2.76 5.62
N THR A 96 6.10 2.08 6.45
CA THR A 96 5.56 1.33 7.58
C THR A 96 4.59 2.18 8.39
N GLU A 97 5.02 3.37 8.77
CA GLU A 97 4.18 4.28 9.55
C GLU A 97 2.97 4.73 8.73
N LEU A 98 3.23 5.18 7.51
CA LEU A 98 2.17 5.65 6.62
C LEU A 98 1.03 4.63 6.55
N VAL A 99 1.39 3.35 6.64
CA VAL A 99 0.39 2.28 6.59
C VAL A 99 -0.15 1.98 7.97
N GLU A 100 0.73 1.93 8.96
CA GLU A 100 0.34 1.64 10.33
C GLU A 100 -0.44 2.81 10.93
N PHE A 101 -0.51 3.90 10.18
CA PHE A 101 -1.22 5.10 10.64
C PHE A 101 -2.64 5.13 10.06
N TYR A 102 -2.74 4.90 8.75
CA TYR A 102 -4.04 4.91 8.08
C TYR A 102 -5.03 3.99 8.78
N GLN A 103 -4.54 2.85 9.25
CA GLN A 103 -5.39 1.88 9.94
C GLN A 103 -6.15 2.55 11.08
N GLN A 104 -5.69 3.73 11.48
CA GLN A 104 -6.34 4.47 12.56
C GLN A 104 -6.97 5.74 12.04
N ASN A 105 -6.64 6.11 10.80
CA ASN A 105 -7.18 7.31 10.19
C ASN A 105 -7.82 7.00 8.84
N SER A 106 -9.15 7.04 8.79
CA SER A 106 -9.88 6.76 7.56
C SER A 106 -9.33 7.58 6.39
N LEU A 107 -9.47 7.05 5.19
CA LEU A 107 -8.99 7.73 3.99
C LEU A 107 -10.03 8.72 3.47
N LYS A 108 -11.27 8.56 3.93
CA LYS A 108 -12.35 9.44 3.51
C LYS A 108 -12.02 10.90 3.79
N ASP A 109 -11.04 11.11 4.67
CA ASP A 109 -10.61 12.46 5.02
C ASP A 109 -9.94 13.15 3.83
N CYS A 110 -8.99 12.46 3.22
CA CYS A 110 -8.27 13.00 2.07
C CYS A 110 -8.91 12.55 0.76
N PHE A 111 -9.21 11.26 0.66
CA PHE A 111 -9.83 10.71 -0.53
C PHE A 111 -11.35 10.73 -0.42
N LYS A 112 -12.01 11.18 -1.48
CA LYS A 112 -13.47 11.26 -1.51
C LYS A 112 -14.07 9.90 -1.85
N SER A 113 -13.49 9.24 -2.84
CA SER A 113 -13.97 7.93 -3.27
C SER A 113 -13.79 6.89 -2.17
N LEU A 114 -12.60 6.87 -1.57
CA LEU A 114 -12.30 5.93 -0.50
C LEU A 114 -12.88 6.41 0.82
N ASP A 115 -13.89 5.69 1.30
CA ASP A 115 -14.53 6.04 2.57
C ASP A 115 -14.19 5.02 3.65
N THR A 116 -12.98 4.48 3.58
CA THR A 116 -12.53 3.49 4.56
C THR A 116 -11.01 3.51 4.69
N THR A 117 -10.50 2.71 5.63
CA THR A 117 -9.06 2.63 5.86
C THR A 117 -8.58 1.19 5.89
N LEU A 118 -7.28 1.00 5.80
CA LEU A 118 -6.69 -0.34 5.81
C LEU A 118 -7.30 -1.19 6.93
N GLN A 119 -8.12 -2.16 6.55
CA GLN A 119 -8.77 -3.03 7.53
C GLN A 119 -7.90 -4.26 7.81
N PHE A 120 -7.47 -4.93 6.74
CA PHE A 120 -6.64 -6.12 6.88
C PHE A 120 -5.59 -6.17 5.76
N PRO A 121 -4.35 -6.50 6.14
CA PRO A 121 -3.24 -6.59 5.20
C PRO A 121 -3.37 -7.79 4.26
N PHE A 122 -2.30 -8.10 3.53
CA PHE A 122 -2.30 -9.21 2.59
C PHE A 122 -2.26 -10.54 3.35
N LYS A 123 -1.58 -10.54 4.49
CA LYS A 123 -1.46 -11.75 5.30
C LYS A 123 -2.55 -11.80 6.36
N GLU A 124 -2.52 -10.87 7.30
CA GLU A 124 -3.51 -10.81 8.36
C GLU A 124 -3.34 -9.53 9.20
N PRO A 125 -4.45 -9.04 9.76
CA PRO A 125 -4.45 -7.84 10.59
C PRO A 125 -3.75 -8.04 11.93
N GLU A 126 -3.92 -7.09 12.84
CA GLU A 126 -3.31 -7.17 14.16
C GLU A 126 -4.31 -6.85 15.26
N LYS A 127 -3.96 -7.18 16.49
CA LYS A 127 -4.82 -6.92 17.64
C LYS A 127 -4.23 -5.85 18.54
N ARG A 128 -2.98 -6.06 18.93
CA ARG A 128 -2.28 -5.11 19.81
C ARG A 128 -2.26 -3.72 19.19
N THR A 129 -1.47 -3.55 18.13
CA THR A 129 -1.36 -2.27 17.46
C THR A 129 -0.58 -1.27 18.30
N ILE A 130 0.34 -1.78 19.12
CA ILE A 130 1.15 -0.93 19.98
C ILE A 130 2.62 -1.34 19.91
N SER A 131 3.50 -0.34 19.77
CA SER A 131 4.93 -0.59 19.70
C SER A 131 5.72 0.67 20.00
N ARG A 132 6.78 0.52 20.80
CA ARG A 132 7.62 1.66 21.17
C ARG A 132 9.05 1.45 20.70
N SER A 133 9.30 1.78 19.43
CA SER A 133 10.63 1.63 18.86
C SER A 133 10.83 2.60 17.69
N GLY A 134 12.07 2.67 17.20
CA GLY A 134 12.37 3.56 16.09
C GLY A 134 12.54 2.81 14.78
N PRO A 135 11.44 2.68 14.03
CA PRO A 135 11.46 1.98 12.73
C PRO A 135 12.22 2.76 11.67
N SER A 136 12.35 4.07 11.86
CA SER A 136 13.05 4.92 10.91
C SER A 136 14.42 4.34 10.56
N SER A 137 14.67 4.18 9.27
CA SER A 137 15.94 3.63 8.81
C SER A 137 16.38 4.29 7.51
N GLY A 138 17.62 4.80 7.50
CA GLY A 138 18.14 5.45 6.31
C GLY A 138 19.62 5.19 6.11
N GLY B 1 4.54 11.55 -20.85
CA GLY B 1 4.55 11.89 -19.44
C GLY B 1 3.28 12.61 -19.02
N GLU B 2 2.33 11.85 -18.48
CA GLU B 2 1.05 12.43 -18.04
C GLU B 2 0.35 11.48 -17.08
N ASP B 3 -0.44 12.06 -16.17
CA ASP B 3 -1.18 11.26 -15.19
C ASP B 3 -2.69 11.43 -15.39
N ASP B 4 -3.33 10.38 -15.90
CA ASP B 4 -4.77 10.41 -16.13
C ASP B 4 -5.54 10.05 -14.87
N GLY B 5 -4.94 10.34 -13.71
CA GLY B 5 -5.57 10.03 -12.45
C GLY B 5 -6.23 8.66 -12.45
N ASP B 6 -5.42 7.61 -12.38
CA ASP B 6 -5.93 6.25 -12.37
C ASP B 6 -6.15 5.75 -10.94
N PTR B 7 -5.28 6.19 -10.03
CA PTR B 7 -5.39 5.80 -8.63
C PTR B 7 -6.23 6.79 -7.84
O PTR B 7 -6.62 7.84 -8.35
CB PTR B 7 -4.00 5.68 -8.00
CG PTR B 7 -3.20 4.50 -8.50
CD1 PTR B 7 -2.65 3.59 -7.61
CD2 PTR B 7 -3.01 4.29 -9.85
CE1 PTR B 7 -1.92 2.51 -8.05
CE2 PTR B 7 -2.29 3.20 -10.31
CZ PTR B 7 -1.74 2.31 -9.41
OH PTR B 7 -1.02 1.23 -9.86
P PTR B 7 -1.43 0.32 -11.10
O1P PTR B 7 -2.70 -0.38 -10.82
O2P PTR B 7 -1.59 1.14 -12.32
O3P PTR B 7 -0.38 -0.70 -11.35
H PTR B 7 -4.56 6.80 -10.30
HA PTR B 7 -5.87 4.83 -8.59
HB2 PTR B 7 -3.44 6.58 -8.23
HB3 PTR B 7 -4.10 5.60 -6.93
HD1 PTR B 7 -2.79 3.75 -6.54
HD2 PTR B 7 -3.44 4.99 -10.56
HE1 PTR B 7 -1.49 1.81 -7.35
HE2 PTR B 7 -2.15 3.06 -11.38
N GLU B 8 -6.53 6.45 -6.59
CA GLU B 8 -7.32 7.32 -5.73
C GLU B 8 -6.97 8.79 -5.94
N SER B 9 -7.85 9.68 -5.53
CA SER B 9 -7.63 11.11 -5.68
C SER B 9 -8.06 11.86 -4.42
N PRO B 10 -7.23 12.81 -3.99
CA PRO B 10 -7.50 13.62 -2.79
C PRO B 10 -8.65 14.59 -3.01
N ASN B 11 -9.14 15.18 -1.91
CA ASN B 11 -10.23 16.13 -1.98
C ASN B 11 -9.74 17.52 -2.37
N GLU B 12 -10.11 17.98 -3.55
CA GLU B 12 -9.71 19.28 -4.04
C GLU B 12 -10.73 20.35 -3.67
N GLU B 13 -12.01 20.05 -3.89
CA GLU B 13 -13.08 20.98 -3.58
C GLU B 13 -13.03 21.40 -2.12
N GLU B 14 -12.55 20.50 -1.26
CA GLU B 14 -12.45 20.77 0.17
C GLU B 14 -11.01 21.08 0.57
N GLU B 15 -10.78 22.29 1.07
CA GLU B 15 -9.44 22.70 1.48
C GLU B 15 -8.81 21.65 2.39
N GLY A 1 -27.05 -42.27 29.29
CA GLY A 1 -25.98 -42.71 28.41
C GLY A 1 -24.77 -41.81 28.47
N SER A 2 -24.11 -41.63 27.33
CA SER A 2 -22.92 -40.79 27.26
C SER A 2 -23.27 -39.34 27.56
N SER A 3 -22.25 -38.55 27.90
CA SER A 3 -22.45 -37.15 28.23
C SER A 3 -21.82 -36.25 27.16
N GLY A 4 -20.58 -36.57 26.78
CA GLY A 4 -19.89 -35.79 25.77
C GLY A 4 -18.76 -36.57 25.12
N SER A 5 -17.86 -35.85 24.45
CA SER A 5 -16.73 -36.47 23.77
C SER A 5 -15.44 -35.72 24.05
N SER A 6 -14.32 -36.34 23.75
CA SER A 6 -13.01 -35.73 23.97
C SER A 6 -13.02 -34.27 23.57
N GLY A 7 -12.37 -33.43 24.37
CA GLY A 7 -12.32 -32.01 24.07
C GLY A 7 -10.96 -31.57 23.56
N LYS A 8 -10.92 -30.42 22.90
CA LYS A 8 -9.67 -29.89 22.35
C LYS A 8 -9.30 -28.58 23.04
N ALA A 9 -8.02 -28.23 22.96
CA ALA A 9 -7.53 -27.00 23.57
C ALA A 9 -6.79 -26.14 22.55
N GLU A 10 -7.41 -25.04 22.14
CA GLU A 10 -6.82 -24.14 21.18
C GLU A 10 -5.94 -23.10 21.86
N ALA A 11 -4.71 -22.96 21.38
CA ALA A 11 -3.76 -21.99 21.95
C ALA A 11 -3.07 -21.19 20.85
N GLU A 12 -2.44 -20.09 21.24
CA GLU A 12 -1.74 -19.23 20.29
C GLU A 12 -0.33 -18.91 20.79
N GLN A 13 0.45 -18.26 19.94
CA GLN A 13 1.82 -17.90 20.28
C GLN A 13 2.15 -16.50 19.77
N ASN A 14 3.14 -15.86 20.40
CA ASN A 14 3.55 -14.52 20.02
C ASN A 14 4.53 -14.57 18.85
N TRP A 15 4.00 -14.41 17.64
CA TRP A 15 4.83 -14.43 16.44
C TRP A 15 4.60 -13.18 15.59
N TRP A 16 4.38 -12.05 16.26
CA TRP A 16 4.15 -10.79 15.57
C TRP A 16 5.39 -9.89 15.65
N GLU A 17 5.93 -9.54 14.48
CA GLU A 17 7.11 -8.68 14.42
C GLU A 17 7.20 -7.98 13.08
N GLY A 18 6.90 -6.68 13.07
CA GLY A 18 6.95 -5.91 11.85
C GLY A 18 8.09 -4.91 11.83
N PRO A 19 9.33 -5.43 11.82
CA PRO A 19 10.53 -4.60 11.80
C PRO A 19 10.72 -3.86 10.48
N PRO A 20 11.67 -2.92 10.45
CA PRO A 20 11.96 -2.13 9.25
C PRO A 20 12.62 -2.96 8.16
N GLN A 21 12.90 -4.22 8.46
CA GLN A 21 13.53 -5.12 7.50
C GLN A 21 12.66 -5.29 6.26
N ASP A 22 13.09 -6.15 5.36
CA ASP A 22 12.36 -6.41 4.13
C ASP A 22 10.85 -6.32 4.36
N LEU A 23 10.13 -5.77 3.38
CA LEU A 23 8.69 -5.62 3.49
C LEU A 23 8.03 -6.96 3.83
N SER A 24 8.70 -8.05 3.47
CA SER A 24 8.18 -9.38 3.74
C SER A 24 7.84 -9.56 5.22
N VAL A 25 8.65 -8.94 6.08
CA VAL A 25 8.44 -9.02 7.52
C VAL A 25 7.06 -8.48 7.91
N HIS A 26 6.57 -7.53 7.13
CA HIS A 26 5.26 -6.93 7.39
C HIS A 26 4.14 -7.88 6.99
N LEU A 27 3.05 -7.86 7.76
CA LEU A 27 1.92 -8.72 7.50
C LEU A 27 1.35 -8.46 6.11
N TRP A 28 1.81 -7.40 5.47
CA TRP A 28 1.35 -7.04 4.14
C TRP A 28 2.54 -6.77 3.22
N TYR A 29 2.55 -7.44 2.07
CA TYR A 29 3.62 -7.29 1.10
C TYR A 29 3.11 -7.51 -0.32
N ALA A 30 3.62 -6.73 -1.26
CA ALA A 30 3.22 -6.84 -2.66
C ALA A 30 4.32 -6.34 -3.59
N GLY A 31 4.95 -7.26 -4.31
CA GLY A 31 6.01 -6.88 -5.22
C GLY A 31 5.49 -6.15 -6.46
N PRO A 32 6.12 -6.41 -7.61
CA PRO A 32 5.72 -5.79 -8.88
C PRO A 32 4.37 -6.29 -9.38
N MET A 33 3.71 -7.10 -8.57
CA MET A 33 2.41 -7.65 -8.93
C MET A 33 1.64 -6.68 -9.83
N GLU A 34 0.92 -7.23 -10.80
CA GLU A 34 0.13 -6.41 -11.72
C GLU A 34 -1.22 -6.05 -11.13
N ARG A 35 -1.86 -5.04 -11.69
CA ARG A 35 -3.16 -4.58 -11.21
C ARG A 35 -4.06 -5.78 -10.90
N ALA A 36 -4.28 -6.62 -11.90
CA ALA A 36 -5.12 -7.80 -11.74
C ALA A 36 -4.72 -8.60 -10.52
N GLY A 37 -3.40 -8.75 -10.32
CA GLY A 37 -2.91 -9.49 -9.18
C GLY A 37 -3.34 -8.90 -7.85
N ALA A 38 -3.38 -7.58 -7.79
CA ALA A 38 -3.77 -6.88 -6.57
C ALA A 38 -5.27 -7.04 -6.31
N GLU A 39 -6.08 -6.70 -7.32
CA GLU A 39 -7.52 -6.81 -7.21
C GLU A 39 -7.94 -8.23 -6.88
N SER A 40 -7.41 -9.19 -7.63
CA SER A 40 -7.73 -10.59 -7.44
C SER A 40 -7.41 -11.02 -6.00
N ILE A 41 -6.31 -10.53 -5.48
CA ILE A 41 -5.90 -10.85 -4.11
C ILE A 41 -6.91 -10.34 -3.10
N LEU A 42 -7.08 -9.02 -3.04
CA LEU A 42 -8.01 -8.40 -2.12
C LEU A 42 -9.45 -8.70 -2.52
N ALA A 43 -9.61 -9.46 -3.58
CA ALA A 43 -10.93 -9.83 -4.07
C ALA A 43 -11.50 -11.01 -3.31
N ASN A 44 -10.65 -12.00 -3.04
CA ASN A 44 -11.07 -13.20 -2.31
C ASN A 44 -11.20 -12.90 -0.83
N ARG A 45 -10.29 -12.09 -0.30
CA ARG A 45 -10.31 -11.74 1.12
C ARG A 45 -11.59 -11.01 1.48
N SER A 46 -11.67 -10.52 2.71
CA SER A 46 -12.85 -9.82 3.18
C SER A 46 -12.81 -8.35 2.77
N ASP A 47 -13.97 -7.78 2.52
CA ASP A 47 -14.07 -6.38 2.12
C ASP A 47 -13.33 -5.48 3.11
N GLY A 48 -12.12 -5.08 2.74
CA GLY A 48 -11.33 -4.22 3.61
C GLY A 48 -9.86 -4.57 3.57
N THR A 49 -9.52 -5.67 2.90
CA THR A 49 -8.13 -6.10 2.79
C THR A 49 -7.30 -5.10 2.00
N PHE A 50 -6.03 -4.96 2.38
CA PHE A 50 -5.13 -4.04 1.70
C PHE A 50 -3.75 -4.67 1.49
N LEU A 51 -2.84 -3.92 0.89
CA LEU A 51 -1.50 -4.41 0.63
C LEU A 51 -0.59 -3.27 0.13
N VAL A 52 0.68 -3.59 -0.07
CA VAL A 52 1.64 -2.60 -0.56
C VAL A 52 2.31 -3.07 -1.83
N ARG A 53 2.05 -2.35 -2.93
CA ARG A 53 2.63 -2.69 -4.22
C ARG A 53 3.74 -1.71 -4.60
N GLN A 54 4.60 -2.12 -5.52
CA GLN A 54 5.70 -1.27 -5.97
C GLN A 54 5.60 -1.01 -7.47
N ARG A 55 6.26 0.05 -7.93
CA ARG A 55 6.25 0.42 -9.34
C ARG A 55 7.47 -0.16 -10.05
N VAL A 56 7.32 -0.44 -11.34
CA VAL A 56 8.42 -0.99 -12.13
C VAL A 56 9.28 0.13 -12.73
N LYS A 57 8.62 1.17 -13.22
CA LYS A 57 9.32 2.30 -13.81
C LYS A 57 10.50 2.73 -12.95
N ASP A 58 10.30 2.74 -11.64
CA ASP A 58 11.35 3.13 -10.70
C ASP A 58 11.13 2.46 -9.34
N ALA A 59 12.21 1.93 -8.78
CA ALA A 59 12.14 1.27 -7.48
C ALA A 59 12.22 2.28 -6.34
N ALA A 60 11.54 3.41 -6.52
CA ALA A 60 11.53 4.46 -5.49
C ALA A 60 10.11 4.94 -5.22
N GLU A 61 9.15 4.04 -5.36
CA GLU A 61 7.75 4.38 -5.12
C GLU A 61 6.97 3.15 -4.63
N PHE A 62 5.74 3.38 -4.19
CA PHE A 62 4.90 2.30 -3.69
C PHE A 62 3.42 2.62 -3.91
N ALA A 63 2.56 1.68 -3.53
CA ALA A 63 1.12 1.86 -3.68
C ALA A 63 0.35 1.05 -2.65
N ILE A 64 -0.81 1.55 -2.25
CA ILE A 64 -1.64 0.86 -1.26
C ILE A 64 -3.02 0.53 -1.84
N SER A 65 -3.17 -0.72 -2.27
CA SER A 65 -4.44 -1.17 -2.85
C SER A 65 -5.28 -1.90 -1.81
N ILE A 66 -6.56 -1.54 -1.73
CA ILE A 66 -7.46 -2.16 -0.78
C ILE A 66 -8.82 -2.44 -1.42
N LYS A 67 -9.43 -3.57 -1.06
CA LYS A 67 -10.73 -3.95 -1.58
C LYS A 67 -11.85 -3.36 -0.75
N TYR A 68 -12.69 -2.55 -1.38
CA TYR A 68 -13.82 -1.92 -0.69
C TYR A 68 -14.83 -1.37 -1.70
N ASN A 69 -16.11 -1.57 -1.40
CA ASN A 69 -17.18 -1.10 -2.27
C ASN A 69 -17.28 -1.95 -3.53
N VAL A 70 -17.40 -3.26 -3.34
CA VAL A 70 -17.50 -4.19 -4.46
C VAL A 70 -16.50 -3.85 -5.55
N GLU A 71 -15.41 -3.20 -5.16
CA GLU A 71 -14.37 -2.81 -6.12
C GLU A 71 -13.03 -2.61 -5.41
N VAL A 72 -11.95 -2.99 -6.08
CA VAL A 72 -10.62 -2.84 -5.52
C VAL A 72 -9.98 -1.52 -5.93
N LYS A 73 -9.71 -0.67 -4.95
CA LYS A 73 -9.11 0.63 -5.19
C LYS A 73 -7.59 0.57 -5.03
N HIS A 74 -6.90 1.56 -5.59
CA HIS A 74 -5.44 1.62 -5.51
C HIS A 74 -4.96 3.07 -5.43
N ILE A 75 -3.87 3.28 -4.70
CA ILE A 75 -3.31 4.61 -4.54
C ILE A 75 -1.80 4.59 -4.71
N LYS A 76 -1.27 5.61 -5.37
CA LYS A 76 0.17 5.72 -5.60
C LYS A 76 0.86 6.38 -4.41
N ILE A 77 2.13 6.04 -4.21
CA ILE A 77 2.91 6.61 -3.10
C ILE A 77 4.16 7.30 -3.61
N MET A 78 4.32 8.57 -3.26
CA MET A 78 5.48 9.34 -3.67
C MET A 78 6.60 9.24 -2.64
N THR A 79 7.79 9.71 -3.02
CA THR A 79 8.94 9.66 -2.13
C THR A 79 9.80 10.91 -2.28
N ALA A 80 10.21 11.48 -1.15
CA ALA A 80 11.04 12.69 -1.17
C ALA A 80 12.20 12.57 -0.17
N GLU A 81 13.42 12.48 -0.70
CA GLU A 81 14.60 12.36 0.14
C GLU A 81 14.39 11.31 1.22
N GLY A 82 13.88 10.16 0.84
CA GLY A 82 13.64 9.08 1.78
C GLY A 82 12.33 9.25 2.51
N LEU A 83 11.39 9.96 1.90
CA LEU A 83 10.08 10.18 2.50
C LEU A 83 9.00 9.35 1.81
N TYR A 84 7.77 9.48 2.27
CA TYR A 84 6.65 8.76 1.69
C TYR A 84 5.33 9.50 1.91
N ARG A 85 4.62 9.74 0.81
CA ARG A 85 3.34 10.45 0.89
C ARG A 85 2.53 10.22 -0.39
N ILE A 86 1.26 9.85 -0.21
CA ILE A 86 0.37 9.59 -1.34
C ILE A 86 -0.25 10.88 -1.84
N THR A 87 -0.20 11.93 -1.01
CA THR A 87 -0.77 13.22 -1.36
C THR A 87 -0.02 14.36 -0.68
N GLU A 88 0.31 15.39 -1.46
CA GLU A 88 1.04 16.54 -0.93
C GLU A 88 0.39 17.05 0.36
N LYS A 89 -0.91 16.77 0.50
CA LYS A 89 -1.64 17.20 1.68
C LYS A 89 -1.00 16.65 2.95
N LYS A 90 -0.77 15.34 2.99
CA LYS A 90 -0.16 14.69 4.14
C LYS A 90 1.17 14.06 3.76
N ALA A 91 2.10 14.04 4.71
CA ALA A 91 3.42 13.45 4.48
C ALA A 91 3.81 12.52 5.61
N PHE A 92 4.81 11.68 5.37
CA PHE A 92 5.28 10.72 6.36
C PHE A 92 6.79 10.51 6.25
N ARG A 93 7.35 9.76 7.19
CA ARG A 93 8.77 9.48 7.20
C ARG A 93 9.08 8.20 6.44
N GLY A 94 8.23 7.19 6.61
CA GLY A 94 8.43 5.92 5.94
C GLY A 94 7.13 5.29 5.48
N LEU A 95 7.22 4.36 4.53
CA LEU A 95 6.04 3.69 4.01
C LEU A 95 5.22 3.08 5.13
N THR A 96 5.91 2.44 6.07
CA THR A 96 5.23 1.81 7.21
C THR A 96 4.42 2.82 8.00
N GLU A 97 5.11 3.80 8.57
CA GLU A 97 4.45 4.84 9.37
C GLU A 97 3.15 5.29 8.70
N LEU A 98 3.19 5.46 7.38
CA LEU A 98 2.03 5.89 6.62
C LEU A 98 0.95 4.81 6.62
N VAL A 99 1.39 3.55 6.64
CA VAL A 99 0.47 2.42 6.64
C VAL A 99 -0.12 2.20 8.04
N GLU A 100 0.77 1.99 9.02
CA GLU A 100 0.34 1.76 10.40
C GLU A 100 -0.41 2.97 10.94
N PHE A 101 -0.44 4.05 10.16
CA PHE A 101 -1.13 5.27 10.56
C PHE A 101 -2.54 5.31 10.03
N TYR A 102 -2.70 4.98 8.75
CA TYR A 102 -4.01 4.97 8.11
C TYR A 102 -4.98 4.06 8.86
N GLN A 103 -4.45 2.96 9.38
CA GLN A 103 -5.27 2.01 10.14
C GLN A 103 -6.10 2.72 11.20
N GLN A 104 -5.71 3.94 11.52
CA GLN A 104 -6.41 4.72 12.54
C GLN A 104 -7.17 5.88 11.90
N ASN A 105 -6.58 6.47 10.86
CA ASN A 105 -7.19 7.59 10.16
C ASN A 105 -7.77 7.14 8.81
N SER A 106 -9.09 7.17 8.70
CA SER A 106 -9.76 6.77 7.47
C SER A 106 -9.09 7.40 6.25
N LEU A 107 -8.89 6.61 5.21
CA LEU A 107 -8.26 7.10 3.98
C LEU A 107 -9.03 8.29 3.41
N LYS A 108 -10.30 8.41 3.82
CA LYS A 108 -11.15 9.50 3.34
C LYS A 108 -10.52 10.86 3.69
N ASP A 109 -9.67 10.87 4.70
CA ASP A 109 -9.01 12.10 5.12
C ASP A 109 -8.33 12.79 3.94
N CYS A 110 -7.80 11.99 3.02
CA CYS A 110 -7.11 12.53 1.86
C CYS A 110 -7.90 12.20 0.58
N PHE A 111 -8.08 10.92 0.31
CA PHE A 111 -8.81 10.47 -0.87
C PHE A 111 -10.28 10.24 -0.55
N LYS A 112 -11.12 11.17 -1.00
CA LYS A 112 -12.57 11.06 -0.75
C LYS A 112 -13.08 9.69 -1.17
N SER A 113 -12.71 9.25 -2.36
CA SER A 113 -13.14 7.95 -2.87
C SER A 113 -13.06 6.89 -1.78
N LEU A 114 -11.89 6.74 -1.19
CA LEU A 114 -11.67 5.76 -0.13
C LEU A 114 -12.29 6.23 1.18
N ASP A 115 -13.50 5.77 1.46
CA ASP A 115 -14.19 6.14 2.69
C ASP A 115 -13.90 5.14 3.80
N THR A 116 -12.79 4.43 3.68
CA THR A 116 -12.41 3.43 4.68
C THR A 116 -10.89 3.37 4.84
N THR A 117 -10.44 2.74 5.92
CA THR A 117 -9.02 2.62 6.19
C THR A 117 -8.59 1.15 6.21
N LEU A 118 -7.28 0.92 6.09
CA LEU A 118 -6.75 -0.43 6.08
C LEU A 118 -7.43 -1.30 7.14
N GLN A 119 -8.28 -2.23 6.69
CA GLN A 119 -9.00 -3.11 7.59
C GLN A 119 -8.16 -4.34 7.93
N PHE A 120 -7.65 -5.01 6.89
CA PHE A 120 -6.82 -6.19 7.09
C PHE A 120 -5.71 -6.26 6.05
N PRO A 121 -4.51 -6.69 6.49
CA PRO A 121 -3.34 -6.81 5.62
C PRO A 121 -3.48 -7.93 4.60
N PHE A 122 -2.52 -8.03 3.69
CA PHE A 122 -2.54 -9.06 2.66
C PHE A 122 -2.52 -10.45 3.29
N LYS A 123 -1.56 -10.68 4.18
CA LYS A 123 -1.44 -11.97 4.85
C LYS A 123 -2.62 -12.22 5.78
N GLU A 124 -2.65 -11.49 6.89
CA GLU A 124 -3.73 -11.63 7.87
C GLU A 124 -3.59 -10.62 9.00
N PRO A 125 -4.72 -10.06 9.44
CA PRO A 125 -4.74 -9.06 10.51
C PRO A 125 -4.40 -9.67 11.87
N GLU A 126 -3.28 -9.25 12.44
CA GLU A 126 -2.84 -9.75 13.73
C GLU A 126 -2.62 -8.60 14.72
N LYS A 127 -3.16 -7.44 14.39
CA LYS A 127 -3.03 -6.26 15.24
C LYS A 127 -1.56 -5.95 15.52
N ARG A 128 -0.76 -5.96 14.46
CA ARG A 128 0.67 -5.69 14.59
C ARG A 128 0.94 -4.19 14.39
N THR A 129 1.11 -3.48 15.50
CA THR A 129 1.39 -2.05 15.46
C THR A 129 2.33 -1.64 16.58
N ILE A 130 3.28 -0.76 16.26
CA ILE A 130 4.24 -0.29 17.24
C ILE A 130 4.95 0.98 16.75
N SER A 131 5.06 1.96 17.64
CA SER A 131 5.70 3.23 17.29
C SER A 131 7.04 3.36 18.02
N ARG A 132 8.13 3.11 17.30
CA ARG A 132 9.47 3.20 17.87
C ARG A 132 10.52 3.33 16.77
N SER A 133 11.43 4.28 16.93
CA SER A 133 12.48 4.50 15.96
C SER A 133 13.35 3.26 15.79
N GLY A 134 13.97 2.84 16.89
CA GLY A 134 14.82 1.65 16.85
C GLY A 134 15.96 1.79 15.86
N PRO A 135 16.75 0.73 15.72
CA PRO A 135 17.90 0.71 14.80
C PRO A 135 17.48 0.72 13.34
N SER A 136 17.98 1.69 12.58
CA SER A 136 17.63 1.80 11.16
C SER A 136 18.86 1.56 10.29
N SER A 137 18.74 0.62 9.36
CA SER A 137 19.85 0.29 8.47
C SER A 137 20.45 1.55 7.86
N GLY A 138 19.59 2.44 7.38
CA GLY A 138 20.05 3.67 6.77
C GLY A 138 19.88 3.68 5.26
N GLY B 1 -13.92 18.41 -13.98
CA GLY B 1 -12.72 19.24 -13.84
C GLY B 1 -11.53 18.43 -13.39
N GLU B 2 -11.69 17.65 -12.32
CA GLU B 2 -10.61 16.83 -11.79
C GLU B 2 -10.58 15.47 -12.47
N ASP B 3 -9.42 15.13 -13.05
CA ASP B 3 -9.25 13.86 -13.74
C ASP B 3 -8.38 12.91 -12.92
N ASP B 4 -8.60 11.61 -13.10
CA ASP B 4 -7.83 10.61 -12.38
C ASP B 4 -6.94 9.81 -13.33
N GLY B 5 -5.63 10.02 -13.22
CA GLY B 5 -4.69 9.33 -14.08
C GLY B 5 -4.90 7.83 -14.06
N ASP B 6 -4.23 7.15 -13.14
CA ASP B 6 -4.35 5.70 -13.02
C ASP B 6 -4.93 5.31 -11.67
N PTR B 7 -4.43 5.94 -10.60
CA PTR B 7 -4.91 5.65 -9.26
C PTR B 7 -6.04 6.60 -8.86
O PTR B 7 -6.40 7.50 -9.62
CB PTR B 7 -3.76 5.77 -8.26
CG PTR B 7 -2.62 4.81 -8.52
CD1 PTR B 7 -2.36 3.76 -7.66
CD2 PTR B 7 -1.80 4.96 -9.64
CE1 PTR B 7 -1.32 2.87 -7.91
CE2 PTR B 7 -0.76 4.10 -9.88
CZ PTR B 7 -0.52 3.06 -9.02
OH PTR B 7 0.51 2.18 -9.27
P PTR B 7 0.38 0.80 -10.06
O1P PTR B 7 0.96 0.93 -11.41
O2P PTR B 7 1.10 -0.27 -9.34
O3P PTR B 7 -1.05 0.42 -10.18
H PTR B 7 -3.73 6.60 -10.73
HA PTR B 7 -5.28 4.64 -9.24
HB2 PTR B 7 -3.36 6.77 -8.29
HB3 PTR B 7 -4.13 5.56 -7.26
HD1 PTR B 7 -2.98 3.62 -6.79
HD2 PTR B 7 -1.99 5.79 -10.32
HE1 PTR B 7 -1.13 2.06 -7.22
HE2 PTR B 7 -0.14 4.23 -10.76
N GLU B 8 -6.59 6.39 -7.67
CA GLU B 8 -7.68 7.23 -7.18
C GLU B 8 -7.30 8.71 -7.23
N SER B 9 -8.31 9.57 -7.23
CA SER B 9 -8.07 11.01 -7.28
C SER B 9 -8.25 11.64 -5.91
N PRO B 10 -7.28 12.49 -5.52
CA PRO B 10 -7.29 13.17 -4.23
C PRO B 10 -8.39 14.22 -4.14
N ASN B 11 -8.77 14.59 -2.92
CA ASN B 11 -9.80 15.59 -2.70
C ASN B 11 -9.46 16.90 -3.41
N GLU B 12 -10.46 17.54 -3.99
CA GLU B 12 -10.26 18.80 -4.69
C GLU B 12 -10.59 19.99 -3.79
N GLU B 13 -11.62 19.84 -2.96
CA GLU B 13 -12.02 20.90 -2.05
C GLU B 13 -10.81 21.55 -1.39
N GLU B 14 -9.82 20.73 -1.03
CA GLU B 14 -8.62 21.21 -0.39
C GLU B 14 -8.22 22.58 -0.96
N GLU B 15 -7.75 23.46 -0.07
CA GLU B 15 -7.34 24.79 -0.48
C GLU B 15 -6.52 25.48 0.62
N GLY A 1 32.03 -16.54 -34.56
CA GLY A 1 32.49 -15.66 -33.51
C GLY A 1 33.45 -16.35 -32.55
N SER A 2 33.26 -16.11 -31.25
CA SER A 2 34.12 -16.71 -30.24
C SER A 2 33.43 -16.68 -28.87
N SER A 3 33.69 -17.71 -28.06
CA SER A 3 33.10 -17.80 -26.73
C SER A 3 33.91 -18.73 -25.84
N GLY A 4 34.32 -18.23 -24.67
CA GLY A 4 35.10 -19.03 -23.76
C GLY A 4 34.64 -18.86 -22.32
N SER A 5 34.87 -17.67 -21.76
CA SER A 5 34.48 -17.40 -20.38
C SER A 5 33.46 -16.26 -20.32
N SER A 6 32.29 -16.56 -19.77
CA SER A 6 31.22 -15.57 -19.66
C SER A 6 30.44 -15.76 -18.36
N GLY A 7 29.59 -14.78 -18.04
CA GLY A 7 28.80 -14.86 -16.82
C GLY A 7 28.00 -13.60 -16.58
N LYS A 8 26.68 -13.74 -16.52
CA LYS A 8 25.80 -12.60 -16.29
C LYS A 8 24.89 -12.86 -15.10
N ALA A 9 24.29 -14.05 -15.05
CA ALA A 9 23.40 -14.41 -13.96
C ALA A 9 23.90 -15.68 -13.25
N GLU A 10 25.21 -15.75 -13.03
CA GLU A 10 25.81 -16.89 -12.36
C GLU A 10 26.75 -16.44 -11.24
N ALA A 11 26.77 -17.21 -10.15
CA ALA A 11 27.62 -16.89 -9.02
C ALA A 11 27.13 -15.64 -8.30
N GLU A 12 25.81 -15.53 -8.16
CA GLU A 12 25.21 -14.38 -7.49
C GLU A 12 24.98 -14.67 -6.01
N GLN A 13 25.96 -15.30 -5.37
CA GLN A 13 25.86 -15.64 -3.95
C GLN A 13 25.22 -14.50 -3.17
N ASN A 14 24.69 -14.83 -1.99
CA ASN A 14 24.05 -13.83 -1.14
C ASN A 14 24.67 -13.83 0.25
N TRP A 15 25.83 -14.45 0.38
CA TRP A 15 26.53 -14.53 1.66
C TRP A 15 27.24 -13.21 1.96
N TRP A 16 26.50 -12.12 1.92
CA TRP A 16 27.06 -10.80 2.18
C TRP A 16 26.56 -10.25 3.52
N GLU A 17 26.93 -9.02 3.83
CA GLU A 17 26.52 -8.38 5.08
C GLU A 17 25.04 -8.60 5.34
N GLY A 18 24.26 -8.72 4.27
CA GLY A 18 22.83 -8.94 4.40
C GLY A 18 22.02 -8.04 3.49
N PRO A 19 20.88 -8.56 3.02
CA PRO A 19 19.99 -7.80 2.12
C PRO A 19 19.29 -6.66 2.83
N PRO A 20 18.75 -5.71 2.04
CA PRO A 20 18.05 -4.54 2.57
C PRO A 20 16.71 -4.91 3.21
N GLN A 21 16.13 -3.96 3.94
CA GLN A 21 14.85 -4.19 4.60
C GLN A 21 13.94 -5.05 3.74
N ASP A 22 13.25 -5.99 4.38
CA ASP A 22 12.33 -6.89 3.67
C ASP A 22 10.89 -6.63 4.09
N LEU A 23 10.13 -5.99 3.20
CA LEU A 23 8.73 -5.68 3.48
C LEU A 23 7.99 -6.92 3.99
N SER A 24 8.52 -8.09 3.67
CA SER A 24 7.91 -9.35 4.09
C SER A 24 7.59 -9.31 5.59
N VAL A 25 8.52 -8.76 6.37
CA VAL A 25 8.34 -8.67 7.82
C VAL A 25 6.96 -8.14 8.16
N HIS A 26 6.53 -7.09 7.45
CA HIS A 26 5.22 -6.49 7.69
C HIS A 26 4.11 -7.45 7.31
N LEU A 27 2.96 -7.29 7.96
CA LEU A 27 1.80 -8.16 7.69
C LEU A 27 1.28 -7.94 6.27
N TRP A 28 1.83 -6.94 5.59
CA TRP A 28 1.41 -6.63 4.23
C TRP A 28 2.62 -6.46 3.32
N TYR A 29 2.64 -7.22 2.22
CA TYR A 29 3.74 -7.15 1.27
C TYR A 29 3.26 -7.47 -0.15
N ALA A 30 3.73 -6.69 -1.11
CA ALA A 30 3.35 -6.89 -2.50
C ALA A 30 4.41 -6.34 -3.44
N GLY A 31 5.11 -7.24 -4.13
CA GLY A 31 6.15 -6.84 -5.05
C GLY A 31 5.60 -6.19 -6.31
N PRO A 32 6.30 -6.37 -7.43
CA PRO A 32 5.89 -5.80 -8.72
C PRO A 32 4.65 -6.47 -9.28
N MET A 33 4.05 -7.36 -8.49
CA MET A 33 2.85 -8.07 -8.91
C MET A 33 2.01 -7.23 -9.86
N GLU A 34 1.39 -7.88 -10.83
CA GLU A 34 0.56 -7.19 -11.81
C GLU A 34 -0.77 -6.78 -11.20
N ARG A 35 -1.44 -5.81 -11.83
CA ARG A 35 -2.72 -5.32 -11.34
C ARG A 35 -3.63 -6.48 -10.94
N ALA A 36 -3.94 -7.34 -11.90
CA ALA A 36 -4.79 -8.49 -11.65
C ALA A 36 -4.33 -9.27 -10.43
N GLY A 37 -3.02 -9.22 -10.18
CA GLY A 37 -2.46 -9.92 -9.03
C GLY A 37 -2.95 -9.37 -7.71
N ALA A 38 -3.23 -8.07 -7.69
CA ALA A 38 -3.72 -7.41 -6.48
C ALA A 38 -5.23 -7.52 -6.35
N GLU A 39 -5.95 -6.88 -7.28
CA GLU A 39 -7.40 -6.90 -7.27
C GLU A 39 -7.92 -8.28 -6.84
N SER A 40 -7.36 -9.32 -7.44
CA SER A 40 -7.77 -10.68 -7.11
C SER A 40 -7.67 -10.95 -5.61
N ILE A 41 -6.59 -10.47 -5.01
CA ILE A 41 -6.36 -10.65 -3.58
C ILE A 41 -7.49 -10.02 -2.77
N LEU A 42 -7.52 -8.69 -2.73
CA LEU A 42 -8.54 -7.97 -1.99
C LEU A 42 -9.94 -8.38 -2.44
N ALA A 43 -10.01 -9.04 -3.60
CA ALA A 43 -11.29 -9.50 -4.14
C ALA A 43 -11.73 -10.79 -3.46
N ASN A 44 -10.90 -11.83 -3.56
CA ASN A 44 -11.22 -13.11 -2.96
C ASN A 44 -11.16 -13.03 -1.43
N ARG A 45 -10.28 -12.17 -0.92
CA ARG A 45 -10.14 -12.00 0.52
C ARG A 45 -11.34 -11.25 1.10
N SER A 46 -11.34 -11.11 2.42
CA SER A 46 -12.43 -10.41 3.11
C SER A 46 -12.55 -8.98 2.61
N ASP A 47 -13.72 -8.38 2.83
CA ASP A 47 -13.97 -7.01 2.41
C ASP A 47 -13.22 -6.03 3.30
N GLY A 48 -12.28 -5.30 2.70
CA GLY A 48 -11.51 -4.33 3.45
C GLY A 48 -10.02 -4.65 3.44
N THR A 49 -9.64 -5.67 2.68
CA THR A 49 -8.25 -6.08 2.60
C THR A 49 -7.39 -5.01 1.92
N PHE A 50 -6.09 -5.07 2.14
CA PHE A 50 -5.16 -4.11 1.55
C PHE A 50 -3.75 -4.67 1.49
N LEU A 51 -2.89 -4.00 0.74
CA LEU A 51 -1.50 -4.44 0.60
C LEU A 51 -0.63 -3.31 0.04
N VAL A 52 0.67 -3.58 -0.08
CA VAL A 52 1.60 -2.59 -0.60
C VAL A 52 2.28 -3.10 -1.87
N ARG A 53 2.02 -2.42 -2.98
CA ARG A 53 2.61 -2.79 -4.26
C ARG A 53 3.77 -1.86 -4.63
N GLN A 54 4.50 -2.23 -5.67
CA GLN A 54 5.63 -1.44 -6.12
C GLN A 54 5.62 -1.28 -7.65
N ARG A 55 6.13 -0.15 -8.12
CA ARG A 55 6.17 0.12 -9.55
C ARG A 55 7.52 -0.29 -10.14
N VAL A 56 7.55 -0.49 -11.46
CA VAL A 56 8.77 -0.89 -12.15
C VAL A 56 9.45 0.30 -12.81
N LYS A 57 8.76 1.44 -12.78
CA LYS A 57 9.29 2.67 -13.38
C LYS A 57 10.38 3.28 -12.50
N ASP A 58 10.06 3.47 -11.23
CA ASP A 58 11.01 4.04 -10.27
C ASP A 58 11.01 3.26 -8.97
N ALA A 59 12.10 2.53 -8.73
CA ALA A 59 12.22 1.73 -7.51
C ALA A 59 11.54 2.42 -6.33
N ALA A 60 11.97 3.64 -6.03
CA ALA A 60 11.40 4.40 -4.93
C ALA A 60 9.95 4.77 -5.22
N GLU A 61 9.05 3.80 -5.13
CA GLU A 61 7.63 4.04 -5.38
C GLU A 61 6.80 2.83 -4.96
N PHE A 62 5.70 3.10 -4.26
CA PHE A 62 4.82 2.03 -3.80
C PHE A 62 3.36 2.41 -4.01
N ALA A 63 2.46 1.50 -3.67
CA ALA A 63 1.03 1.73 -3.81
C ALA A 63 0.23 0.91 -2.80
N ILE A 64 -0.98 1.37 -2.50
CA ILE A 64 -1.85 0.68 -1.56
C ILE A 64 -3.17 0.29 -2.20
N SER A 65 -3.33 -0.99 -2.51
CA SER A 65 -4.55 -1.49 -3.13
C SER A 65 -5.45 -2.17 -2.11
N ILE A 66 -6.68 -1.67 -1.98
CA ILE A 66 -7.63 -2.23 -1.03
C ILE A 66 -9.00 -2.42 -1.68
N LYS A 67 -9.67 -3.51 -1.33
CA LYS A 67 -10.98 -3.81 -1.88
C LYS A 67 -12.07 -3.10 -1.07
N TYR A 68 -12.96 -2.39 -1.78
CA TYR A 68 -14.05 -1.67 -1.14
C TYR A 68 -15.04 -1.16 -2.18
N ASN A 69 -16.32 -1.30 -1.87
CA ASN A 69 -17.38 -0.84 -2.77
C ASN A 69 -17.46 -1.74 -4.01
N VAL A 70 -17.54 -3.04 -3.78
CA VAL A 70 -17.63 -4.01 -4.87
C VAL A 70 -16.59 -3.71 -5.94
N GLU A 71 -15.50 -3.06 -5.55
CA GLU A 71 -14.43 -2.71 -6.48
C GLU A 71 -13.11 -2.50 -5.75
N VAL A 72 -12.01 -2.84 -6.41
CA VAL A 72 -10.69 -2.70 -5.82
C VAL A 72 -10.11 -1.32 -6.10
N LYS A 73 -9.80 -0.58 -5.04
CA LYS A 73 -9.23 0.76 -5.17
C LYS A 73 -7.71 0.71 -5.10
N HIS A 74 -7.07 1.79 -5.54
CA HIS A 74 -5.61 1.88 -5.53
C HIS A 74 -5.15 3.32 -5.29
N ILE A 75 -4.08 3.48 -4.53
CA ILE A 75 -3.54 4.80 -4.23
C ILE A 75 -2.06 4.88 -4.59
N LYS A 76 -1.63 6.07 -5.02
CA LYS A 76 -0.24 6.27 -5.39
C LYS A 76 0.58 6.75 -4.18
N ILE A 77 1.79 6.22 -4.06
CA ILE A 77 2.67 6.59 -2.95
C ILE A 77 3.97 7.20 -3.47
N MET A 78 4.12 8.51 -3.29
CA MET A 78 5.33 9.20 -3.73
C MET A 78 6.43 9.11 -2.68
N THR A 79 7.66 9.38 -3.10
CA THR A 79 8.80 9.33 -2.19
C THR A 79 9.72 10.52 -2.40
N ALA A 80 10.13 11.16 -1.31
CA ALA A 80 11.02 12.31 -1.38
C ALA A 80 12.27 12.09 -0.53
N GLU A 81 13.42 11.99 -1.18
CA GLU A 81 14.68 11.78 -0.50
C GLU A 81 14.53 10.72 0.60
N GLY A 82 13.92 9.59 0.24
CA GLY A 82 13.73 8.52 1.20
C GLY A 82 12.49 8.72 2.04
N LEU A 83 11.54 9.50 1.53
CA LEU A 83 10.30 9.78 2.25
C LEU A 83 9.12 9.03 1.62
N TYR A 84 7.94 9.22 2.19
CA TYR A 84 6.74 8.57 1.67
C TYR A 84 5.50 9.41 1.95
N ARG A 85 4.80 9.79 0.88
CA ARG A 85 3.60 10.61 1.01
C ARG A 85 2.72 10.46 -0.23
N ILE A 86 1.41 10.39 -0.01
CA ILE A 86 0.46 10.25 -1.11
C ILE A 86 -0.09 11.62 -1.53
N THR A 87 0.03 12.60 -0.63
CA THR A 87 -0.46 13.94 -0.90
C THR A 87 0.60 14.98 -0.59
N GLU A 88 0.41 16.19 -1.11
CA GLU A 88 1.37 17.28 -0.89
C GLU A 88 1.20 17.87 0.51
N LYS A 89 -0.03 17.82 1.02
CA LYS A 89 -0.32 18.35 2.35
C LYS A 89 0.20 17.42 3.43
N LYS A 90 -0.10 16.13 3.30
CA LYS A 90 0.34 15.14 4.27
C LYS A 90 1.66 14.50 3.82
N ALA A 91 2.47 14.09 4.78
CA ALA A 91 3.74 13.45 4.49
C ALA A 91 4.19 12.55 5.64
N PHE A 92 5.06 11.59 5.33
CA PHE A 92 5.56 10.66 6.33
C PHE A 92 7.06 10.46 6.18
N ARG A 93 7.66 9.75 7.13
CA ARG A 93 9.09 9.48 7.11
C ARG A 93 9.39 8.15 6.42
N GLY A 94 8.56 7.15 6.70
CA GLY A 94 8.76 5.84 6.11
C GLY A 94 7.46 5.23 5.62
N LEU A 95 7.57 4.27 4.70
CA LEU A 95 6.40 3.60 4.15
C LEU A 95 5.58 2.93 5.25
N THR A 96 6.27 2.34 6.21
CA THR A 96 5.61 1.65 7.32
C THR A 96 4.62 2.58 8.02
N GLU A 97 5.14 3.60 8.69
CA GLU A 97 4.29 4.56 9.40
C GLU A 97 3.09 4.96 8.55
N LEU A 98 3.35 5.31 7.30
CA LEU A 98 2.29 5.71 6.37
C LEU A 98 1.14 4.72 6.41
N VAL A 99 1.48 3.44 6.53
CA VAL A 99 0.47 2.38 6.57
C VAL A 99 -0.06 2.18 7.99
N GLU A 100 0.86 2.04 8.94
CA GLU A 100 0.48 1.85 10.34
C GLU A 100 -0.25 3.07 10.88
N PHE A 101 -0.32 4.12 10.06
CA PHE A 101 -0.99 5.35 10.47
C PHE A 101 -2.44 5.38 9.97
N TYR A 102 -2.62 5.03 8.70
CA TYR A 102 -3.94 5.01 8.09
C TYR A 102 -4.90 4.13 8.90
N GLN A 103 -4.42 2.95 9.29
CA GLN A 103 -5.23 2.01 10.05
C GLN A 103 -6.04 2.75 11.12
N GLN A 104 -5.54 3.91 11.53
CA GLN A 104 -6.22 4.71 12.55
C GLN A 104 -6.94 5.90 11.93
N ASN A 105 -6.42 6.37 10.80
CA ASN A 105 -7.02 7.51 10.09
C ASN A 105 -7.69 7.05 8.80
N SER A 106 -9.01 7.14 8.76
CA SER A 106 -9.77 6.74 7.58
C SER A 106 -9.23 7.41 6.33
N LEU A 107 -9.00 6.62 5.29
CA LEU A 107 -8.48 7.13 4.03
C LEU A 107 -9.37 8.24 3.48
N LYS A 108 -10.59 8.32 4.00
CA LYS A 108 -11.54 9.34 3.57
C LYS A 108 -11.01 10.74 3.88
N ASP A 109 -10.13 10.83 4.86
CA ASP A 109 -9.55 12.11 5.25
C ASP A 109 -8.98 12.84 4.03
N CYS A 110 -8.26 12.10 3.20
CA CYS A 110 -7.66 12.67 2.00
C CYS A 110 -8.57 12.50 0.79
N PHE A 111 -8.85 11.24 0.45
CA PHE A 111 -9.71 10.94 -0.70
C PHE A 111 -11.17 10.91 -0.27
N LYS A 112 -12.07 11.04 -1.25
CA LYS A 112 -13.50 11.02 -0.98
C LYS A 112 -14.08 9.62 -1.18
N SER A 113 -13.70 8.98 -2.28
CA SER A 113 -14.18 7.63 -2.58
C SER A 113 -13.85 6.67 -1.45
N LEU A 114 -12.58 6.61 -1.08
CA LEU A 114 -12.13 5.73 -0.01
C LEU A 114 -12.65 6.20 1.34
N ASP A 115 -13.82 5.68 1.73
CA ASP A 115 -14.43 6.04 3.00
C ASP A 115 -14.08 5.02 4.08
N THR A 116 -12.95 4.35 3.91
CA THR A 116 -12.51 3.34 4.86
C THR A 116 -10.99 3.29 4.94
N THR A 117 -10.48 2.73 6.03
CA THR A 117 -9.04 2.61 6.23
C THR A 117 -8.59 1.16 6.19
N LEU A 118 -7.28 0.96 6.09
CA LEU A 118 -6.73 -0.39 6.04
C LEU A 118 -7.35 -1.28 7.11
N GLN A 119 -8.20 -2.21 6.68
CA GLN A 119 -8.86 -3.12 7.60
C GLN A 119 -7.99 -4.35 7.87
N PHE A 120 -7.60 -5.04 6.80
CA PHE A 120 -6.77 -6.23 6.93
C PHE A 120 -5.70 -6.27 5.82
N PRO A 121 -4.46 -6.52 6.22
CA PRO A 121 -3.33 -6.59 5.28
C PRO A 121 -3.39 -7.82 4.38
N PHE A 122 -2.27 -8.15 3.75
CA PHE A 122 -2.21 -9.30 2.86
C PHE A 122 -2.01 -10.59 3.65
N LYS A 123 -1.09 -10.55 4.61
CA LYS A 123 -0.81 -11.71 5.45
C LYS A 123 -2.05 -12.12 6.25
N GLU A 124 -2.43 -11.27 7.19
CA GLU A 124 -3.60 -11.55 8.03
C GLU A 124 -3.92 -10.35 8.92
N PRO A 125 -5.20 -10.25 9.33
CA PRO A 125 -5.65 -9.17 10.20
C PRO A 125 -5.10 -9.27 11.62
N GLU A 126 -5.47 -8.32 12.47
CA GLU A 126 -5.01 -8.31 13.85
C GLU A 126 -6.18 -8.19 14.81
N LYS A 127 -6.24 -9.09 15.79
CA LYS A 127 -7.31 -9.09 16.78
C LYS A 127 -6.74 -9.19 18.20
N ARG A 128 -5.89 -10.19 18.42
CA ARG A 128 -5.28 -10.40 19.73
C ARG A 128 -4.03 -9.52 19.88
N THR A 129 -2.99 -9.86 19.14
CA THR A 129 -1.74 -9.12 19.20
C THR A 129 -2.00 -7.61 19.20
N ILE A 130 -1.98 -7.02 20.39
CA ILE A 130 -2.21 -5.59 20.54
C ILE A 130 -1.78 -5.09 21.91
N SER A 131 -1.07 -3.98 21.94
CA SER A 131 -0.60 -3.40 23.19
C SER A 131 -0.23 -1.92 23.01
N ARG A 132 -0.43 -1.14 24.06
CA ARG A 132 -0.12 0.29 24.02
C ARG A 132 1.38 0.51 24.00
N SER A 133 2.07 -0.03 25.01
CA SER A 133 3.51 0.13 25.11
C SER A 133 4.21 -1.21 24.94
N GLY A 134 4.60 -1.51 23.71
CA GLY A 134 5.29 -2.77 23.42
C GLY A 134 6.79 -2.66 23.56
N PRO A 135 7.49 -2.58 22.42
CA PRO A 135 8.94 -2.48 22.37
C PRO A 135 9.43 -1.12 22.88
N SER A 136 8.50 -0.27 23.29
CA SER A 136 8.84 1.06 23.78
C SER A 136 10.17 1.04 24.53
N SER A 137 10.32 0.07 25.43
CA SER A 137 11.54 -0.05 26.22
C SER A 137 12.35 -1.26 25.76
N GLY A 138 13.65 -1.05 25.55
CA GLY A 138 14.52 -2.13 25.11
C GLY A 138 15.99 -1.78 25.26
N GLY B 1 0.05 5.97 -20.36
CA GLY B 1 -0.51 6.95 -21.27
C GLY B 1 -0.16 8.37 -20.89
N GLU B 2 -1.02 9.31 -21.26
CA GLU B 2 -0.79 10.72 -20.96
C GLU B 2 -1.31 11.07 -19.57
N ASP B 3 -2.27 10.28 -19.09
CA ASP B 3 -2.86 10.51 -17.78
C ASP B 3 -1.80 10.40 -16.69
N ASP B 4 -1.80 11.36 -15.76
CA ASP B 4 -0.84 11.37 -14.66
C ASP B 4 -1.46 10.77 -13.40
N GLY B 5 -2.67 11.23 -13.06
CA GLY B 5 -3.34 10.74 -11.88
C GLY B 5 -3.92 9.36 -12.07
N ASP B 6 -3.06 8.38 -12.33
CA ASP B 6 -3.50 7.00 -12.54
C ASP B 6 -4.26 6.48 -11.32
N PTR B 7 -3.76 6.81 -10.13
CA PTR B 7 -4.40 6.38 -8.89
C PTR B 7 -5.46 7.37 -8.44
O PTR B 7 -5.73 8.36 -9.13
CB PTR B 7 -3.35 6.20 -7.79
CG PTR B 7 -2.32 5.13 -8.09
CD1 PTR B 7 -1.35 5.33 -9.06
CD2 PTR B 7 -2.34 3.92 -7.40
CE1 PTR B 7 -0.42 4.35 -9.33
CE2 PTR B 7 -1.41 2.94 -7.67
CZ PTR B 7 -0.45 3.15 -8.64
OH PTR B 7 0.47 2.17 -8.92
P PTR B 7 0.29 1.01 -10.00
O1P PTR B 7 -1.15 0.73 -10.20
O2P PTR B 7 0.88 1.42 -11.29
O3P PTR B 7 0.97 -0.22 -9.54
H PTR B 7 -2.95 7.36 -10.09
HA PTR B 7 -4.87 5.42 -9.07
HB2 PTR B 7 -2.82 7.13 -7.66
HB3 PTR B 7 -3.85 5.94 -6.87
HD1 PTR B 7 -1.33 6.26 -9.60
HD2 PTR B 7 -3.10 3.75 -6.65
HE1 PTR B 7 0.34 4.51 -10.10
HE2 PTR B 7 -1.44 2.00 -7.13
N GLU B 8 -6.05 7.11 -7.28
CA GLU B 8 -7.09 8.00 -6.74
C GLU B 8 -6.55 9.41 -6.55
N SER B 9 -7.36 10.40 -6.93
CA SER B 9 -6.98 11.80 -6.81
C SER B 9 -7.39 12.35 -5.45
N PRO B 10 -6.52 13.20 -4.87
CA PRO B 10 -6.77 13.83 -3.57
C PRO B 10 -7.90 14.86 -3.63
N ASN B 11 -8.53 15.09 -2.48
CA ASN B 11 -9.62 16.06 -2.41
C ASN B 11 -9.10 17.49 -2.52
N GLU B 12 -9.46 18.15 -3.62
CA GLU B 12 -9.02 19.52 -3.85
C GLU B 12 -10.05 20.52 -3.31
N GLU B 13 -11.33 20.16 -3.44
CA GLU B 13 -12.40 21.02 -2.97
C GLU B 13 -12.15 21.47 -1.52
N GLU B 14 -11.84 20.51 -0.66
CA GLU B 14 -11.57 20.80 0.74
C GLU B 14 -10.29 21.63 0.90
N GLU B 15 -10.35 22.65 1.74
CA GLU B 15 -9.21 23.51 1.98
C GLU B 15 -7.94 22.69 2.19
N GLY A 1 36.58 5.44 20.13
CA GLY A 1 37.12 5.58 18.78
C GLY A 1 36.08 5.35 17.71
N SER A 2 36.34 5.85 16.51
CA SER A 2 35.42 5.69 15.38
C SER A 2 36.18 5.45 14.09
N SER A 3 35.45 5.11 13.04
CA SER A 3 36.05 4.84 11.73
C SER A 3 35.19 5.43 10.61
N GLY A 4 35.68 5.30 9.37
CA GLY A 4 34.95 5.82 8.24
C GLY A 4 34.20 4.75 7.49
N SER A 5 33.94 4.99 6.21
CA SER A 5 33.22 4.03 5.38
C SER A 5 33.74 4.06 3.94
N SER A 6 33.49 2.97 3.21
CA SER A 6 33.93 2.87 1.82
C SER A 6 33.09 1.85 1.05
N GLY A 7 32.50 2.30 -0.04
CA GLY A 7 31.67 1.41 -0.85
C GLY A 7 31.07 2.11 -2.04
N LYS A 8 30.92 1.39 -3.15
CA LYS A 8 30.35 1.94 -4.36
C LYS A 8 28.82 1.92 -4.31
N ALA A 9 28.19 2.56 -5.29
CA ALA A 9 26.74 2.62 -5.35
C ALA A 9 26.20 1.74 -6.48
N GLU A 10 25.77 0.53 -6.13
CA GLU A 10 25.24 -0.40 -7.11
C GLU A 10 24.54 -1.58 -6.42
N ALA A 11 23.34 -1.90 -6.89
CA ALA A 11 22.57 -3.00 -6.33
C ALA A 11 22.23 -4.04 -7.40
N GLU A 12 23.16 -4.95 -7.64
CA GLU A 12 22.96 -6.00 -8.64
C GLU A 12 23.39 -7.35 -8.11
N GLN A 13 23.16 -8.40 -8.89
CA GLN A 13 23.53 -9.75 -8.50
C GLN A 13 24.87 -9.76 -7.76
N ASN A 14 24.87 -10.32 -6.56
CA ASN A 14 26.07 -10.39 -5.74
C ASN A 14 26.38 -11.84 -5.34
N TRP A 15 27.67 -12.13 -5.15
CA TRP A 15 28.09 -13.47 -4.77
C TRP A 15 27.31 -13.97 -3.56
N TRP A 16 27.14 -13.08 -2.57
CA TRP A 16 26.40 -13.44 -1.36
C TRP A 16 24.91 -13.51 -1.63
N GLU A 17 24.14 -13.86 -0.60
CA GLU A 17 22.69 -13.98 -0.73
C GLU A 17 22.00 -13.26 0.43
N GLY A 18 22.52 -12.10 0.80
CA GLY A 18 21.94 -11.33 1.88
C GLY A 18 21.45 -9.96 1.43
N PRO A 19 20.24 -9.92 0.87
CA PRO A 19 19.64 -8.68 0.39
C PRO A 19 19.25 -7.73 1.51
N PRO A 20 18.93 -6.48 1.17
CA PRO A 20 18.55 -5.45 2.13
C PRO A 20 17.18 -5.73 2.76
N GLN A 21 16.69 -4.79 3.55
CA GLN A 21 15.40 -4.93 4.20
C GLN A 21 14.40 -5.65 3.30
N ASP A 22 13.50 -6.41 3.89
CA ASP A 22 12.49 -7.15 3.15
C ASP A 22 11.08 -6.83 3.64
N LEU A 23 10.39 -5.97 2.90
CA LEU A 23 9.04 -5.57 3.27
C LEU A 23 8.24 -6.76 3.80
N SER A 24 8.64 -7.96 3.38
CA SER A 24 7.96 -9.18 3.81
C SER A 24 7.72 -9.16 5.32
N VAL A 25 8.72 -8.74 6.07
CA VAL A 25 8.61 -8.67 7.53
C VAL A 25 7.26 -8.10 7.95
N HIS A 26 6.82 -7.05 7.27
CA HIS A 26 5.55 -6.40 7.57
C HIS A 26 4.39 -7.37 7.32
N LEU A 27 3.26 -7.12 7.98
CA LEU A 27 2.08 -7.96 7.82
C LEU A 27 1.45 -7.77 6.45
N TRP A 28 2.06 -6.91 5.64
CA TRP A 28 1.56 -6.64 4.30
C TRP A 28 2.70 -6.46 3.31
N TYR A 29 2.66 -7.23 2.23
CA TYR A 29 3.71 -7.16 1.20
C TYR A 29 3.14 -7.52 -0.17
N ALA A 30 3.71 -6.90 -1.21
CA ALA A 30 3.27 -7.16 -2.57
C ALA A 30 4.38 -6.88 -3.57
N GLY A 31 4.92 -7.93 -4.18
CA GLY A 31 5.99 -7.77 -5.14
C GLY A 31 5.58 -6.90 -6.32
N PRO A 32 6.15 -7.20 -7.50
CA PRO A 32 5.86 -6.44 -8.72
C PRO A 32 4.45 -6.69 -9.24
N MET A 33 3.69 -7.47 -8.49
CA MET A 33 2.31 -7.80 -8.87
C MET A 33 1.67 -6.63 -9.61
N GLU A 34 0.79 -6.94 -10.56
CA GLU A 34 0.11 -5.92 -11.34
C GLU A 34 -1.29 -5.66 -10.80
N ARG A 35 -1.89 -4.55 -11.22
CA ARG A 35 -3.23 -4.20 -10.78
C ARG A 35 -4.09 -5.44 -10.57
N ALA A 36 -4.44 -6.10 -11.66
CA ALA A 36 -5.25 -7.31 -11.60
C ALA A 36 -4.68 -8.30 -10.59
N GLY A 37 -3.37 -8.50 -10.63
CA GLY A 37 -2.72 -9.42 -9.72
C GLY A 37 -3.04 -9.12 -8.27
N ALA A 38 -3.22 -7.84 -7.96
CA ALA A 38 -3.53 -7.41 -6.60
C ALA A 38 -5.02 -7.54 -6.31
N GLU A 39 -5.84 -7.05 -7.24
CA GLU A 39 -7.29 -7.11 -7.08
C GLU A 39 -7.72 -8.47 -6.53
N SER A 40 -7.32 -9.53 -7.22
CA SER A 40 -7.66 -10.88 -6.80
C SER A 40 -7.41 -11.08 -5.31
N ILE A 41 -6.22 -10.70 -4.86
CA ILE A 41 -5.84 -10.83 -3.47
C ILE A 41 -6.88 -10.18 -2.55
N LEU A 42 -7.25 -8.94 -2.88
CA LEU A 42 -8.24 -8.21 -2.09
C LEU A 42 -9.65 -8.56 -2.55
N ALA A 43 -9.76 -9.32 -3.62
CA ALA A 43 -11.06 -9.73 -4.15
C ALA A 43 -11.57 -10.98 -3.44
N ASN A 44 -10.73 -12.01 -3.36
CA ASN A 44 -11.10 -13.26 -2.71
C ASN A 44 -11.12 -13.09 -1.20
N ARG A 45 -10.15 -12.35 -0.67
CA ARG A 45 -10.06 -12.12 0.77
C ARG A 45 -11.27 -11.35 1.27
N SER A 46 -11.28 -11.05 2.57
CA SER A 46 -12.38 -10.32 3.18
C SER A 46 -12.49 -8.91 2.61
N ASP A 47 -13.65 -8.29 2.80
CA ASP A 47 -13.88 -6.93 2.31
C ASP A 47 -13.17 -5.91 3.19
N GLY A 48 -12.21 -5.19 2.60
CA GLY A 48 -11.47 -4.19 3.34
C GLY A 48 -9.99 -4.50 3.41
N THR A 49 -9.58 -5.56 2.72
CA THR A 49 -8.18 -5.96 2.72
C THR A 49 -7.30 -4.90 2.06
N PHE A 50 -6.00 -4.96 2.33
CA PHE A 50 -5.06 -4.01 1.76
C PHE A 50 -3.66 -4.63 1.64
N LEU A 51 -2.77 -3.93 0.95
CA LEU A 51 -1.40 -4.41 0.76
C LEU A 51 -0.52 -3.32 0.14
N VAL A 52 0.76 -3.63 -0.01
CA VAL A 52 1.70 -2.67 -0.59
C VAL A 52 2.41 -3.27 -1.79
N ARG A 53 2.26 -2.62 -2.94
CA ARG A 53 2.89 -3.09 -4.18
C ARG A 53 3.79 -2.01 -4.77
N GLN A 54 4.84 -2.45 -5.47
CA GLN A 54 5.79 -1.52 -6.08
C GLN A 54 5.53 -1.39 -7.57
N ARG A 55 5.99 -0.29 -8.16
CA ARG A 55 5.81 -0.05 -9.59
C ARG A 55 7.02 -0.50 -10.38
N VAL A 56 6.87 -0.56 -11.70
CA VAL A 56 7.95 -0.99 -12.57
C VAL A 56 8.65 0.22 -13.20
N LYS A 57 7.86 1.11 -13.79
CA LYS A 57 8.41 2.30 -14.43
C LYS A 57 9.49 2.95 -13.56
N ASP A 58 9.23 3.02 -12.26
CA ASP A 58 10.17 3.61 -11.32
C ASP A 58 10.36 2.71 -10.10
N ALA A 59 11.60 2.33 -9.83
CA ALA A 59 11.91 1.48 -8.69
C ALA A 59 11.39 2.08 -7.39
N ALA A 60 11.94 3.25 -7.04
CA ALA A 60 11.53 3.93 -5.81
C ALA A 60 10.10 4.45 -5.92
N GLU A 61 9.14 3.55 -5.76
CA GLU A 61 7.73 3.93 -5.84
C GLU A 61 6.83 2.79 -5.35
N PHE A 62 5.99 3.08 -4.37
CA PHE A 62 5.09 2.09 -3.81
C PHE A 62 3.64 2.50 -4.03
N ALA A 63 2.72 1.56 -3.76
CA ALA A 63 1.30 1.82 -3.93
C ALA A 63 0.47 0.89 -3.04
N ILE A 64 -0.54 1.46 -2.38
CA ILE A 64 -1.40 0.69 -1.50
C ILE A 64 -2.71 0.33 -2.20
N SER A 65 -3.02 -0.95 -2.26
CA SER A 65 -4.25 -1.42 -2.89
C SER A 65 -5.18 -2.06 -1.87
N ILE A 66 -6.35 -1.47 -1.71
CA ILE A 66 -7.34 -1.99 -0.76
C ILE A 66 -8.69 -2.20 -1.44
N LYS A 67 -9.35 -3.30 -1.09
CA LYS A 67 -10.65 -3.62 -1.66
C LYS A 67 -11.77 -2.97 -0.84
N TYR A 68 -12.65 -2.24 -1.54
CA TYR A 68 -13.77 -1.57 -0.88
C TYR A 68 -14.79 -1.11 -1.90
N ASN A 69 -16.06 -1.12 -1.49
CA ASN A 69 -17.15 -0.70 -2.37
C ASN A 69 -17.25 -1.61 -3.59
N VAL A 70 -17.28 -2.93 -3.34
CA VAL A 70 -17.37 -3.91 -4.41
C VAL A 70 -16.38 -3.60 -5.52
N GLU A 71 -15.30 -2.90 -5.18
CA GLU A 71 -14.28 -2.55 -6.15
C GLU A 71 -12.92 -2.39 -5.47
N VAL A 72 -11.86 -2.77 -6.19
CA VAL A 72 -10.51 -2.66 -5.65
C VAL A 72 -9.86 -1.34 -6.04
N LYS A 73 -9.51 -0.55 -5.02
CA LYS A 73 -8.87 0.74 -5.26
C LYS A 73 -7.36 0.64 -5.13
N HIS A 74 -6.67 1.70 -5.55
CA HIS A 74 -5.20 1.73 -5.49
C HIS A 74 -4.70 3.15 -5.28
N ILE A 75 -3.67 3.29 -4.46
CA ILE A 75 -3.09 4.59 -4.17
C ILE A 75 -1.61 4.64 -4.52
N LYS A 76 -1.20 5.67 -5.24
CA LYS A 76 0.19 5.83 -5.65
C LYS A 76 1.00 6.55 -4.57
N ILE A 77 2.17 6.02 -4.26
CA ILE A 77 3.04 6.62 -3.24
C ILE A 77 4.28 7.24 -3.87
N MET A 78 4.70 8.37 -3.34
CA MET A 78 5.89 9.06 -3.85
C MET A 78 7.00 9.07 -2.81
N THR A 79 8.24 9.16 -3.28
CA THR A 79 9.39 9.18 -2.41
C THR A 79 10.48 10.11 -2.93
N ALA A 80 10.71 11.21 -2.20
CA ALA A 80 11.72 12.18 -2.59
C ALA A 80 13.04 11.92 -1.88
N GLU A 81 13.08 12.22 -0.58
CA GLU A 81 14.28 12.02 0.21
C GLU A 81 14.08 10.91 1.24
N GLY A 82 13.61 9.77 0.78
CA GLY A 82 13.37 8.64 1.67
C GLY A 82 12.12 8.82 2.51
N LEU A 83 11.19 9.62 2.01
CA LEU A 83 9.94 9.88 2.72
C LEU A 83 8.74 9.34 1.93
N TYR A 84 7.61 9.18 2.62
CA TYR A 84 6.40 8.68 1.98
C TYR A 84 5.20 9.57 2.32
N ARG A 85 4.48 9.97 1.29
CA ARG A 85 3.31 10.83 1.48
C ARG A 85 2.41 10.81 0.24
N ILE A 86 1.10 10.73 0.46
CA ILE A 86 0.15 10.70 -0.64
C ILE A 86 -0.26 12.10 -1.05
N THR A 87 -0.14 13.04 -0.12
CA THR A 87 -0.49 14.43 -0.39
C THR A 87 0.42 15.39 0.38
N GLU A 88 0.87 16.43 -0.31
CA GLU A 88 1.76 17.42 0.31
C GLU A 88 1.21 17.87 1.67
N LYS A 89 -0.10 17.73 1.85
CA LYS A 89 -0.75 18.12 3.10
C LYS A 89 -0.17 17.34 4.27
N LYS A 90 -0.13 16.02 4.15
CA LYS A 90 0.40 15.17 5.21
C LYS A 90 1.61 14.38 4.71
N ALA A 91 2.65 14.31 5.55
CA ALA A 91 3.86 13.59 5.19
C ALA A 91 4.27 12.63 6.30
N PHE A 92 4.97 11.57 5.93
CA PHE A 92 5.43 10.57 6.90
C PHE A 92 6.93 10.36 6.80
N ARG A 93 7.48 9.59 7.73
CA ARG A 93 8.92 9.31 7.74
C ARG A 93 9.22 8.05 6.95
N GLY A 94 8.45 7.00 7.18
CA GLY A 94 8.65 5.75 6.49
C GLY A 94 7.35 5.08 6.08
N LEU A 95 7.40 4.25 5.06
CA LEU A 95 6.22 3.54 4.58
C LEU A 95 5.50 2.85 5.73
N THR A 96 6.25 2.15 6.56
CA THR A 96 5.68 1.44 7.70
C THR A 96 4.69 2.32 8.46
N GLU A 97 5.18 3.45 8.95
CA GLU A 97 4.34 4.39 9.70
C GLU A 97 3.15 4.84 8.85
N LEU A 98 3.42 5.12 7.58
CA LEU A 98 2.38 5.57 6.66
C LEU A 98 1.21 4.58 6.64
N VAL A 99 1.53 3.29 6.61
CA VAL A 99 0.52 2.25 6.60
C VAL A 99 -0.09 2.04 7.98
N GLU A 100 0.77 1.99 8.99
CA GLU A 100 0.32 1.80 10.37
C GLU A 100 -0.50 2.99 10.84
N PHE A 101 -0.57 4.02 10.01
CA PHE A 101 -1.34 5.22 10.34
C PHE A 101 -2.73 5.18 9.71
N TYR A 102 -2.77 4.89 8.42
CA TYR A 102 -4.04 4.82 7.70
C TYR A 102 -5.05 3.96 8.45
N GLN A 103 -4.61 2.78 8.89
CA GLN A 103 -5.47 1.86 9.62
C GLN A 103 -6.32 2.62 10.65
N GLN A 104 -5.84 3.78 11.05
CA GLN A 104 -6.55 4.60 12.02
C GLN A 104 -7.24 5.79 11.35
N ASN A 105 -6.62 6.30 10.30
CA ASN A 105 -7.17 7.43 9.56
C ASN A 105 -7.77 6.98 8.23
N SER A 106 -9.09 7.11 8.12
CA SER A 106 -9.79 6.72 6.90
C SER A 106 -9.18 7.40 5.68
N LEU A 107 -9.14 6.68 4.56
CA LEU A 107 -8.59 7.21 3.32
C LEU A 107 -9.52 8.24 2.71
N LYS A 108 -10.78 8.25 3.17
CA LYS A 108 -11.77 9.19 2.67
C LYS A 108 -11.34 10.63 2.96
N ASP A 109 -10.54 10.81 4.01
CA ASP A 109 -10.07 12.13 4.39
C ASP A 109 -9.52 12.89 3.17
N CYS A 110 -8.63 12.24 2.44
CA CYS A 110 -8.03 12.85 1.25
C CYS A 110 -8.65 12.28 -0.03
N PHE A 111 -9.03 11.01 0.03
CA PHE A 111 -9.63 10.34 -1.12
C PHE A 111 -11.11 10.07 -0.88
N LYS A 112 -11.94 11.10 -1.02
CA LYS A 112 -13.37 10.98 -0.81
C LYS A 112 -13.86 9.61 -1.26
N SER A 113 -13.42 9.17 -2.44
CA SER A 113 -13.82 7.88 -2.97
C SER A 113 -13.65 6.78 -1.92
N LEU A 114 -12.44 6.66 -1.39
CA LEU A 114 -12.15 5.66 -0.38
C LEU A 114 -12.79 6.02 0.95
N ASP A 115 -14.00 5.52 1.17
CA ASP A 115 -14.72 5.79 2.41
C ASP A 115 -14.40 4.74 3.47
N THR A 116 -13.12 4.40 3.60
CA THR A 116 -12.69 3.40 4.57
C THR A 116 -11.18 3.41 4.73
N THR A 117 -10.68 2.61 5.66
CA THR A 117 -9.25 2.53 5.91
C THR A 117 -8.76 1.08 5.89
N LEU A 118 -7.46 0.89 5.99
CA LEU A 118 -6.88 -0.45 5.98
C LEU A 118 -7.46 -1.30 7.11
N GLN A 119 -8.34 -2.22 6.75
CA GLN A 119 -8.97 -3.10 7.73
C GLN A 119 -8.09 -4.32 8.00
N PHE A 120 -7.62 -4.97 6.93
CA PHE A 120 -6.78 -6.14 7.06
C PHE A 120 -5.71 -6.17 5.97
N PRO A 121 -4.45 -6.38 6.38
CA PRO A 121 -3.31 -6.43 5.46
C PRO A 121 -3.34 -7.68 4.57
N PHE A 122 -2.20 -7.98 3.95
CA PHE A 122 -2.09 -9.14 3.08
C PHE A 122 -1.92 -10.42 3.89
N LYS A 123 -1.05 -10.35 4.90
CA LYS A 123 -0.79 -11.50 5.75
C LYS A 123 -1.97 -11.77 6.69
N GLU A 124 -2.16 -10.89 7.65
CA GLU A 124 -3.25 -11.03 8.61
C GLU A 124 -3.34 -9.79 9.51
N PRO A 125 -4.58 -9.49 9.96
CA PRO A 125 -4.83 -8.33 10.83
C PRO A 125 -4.27 -8.53 12.22
N GLU A 126 -4.50 -7.56 13.10
CA GLU A 126 -4.01 -7.62 14.47
C GLU A 126 -4.84 -6.72 15.38
N LYS A 127 -5.06 -7.18 16.61
CA LYS A 127 -5.84 -6.42 17.59
C LYS A 127 -4.94 -5.83 18.67
N ARG A 128 -5.36 -4.72 19.25
CA ARG A 128 -4.60 -4.06 20.29
C ARG A 128 -5.44 -3.01 21.02
N THR A 129 -5.15 -2.80 22.30
CA THR A 129 -5.89 -1.83 23.10
C THR A 129 -4.94 -0.81 23.72
N ILE A 130 -3.65 -1.14 23.73
CA ILE A 130 -2.64 -0.24 24.30
C ILE A 130 -2.42 0.98 23.41
N SER A 131 -2.54 2.16 24.01
CA SER A 131 -2.35 3.41 23.28
C SER A 131 -0.95 3.97 23.51
N ARG A 132 -0.14 3.99 22.46
CA ARG A 132 1.22 4.51 22.56
C ARG A 132 1.44 5.64 21.56
N SER A 133 2.04 6.73 22.02
CA SER A 133 2.31 7.88 21.17
C SER A 133 3.43 7.58 20.19
N GLY A 134 4.58 7.15 20.72
CA GLY A 134 5.71 6.83 19.87
C GLY A 134 6.97 7.60 20.27
N PRO A 135 8.12 7.16 19.74
CA PRO A 135 9.41 7.79 20.02
C PRO A 135 9.53 9.19 19.40
N SER A 136 10.46 9.98 19.90
CA SER A 136 10.67 11.33 19.40
C SER A 136 12.07 11.48 18.81
N SER A 137 12.23 12.44 17.90
CA SER A 137 13.52 12.69 17.26
C SER A 137 13.45 13.92 16.36
N GLY A 138 14.59 14.27 15.77
CA GLY A 138 14.64 15.43 14.89
C GLY A 138 15.31 15.12 13.58
N GLY B 1 -2.66 19.39 -23.50
CA GLY B 1 -2.20 18.87 -22.23
C GLY B 1 -3.02 17.70 -21.75
N GLU B 2 -2.49 16.48 -21.91
CA GLU B 2 -3.20 15.28 -21.48
C GLU B 2 -3.16 15.14 -19.97
N ASP B 3 -4.17 14.48 -19.42
CA ASP B 3 -4.26 14.28 -17.97
C ASP B 3 -3.99 12.82 -17.62
N ASP B 4 -3.38 12.60 -16.46
CA ASP B 4 -3.07 11.24 -16.01
C ASP B 4 -3.60 11.02 -14.59
N GLY B 5 -4.54 10.08 -14.46
CA GLY B 5 -5.10 9.78 -13.16
C GLY B 5 -5.74 8.40 -13.12
N ASP B 6 -4.95 7.40 -12.74
CA ASP B 6 -5.45 6.03 -12.64
C ASP B 6 -5.76 5.66 -11.20
N PTR B 7 -4.95 6.16 -10.28
CA PTR B 7 -5.15 5.88 -8.86
C PTR B 7 -6.05 6.91 -8.21
O PTR B 7 -6.59 7.79 -8.89
CB PTR B 7 -3.80 5.85 -8.15
CG PTR B 7 -2.93 4.66 -8.50
CD1 PTR B 7 -2.54 4.42 -9.81
CD2 PTR B 7 -2.53 3.77 -7.52
CE1 PTR B 7 -1.76 3.34 -10.14
CE2 PTR B 7 -1.74 2.67 -7.84
CZ PTR B 7 -1.35 2.46 -9.15
OH PTR B 7 -0.58 1.37 -9.47
P PTR B 7 1.01 1.41 -9.67
O1P PTR B 7 1.34 1.75 -11.07
O2P PTR B 7 1.61 2.42 -8.77
O3P PTR B 7 1.59 0.08 -9.35
H PTR B 7 -4.21 6.74 -10.56
HA PTR B 7 -5.60 4.91 -8.78
HB2 PTR B 7 -3.24 6.75 -8.40
HB3 PTR B 7 -3.96 5.84 -7.08
HD1 PTR B 7 -2.86 5.11 -10.58
HD2 PTR B 7 -2.82 3.93 -6.50
HE1 PTR B 7 -1.46 3.18 -11.16
HE2 PTR B 7 -1.42 1.99 -7.06
N GLU B 8 -6.25 6.79 -6.90
CA GLU B 8 -7.10 7.71 -6.17
C GLU B 8 -6.49 9.11 -6.14
N SER B 9 -7.33 10.11 -6.41
CA SER B 9 -6.87 11.50 -6.42
C SER B 9 -7.29 12.22 -5.15
N PRO B 10 -6.45 13.17 -4.70
CA PRO B 10 -6.72 13.95 -3.48
C PRO B 10 -7.88 14.92 -3.67
N ASN B 11 -8.61 15.17 -2.58
CA ASN B 11 -9.74 16.08 -2.62
C ASN B 11 -9.28 17.51 -2.90
N GLU B 12 -9.87 18.13 -3.91
CA GLU B 12 -9.52 19.50 -4.28
C GLU B 12 -10.47 20.50 -3.62
N GLU B 13 -11.75 20.15 -3.58
CA GLU B 13 -12.76 21.01 -2.97
C GLU B 13 -12.73 20.91 -1.45
N GLU B 14 -12.72 19.68 -0.95
CA GLU B 14 -12.69 19.44 0.49
C GLU B 14 -13.71 20.33 1.21
N GLU B 15 -14.92 20.40 0.64
CA GLU B 15 -15.98 21.21 1.23
C GLU B 15 -17.36 20.65 0.86
N GLY A 1 -26.67 -26.92 -1.43
CA GLY A 1 -25.28 -27.21 -1.13
C GLY A 1 -24.40 -25.97 -1.22
N SER A 2 -23.17 -26.09 -0.75
CA SER A 2 -22.22 -24.98 -0.78
C SER A 2 -21.08 -25.26 -1.75
N SER A 3 -21.15 -24.63 -2.93
CA SER A 3 -20.13 -24.81 -3.94
C SER A 3 -19.54 -23.47 -4.36
N GLY A 4 -18.23 -23.46 -4.65
CA GLY A 4 -17.58 -22.24 -5.06
C GLY A 4 -16.06 -22.37 -5.07
N SER A 5 -15.56 -23.35 -5.81
CA SER A 5 -14.13 -23.57 -5.89
C SER A 5 -13.65 -23.49 -7.34
N SER A 6 -12.80 -22.49 -7.62
CA SER A 6 -12.28 -22.29 -8.96
C SER A 6 -11.31 -23.42 -9.34
N GLY A 7 -10.26 -23.58 -8.53
CA GLY A 7 -9.28 -24.62 -8.81
C GLY A 7 -8.07 -24.09 -9.55
N LYS A 8 -6.96 -23.95 -8.83
CA LYS A 8 -5.72 -23.46 -9.42
C LYS A 8 -4.52 -24.23 -8.90
N ALA A 9 -3.36 -24.00 -9.52
CA ALA A 9 -2.14 -24.69 -9.11
C ALA A 9 -1.04 -23.68 -8.77
N GLU A 10 -0.14 -24.09 -7.87
CA GLU A 10 0.95 -23.21 -7.45
C GLU A 10 2.27 -23.98 -7.43
N ALA A 11 3.30 -23.40 -8.05
CA ALA A 11 4.61 -24.02 -8.10
C ALA A 11 5.64 -23.21 -7.33
N GLU A 12 6.25 -23.83 -6.33
CA GLU A 12 7.26 -23.16 -5.50
C GLU A 12 8.66 -23.55 -5.94
N GLN A 13 9.66 -22.93 -5.31
CA GLN A 13 11.05 -23.22 -5.64
C GLN A 13 11.90 -23.30 -4.36
N ASN A 14 13.04 -23.97 -4.46
CA ASN A 14 13.94 -24.13 -3.31
C ASN A 14 15.01 -23.03 -3.32
N TRP A 15 14.60 -21.80 -3.56
CA TRP A 15 15.52 -20.67 -3.60
C TRP A 15 15.54 -19.94 -2.25
N TRP A 16 16.42 -20.36 -1.37
CA TRP A 16 16.53 -19.74 -0.04
C TRP A 16 17.96 -19.29 0.22
N GLU A 17 18.20 -18.00 0.06
CA GLU A 17 19.53 -17.44 0.28
C GLU A 17 19.50 -16.38 1.38
N GLY A 18 18.79 -16.68 2.45
CA GLY A 18 18.69 -15.74 3.56
C GLY A 18 18.66 -14.29 3.09
N PRO A 19 17.48 -13.85 2.63
CA PRO A 19 17.30 -12.48 2.15
C PRO A 19 17.36 -11.45 3.27
N PRO A 20 18.06 -10.33 3.01
CA PRO A 20 18.22 -9.25 3.99
C PRO A 20 16.92 -8.50 4.23
N GLN A 21 16.97 -7.47 5.09
CA GLN A 21 15.80 -6.68 5.41
C GLN A 21 14.93 -6.46 4.17
N ASP A 22 13.65 -6.77 4.28
CA ASP A 22 12.72 -6.61 3.17
C ASP A 22 11.31 -6.31 3.68
N LEU A 23 10.48 -5.76 2.81
CA LEU A 23 9.11 -5.43 3.17
C LEU A 23 8.38 -6.64 3.74
N SER A 24 8.81 -7.83 3.33
CA SER A 24 8.20 -9.07 3.80
C SER A 24 7.96 -9.03 5.31
N VAL A 25 8.99 -8.61 6.05
CA VAL A 25 8.89 -8.52 7.50
C VAL A 25 7.51 -8.04 7.93
N HIS A 26 6.94 -7.12 7.15
CA HIS A 26 5.62 -6.58 7.44
C HIS A 26 4.53 -7.60 7.14
N LEU A 27 3.46 -7.57 7.93
CA LEU A 27 2.34 -8.49 7.75
C LEU A 27 1.72 -8.32 6.37
N TRP A 28 2.12 -7.27 5.67
CA TRP A 28 1.60 -6.99 4.33
C TRP A 28 2.73 -6.70 3.35
N TYR A 29 2.72 -7.40 2.23
CA TYR A 29 3.75 -7.22 1.20
C TYR A 29 3.18 -7.46 -0.19
N ALA A 30 3.62 -6.66 -1.15
CA ALA A 30 3.15 -6.79 -2.52
C ALA A 30 4.21 -6.29 -3.51
N GLY A 31 4.80 -7.21 -4.26
CA GLY A 31 5.82 -6.84 -5.22
C GLY A 31 5.24 -6.13 -6.43
N PRO A 32 5.93 -6.25 -7.58
CA PRO A 32 5.50 -5.61 -8.83
C PRO A 32 4.23 -6.25 -9.39
N MET A 33 3.66 -7.18 -8.64
CA MET A 33 2.44 -7.87 -9.08
C MET A 33 1.58 -6.95 -9.95
N GLU A 34 1.00 -7.51 -10.99
CA GLU A 34 0.15 -6.74 -11.90
C GLU A 34 -1.14 -6.32 -11.20
N ARG A 35 -1.75 -5.25 -11.71
CA ARG A 35 -3.00 -4.74 -11.13
C ARG A 35 -3.93 -5.89 -10.76
N ALA A 36 -4.32 -6.67 -11.77
CA ALA A 36 -5.22 -7.80 -11.55
C ALA A 36 -4.72 -8.69 -10.41
N GLY A 37 -3.40 -8.87 -10.36
CA GLY A 37 -2.81 -9.70 -9.31
C GLY A 37 -3.27 -9.31 -7.93
N ALA A 38 -3.49 -8.01 -7.73
CA ALA A 38 -3.93 -7.50 -6.43
C ALA A 38 -5.44 -7.71 -6.25
N GLU A 39 -6.21 -7.14 -7.17
CA GLU A 39 -7.66 -7.26 -7.11
C GLU A 39 -8.08 -8.63 -6.58
N SER A 40 -7.63 -9.68 -7.27
CA SER A 40 -7.97 -11.05 -6.88
C SER A 40 -7.67 -11.27 -5.40
N ILE A 41 -6.48 -10.85 -4.98
CA ILE A 41 -6.07 -11.01 -3.59
C ILE A 41 -7.07 -10.34 -2.64
N LEU A 42 -7.17 -9.02 -2.75
CA LEU A 42 -8.08 -8.25 -1.91
C LEU A 42 -9.53 -8.59 -2.24
N ALA A 43 -9.74 -9.37 -3.29
CA ALA A 43 -11.07 -9.77 -3.71
C ALA A 43 -11.44 -11.15 -3.14
N ASN A 44 -10.43 -11.99 -2.96
CA ASN A 44 -10.63 -13.33 -2.42
C ASN A 44 -10.57 -13.33 -0.91
N ARG A 45 -9.67 -12.51 -0.36
CA ARG A 45 -9.50 -12.41 1.09
C ARG A 45 -10.80 -11.99 1.76
N SER A 46 -11.14 -10.70 1.64
CA SER A 46 -12.36 -10.17 2.24
C SER A 46 -12.55 -8.71 1.87
N ASP A 47 -13.64 -8.12 2.35
CA ASP A 47 -13.94 -6.72 2.07
C ASP A 47 -13.24 -5.80 3.06
N GLY A 48 -12.13 -5.20 2.63
CA GLY A 48 -11.38 -4.31 3.50
C GLY A 48 -9.89 -4.62 3.50
N THR A 49 -9.52 -5.70 2.81
CA THR A 49 -8.11 -6.10 2.74
C THR A 49 -7.28 -5.06 2.01
N PHE A 50 -5.98 -5.03 2.31
CA PHE A 50 -5.08 -4.08 1.68
C PHE A 50 -3.67 -4.67 1.54
N LEU A 51 -2.78 -3.94 0.90
CA LEU A 51 -1.41 -4.38 0.70
C LEU A 51 -0.54 -3.26 0.17
N VAL A 52 0.75 -3.54 0.01
CA VAL A 52 1.70 -2.55 -0.50
C VAL A 52 2.34 -3.01 -1.80
N ARG A 53 2.02 -2.33 -2.89
CA ARG A 53 2.56 -2.66 -4.20
C ARG A 53 3.72 -1.74 -4.55
N GLN A 54 4.47 -2.11 -5.59
CA GLN A 54 5.60 -1.32 -6.04
C GLN A 54 5.46 -0.94 -7.51
N ARG A 55 6.17 0.11 -7.91
CA ARG A 55 6.12 0.59 -9.29
C ARG A 55 7.25 -0.02 -10.11
N VAL A 56 7.05 -0.07 -11.43
CA VAL A 56 8.06 -0.63 -12.33
C VAL A 56 8.94 0.47 -12.92
N LYS A 57 8.33 1.62 -13.21
CA LYS A 57 9.05 2.74 -13.77
C LYS A 57 10.29 3.06 -12.94
N ASP A 58 10.08 3.36 -11.66
CA ASP A 58 11.19 3.68 -10.77
C ASP A 58 11.07 2.88 -9.46
N ALA A 59 12.12 2.13 -9.15
CA ALA A 59 12.14 1.32 -7.93
C ALA A 59 11.64 2.12 -6.74
N ALA A 60 12.18 3.32 -6.56
CA ALA A 60 11.79 4.19 -5.46
C ALA A 60 10.32 4.60 -5.58
N GLU A 61 9.42 3.67 -5.29
CA GLU A 61 7.99 3.94 -5.37
C GLU A 61 7.19 2.80 -4.74
N PHE A 62 5.93 3.09 -4.41
CA PHE A 62 5.06 2.09 -3.79
C PHE A 62 3.60 2.48 -3.99
N ALA A 63 2.71 1.59 -3.55
CA ALA A 63 1.27 1.82 -3.66
C ALA A 63 0.50 1.05 -2.61
N ILE A 64 -0.74 1.47 -2.36
CA ILE A 64 -1.59 0.81 -1.38
C ILE A 64 -2.94 0.43 -1.98
N SER A 65 -3.08 -0.84 -2.34
CA SER A 65 -4.33 -1.34 -2.92
C SER A 65 -5.21 -1.97 -1.85
N ILE A 66 -6.47 -1.56 -1.81
CA ILE A 66 -7.42 -2.09 -0.83
C ILE A 66 -8.76 -2.40 -1.49
N LYS A 67 -9.39 -3.48 -1.06
CA LYS A 67 -10.69 -3.89 -1.60
C LYS A 67 -11.82 -3.24 -0.81
N TYR A 68 -12.67 -2.48 -1.50
CA TYR A 68 -13.79 -1.82 -0.87
C TYR A 68 -14.80 -1.35 -1.91
N ASN A 69 -16.08 -1.52 -1.59
CA ASN A 69 -17.16 -1.11 -2.50
C ASN A 69 -17.17 -1.98 -3.75
N VAL A 70 -17.25 -3.29 -3.55
CA VAL A 70 -17.27 -4.23 -4.66
C VAL A 70 -16.30 -3.81 -5.76
N GLU A 71 -15.27 -3.07 -5.36
CA GLU A 71 -14.27 -2.60 -6.32
C GLU A 71 -12.91 -2.41 -5.64
N VAL A 72 -11.86 -2.93 -6.27
CA VAL A 72 -10.52 -2.83 -5.72
C VAL A 72 -9.86 -1.52 -6.15
N LYS A 73 -9.60 -0.65 -5.17
CA LYS A 73 -8.97 0.63 -5.44
C LYS A 73 -7.45 0.55 -5.24
N HIS A 74 -6.75 1.61 -5.63
CA HIS A 74 -5.31 1.66 -5.51
C HIS A 74 -4.82 3.10 -5.34
N ILE A 75 -3.79 3.28 -4.52
CA ILE A 75 -3.23 4.61 -4.28
C ILE A 75 -1.73 4.64 -4.57
N LYS A 76 -1.31 5.61 -5.35
CA LYS A 76 0.11 5.76 -5.70
C LYS A 76 0.87 6.47 -4.59
N ILE A 77 2.16 6.14 -4.46
CA ILE A 77 2.99 6.74 -3.44
C ILE A 77 4.19 7.45 -4.06
N MET A 78 4.48 8.65 -3.56
CA MET A 78 5.60 9.44 -4.07
C MET A 78 6.75 9.45 -3.08
N THR A 79 7.97 9.63 -3.59
CA THR A 79 9.15 9.66 -2.74
C THR A 79 10.21 10.61 -3.30
N ALA A 80 11.01 11.18 -2.41
CA ALA A 80 12.06 12.11 -2.81
C ALA A 80 13.42 11.64 -2.33
N GLU A 81 13.67 11.78 -1.03
CA GLU A 81 14.94 11.38 -0.43
C GLU A 81 14.75 10.18 0.49
N GLY A 82 13.57 9.55 0.41
CA GLY A 82 13.29 8.41 1.24
C GLY A 82 12.02 8.57 2.04
N LEU A 83 11.24 9.59 1.71
CA LEU A 83 9.99 9.86 2.42
C LEU A 83 8.81 9.20 1.70
N TYR A 84 7.66 9.17 2.37
CA TYR A 84 6.47 8.56 1.81
C TYR A 84 5.23 9.39 2.13
N ARG A 85 4.55 9.85 1.08
CA ARG A 85 3.35 10.66 1.25
C ARG A 85 2.48 10.63 -0.01
N ILE A 86 1.18 10.50 0.18
CA ILE A 86 0.24 10.45 -0.94
C ILE A 86 -0.17 11.85 -1.37
N THR A 87 -0.10 12.80 -0.44
CA THR A 87 -0.47 14.18 -0.72
C THR A 87 0.54 15.15 -0.10
N GLU A 88 0.45 16.42 -0.50
CA GLU A 88 1.35 17.44 0.01
C GLU A 88 1.00 17.79 1.46
N LYS A 89 -0.29 17.76 1.77
CA LYS A 89 -0.74 18.07 3.13
C LYS A 89 -0.20 17.07 4.13
N LYS A 90 -0.45 15.79 3.88
CA LYS A 90 0.02 14.73 4.76
C LYS A 90 1.42 14.27 4.36
N ALA A 91 2.17 13.77 5.33
CA ALA A 91 3.53 13.29 5.08
C ALA A 91 3.96 12.30 6.15
N PHE A 92 4.99 11.50 5.83
CA PHE A 92 5.50 10.51 6.76
C PHE A 92 7.01 10.34 6.61
N ARG A 93 7.61 9.59 7.51
CA ARG A 93 9.05 9.36 7.48
C ARG A 93 9.36 7.93 7.02
N GLY A 94 8.38 7.05 7.15
CA GLY A 94 8.56 5.66 6.74
C GLY A 94 7.29 5.03 6.22
N LEU A 95 7.41 4.21 5.19
CA LEU A 95 6.26 3.54 4.60
C LEU A 95 5.45 2.81 5.67
N THR A 96 6.16 2.11 6.56
CA THR A 96 5.50 1.36 7.62
C THR A 96 4.50 2.24 8.38
N GLU A 97 4.96 3.42 8.79
CA GLU A 97 4.10 4.34 9.52
C GLU A 97 2.94 4.82 8.65
N LEU A 98 3.25 5.17 7.41
CA LEU A 98 2.23 5.64 6.47
C LEU A 98 1.05 4.66 6.41
N VAL A 99 1.34 3.39 6.64
CA VAL A 99 0.31 2.36 6.60
C VAL A 99 -0.26 2.11 8.00
N GLU A 100 0.63 1.97 8.98
CA GLU A 100 0.21 1.74 10.35
C GLU A 100 -0.54 2.95 10.91
N PHE A 101 -0.59 4.01 10.13
CA PHE A 101 -1.27 5.23 10.55
C PHE A 101 -2.67 5.30 9.95
N TYR A 102 -2.77 5.04 8.64
CA TYR A 102 -4.05 5.07 7.95
C TYR A 102 -5.09 4.22 8.67
N GLN A 103 -4.62 3.14 9.30
CA GLN A 103 -5.51 2.25 10.03
C GLN A 103 -6.34 3.02 11.05
N GLN A 104 -5.86 4.19 11.44
CA GLN A 104 -6.57 5.02 12.41
C GLN A 104 -7.30 6.17 11.72
N ASN A 105 -6.70 6.69 10.65
CA ASN A 105 -7.30 7.79 9.90
C ASN A 105 -7.90 7.29 8.59
N SER A 106 -9.22 7.37 8.48
CA SER A 106 -9.91 6.92 7.28
C SER A 106 -9.36 7.62 6.04
N LEU A 107 -9.06 6.85 5.00
CA LEU A 107 -8.53 7.40 3.77
C LEU A 107 -9.46 8.47 3.20
N LYS A 108 -10.68 8.52 3.70
CA LYS A 108 -11.66 9.49 3.25
C LYS A 108 -11.17 10.91 3.50
N ASP A 109 -10.16 11.04 4.36
CA ASP A 109 -9.59 12.35 4.68
C ASP A 109 -8.96 12.98 3.43
N CYS A 110 -8.38 12.15 2.58
CA CYS A 110 -7.75 12.64 1.36
C CYS A 110 -8.56 12.23 0.13
N PHE A 111 -8.90 10.95 0.05
CA PHE A 111 -9.67 10.44 -1.07
C PHE A 111 -11.15 10.34 -0.73
N LYS A 112 -11.91 11.36 -1.13
CA LYS A 112 -13.34 11.38 -0.87
C LYS A 112 -14.01 10.09 -1.31
N SER A 113 -13.41 9.44 -2.30
CA SER A 113 -13.95 8.18 -2.82
C SER A 113 -13.82 7.06 -1.78
N LEU A 114 -12.63 6.92 -1.22
CA LEU A 114 -12.38 5.89 -0.21
C LEU A 114 -12.89 6.33 1.16
N ASP A 115 -14.02 5.76 1.57
CA ASP A 115 -14.61 6.08 2.87
C ASP A 115 -14.23 5.05 3.91
N THR A 116 -13.15 4.33 3.66
CA THR A 116 -12.67 3.30 4.59
C THR A 116 -11.15 3.30 4.68
N THR A 117 -10.63 2.71 5.75
CA THR A 117 -9.18 2.64 5.95
C THR A 117 -8.71 1.19 5.99
N LEU A 118 -7.39 1.01 5.98
CA LEU A 118 -6.80 -0.33 6.02
C LEU A 118 -7.45 -1.18 7.11
N GLN A 119 -8.24 -2.16 6.69
CA GLN A 119 -8.92 -3.03 7.64
C GLN A 119 -8.06 -4.27 7.93
N PHE A 120 -7.55 -4.90 6.88
CA PHE A 120 -6.72 -6.09 7.04
C PHE A 120 -5.64 -6.14 5.97
N PRO A 121 -4.42 -6.52 6.38
CA PRO A 121 -3.28 -6.62 5.47
C PRO A 121 -3.41 -7.77 4.47
N PHE A 122 -2.35 -8.01 3.71
CA PHE A 122 -2.36 -9.08 2.72
C PHE A 122 -2.35 -10.45 3.39
N LYS A 123 -1.54 -10.57 4.43
CA LYS A 123 -1.42 -11.83 5.17
C LYS A 123 -2.55 -11.97 6.18
N GLU A 124 -2.55 -11.12 7.20
CA GLU A 124 -3.58 -11.16 8.22
C GLU A 124 -3.41 -10.01 9.21
N PRO A 125 -4.53 -9.55 9.79
CA PRO A 125 -4.54 -8.46 10.75
C PRO A 125 -3.89 -8.84 12.08
N GLU A 126 -3.23 -7.88 12.72
CA GLU A 126 -2.57 -8.13 14.00
C GLU A 126 -3.43 -7.62 15.16
N LYS A 127 -4.55 -8.28 15.38
CA LYS A 127 -5.46 -7.90 16.46
C LYS A 127 -5.43 -6.39 16.70
N ARG A 128 -5.28 -5.63 15.62
CA ARG A 128 -5.23 -4.19 15.70
C ARG A 128 -6.55 -3.56 15.22
N THR A 129 -7.43 -3.24 16.16
CA THR A 129 -8.72 -2.65 15.82
C THR A 129 -9.28 -1.87 16.99
N ILE A 130 -9.70 -0.63 16.73
CA ILE A 130 -10.25 0.22 17.77
C ILE A 130 -10.78 1.53 17.18
N SER A 131 -11.82 2.09 17.80
CA SER A 131 -12.41 3.33 17.34
C SER A 131 -12.37 4.39 18.44
N ARG A 132 -11.89 5.58 18.10
CA ARG A 132 -11.80 6.68 19.05
C ARG A 132 -12.56 7.90 18.54
N SER A 133 -13.12 8.67 19.47
CA SER A 133 -13.87 9.87 19.12
C SER A 133 -13.29 11.10 19.82
N GLY A 134 -13.17 12.20 19.07
CA GLY A 134 -12.63 13.42 19.62
C GLY A 134 -12.07 14.34 18.56
N PRO A 135 -11.20 15.27 18.97
CA PRO A 135 -10.56 16.24 18.06
C PRO A 135 -9.56 15.57 17.13
N SER A 136 -9.18 16.29 16.08
CA SER A 136 -8.22 15.77 15.11
C SER A 136 -7.84 16.86 14.09
N SER A 137 -6.84 16.56 13.27
CA SER A 137 -6.39 17.49 12.25
C SER A 137 -5.84 16.76 11.04
N GLY A 138 -5.71 17.48 9.92
CA GLY A 138 -5.19 16.87 8.71
C GLY A 138 -6.24 16.05 7.98
N GLY B 1 -2.60 15.57 -20.43
CA GLY B 1 -3.46 14.57 -21.03
C GLY B 1 -4.89 14.69 -20.56
N GLU B 2 -5.40 13.65 -19.91
CA GLU B 2 -6.78 13.65 -19.41
C GLU B 2 -6.81 13.68 -17.89
N ASP B 3 -6.22 12.67 -17.28
CA ASP B 3 -6.18 12.57 -15.82
C ASP B 3 -4.78 12.85 -15.30
N ASP B 4 -4.69 13.21 -14.01
CA ASP B 4 -3.41 13.51 -13.40
C ASP B 4 -2.43 12.36 -13.60
N GLY B 5 -2.94 11.13 -13.57
CA GLY B 5 -2.10 9.98 -13.75
C GLY B 5 -2.86 8.67 -13.58
N ASP B 6 -2.53 7.94 -12.52
CA ASP B 6 -3.19 6.67 -12.23
C ASP B 6 -3.65 6.61 -10.79
N PTR B 7 -4.10 5.43 -10.36
CA PTR B 7 -4.57 5.23 -9.00
C PTR B 7 -5.61 6.29 -8.64
O PTR B 7 -6.05 7.06 -9.48
CB PTR B 7 -3.41 5.29 -8.02
CG PTR B 7 -2.31 4.30 -8.32
CD1 PTR B 7 -2.12 3.17 -7.53
CD2 PTR B 7 -1.45 4.49 -9.40
CE1 PTR B 7 -1.12 2.26 -7.81
CE2 PTR B 7 -0.45 3.58 -9.68
CZ PTR B 7 -0.29 2.47 -8.89
OH PTR B 7 0.71 1.56 -9.17
P PTR B 7 2.22 1.68 -8.66
O1P PTR B 7 2.35 2.80 -7.69
O2P PTR B 7 2.62 0.42 -7.98
O3P PTR B 7 3.13 1.92 -9.80
H PTR B 7 -4.11 4.67 -10.98
HA PTR B 7 -5.03 4.26 -8.94
HB2 PTR B 7 -2.97 6.28 -8.04
HB3 PTR B 7 -3.77 5.08 -7.02
HD1 PTR B 7 -2.78 3.01 -6.69
HD2 PTR B 7 -1.59 5.36 -10.02
HE1 PTR B 7 -0.99 1.38 -7.18
HE2 PTR B 7 0.20 3.75 -10.53
N GLU B 8 -6.01 6.31 -7.36
CA GLU B 8 -7.00 7.26 -6.88
C GLU B 8 -6.40 8.67 -6.83
N SER B 9 -7.28 9.67 -6.87
CA SER B 9 -6.85 11.06 -6.83
C SER B 9 -7.34 11.75 -5.57
N PRO B 10 -6.50 12.62 -5.00
CA PRO B 10 -6.82 13.36 -3.78
C PRO B 10 -7.91 14.41 -4.01
N ASN B 11 -8.53 14.87 -2.92
CA ASN B 11 -9.58 15.87 -3.00
C ASN B 11 -9.07 17.14 -3.68
N GLU B 12 -9.61 17.44 -4.85
CA GLU B 12 -9.21 18.64 -5.58
C GLU B 12 -10.16 19.80 -5.32
N GLU B 13 -11.46 19.50 -5.31
CA GLU B 13 -12.47 20.52 -5.06
C GLU B 13 -12.53 20.89 -3.59
N GLU B 14 -12.53 19.87 -2.72
CA GLU B 14 -12.59 20.09 -1.29
C GLU B 14 -11.40 20.91 -0.82
N GLU B 15 -10.19 20.39 -1.04
CA GLU B 15 -8.98 21.09 -0.63
C GLU B 15 -8.96 22.51 -1.17
N GLY A 1 -3.81 1.93 -23.71
CA GLY A 1 -5.00 1.57 -24.46
C GLY A 1 -4.74 0.50 -25.50
N SER A 2 -5.76 0.16 -26.27
CA SER A 2 -5.63 -0.87 -27.30
C SER A 2 -4.88 -2.09 -26.77
N SER A 3 -5.20 -2.47 -25.54
CA SER A 3 -4.55 -3.62 -24.91
C SER A 3 -4.90 -4.91 -25.63
N GLY A 4 -4.04 -5.32 -26.56
CA GLY A 4 -4.29 -6.54 -27.31
C GLY A 4 -3.14 -7.53 -27.20
N SER A 5 -3.38 -8.63 -26.51
CA SER A 5 -2.36 -9.66 -26.33
C SER A 5 -1.00 -9.02 -26.03
N SER A 6 -1.00 -8.00 -25.18
CA SER A 6 0.23 -7.30 -24.82
C SER A 6 1.16 -8.21 -24.02
N GLY A 7 2.35 -7.71 -23.72
CA GLY A 7 3.31 -8.49 -22.96
C GLY A 7 3.84 -7.73 -21.75
N LYS A 8 4.84 -6.88 -21.97
CA LYS A 8 5.43 -6.10 -20.91
C LYS A 8 6.06 -7.01 -19.85
N ALA A 9 6.70 -8.07 -20.31
CA ALA A 9 7.35 -9.02 -19.41
C ALA A 9 8.59 -8.40 -18.75
N GLU A 10 8.74 -8.63 -17.46
CA GLU A 10 9.87 -8.09 -16.71
C GLU A 10 10.56 -9.18 -15.90
N ALA A 11 10.73 -10.35 -16.52
CA ALA A 11 11.38 -11.48 -15.87
C ALA A 11 12.88 -11.48 -16.13
N GLU A 12 13.66 -11.27 -15.07
CA GLU A 12 15.12 -11.25 -15.20
C GLU A 12 15.78 -11.47 -13.85
N GLN A 13 17.10 -11.61 -13.86
CA GLN A 13 17.86 -11.82 -12.63
C GLN A 13 18.79 -10.64 -12.35
N ASN A 14 18.25 -9.61 -11.72
CA ASN A 14 19.03 -8.41 -11.40
C ASN A 14 19.16 -8.25 -9.88
N TRP A 15 20.08 -8.98 -9.29
CA TRP A 15 20.31 -8.91 -7.85
C TRP A 15 21.76 -8.55 -7.54
N TRP A 16 22.11 -7.29 -7.74
CA TRP A 16 23.46 -6.82 -7.49
C TRP A 16 23.45 -5.61 -6.57
N GLU A 17 22.42 -4.78 -6.68
CA GLU A 17 22.29 -3.58 -5.87
C GLU A 17 21.55 -3.89 -4.57
N GLY A 18 22.30 -4.30 -3.55
CA GLY A 18 21.71 -4.61 -2.26
C GLY A 18 20.51 -3.74 -1.95
N PRO A 19 19.31 -4.30 -2.10
CA PRO A 19 18.06 -3.58 -1.83
C PRO A 19 17.86 -3.31 -0.34
N PRO A 20 16.85 -2.48 -0.03
CA PRO A 20 16.53 -2.12 1.35
C PRO A 20 15.93 -3.29 2.14
N GLN A 21 15.52 -3.02 3.37
CA GLN A 21 14.93 -4.06 4.22
C GLN A 21 13.90 -4.87 3.45
N ASP A 22 13.60 -6.07 3.95
CA ASP A 22 12.63 -6.94 3.32
C ASP A 22 11.23 -6.70 3.88
N LEU A 23 10.44 -5.91 3.17
CA LEU A 23 9.08 -5.60 3.60
C LEU A 23 8.37 -6.84 4.13
N SER A 24 8.85 -8.00 3.69
CA SER A 24 8.26 -9.28 4.11
C SER A 24 7.99 -9.27 5.62
N VAL A 25 8.91 -8.70 6.38
CA VAL A 25 8.77 -8.63 7.83
C VAL A 25 7.38 -8.13 8.22
N HIS A 26 6.91 -7.11 7.52
CA HIS A 26 5.60 -6.54 7.80
C HIS A 26 4.49 -7.57 7.55
N LEU A 27 3.35 -7.37 8.18
CA LEU A 27 2.22 -8.28 8.04
C LEU A 27 1.57 -8.11 6.67
N TRP A 28 2.12 -7.21 5.87
CA TRP A 28 1.59 -6.95 4.53
C TRP A 28 2.72 -6.72 3.53
N TYR A 29 2.71 -7.46 2.44
CA TYR A 29 3.74 -7.34 1.41
C TYR A 29 3.17 -7.68 0.03
N ALA A 30 3.75 -7.06 -1.00
CA ALA A 30 3.30 -7.31 -2.37
C ALA A 30 4.43 -7.04 -3.36
N GLY A 31 4.92 -8.10 -3.99
CA GLY A 31 6.00 -7.97 -4.95
C GLY A 31 5.62 -7.08 -6.12
N PRO A 32 6.22 -7.33 -7.29
CA PRO A 32 5.95 -6.57 -8.50
C PRO A 32 4.55 -6.81 -9.05
N MET A 33 3.77 -7.62 -8.34
CA MET A 33 2.41 -7.93 -8.76
C MET A 33 1.77 -6.74 -9.48
N GLU A 34 1.02 -7.04 -10.54
CA GLU A 34 0.36 -5.99 -11.32
C GLU A 34 -1.03 -5.69 -10.75
N ARG A 35 -1.61 -4.59 -11.21
CA ARG A 35 -2.94 -4.19 -10.75
C ARG A 35 -3.82 -5.42 -10.51
N ALA A 36 -4.19 -6.10 -11.59
CA ALA A 36 -5.03 -7.29 -11.50
C ALA A 36 -4.47 -8.27 -10.46
N GLY A 37 -3.18 -8.55 -10.55
CA GLY A 37 -2.56 -9.48 -9.61
C GLY A 37 -2.93 -9.18 -8.17
N ALA A 38 -3.16 -7.91 -7.88
CA ALA A 38 -3.53 -7.50 -6.52
C ALA A 38 -5.03 -7.65 -6.29
N GLU A 39 -5.82 -7.08 -7.18
CA GLU A 39 -7.27 -7.15 -7.07
C GLU A 39 -7.72 -8.52 -6.56
N SER A 40 -7.28 -9.56 -7.25
CA SER A 40 -7.63 -10.93 -6.87
C SER A 40 -7.41 -11.15 -5.38
N ILE A 41 -6.26 -10.71 -4.89
CA ILE A 41 -5.92 -10.86 -3.48
C ILE A 41 -6.96 -10.17 -2.59
N LEU A 42 -7.12 -8.87 -2.79
CA LEU A 42 -8.07 -8.09 -2.01
C LEU A 42 -9.50 -8.37 -2.46
N ALA A 43 -9.64 -9.18 -3.51
CA ALA A 43 -10.95 -9.54 -4.03
C ALA A 43 -11.56 -10.71 -3.26
N ASN A 44 -10.88 -11.85 -3.30
CA ASN A 44 -11.35 -13.04 -2.60
C ASN A 44 -11.39 -12.80 -1.09
N ARG A 45 -10.34 -12.17 -0.56
CA ARG A 45 -10.26 -11.90 0.87
C ARG A 45 -11.46 -11.08 1.33
N SER A 46 -11.48 -10.73 2.61
CA SER A 46 -12.57 -9.95 3.18
C SER A 46 -12.58 -8.54 2.63
N ASP A 47 -13.78 -8.01 2.37
CA ASP A 47 -13.91 -6.66 1.84
C ASP A 47 -13.27 -5.64 2.76
N GLY A 48 -12.13 -5.10 2.35
CA GLY A 48 -11.42 -4.12 3.16
C GLY A 48 -9.95 -4.43 3.29
N THR A 49 -9.50 -5.50 2.65
CA THR A 49 -8.11 -5.90 2.69
C THR A 49 -7.21 -4.85 2.06
N PHE A 50 -5.91 -4.95 2.31
CA PHE A 50 -4.95 -4.01 1.75
C PHE A 50 -3.56 -4.64 1.66
N LEU A 51 -2.64 -3.94 1.01
CA LEU A 51 -1.27 -4.44 0.85
C LEU A 51 -0.37 -3.35 0.28
N VAL A 52 0.93 -3.65 0.17
CA VAL A 52 1.89 -2.71 -0.36
C VAL A 52 2.64 -3.30 -1.55
N ARG A 53 2.30 -2.83 -2.74
CA ARG A 53 2.94 -3.31 -3.96
C ARG A 53 3.80 -2.22 -4.60
N GLN A 54 4.84 -2.64 -5.33
CA GLN A 54 5.73 -1.69 -5.98
C GLN A 54 5.35 -1.50 -7.44
N ARG A 55 5.81 -0.40 -8.03
CA ARG A 55 5.51 -0.10 -9.42
C ARG A 55 6.62 -0.62 -10.34
N VAL A 56 6.35 -0.62 -11.64
CA VAL A 56 7.32 -1.09 -12.62
C VAL A 56 7.95 0.07 -13.38
N LYS A 57 7.30 1.23 -13.30
CA LYS A 57 7.79 2.43 -13.97
C LYS A 57 9.00 3.01 -13.25
N ASP A 58 8.91 3.07 -11.92
CA ASP A 58 9.99 3.61 -11.11
C ASP A 58 10.27 2.70 -9.91
N ALA A 59 11.48 2.13 -9.88
CA ALA A 59 11.88 1.24 -8.80
C ALA A 59 11.49 1.82 -7.44
N ALA A 60 12.04 2.98 -7.12
CA ALA A 60 11.75 3.65 -5.86
C ALA A 60 10.34 4.24 -5.86
N GLU A 61 9.34 3.37 -5.73
CA GLU A 61 7.95 3.81 -5.71
C GLU A 61 7.03 2.69 -5.24
N PHE A 62 6.25 2.97 -4.20
CA PHE A 62 5.33 1.98 -3.66
C PHE A 62 3.89 2.38 -3.93
N ALA A 63 2.96 1.48 -3.61
CA ALA A 63 1.54 1.73 -3.83
C ALA A 63 0.68 0.88 -2.90
N ILE A 64 -0.44 1.43 -2.46
CA ILE A 64 -1.36 0.72 -1.57
C ILE A 64 -2.65 0.34 -2.29
N SER A 65 -2.95 -0.95 -2.30
CA SER A 65 -4.16 -1.44 -2.95
C SER A 65 -5.09 -2.10 -1.94
N ILE A 66 -6.29 -1.53 -1.79
CA ILE A 66 -7.27 -2.07 -0.87
C ILE A 66 -8.63 -2.27 -1.55
N LYS A 67 -9.26 -3.40 -1.25
CA LYS A 67 -10.56 -3.72 -1.84
C LYS A 67 -11.69 -3.08 -1.02
N TYR A 68 -12.67 -2.53 -1.72
CA TYR A 68 -13.81 -1.89 -1.07
C TYR A 68 -14.85 -1.44 -2.10
N ASN A 69 -16.12 -1.64 -1.77
CA ASN A 69 -17.21 -1.26 -2.66
C ASN A 69 -17.19 -2.10 -3.94
N VAL A 70 -17.09 -3.41 -3.78
CA VAL A 70 -17.06 -4.32 -4.91
C VAL A 70 -16.07 -3.85 -5.98
N GLU A 71 -15.06 -3.11 -5.54
CA GLU A 71 -14.05 -2.59 -6.44
C GLU A 71 -12.71 -2.42 -5.73
N VAL A 72 -11.64 -2.85 -6.38
CA VAL A 72 -10.29 -2.74 -5.81
C VAL A 72 -9.62 -1.44 -6.23
N LYS A 73 -9.30 -0.60 -5.25
CA LYS A 73 -8.64 0.67 -5.51
C LYS A 73 -7.14 0.57 -5.30
N HIS A 74 -6.42 1.62 -5.66
CA HIS A 74 -4.97 1.65 -5.52
C HIS A 74 -4.47 3.08 -5.31
N ILE A 75 -3.42 3.22 -4.51
CA ILE A 75 -2.85 4.54 -4.24
C ILE A 75 -1.37 4.59 -4.64
N LYS A 76 -1.02 5.59 -5.44
CA LYS A 76 0.35 5.76 -5.90
C LYS A 76 1.17 6.57 -4.89
N ILE A 77 2.22 5.96 -4.37
CA ILE A 77 3.08 6.62 -3.39
C ILE A 77 4.26 7.29 -4.08
N MET A 78 4.72 8.40 -3.50
CA MET A 78 5.85 9.14 -4.06
C MET A 78 7.02 9.16 -3.08
N THR A 79 8.23 9.21 -3.62
CA THR A 79 9.43 9.22 -2.79
C THR A 79 10.52 10.09 -3.43
N ALA A 80 11.03 11.04 -2.65
CA ALA A 80 12.08 11.93 -3.14
C ALA A 80 13.35 11.80 -2.29
N GLU A 81 13.29 12.32 -1.08
CA GLU A 81 14.43 12.26 -0.16
C GLU A 81 14.18 11.27 0.96
N GLY A 82 13.76 10.06 0.59
CA GLY A 82 13.49 9.04 1.58
C GLY A 82 12.23 9.32 2.39
N LEU A 83 11.28 10.01 1.77
CA LEU A 83 10.02 10.35 2.44
C LEU A 83 8.83 9.79 1.67
N TYR A 84 7.79 9.42 2.41
CA TYR A 84 6.58 8.87 1.80
C TYR A 84 5.36 9.72 2.14
N ARG A 85 4.63 10.13 1.10
CA ARG A 85 3.44 10.94 1.28
C ARG A 85 2.55 10.90 0.04
N ILE A 86 1.24 10.98 0.25
CA ILE A 86 0.29 10.94 -0.84
C ILE A 86 -0.31 12.33 -1.10
N THR A 87 -0.09 13.24 -0.16
CA THR A 87 -0.61 14.60 -0.28
C THR A 87 0.37 15.61 0.31
N GLU A 88 0.12 16.89 0.04
CA GLU A 88 0.99 17.95 0.54
C GLU A 88 0.69 18.25 2.01
N LYS A 89 -0.54 17.96 2.42
CA LYS A 89 -0.96 18.19 3.80
C LYS A 89 -0.34 17.15 4.73
N LYS A 90 -0.55 15.88 4.42
CA LYS A 90 -0.02 14.79 5.23
C LYS A 90 1.34 14.32 4.68
N ALA A 91 2.24 13.97 5.59
CA ALA A 91 3.57 13.50 5.20
C ALA A 91 4.13 12.52 6.22
N PHE A 92 4.80 11.49 5.74
CA PHE A 92 5.39 10.48 6.62
C PHE A 92 6.88 10.35 6.37
N ARG A 93 7.55 9.58 7.22
CA ARG A 93 8.98 9.37 7.10
C ARG A 93 9.30 7.94 6.63
N GLY A 94 8.36 7.03 6.90
CA GLY A 94 8.56 5.65 6.49
C GLY A 94 7.27 5.01 6.00
N LEU A 95 7.38 4.21 4.94
CA LEU A 95 6.23 3.54 4.36
C LEU A 95 5.43 2.81 5.43
N THR A 96 6.12 2.20 6.38
CA THR A 96 5.48 1.48 7.47
C THR A 96 4.45 2.36 8.18
N GLU A 97 4.91 3.47 8.75
CA GLU A 97 4.04 4.38 9.46
C GLU A 97 2.84 4.78 8.59
N LEU A 98 3.12 5.13 7.34
CA LEU A 98 2.08 5.52 6.41
C LEU A 98 0.94 4.51 6.41
N VAL A 99 1.28 3.24 6.46
CA VAL A 99 0.30 2.17 6.47
C VAL A 99 -0.28 1.97 7.86
N GLU A 100 0.59 1.82 8.85
CA GLU A 100 0.16 1.62 10.23
C GLU A 100 -0.62 2.83 10.73
N PHE A 101 -0.65 3.89 9.92
CA PHE A 101 -1.36 5.11 10.29
C PHE A 101 -2.77 5.11 9.71
N TYR A 102 -2.88 4.83 8.41
CA TYR A 102 -4.17 4.81 7.74
C TYR A 102 -5.17 3.94 8.51
N GLN A 103 -4.71 2.76 8.91
CA GLN A 103 -5.57 1.83 9.65
C GLN A 103 -6.34 2.56 10.76
N GLN A 104 -5.83 3.71 11.16
CA GLN A 104 -6.46 4.51 12.20
C GLN A 104 -7.19 5.70 11.61
N ASN A 105 -6.63 6.27 10.54
CA ASN A 105 -7.22 7.42 9.88
C ASN A 105 -7.85 7.02 8.55
N SER A 106 -9.16 7.10 8.47
CA SER A 106 -9.88 6.74 7.25
C SER A 106 -9.28 7.45 6.04
N LEU A 107 -9.22 6.73 4.92
CA LEU A 107 -8.66 7.28 3.68
C LEU A 107 -9.56 8.38 3.12
N LYS A 108 -10.80 8.41 3.59
CA LYS A 108 -11.76 9.40 3.12
C LYS A 108 -11.28 10.81 3.46
N ASP A 109 -10.40 10.91 4.44
CA ASP A 109 -9.85 12.20 4.84
C ASP A 109 -9.18 12.91 3.68
N CYS A 110 -8.33 12.18 2.95
CA CYS A 110 -7.62 12.73 1.81
C CYS A 110 -8.36 12.43 0.51
N PHE A 111 -8.88 11.21 0.40
CA PHE A 111 -9.61 10.79 -0.78
C PHE A 111 -11.09 10.58 -0.47
N LYS A 112 -11.86 11.66 -0.56
CA LYS A 112 -13.29 11.60 -0.28
C LYS A 112 -13.94 10.42 -1.00
N SER A 113 -13.28 9.95 -2.06
CA SER A 113 -13.79 8.82 -2.84
C SER A 113 -13.85 7.56 -1.98
N LEU A 114 -12.76 7.26 -1.30
CA LEU A 114 -12.69 6.09 -0.44
C LEU A 114 -13.18 6.41 0.97
N ASP A 115 -14.24 5.72 1.39
CA ASP A 115 -14.80 5.93 2.71
C ASP A 115 -14.44 4.79 3.65
N THR A 116 -13.26 4.22 3.44
CA THR A 116 -12.78 3.12 4.27
C THR A 116 -11.27 3.13 4.40
N THR A 117 -10.76 2.50 5.46
CA THR A 117 -9.32 2.45 5.71
C THR A 117 -8.83 1.02 5.72
N LEU A 118 -7.51 0.85 5.81
CA LEU A 118 -6.90 -0.47 5.85
C LEU A 118 -7.51 -1.32 6.97
N GLN A 119 -8.38 -2.26 6.58
CA GLN A 119 -9.03 -3.14 7.54
C GLN A 119 -8.15 -4.33 7.86
N PHE A 120 -7.63 -4.99 6.82
CA PHE A 120 -6.78 -6.15 6.99
C PHE A 120 -5.68 -6.17 5.93
N PRO A 121 -4.45 -6.49 6.36
CA PRO A 121 -3.29 -6.56 5.46
C PRO A 121 -3.36 -7.75 4.51
N PHE A 122 -2.23 -8.08 3.91
CA PHE A 122 -2.16 -9.20 2.97
C PHE A 122 -2.01 -10.52 3.72
N LYS A 123 -1.29 -10.49 4.83
CA LYS A 123 -1.07 -11.69 5.63
C LYS A 123 -2.15 -11.83 6.70
N GLU A 124 -2.13 -10.92 7.67
CA GLU A 124 -3.11 -10.95 8.76
C GLU A 124 -3.15 -9.61 9.49
N PRO A 125 -4.34 -9.20 9.93
CA PRO A 125 -4.54 -7.95 10.65
C PRO A 125 -3.93 -7.97 12.05
N GLU A 126 -3.40 -6.83 12.48
CA GLU A 126 -2.78 -6.71 13.79
C GLU A 126 -3.49 -5.67 14.65
N LYS A 127 -3.48 -5.88 15.96
CA LYS A 127 -4.11 -4.96 16.89
C LYS A 127 -3.10 -4.00 17.50
N ARG A 128 -3.49 -2.74 17.66
CA ARG A 128 -2.61 -1.72 18.22
C ARG A 128 -3.04 -1.37 19.65
N THR A 129 -2.29 -1.86 20.62
CA THR A 129 -2.59 -1.59 22.03
C THR A 129 -1.46 -0.80 22.69
N ILE A 130 -0.32 -0.72 22.01
CA ILE A 130 0.83 0.02 22.54
C ILE A 130 1.07 1.29 21.74
N SER A 131 1.37 2.37 22.44
CA SER A 131 1.62 3.66 21.80
C SER A 131 3.07 4.10 22.03
N ARG A 132 3.86 4.08 20.96
CA ARG A 132 5.26 4.48 21.03
C ARG A 132 5.82 4.77 19.65
N SER A 133 6.76 5.71 19.58
CA SER A 133 7.38 6.09 18.32
C SER A 133 8.87 6.37 18.49
N GLY A 134 9.69 5.67 17.73
CA GLY A 134 11.13 5.84 17.81
C GLY A 134 11.74 6.22 16.48
N PRO A 135 11.49 7.45 16.03
CA PRO A 135 12.01 7.96 14.76
C PRO A 135 13.52 8.19 14.80
N SER A 136 14.13 8.34 13.63
CA SER A 136 15.57 8.57 13.54
C SER A 136 15.93 9.21 12.21
N SER A 137 17.17 9.69 12.11
CA SER A 137 17.64 10.33 10.89
C SER A 137 18.49 9.37 10.07
N GLY A 138 18.67 9.70 8.79
CA GLY A 138 19.47 8.85 7.91
C GLY A 138 19.31 9.23 6.46
N GLY B 1 6.22 9.59 -19.68
CA GLY B 1 5.06 8.77 -19.36
C GLY B 1 4.33 9.25 -18.14
N GLU B 2 3.23 9.98 -18.36
CA GLU B 2 2.43 10.52 -17.26
C GLU B 2 0.99 10.04 -17.36
N ASP B 3 0.29 10.08 -16.23
CA ASP B 3 -1.11 9.64 -16.19
C ASP B 3 -1.99 10.72 -15.57
N ASP B 4 -3.26 10.73 -15.95
CA ASP B 4 -4.21 11.71 -15.44
C ASP B 4 -4.49 11.47 -13.95
N GLY B 5 -5.02 10.28 -13.64
CA GLY B 5 -5.32 9.95 -12.26
C GLY B 5 -5.84 8.54 -12.11
N ASP B 6 -5.05 7.56 -12.53
CA ASP B 6 -5.44 6.16 -12.43
C ASP B 6 -5.69 5.76 -10.98
N PTR B 7 -4.84 6.24 -10.09
CA PTR B 7 -4.96 5.94 -8.67
C PTR B 7 -5.95 6.88 -7.99
O PTR B 7 -6.60 7.69 -8.65
CB PTR B 7 -3.59 6.02 -7.99
CG PTR B 7 -2.61 5.00 -8.49
CD1 PTR B 7 -2.13 5.05 -9.79
CD2 PTR B 7 -2.14 3.99 -7.66
CE1 PTR B 7 -1.22 4.11 -10.26
CE2 PTR B 7 -1.23 3.05 -8.11
CZ PTR B 7 -0.77 3.12 -9.42
OH PTR B 7 0.13 2.18 -9.88
P PTR B 7 -0.19 1.07 -10.97
O1P PTR B 7 0.93 0.98 -11.94
O2P PTR B 7 -0.36 -0.25 -10.31
O3P PTR B 7 -1.43 1.40 -11.70
H PTR B 7 -4.11 6.82 -10.39
HA PTR B 7 -5.34 4.92 -8.58
HB2 PTR B 7 -3.18 7.00 -8.15
HB3 PTR B 7 -3.73 5.86 -6.92
HD1 PTR B 7 -2.49 5.82 -10.45
HD2 PTR B 7 -2.49 3.93 -6.63
HE1 PTR B 7 -0.87 4.17 -11.28
HE2 PTR B 7 -0.87 2.27 -7.46
N GLU B 8 -6.04 6.78 -6.67
CA GLU B 8 -6.94 7.63 -5.90
C GLU B 8 -6.54 9.10 -6.01
N SER B 9 -7.54 9.98 -6.06
CA SER B 9 -7.29 11.41 -6.18
C SER B 9 -7.68 12.13 -4.90
N PRO B 10 -6.84 13.10 -4.49
CA PRO B 10 -7.07 13.88 -3.28
C PRO B 10 -8.26 14.83 -3.42
N ASN B 11 -8.80 15.27 -2.28
CA ASN B 11 -9.95 16.18 -2.28
C ASN B 11 -9.62 17.46 -3.04
N GLU B 12 -10.25 17.63 -4.20
CA GLU B 12 -10.03 18.82 -5.02
C GLU B 12 -11.11 19.87 -4.77
N GLU B 13 -12.36 19.43 -4.81
CA GLU B 13 -13.49 20.33 -4.60
C GLU B 13 -13.30 21.16 -3.32
N GLU B 14 -12.88 20.49 -2.25
CA GLU B 14 -12.66 21.16 -0.97
C GLU B 14 -11.62 22.25 -1.11
N GLU B 15 -11.98 23.47 -0.70
CA GLU B 15 -11.08 24.61 -0.77
C GLU B 15 -9.85 24.39 0.11
N GLY A 1 11.02 -44.92 -43.86
CA GLY A 1 10.17 -44.18 -42.94
C GLY A 1 10.55 -44.41 -41.50
N SER A 2 10.36 -43.40 -40.67
CA SER A 2 10.70 -43.49 -39.24
C SER A 2 10.15 -42.29 -38.48
N SER A 3 10.35 -42.29 -37.17
CA SER A 3 9.87 -41.21 -36.32
C SER A 3 10.55 -41.26 -34.94
N GLY A 4 10.32 -40.22 -34.14
CA GLY A 4 10.91 -40.16 -32.83
C GLY A 4 10.36 -39.01 -32.00
N SER A 5 10.92 -38.83 -30.80
CA SER A 5 10.48 -37.77 -29.91
C SER A 5 11.56 -37.42 -28.90
N SER A 6 11.31 -36.39 -28.09
CA SER A 6 12.27 -35.96 -27.08
C SER A 6 11.55 -35.52 -25.81
N GLY A 7 12.31 -35.41 -24.71
CA GLY A 7 11.73 -35.01 -23.45
C GLY A 7 12.71 -35.10 -22.31
N LYS A 8 13.02 -33.96 -21.69
CA LYS A 8 13.95 -33.92 -20.58
C LYS A 8 13.75 -32.66 -19.75
N ALA A 9 13.92 -32.78 -18.43
CA ALA A 9 13.76 -31.65 -17.52
C ALA A 9 14.49 -31.89 -16.22
N GLU A 10 14.96 -30.82 -15.60
CA GLU A 10 15.68 -30.91 -14.33
C GLU A 10 15.25 -29.81 -13.38
N ALA A 11 15.58 -29.97 -12.10
CA ALA A 11 15.23 -28.99 -11.08
C ALA A 11 16.43 -28.60 -10.24
N GLU A 12 16.45 -27.36 -9.76
CA GLU A 12 17.56 -26.87 -8.94
C GLU A 12 17.10 -25.76 -8.02
N GLN A 13 17.97 -25.36 -7.10
CA GLN A 13 17.64 -24.29 -6.16
C GLN A 13 18.89 -23.50 -5.78
N ASN A 14 18.70 -22.37 -5.11
CA ASN A 14 19.81 -21.53 -4.69
C ASN A 14 19.81 -21.33 -3.17
N TRP A 15 20.89 -21.72 -2.53
CA TRP A 15 21.01 -21.58 -1.08
C TRP A 15 22.13 -20.61 -0.71
N TRP A 16 22.29 -19.58 -1.52
CA TRP A 16 23.32 -18.57 -1.28
C TRP A 16 22.72 -17.17 -1.22
N GLU A 17 21.77 -16.91 -2.11
CA GLU A 17 21.11 -15.60 -2.16
C GLU A 17 20.44 -15.28 -0.82
N GLY A 18 21.16 -14.61 0.05
CA GLY A 18 20.61 -14.25 1.35
C GLY A 18 20.54 -12.76 1.56
N PRO A 19 19.50 -12.12 0.99
CA PRO A 19 19.29 -10.68 1.10
C PRO A 19 18.90 -10.26 2.51
N PRO A 20 19.12 -8.97 2.82
CA PRO A 20 18.79 -8.40 4.13
C PRO A 20 17.29 -8.31 4.37
N GLN A 21 16.90 -7.72 5.50
CA GLN A 21 15.50 -7.57 5.85
C GLN A 21 14.69 -7.09 4.65
N ASP A 22 13.44 -7.53 4.57
CA ASP A 22 12.56 -7.14 3.47
C ASP A 22 11.18 -6.78 3.98
N LEU A 23 10.40 -6.11 3.15
CA LEU A 23 9.05 -5.69 3.52
C LEU A 23 8.23 -6.88 4.01
N SER A 24 8.66 -8.08 3.62
CA SER A 24 7.97 -9.30 4.02
C SER A 24 7.71 -9.31 5.53
N VAL A 25 8.62 -8.72 6.28
CA VAL A 25 8.49 -8.65 7.74
C VAL A 25 7.14 -8.08 8.14
N HIS A 26 6.63 -7.14 7.35
CA HIS A 26 5.34 -6.52 7.63
C HIS A 26 4.19 -7.47 7.30
N LEU A 27 3.06 -7.29 7.98
CA LEU A 27 1.90 -8.13 7.75
C LEU A 27 1.32 -7.90 6.35
N TRP A 28 1.80 -6.88 5.68
CA TRP A 28 1.34 -6.54 4.35
C TRP A 28 2.51 -6.40 3.37
N TYR A 29 2.46 -7.15 2.28
CA TYR A 29 3.51 -7.11 1.27
C TYR A 29 2.97 -7.44 -0.11
N ALA A 30 3.57 -6.83 -1.14
CA ALA A 30 3.14 -7.07 -2.50
C ALA A 30 4.27 -6.80 -3.49
N GLY A 31 4.80 -7.85 -4.09
CA GLY A 31 5.88 -7.72 -5.04
C GLY A 31 5.51 -6.83 -6.21
N PRO A 32 6.15 -7.08 -7.37
CA PRO A 32 5.90 -6.31 -8.59
C PRO A 32 4.52 -6.60 -9.18
N MET A 33 3.73 -7.40 -8.47
CA MET A 33 2.39 -7.74 -8.92
C MET A 33 1.77 -6.59 -9.71
N GLU A 34 0.95 -6.93 -10.70
CA GLU A 34 0.30 -5.92 -11.52
C GLU A 34 -1.07 -5.55 -10.95
N ARG A 35 -1.61 -4.42 -11.38
CA ARG A 35 -2.91 -3.97 -10.91
C ARG A 35 -3.84 -5.14 -10.64
N ALA A 36 -4.23 -5.83 -11.70
CA ALA A 36 -5.12 -6.99 -11.59
C ALA A 36 -4.61 -7.95 -10.52
N GLY A 37 -3.31 -8.23 -10.54
CA GLY A 37 -2.73 -9.14 -9.57
C GLY A 37 -3.09 -8.77 -8.15
N ALA A 38 -3.14 -7.47 -7.87
CA ALA A 38 -3.47 -6.99 -6.54
C ALA A 38 -4.95 -7.18 -6.24
N GLU A 39 -5.79 -6.85 -7.21
CA GLU A 39 -7.23 -6.99 -7.06
C GLU A 39 -7.62 -8.41 -6.67
N SER A 40 -7.15 -9.38 -7.46
CA SER A 40 -7.44 -10.78 -7.21
C SER A 40 -7.28 -11.11 -5.72
N ILE A 41 -6.18 -10.67 -5.14
CA ILE A 41 -5.91 -10.91 -3.74
C ILE A 41 -6.98 -10.28 -2.85
N LEU A 42 -7.10 -8.97 -2.91
CA LEU A 42 -8.09 -8.25 -2.12
C LEU A 42 -9.49 -8.47 -2.67
N ALA A 43 -9.59 -9.30 -3.71
CA ALA A 43 -10.88 -9.60 -4.33
C ALA A 43 -11.50 -10.86 -3.71
N ASN A 44 -10.68 -11.65 -3.04
CA ASN A 44 -11.15 -12.88 -2.40
C ASN A 44 -10.80 -12.88 -0.91
N ARG A 45 -9.81 -12.09 -0.54
CA ARG A 45 -9.38 -12.01 0.85
C ARG A 45 -10.55 -11.67 1.76
N SER A 46 -10.99 -10.41 1.71
CA SER A 46 -12.10 -9.95 2.52
C SER A 46 -12.47 -8.50 2.19
N ASP A 47 -13.55 -8.02 2.79
CA ASP A 47 -14.01 -6.65 2.56
C ASP A 47 -13.23 -5.67 3.42
N GLY A 48 -12.22 -5.05 2.83
CA GLY A 48 -11.40 -4.09 3.56
C GLY A 48 -9.93 -4.43 3.55
N THR A 49 -9.59 -5.52 2.87
CA THR A 49 -8.21 -5.97 2.78
C THR A 49 -7.35 -4.97 2.03
N PHE A 50 -6.07 -4.92 2.37
CA PHE A 50 -5.13 -4.00 1.73
C PHE A 50 -3.74 -4.61 1.63
N LEU A 51 -2.84 -3.90 0.96
CA LEU A 51 -1.46 -4.37 0.79
C LEU A 51 -0.58 -3.27 0.23
N VAL A 52 0.71 -3.57 0.09
CA VAL A 52 1.67 -2.61 -0.45
C VAL A 52 2.39 -3.17 -1.67
N ARG A 53 2.05 -2.66 -2.84
CA ARG A 53 2.67 -3.11 -4.09
C ARG A 53 3.60 -2.04 -4.65
N GLN A 54 4.71 -2.48 -5.22
CA GLN A 54 5.69 -1.56 -5.80
C GLN A 54 5.28 -1.16 -7.21
N ARG A 55 5.84 -0.06 -7.69
CA ARG A 55 5.53 0.44 -9.03
C ARG A 55 6.60 -0.01 -10.02
N VAL A 56 6.17 -0.19 -11.27
CA VAL A 56 7.09 -0.63 -12.33
C VAL A 56 7.78 0.56 -12.97
N LYS A 57 7.08 1.68 -13.05
CA LYS A 57 7.62 2.90 -13.64
C LYS A 57 8.92 3.30 -12.96
N ASP A 58 8.99 3.12 -11.64
CA ASP A 58 10.18 3.45 -10.88
C ASP A 58 10.33 2.53 -9.68
N ALA A 59 11.55 2.07 -9.44
CA ALA A 59 11.82 1.18 -8.32
C ALA A 59 11.60 1.89 -6.98
N ALA A 60 11.66 3.22 -7.00
CA ALA A 60 11.46 4.02 -5.80
C ALA A 60 10.02 4.54 -5.73
N GLU A 61 9.06 3.63 -5.84
CA GLU A 61 7.65 4.00 -5.79
C GLU A 61 6.79 2.82 -5.36
N PHE A 62 5.96 3.04 -4.34
CA PHE A 62 5.08 2.00 -3.82
C PHE A 62 3.61 2.37 -4.01
N ALA A 63 2.73 1.46 -3.64
CA ALA A 63 1.29 1.70 -3.77
C ALA A 63 0.51 0.88 -2.74
N ILE A 64 -0.63 1.41 -2.32
CA ILE A 64 -1.47 0.73 -1.33
C ILE A 64 -2.83 0.36 -1.94
N SER A 65 -2.97 -0.91 -2.31
CA SER A 65 -4.22 -1.39 -2.90
C SER A 65 -5.11 -2.02 -1.83
N ILE A 66 -6.36 -1.58 -1.78
CA ILE A 66 -7.32 -2.11 -0.82
C ILE A 66 -8.67 -2.36 -1.46
N LYS A 67 -9.34 -3.43 -1.03
CA LYS A 67 -10.65 -3.79 -1.56
C LYS A 67 -11.76 -3.12 -0.77
N TYR A 68 -12.56 -2.31 -1.45
CA TYR A 68 -13.66 -1.60 -0.80
C TYR A 68 -14.68 -1.12 -1.82
N ASN A 69 -15.96 -1.33 -1.54
CA ASN A 69 -17.03 -0.91 -2.44
C ASN A 69 -17.08 -1.80 -3.67
N VAL A 70 -17.20 -3.11 -3.44
CA VAL A 70 -17.26 -4.08 -4.53
C VAL A 70 -16.29 -3.72 -5.64
N GLU A 71 -15.23 -3.00 -5.29
CA GLU A 71 -14.22 -2.58 -6.25
C GLU A 71 -12.87 -2.39 -5.58
N VAL A 72 -11.81 -2.91 -6.20
CA VAL A 72 -10.47 -2.78 -5.66
C VAL A 72 -9.80 -1.50 -6.13
N LYS A 73 -9.48 -0.63 -5.18
CA LYS A 73 -8.84 0.64 -5.49
C LYS A 73 -7.32 0.54 -5.31
N HIS A 74 -6.61 1.58 -5.74
CA HIS A 74 -5.16 1.62 -5.63
C HIS A 74 -4.65 3.05 -5.51
N ILE A 75 -3.60 3.24 -4.73
CA ILE A 75 -3.02 4.55 -4.52
C ILE A 75 -1.50 4.52 -4.70
N LYS A 76 -0.97 5.54 -5.36
CA LYS A 76 0.47 5.63 -5.60
C LYS A 76 1.18 6.26 -4.40
N ILE A 77 2.42 5.86 -4.18
CA ILE A 77 3.21 6.39 -3.08
C ILE A 77 4.43 7.15 -3.57
N MET A 78 4.65 8.34 -3.05
CA MET A 78 5.79 9.16 -3.44
C MET A 78 6.98 8.92 -2.52
N THR A 79 8.14 9.45 -2.90
CA THR A 79 9.35 9.29 -2.10
C THR A 79 10.28 10.48 -2.27
N ALA A 80 10.56 11.17 -1.17
CA ALA A 80 11.44 12.33 -1.20
C ALA A 80 12.53 12.22 -0.14
N GLU A 81 13.77 12.05 -0.59
CA GLU A 81 14.90 11.92 0.33
C GLU A 81 14.61 10.88 1.41
N GLY A 82 14.07 9.74 0.99
CA GLY A 82 13.76 8.68 1.94
C GLY A 82 12.42 8.89 2.62
N LEU A 83 11.56 9.69 2.01
CA LEU A 83 10.24 9.98 2.57
C LEU A 83 9.17 9.13 1.89
N TYR A 84 7.94 9.26 2.35
CA TYR A 84 6.82 8.52 1.79
C TYR A 84 5.51 9.25 2.02
N ARG A 85 4.78 9.52 0.93
CA ARG A 85 3.50 10.21 1.02
C ARG A 85 2.67 9.97 -0.23
N ILE A 86 1.36 9.84 -0.06
CA ILE A 86 0.46 9.60 -1.18
C ILE A 86 -0.19 10.91 -1.64
N THR A 87 -0.09 11.94 -0.80
CA THR A 87 -0.67 13.25 -1.13
C THR A 87 0.29 14.37 -0.74
N GLU A 88 0.00 15.57 -1.24
CA GLU A 88 0.83 16.73 -0.95
C GLU A 88 0.48 17.31 0.42
N LYS A 89 -0.77 17.14 0.84
CA LYS A 89 -1.22 17.65 2.13
C LYS A 89 -0.62 16.84 3.27
N LYS A 90 -0.81 15.53 3.24
CA LYS A 90 -0.29 14.64 4.27
C LYS A 90 1.08 14.10 3.87
N ALA A 91 1.92 13.83 4.87
CA ALA A 91 3.25 13.30 4.62
C ALA A 91 3.70 12.40 5.76
N PHE A 92 4.73 11.60 5.51
CA PHE A 92 5.26 10.68 6.51
C PHE A 92 6.77 10.53 6.36
N ARG A 93 7.38 9.82 7.31
CA ARG A 93 8.82 9.59 7.28
C ARG A 93 9.14 8.28 6.60
N GLY A 94 8.42 7.23 6.96
CA GLY A 94 8.66 5.92 6.37
C GLY A 94 7.38 5.29 5.83
N LEU A 95 7.54 4.32 4.93
CA LEU A 95 6.40 3.64 4.34
C LEU A 95 5.57 2.93 5.42
N THR A 96 6.24 2.42 6.44
CA THR A 96 5.58 1.72 7.53
C THR A 96 4.49 2.59 8.15
N GLU A 97 4.90 3.64 8.85
CA GLU A 97 3.97 4.54 9.50
C GLU A 97 2.82 4.91 8.55
N LEU A 98 3.17 5.30 7.33
CA LEU A 98 2.18 5.68 6.34
C LEU A 98 1.06 4.64 6.26
N VAL A 99 1.43 3.37 6.43
CA VAL A 99 0.46 2.29 6.38
C VAL A 99 -0.11 1.99 7.76
N GLU A 100 0.78 1.70 8.72
CA GLU A 100 0.36 1.40 10.08
C GLU A 100 -0.40 2.58 10.68
N PHE A 101 -0.37 3.71 9.99
CA PHE A 101 -1.06 4.91 10.46
C PHE A 101 -2.44 5.03 9.84
N TYR A 102 -2.51 4.84 8.52
CA TYR A 102 -3.77 4.92 7.80
C TYR A 102 -4.80 3.96 8.37
N GLN A 103 -4.32 2.88 8.98
CA GLN A 103 -5.19 1.87 9.57
C GLN A 103 -5.99 2.47 10.73
N GLN A 104 -5.66 3.70 11.09
CA GLN A 104 -6.34 4.38 12.19
C GLN A 104 -7.08 5.61 11.68
N ASN A 105 -6.52 6.26 10.67
CA ASN A 105 -7.12 7.46 10.09
C ASN A 105 -7.76 7.14 8.73
N SER A 106 -9.08 7.24 8.66
CA SER A 106 -9.80 6.97 7.42
C SER A 106 -9.21 7.77 6.26
N LEU A 107 -8.99 7.09 5.14
CA LEU A 107 -8.44 7.74 3.96
C LEU A 107 -9.45 8.70 3.33
N LYS A 108 -10.68 8.65 3.82
CA LYS A 108 -11.74 9.51 3.32
C LYS A 108 -11.38 10.99 3.50
N ASP A 109 -10.40 11.25 4.36
CA ASP A 109 -9.96 12.61 4.62
C ASP A 109 -9.22 13.19 3.42
N CYS A 110 -8.49 12.32 2.71
CA CYS A 110 -7.74 12.74 1.54
C CYS A 110 -8.45 12.35 0.25
N PHE A 111 -8.84 11.08 0.17
CA PHE A 111 -9.54 10.57 -1.01
C PHE A 111 -11.01 10.34 -0.71
N LYS A 112 -11.84 11.31 -1.11
CA LYS A 112 -13.28 11.22 -0.88
C LYS A 112 -13.82 9.86 -1.33
N SER A 113 -13.15 9.27 -2.32
CA SER A 113 -13.56 7.96 -2.83
C SER A 113 -13.37 6.87 -1.79
N LEU A 114 -12.19 6.85 -1.18
CA LEU A 114 -11.88 5.85 -0.16
C LEU A 114 -12.49 6.25 1.20
N ASP A 115 -13.74 5.87 1.40
CA ASP A 115 -14.43 6.17 2.65
C ASP A 115 -14.16 5.11 3.70
N THR A 116 -12.97 4.52 3.66
CA THR A 116 -12.59 3.48 4.60
C THR A 116 -11.08 3.45 4.81
N THR A 117 -10.65 2.77 5.86
CA THR A 117 -9.23 2.66 6.17
C THR A 117 -8.78 1.21 6.17
N LEU A 118 -7.47 1.00 6.06
CA LEU A 118 -6.91 -0.34 6.03
C LEU A 118 -7.56 -1.22 7.10
N GLN A 119 -8.31 -2.22 6.66
CA GLN A 119 -8.99 -3.13 7.58
C GLN A 119 -8.10 -4.32 7.93
N PHE A 120 -7.61 -5.00 6.89
CA PHE A 120 -6.75 -6.16 7.09
C PHE A 120 -5.69 -6.23 6.00
N PRO A 121 -4.44 -6.51 6.41
CA PRO A 121 -3.30 -6.61 5.48
C PRO A 121 -3.39 -7.85 4.60
N PHE A 122 -2.30 -8.15 3.90
CA PHE A 122 -2.25 -9.31 3.00
C PHE A 122 -2.03 -10.60 3.80
N LYS A 123 -1.07 -10.56 4.72
CA LYS A 123 -0.75 -11.72 5.54
C LYS A 123 -1.96 -12.14 6.38
N GLU A 124 -2.34 -11.29 7.32
CA GLU A 124 -3.47 -11.57 8.19
C GLU A 124 -3.76 -10.40 9.12
N PRO A 125 -5.02 -10.29 9.57
CA PRO A 125 -5.45 -9.21 10.47
C PRO A 125 -4.86 -9.35 11.87
N GLU A 126 -3.99 -8.42 12.23
CA GLU A 126 -3.36 -8.44 13.55
C GLU A 126 -2.63 -7.13 13.82
N LYS A 127 -3.12 -6.39 14.82
CA LYS A 127 -2.53 -5.12 15.18
C LYS A 127 -2.18 -5.08 16.66
N ARG A 128 -1.01 -4.54 16.99
CA ARG A 128 -0.56 -4.44 18.37
C ARG A 128 0.10 -3.09 18.64
N THR A 129 -0.46 -2.35 19.59
CA THR A 129 0.09 -1.03 19.94
C THR A 129 1.46 -1.16 20.58
N ILE A 130 2.50 -0.82 19.83
CA ILE A 130 3.86 -0.89 20.31
C ILE A 130 4.84 -0.30 19.31
N SER A 131 5.85 0.40 19.81
CA SER A 131 6.85 1.01 18.95
C SER A 131 8.15 1.26 19.72
N ARG A 132 9.24 0.67 19.23
CA ARG A 132 10.54 0.83 19.88
C ARG A 132 11.49 1.64 18.99
N SER A 133 12.72 1.84 19.48
CA SER A 133 13.71 2.60 18.74
C SER A 133 14.79 1.68 18.18
N GLY A 134 15.20 1.94 16.94
CA GLY A 134 16.23 1.13 16.31
C GLY A 134 16.11 1.12 14.80
N PRO A 135 16.85 2.01 14.14
CA PRO A 135 16.84 2.12 12.67
C PRO A 135 17.50 0.92 12.00
N SER A 136 17.65 1.00 10.68
CA SER A 136 18.26 -0.09 9.92
C SER A 136 18.85 0.45 8.61
N SER A 137 19.75 -0.34 8.02
CA SER A 137 20.40 0.05 6.78
C SER A 137 21.13 -1.14 6.15
N GLY A 138 21.15 -1.17 4.82
CA GLY A 138 21.81 -2.26 4.12
C GLY A 138 21.46 -2.32 2.65
N GLY B 1 -9.07 16.10 -23.88
CA GLY B 1 -7.71 16.55 -23.59
C GLY B 1 -6.82 15.42 -23.12
N GLU B 2 -5.64 15.76 -22.63
CA GLU B 2 -4.69 14.76 -22.14
C GLU B 2 -4.86 14.54 -20.64
N ASP B 3 -5.77 13.65 -20.27
CA ASP B 3 -6.03 13.35 -18.86
C ASP B 3 -5.36 12.04 -18.46
N ASP B 4 -4.63 12.07 -17.35
CA ASP B 4 -3.94 10.88 -16.85
C ASP B 4 -4.31 10.61 -15.40
N GLY B 5 -4.79 9.40 -15.14
CA GLY B 5 -5.18 9.04 -13.78
C GLY B 5 -5.14 7.54 -13.55
N ASP B 6 -3.97 7.01 -13.20
CA ASP B 6 -3.82 5.58 -12.95
C ASP B 6 -4.32 5.21 -11.56
N PTR B 7 -4.08 6.10 -10.60
CA PTR B 7 -4.51 5.86 -9.22
C PTR B 7 -5.61 6.84 -8.81
O PTR B 7 -6.01 7.70 -9.60
CB PTR B 7 -3.31 5.99 -8.27
CG PTR B 7 -2.16 5.07 -8.61
CD1 PTR B 7 -1.88 3.96 -7.83
CD2 PTR B 7 -1.36 5.32 -9.71
CE1 PTR B 7 -0.84 3.11 -8.14
CE2 PTR B 7 -0.30 4.48 -10.03
CZ PTR B 7 -0.05 3.38 -9.24
OH PTR B 7 1.00 2.54 -9.55
P PTR B 7 1.13 1.69 -10.90
O1P PTR B 7 1.69 2.54 -11.98
O2P PTR B 7 2.02 0.54 -10.69
O3P PTR B 7 -0.20 1.20 -11.32
H PTR B 7 -3.60 6.93 -10.81
HA PTR B 7 -4.89 4.86 -9.16
HB2 PTR B 7 -2.95 7.01 -8.31
HB3 PTR B 7 -3.64 5.76 -7.27
HD1 PTR B 7 -2.51 3.75 -6.97
HD2 PTR B 7 -1.55 6.18 -10.33
HE1 PTR B 7 -0.63 2.25 -7.52
HE2 PTR B 7 0.32 4.69 -10.89
N GLU B 8 -6.07 6.70 -7.58
CA GLU B 8 -7.13 7.58 -7.08
C GLU B 8 -6.69 9.05 -7.11
N SER B 9 -7.66 9.94 -7.03
CA SER B 9 -7.38 11.37 -7.06
C SER B 9 -7.67 12.01 -5.71
N PRO B 10 -6.70 12.80 -5.20
CA PRO B 10 -6.83 13.49 -3.91
C PRO B 10 -7.86 14.61 -3.96
N ASN B 11 -8.48 14.89 -2.82
CA ASN B 11 -9.48 15.94 -2.73
C ASN B 11 -8.89 17.29 -3.16
N GLU B 12 -9.47 17.86 -4.21
CA GLU B 12 -9.01 19.15 -4.72
C GLU B 12 -9.76 20.30 -4.06
N GLU B 13 -11.07 20.33 -4.26
CA GLU B 13 -11.90 21.38 -3.68
C GLU B 13 -11.63 21.53 -2.19
N GLU B 14 -11.43 20.41 -1.50
CA GLU B 14 -11.16 20.42 -0.07
C GLU B 14 -9.67 20.61 0.20
N GLU B 15 -9.31 21.81 0.66
CA GLU B 15 -7.91 22.12 0.95
C GLU B 15 -7.78 22.79 2.32
#